data_2NWT
#
_entry.id   2NWT
#
_cell.length_a   1.000
_cell.length_b   1.000
_cell.length_c   1.000
_cell.angle_alpha   90.00
_cell.angle_beta   90.00
_cell.angle_gamma   90.00
#
_symmetry.space_group_name_H-M   'P 1'
#
_entity_poly.entity_id   1
_entity_poly.type   'polypeptide(L)'
_entity_poly.pdbx_seq_one_letter_code
;MPKIIEAVYENGVFKPLQKVDLKEGERVKIKLELKVEPIDLGEPVSVEEIKKIRDGTWMSSLEHHHHHH
;
_entity_poly.pdbx_strand_id   A,B
#
# COMPACT_ATOMS: atom_id res chain seq x y z
N MET A 1 -18.21 2.52 14.08
CA MET A 1 -16.78 2.66 14.45
C MET A 1 -16.17 1.28 14.68
N PRO A 2 -15.23 0.86 13.81
CA PRO A 2 -14.58 -0.43 13.91
C PRO A 2 -13.36 -0.44 14.84
N LYS A 3 -13.25 -1.49 15.64
CA LYS A 3 -12.10 -1.66 16.52
C LYS A 3 -11.09 -2.59 15.87
N ILE A 4 -9.89 -2.64 16.42
CA ILE A 4 -8.92 -3.61 16.04
C ILE A 4 -8.89 -4.72 17.08
N ILE A 5 -9.04 -5.95 16.64
CA ILE A 5 -9.04 -7.08 17.54
C ILE A 5 -7.64 -7.66 17.61
N GLU A 6 -7.30 -8.19 18.76
CA GLU A 6 -6.03 -8.88 18.93
C GLU A 6 -6.28 -10.35 19.17
N ALA A 7 -5.52 -11.18 18.49
CA ALA A 7 -5.66 -12.61 18.60
C ALA A 7 -4.30 -13.27 18.69
N VAL A 8 -4.26 -14.47 19.26
CA VAL A 8 -3.08 -15.27 19.32
C VAL A 8 -3.20 -16.49 18.41
N TYR A 9 -2.36 -16.52 17.41
CA TYR A 9 -2.30 -17.63 16.45
C TYR A 9 -1.64 -18.83 17.11
N GLU A 10 -2.46 -19.78 17.52
CA GLU A 10 -1.99 -21.01 18.14
C GLU A 10 -2.19 -22.17 17.18
N ASN A 11 -1.08 -22.82 16.81
CA ASN A 11 -1.12 -24.08 16.06
C ASN A 11 -1.75 -23.92 14.68
N GLY A 12 -1.78 -22.69 14.17
CA GLY A 12 -2.36 -22.46 12.88
C GLY A 12 -3.75 -21.86 12.96
N VAL A 13 -4.14 -21.49 14.16
CA VAL A 13 -5.44 -20.85 14.38
C VAL A 13 -5.25 -19.48 15.00
N PHE A 14 -6.06 -18.50 14.62
CA PHE A 14 -6.05 -17.24 15.34
C PHE A 14 -7.11 -17.27 16.43
N LYS A 15 -6.66 -17.20 17.67
CA LYS A 15 -7.55 -17.20 18.81
C LYS A 15 -7.59 -15.81 19.42
N PRO A 16 -8.68 -15.05 19.31
CA PRO A 16 -8.69 -13.68 19.81
C PRO A 16 -8.46 -13.61 21.31
N LEU A 17 -8.19 -12.40 21.78
CA LEU A 17 -8.04 -12.14 23.19
C LEU A 17 -9.32 -11.50 23.68
N GLN A 18 -10.18 -11.22 22.72
CA GLN A 18 -11.52 -10.73 22.99
C GLN A 18 -12.50 -11.42 22.07
N LYS A 19 -13.34 -12.24 22.68
CA LYS A 19 -14.25 -13.11 21.96
C LYS A 19 -15.22 -12.34 21.08
N VAL A 20 -15.35 -12.80 19.86
CA VAL A 20 -16.25 -12.20 18.89
C VAL A 20 -17.37 -13.15 18.56
N ASP A 21 -18.54 -12.59 18.41
CA ASP A 21 -19.68 -13.36 18.01
C ASP A 21 -20.16 -12.87 16.67
N LEU A 22 -19.56 -13.47 15.69
CA LEU A 22 -19.89 -13.25 14.30
C LEU A 22 -20.16 -14.57 13.59
N LYS A 23 -20.05 -14.59 12.26
CA LYS A 23 -20.41 -15.77 11.49
C LYS A 23 -19.22 -16.72 11.43
N GLU A 24 -19.43 -17.88 10.81
CA GLU A 24 -18.33 -18.75 10.47
C GLU A 24 -17.82 -18.39 9.09
N GLY A 25 -16.54 -18.10 9.06
CA GLY A 25 -15.93 -17.47 7.92
C GLY A 25 -16.41 -16.05 7.78
N GLU A 26 -16.06 -15.26 8.77
CA GLU A 26 -16.22 -13.84 8.72
C GLU A 26 -14.92 -13.20 8.23
N ARG A 27 -15.00 -12.12 7.45
CA ARG A 27 -13.85 -11.61 6.71
C ARG A 27 -13.06 -10.54 7.44
N VAL A 28 -11.81 -10.84 7.66
CA VAL A 28 -10.90 -9.96 8.38
C VAL A 28 -9.52 -9.91 7.73
N LYS A 29 -8.80 -8.82 7.96
CA LYS A 29 -7.41 -8.68 7.54
C LYS A 29 -6.52 -8.56 8.75
N ILE A 30 -5.38 -9.21 8.65
CA ILE A 30 -4.45 -9.31 9.76
C ILE A 30 -3.28 -8.38 9.56
N LYS A 31 -2.86 -7.78 10.65
CA LYS A 31 -1.67 -6.95 10.65
C LYS A 31 -0.72 -7.43 11.71
N LEU A 32 0.54 -7.45 11.35
CA LEU A 32 1.60 -7.77 12.27
C LEU A 32 2.31 -6.48 12.61
N GLU A 33 2.31 -6.11 13.87
CA GLU A 33 2.89 -4.84 14.27
C GLU A 33 4.38 -4.86 14.00
N LEU A 34 4.82 -3.86 13.28
CA LEU A 34 6.16 -3.82 12.73
C LEU A 34 6.98 -2.70 13.35
N LYS A 35 8.28 -2.83 13.23
CA LYS A 35 9.18 -1.79 13.65
C LYS A 35 9.65 -1.00 12.44
N VAL A 36 10.00 0.25 12.65
CA VAL A 36 10.40 1.11 11.55
C VAL A 36 11.90 1.05 11.32
N GLU A 37 12.28 1.08 10.06
CA GLU A 37 13.67 1.09 9.68
C GLU A 37 14.12 2.53 9.38
N PRO A 38 15.17 2.99 10.08
CA PRO A 38 15.67 4.35 9.91
C PRO A 38 16.43 4.54 8.60
N ILE A 39 16.82 5.77 8.31
CA ILE A 39 17.52 6.08 7.08
C ILE A 39 18.93 6.61 7.38
N ASP A 40 19.76 6.63 6.36
CA ASP A 40 21.11 7.14 6.49
C ASP A 40 21.18 8.54 5.87
N LEU A 41 22.38 9.11 5.76
CA LEU A 41 22.54 10.44 5.21
C LEU A 41 22.61 10.35 3.69
N GLY A 42 22.02 11.33 3.01
CA GLY A 42 21.99 11.30 1.56
C GLY A 42 23.24 11.87 0.93
N GLU A 43 23.07 12.58 -0.17
CA GLU A 43 24.17 13.14 -0.92
C GLU A 43 24.67 14.44 -0.29
N PRO A 44 25.90 14.87 -0.63
CA PRO A 44 26.47 16.12 -0.14
C PRO A 44 25.77 17.35 -0.72
N VAL A 45 26.30 18.53 -0.40
CA VAL A 45 25.71 19.79 -0.83
C VAL A 45 26.05 20.08 -2.29
N SER A 46 25.22 20.88 -2.94
CA SER A 46 25.42 21.22 -4.33
C SER A 46 26.11 22.56 -4.48
N VAL A 47 26.31 22.99 -5.72
CA VAL A 47 26.87 24.30 -6.00
C VAL A 47 25.82 25.23 -6.60
N GLU A 48 25.63 26.36 -5.95
CA GLU A 48 24.62 27.33 -6.38
C GLU A 48 25.29 28.53 -7.08
N GLU A 49 24.48 29.47 -7.52
CA GLU A 49 24.97 30.63 -8.28
C GLU A 49 25.85 31.53 -7.43
N ILE A 50 25.49 31.66 -6.16
CA ILE A 50 26.20 32.55 -5.24
C ILE A 50 27.37 31.81 -4.57
N LYS A 51 27.53 30.54 -4.95
CA LYS A 51 28.55 29.69 -4.36
C LYS A 51 29.84 29.75 -5.19
N LYS A 52 29.76 30.47 -6.29
CA LYS A 52 30.81 30.52 -7.30
C LYS A 52 31.03 29.12 -7.88
N ILE A 53 30.54 28.92 -9.09
CA ILE A 53 30.55 27.62 -9.71
C ILE A 53 31.96 27.24 -10.18
N ARG A 54 32.66 28.23 -10.71
CA ARG A 54 34.03 28.04 -11.12
C ARG A 54 34.85 29.26 -10.74
N ASP A 55 36.06 29.36 -11.28
CA ASP A 55 36.94 30.48 -11.01
C ASP A 55 36.30 31.81 -11.41
N GLY A 56 36.69 32.87 -10.73
CA GLY A 56 36.11 34.17 -10.98
C GLY A 56 37.17 35.22 -11.24
N THR A 57 38.12 34.89 -12.11
CA THR A 57 39.17 35.82 -12.47
C THR A 57 39.08 36.18 -13.95
N TRP A 58 39.10 37.47 -14.24
CA TRP A 58 39.03 37.95 -15.61
C TRP A 58 40.01 39.11 -15.76
N MET A 59 40.49 39.34 -16.97
CA MET A 59 41.52 40.35 -17.20
C MET A 59 40.92 41.72 -17.40
N SER A 60 41.35 42.66 -16.58
CA SER A 60 40.99 44.06 -16.73
C SER A 60 41.94 44.70 -17.72
N SER A 61 41.39 45.44 -18.68
CA SER A 61 42.18 46.09 -19.70
C SER A 61 42.77 47.40 -19.17
N LEU A 62 42.49 47.68 -17.90
CA LEU A 62 42.95 48.88 -17.22
C LEU A 62 42.38 50.13 -17.87
N GLU A 63 42.88 51.29 -17.44
CA GLU A 63 42.43 52.56 -17.98
C GLU A 63 43.37 53.05 -19.06
N HIS A 64 42.80 53.39 -20.21
CA HIS A 64 43.55 53.99 -21.30
C HIS A 64 43.06 55.41 -21.55
N HIS A 65 41.85 55.71 -21.06
CA HIS A 65 41.27 57.05 -21.19
C HIS A 65 41.16 57.49 -22.63
N HIS A 66 41.06 58.81 -22.82
CA HIS A 66 40.99 59.39 -24.16
C HIS A 66 42.04 60.50 -24.28
N HIS A 67 42.51 60.74 -25.49
CA HIS A 67 43.45 61.82 -25.74
C HIS A 67 42.95 62.70 -26.89
N HIS A 68 42.97 64.00 -26.67
CA HIS A 68 42.47 64.96 -27.66
C HIS A 68 43.47 66.08 -27.87
N HIS A 69 43.13 66.98 -28.80
CA HIS A 69 43.92 68.18 -29.05
C HIS A 69 43.00 69.30 -29.50
N MET B 1 7.97 -8.21 3.51
CA MET B 1 7.04 -7.10 3.80
C MET B 1 6.18 -7.42 5.01
N PRO B 2 5.70 -6.40 5.73
CA PRO B 2 4.66 -6.57 6.74
C PRO B 2 3.35 -6.92 6.06
N LYS B 3 3.14 -8.20 5.84
CA LYS B 3 2.06 -8.66 4.98
C LYS B 3 0.73 -8.75 5.69
N ILE B 4 -0.31 -8.48 4.92
CA ILE B 4 -1.66 -8.78 5.33
C ILE B 4 -2.07 -10.13 4.79
N ILE B 5 -2.74 -10.87 5.62
CA ILE B 5 -3.35 -12.10 5.21
C ILE B 5 -4.83 -12.02 5.56
N GLU B 6 -5.64 -12.74 4.84
CA GLU B 6 -7.05 -12.78 5.15
C GLU B 6 -7.33 -14.01 5.97
N ALA B 7 -8.31 -13.92 6.85
CA ALA B 7 -8.72 -15.05 7.65
C ALA B 7 -10.24 -15.06 7.78
N VAL B 8 -10.80 -16.24 7.90
CA VAL B 8 -12.21 -16.39 8.14
C VAL B 8 -12.46 -16.89 9.56
N TYR B 9 -13.09 -16.03 10.35
CA TYR B 9 -13.45 -16.34 11.73
C TYR B 9 -14.53 -17.42 11.74
N GLU B 10 -14.13 -18.65 12.01
CA GLU B 10 -15.04 -19.76 12.06
C GLU B 10 -15.35 -20.14 13.49
N ASN B 11 -16.58 -19.93 13.87
CA ASN B 11 -17.13 -20.43 15.14
C ASN B 11 -16.42 -19.85 16.36
N GLY B 12 -15.65 -18.81 16.17
CA GLY B 12 -14.96 -18.21 17.28
C GLY B 12 -13.47 -18.23 17.11
N VAL B 13 -13.00 -18.75 15.99
CA VAL B 13 -11.56 -18.76 15.71
C VAL B 13 -11.27 -18.24 14.32
N PHE B 14 -10.18 -17.51 14.16
CA PHE B 14 -9.83 -16.97 12.85
C PHE B 14 -9.02 -17.98 12.07
N LYS B 15 -9.57 -18.45 10.96
CA LYS B 15 -8.92 -19.40 10.10
C LYS B 15 -8.42 -18.73 8.84
N PRO B 16 -7.10 -18.60 8.67
CA PRO B 16 -6.50 -17.97 7.49
C PRO B 16 -7.06 -18.36 6.13
N LEU B 17 -6.62 -17.59 5.17
CA LEU B 17 -6.69 -17.90 3.77
C LEU B 17 -5.28 -17.74 3.28
N GLN B 18 -4.61 -18.89 3.20
CA GLN B 18 -3.17 -19.05 3.02
C GLN B 18 -2.48 -18.97 4.37
N LYS B 19 -1.37 -19.71 4.48
CA LYS B 19 -0.74 -19.96 5.76
C LYS B 19 0.01 -18.74 6.30
N VAL B 20 0.22 -18.73 7.60
CA VAL B 20 0.86 -17.62 8.27
C VAL B 20 2.17 -18.07 8.89
N ASP B 21 3.12 -17.14 8.92
CA ASP B 21 4.48 -17.43 9.31
C ASP B 21 4.67 -17.28 10.82
N LEU B 22 3.57 -17.31 11.55
CA LEU B 22 3.58 -17.04 12.97
C LEU B 22 3.72 -18.31 13.79
N LYS B 23 4.08 -18.14 15.05
CA LYS B 23 4.20 -19.23 15.99
C LYS B 23 2.96 -19.29 16.87
N GLU B 24 2.90 -20.32 17.70
CA GLU B 24 1.78 -20.52 18.60
C GLU B 24 1.74 -19.41 19.65
N GLY B 25 0.60 -18.75 19.72
CA GLY B 25 0.43 -17.66 20.66
C GLY B 25 0.93 -16.35 20.11
N GLU B 26 1.14 -16.30 18.80
CA GLU B 26 1.61 -15.07 18.17
C GLU B 26 0.52 -14.01 18.18
N ARG B 27 0.90 -12.79 18.51
CA ARG B 27 -0.06 -11.72 18.62
C ARG B 27 -0.08 -10.84 17.42
N VAL B 28 -1.29 -10.52 17.04
CA VAL B 28 -1.56 -9.77 15.82
C VAL B 28 -2.83 -8.94 15.99
N LYS B 29 -3.11 -8.09 15.01
CA LYS B 29 -4.28 -7.26 15.07
C LYS B 29 -5.10 -7.45 13.82
N ILE B 30 -6.40 -7.49 14.01
CA ILE B 30 -7.31 -7.86 12.95
C ILE B 30 -8.55 -6.99 13.03
N LYS B 31 -9.16 -6.73 11.90
CA LYS B 31 -10.38 -5.98 11.87
C LYS B 31 -11.28 -6.51 10.77
N LEU B 32 -12.57 -6.26 10.92
CA LEU B 32 -13.54 -6.60 9.90
C LEU B 32 -13.44 -5.58 8.79
N GLU B 33 -13.24 -6.04 7.57
CA GLU B 33 -12.98 -5.11 6.48
C GLU B 33 -14.21 -4.30 6.14
N LEU B 34 -13.95 -3.07 5.76
CA LEU B 34 -15.00 -2.07 5.57
C LEU B 34 -15.19 -1.73 4.10
N LYS B 35 -16.15 -0.86 3.87
CA LYS B 35 -16.48 -0.39 2.53
C LYS B 35 -16.65 1.12 2.54
N VAL B 36 -17.15 1.66 1.42
CA VAL B 36 -17.49 3.08 1.23
C VAL B 36 -16.29 4.02 1.38
N GLU B 37 -16.48 5.22 0.87
CA GLU B 37 -15.48 6.26 0.93
C GLU B 37 -15.99 7.38 1.84
N PRO B 38 -15.13 8.34 2.22
CA PRO B 38 -15.54 9.50 3.01
C PRO B 38 -16.31 10.53 2.19
N ILE B 39 -16.48 11.72 2.75
CA ILE B 39 -17.21 12.78 2.06
C ILE B 39 -16.23 13.68 1.29
N ASP B 40 -16.71 14.26 0.21
CA ASP B 40 -15.88 15.10 -0.64
C ASP B 40 -16.55 16.44 -0.85
N LEU B 41 -15.74 17.48 -0.91
CA LEU B 41 -16.24 18.84 -1.11
C LEU B 41 -15.39 19.54 -2.16
N GLY B 42 -16.05 20.18 -3.10
CA GLY B 42 -15.37 20.81 -4.18
C GLY B 42 -15.71 22.28 -4.25
N GLU B 43 -14.82 23.04 -4.82
CA GLU B 43 -14.97 24.46 -4.96
C GLU B 43 -16.06 24.79 -5.98
N PRO B 44 -17.04 25.63 -5.58
CA PRO B 44 -18.18 25.98 -6.43
C PRO B 44 -17.75 26.71 -7.70
N VAL B 45 -18.63 26.72 -8.69
CA VAL B 45 -18.34 27.37 -9.97
C VAL B 45 -18.16 28.87 -9.80
N SER B 46 -17.16 29.37 -10.50
CA SER B 46 -16.81 30.77 -10.45
C SER B 46 -17.05 31.41 -11.81
N VAL B 47 -16.81 32.70 -11.90
CA VAL B 47 -16.93 33.41 -13.16
C VAL B 47 -15.68 33.18 -13.98
N GLU B 48 -15.85 32.68 -15.19
CA GLU B 48 -14.74 32.34 -16.05
C GLU B 48 -14.54 33.45 -17.08
N GLU B 49 -13.34 33.50 -17.67
CA GLU B 49 -12.99 34.53 -18.64
C GLU B 49 -13.92 34.53 -19.84
N ILE B 50 -14.51 33.37 -20.12
CA ILE B 50 -15.35 33.19 -21.30
C ILE B 50 -16.72 33.83 -21.12
N LYS B 51 -16.99 34.29 -19.91
CA LYS B 51 -18.27 34.92 -19.60
C LYS B 51 -18.28 36.37 -20.07
N LYS B 52 -19.46 36.89 -20.40
CA LYS B 52 -19.58 38.21 -20.96
C LYS B 52 -19.29 39.29 -19.93
N ILE B 53 -18.14 39.91 -20.06
CA ILE B 53 -17.77 41.02 -19.23
C ILE B 53 -17.70 42.28 -20.09
N ARG B 54 -18.33 43.35 -19.63
CA ARG B 54 -18.38 44.59 -20.40
C ARG B 54 -17.05 45.33 -20.31
N ASP B 55 -16.66 45.98 -21.41
CA ASP B 55 -15.46 46.80 -21.43
C ASP B 55 -15.82 48.26 -21.21
N GLY B 56 -14.82 49.08 -20.92
CA GLY B 56 -15.06 50.49 -20.65
C GLY B 56 -14.59 51.36 -21.79
N THR B 57 -15.18 51.16 -22.96
CA THR B 57 -14.80 51.90 -24.14
C THR B 57 -15.47 53.27 -24.19
N TRP B 58 -14.71 54.30 -23.88
CA TRP B 58 -15.18 55.66 -23.94
C TRP B 58 -14.93 56.27 -25.32
N MET B 59 -15.79 57.20 -25.73
CA MET B 59 -15.63 57.85 -27.00
C MET B 59 -16.01 59.33 -26.90
N SER B 60 -15.09 60.19 -27.30
CA SER B 60 -15.35 61.62 -27.32
C SER B 60 -15.28 62.13 -28.76
N SER B 61 -15.79 63.33 -29.01
CA SER B 61 -15.84 63.86 -30.36
C SER B 61 -14.70 64.83 -30.64
N LEU B 62 -13.93 65.13 -29.59
CA LEU B 62 -12.82 66.07 -29.65
C LEU B 62 -13.18 67.37 -30.38
N GLU B 63 -13.77 68.31 -29.65
CA GLU B 63 -14.19 69.56 -30.25
C GLU B 63 -12.97 70.47 -30.47
N HIS B 64 -12.95 71.16 -31.61
CA HIS B 64 -11.78 71.97 -31.97
C HIS B 64 -12.17 73.28 -32.66
N HIS B 65 -13.33 73.84 -32.30
CA HIS B 65 -13.74 75.14 -32.84
C HIS B 65 -13.31 76.27 -31.91
N HIS B 66 -13.43 77.51 -32.41
CA HIS B 66 -13.07 78.68 -31.63
C HIS B 66 -13.93 79.87 -32.03
N HIS B 67 -14.70 80.38 -31.08
CA HIS B 67 -15.51 81.57 -31.30
C HIS B 67 -14.63 82.78 -31.62
N HIS B 68 -14.92 83.45 -32.72
CA HIS B 68 -14.13 84.59 -33.17
C HIS B 68 -14.80 85.89 -32.76
N HIS B 69 -14.06 86.99 -32.88
CA HIS B 69 -14.60 88.31 -32.61
C HIS B 69 -13.90 89.34 -33.49
N MET A 1 -16.29 0.07 9.69
CA MET A 1 -15.35 0.78 10.60
C MET A 1 -14.43 -0.22 11.27
N PRO A 2 -13.11 -0.01 11.17
CA PRO A 2 -12.12 -0.92 11.72
C PRO A 2 -11.77 -0.63 13.18
N LYS A 3 -11.80 -1.66 14.00
CA LYS A 3 -11.31 -1.57 15.37
C LYS A 3 -10.44 -2.78 15.63
N ILE A 4 -9.38 -2.59 16.39
CA ILE A 4 -8.39 -3.62 16.59
C ILE A 4 -8.80 -4.63 17.64
N ILE A 5 -8.75 -5.87 17.24
CA ILE A 5 -8.89 -6.99 18.14
C ILE A 5 -7.54 -7.68 18.21
N GLU A 6 -7.28 -8.43 19.25
CA GLU A 6 -6.02 -9.11 19.37
C GLU A 6 -6.24 -10.60 19.54
N ALA A 7 -5.46 -11.38 18.79
CA ALA A 7 -5.58 -12.83 18.80
C ALA A 7 -4.22 -13.47 18.97
N VAL A 8 -4.21 -14.76 19.28
CA VAL A 8 -3.01 -15.55 19.28
C VAL A 8 -3.02 -16.55 18.13
N TYR A 9 -2.03 -16.44 17.27
CA TYR A 9 -1.89 -17.35 16.14
C TYR A 9 -1.21 -18.63 16.56
N GLU A 10 -1.99 -19.67 16.45
CA GLU A 10 -1.58 -21.02 16.65
C GLU A 10 -1.04 -21.57 15.35
N ASN A 11 -0.82 -22.87 15.33
CA ASN A 11 -0.14 -23.56 14.23
C ASN A 11 -0.95 -23.53 12.95
N GLY A 12 -1.46 -22.37 12.64
CA GLY A 12 -2.31 -22.18 11.50
C GLY A 12 -3.65 -21.63 11.93
N VAL A 13 -3.76 -21.32 13.22
CA VAL A 13 -5.03 -20.88 13.77
C VAL A 13 -4.96 -19.45 14.27
N PHE A 14 -6.01 -18.69 14.10
CA PHE A 14 -6.10 -17.41 14.78
C PHE A 14 -7.21 -17.46 15.82
N LYS A 15 -6.85 -17.34 17.08
CA LYS A 15 -7.83 -17.29 18.15
C LYS A 15 -7.71 -16.01 18.93
N PRO A 16 -8.77 -15.18 18.90
CA PRO A 16 -8.75 -13.89 19.59
C PRO A 16 -8.63 -14.04 21.10
N LEU A 17 -8.37 -12.94 21.76
CA LEU A 17 -8.30 -12.89 23.20
C LEU A 17 -9.46 -12.04 23.69
N GLN A 18 -10.05 -11.34 22.75
CA GLN A 18 -11.21 -10.51 23.03
C GLN A 18 -12.45 -11.20 22.51
N LYS A 19 -13.46 -11.34 23.34
CA LYS A 19 -14.69 -11.97 22.92
C LYS A 19 -15.44 -11.06 21.96
N VAL A 20 -16.01 -11.67 20.95
CA VAL A 20 -16.47 -10.96 19.79
C VAL A 20 -17.85 -11.35 19.36
N ASP A 21 -18.59 -10.34 18.96
CA ASP A 21 -19.88 -10.54 18.36
C ASP A 21 -19.72 -10.51 16.87
N LEU A 22 -19.39 -11.66 16.39
CA LEU A 22 -19.12 -11.90 14.99
C LEU A 22 -20.11 -12.87 14.35
N LYS A 23 -20.00 -13.04 13.03
CA LYS A 23 -20.73 -14.06 12.30
C LYS A 23 -19.75 -15.08 11.73
N GLU A 24 -20.18 -16.32 11.60
CA GLU A 24 -19.30 -17.38 11.15
C GLU A 24 -18.89 -17.17 9.70
N GLY A 25 -17.60 -17.30 9.46
CA GLY A 25 -17.04 -17.03 8.16
C GLY A 25 -16.73 -15.57 7.99
N GLU A 26 -16.55 -14.88 9.12
CA GLU A 26 -16.32 -13.46 9.12
C GLU A 26 -14.90 -13.18 8.65
N ARG A 27 -14.80 -12.46 7.55
CA ARG A 27 -13.52 -12.19 6.92
C ARG A 27 -12.86 -10.99 7.54
N VAL A 28 -11.64 -11.19 7.98
CA VAL A 28 -10.91 -10.19 8.72
C VAL A 28 -9.50 -10.02 8.17
N LYS A 29 -8.84 -8.94 8.61
CA LYS A 29 -7.48 -8.66 8.20
C LYS A 29 -6.58 -8.70 9.42
N ILE A 30 -5.43 -9.30 9.24
CA ILE A 30 -4.46 -9.45 10.32
C ILE A 30 -3.17 -8.77 9.92
N LYS A 31 -2.54 -8.12 10.86
CA LYS A 31 -1.25 -7.52 10.62
C LYS A 31 -0.49 -7.35 11.92
N LEU A 32 0.82 -7.42 11.83
CA LEU A 32 1.69 -7.09 12.93
C LEU A 32 2.07 -5.63 12.82
N GLU A 33 1.71 -4.86 13.82
CA GLU A 33 1.79 -3.41 13.74
C GLU A 33 3.20 -2.90 14.01
N LEU A 34 3.34 -1.57 13.96
CA LEU A 34 4.63 -0.90 14.01
C LEU A 34 5.56 -1.40 12.90
N LYS A 35 6.84 -1.15 13.07
CA LYS A 35 7.83 -1.57 12.10
C LYS A 35 8.29 -2.99 12.39
N VAL A 36 8.94 -3.60 11.42
CA VAL A 36 9.45 -4.95 11.56
C VAL A 36 10.93 -4.91 11.92
N GLU A 37 11.32 -5.74 12.86
CA GLU A 37 12.69 -5.81 13.32
C GLU A 37 13.46 -6.85 12.51
N PRO A 38 14.78 -6.66 12.34
CA PRO A 38 15.61 -7.61 11.63
C PRO A 38 15.85 -8.89 12.44
N ILE A 39 16.49 -9.86 11.82
CA ILE A 39 16.76 -11.13 12.45
C ILE A 39 18.23 -11.51 12.35
N ASP A 40 18.79 -11.99 13.45
CA ASP A 40 20.16 -12.47 13.51
C ASP A 40 21.16 -11.38 13.06
N LEU A 41 22.36 -11.77 12.66
CA LEU A 41 23.38 -10.81 12.27
C LEU A 41 23.51 -10.73 10.75
N GLY A 42 24.22 -9.71 10.28
CA GLY A 42 24.34 -9.48 8.86
C GLY A 42 25.55 -10.14 8.24
N GLU A 43 26.29 -9.38 7.44
CA GLU A 43 27.40 -9.92 6.68
C GLU A 43 28.74 -9.49 7.26
N PRO A 44 29.48 -10.43 7.88
CA PRO A 44 30.83 -10.19 8.35
C PRO A 44 31.85 -10.23 7.21
N VAL A 45 32.48 -9.09 6.93
CA VAL A 45 33.45 -9.01 5.86
C VAL A 45 34.88 -9.03 6.41
N SER A 46 35.80 -9.39 5.55
CA SER A 46 37.20 -9.54 5.93
C SER A 46 38.00 -8.32 5.49
N VAL A 47 39.19 -8.15 6.07
CA VAL A 47 40.07 -7.07 5.70
C VAL A 47 41.47 -7.59 5.34
N GLU A 48 41.89 -7.31 4.13
CA GLU A 48 43.17 -7.76 3.64
C GLU A 48 43.82 -6.73 2.73
N GLU A 49 42.99 -6.07 1.93
CA GLU A 49 43.46 -5.09 0.96
C GLU A 49 43.63 -3.72 1.59
N ILE A 50 42.88 -3.49 2.66
CA ILE A 50 42.86 -2.19 3.33
C ILE A 50 44.04 -2.04 4.29
N LYS A 51 44.88 -3.06 4.35
CA LYS A 51 46.02 -3.05 5.27
C LYS A 51 47.29 -2.62 4.53
N LYS A 52 48.06 -1.74 5.14
CA LYS A 52 49.32 -1.27 4.58
C LYS A 52 50.47 -1.52 5.55
N ILE A 53 51.57 -2.03 5.03
CA ILE A 53 52.72 -2.38 5.83
C ILE A 53 53.85 -1.36 5.65
N ARG A 54 54.56 -1.05 6.72
CA ARG A 54 55.71 -0.16 6.68
C ARG A 54 56.90 -0.85 7.35
N ASP A 55 58.10 -0.66 6.78
CA ASP A 55 59.31 -1.31 7.28
C ASP A 55 59.73 -0.73 8.62
N GLY A 56 60.62 -1.44 9.32
CA GLY A 56 61.11 -0.97 10.60
C GLY A 56 62.54 -0.48 10.51
N THR A 57 62.87 0.51 11.32
CA THR A 57 64.19 1.12 11.26
C THR A 57 65.17 0.42 12.20
N TRP A 58 66.34 0.08 11.68
CA TRP A 58 67.37 -0.57 12.47
C TRP A 58 68.44 0.44 12.90
N MET A 59 69.36 -0.02 13.74
CA MET A 59 70.48 0.78 14.23
C MET A 59 70.05 1.79 15.28
N SER A 60 71.03 2.27 16.03
CA SER A 60 70.80 3.23 17.10
C SER A 60 71.75 4.41 16.93
N SER A 61 71.63 5.40 17.81
CA SER A 61 72.46 6.59 17.75
C SER A 61 73.83 6.33 18.41
N LEU A 62 74.19 5.05 18.52
CA LEU A 62 75.43 4.61 19.14
C LEU A 62 75.43 4.84 20.64
N GLU A 63 75.91 3.86 21.38
CA GLU A 63 76.01 3.96 22.83
C GLU A 63 77.45 4.18 23.25
N HIS A 64 77.72 5.36 23.80
CA HIS A 64 79.05 5.68 24.29
C HIS A 64 79.03 5.84 25.80
N HIS A 65 79.77 4.99 26.49
CA HIS A 65 80.01 5.19 27.91
C HIS A 65 81.03 6.29 28.09
N HIS A 66 80.54 7.48 28.43
CA HIS A 66 81.38 8.66 28.56
C HIS A 66 82.54 8.43 29.52
N HIS A 67 83.75 8.60 29.00
CA HIS A 67 84.96 8.43 29.79
C HIS A 67 85.18 9.66 30.67
N HIS A 68 84.48 9.70 31.80
CA HIS A 68 84.53 10.84 32.68
C HIS A 68 85.18 10.47 34.00
N HIS A 69 86.16 11.27 34.41
CA HIS A 69 86.79 11.11 35.71
C HIS A 69 87.19 12.48 36.25
N MET B 1 3.64 -11.48 9.39
CA MET B 1 4.16 -10.85 8.17
C MET B 1 3.86 -9.36 8.18
N PRO B 2 4.66 -8.54 7.48
CA PRO B 2 4.37 -7.13 7.28
C PRO B 2 3.17 -6.92 6.37
N LYS B 3 2.87 -7.96 5.59
CA LYS B 3 1.68 -7.96 4.74
C LYS B 3 0.44 -8.12 5.59
N ILE B 4 -0.72 -7.86 5.01
CA ILE B 4 -1.97 -8.05 5.69
C ILE B 4 -2.53 -9.44 5.42
N ILE B 5 -2.87 -10.13 6.49
CA ILE B 5 -3.42 -11.47 6.38
C ILE B 5 -4.94 -11.40 6.29
N GLU B 6 -5.53 -12.42 5.68
CA GLU B 6 -6.98 -12.53 5.61
C GLU B 6 -7.40 -13.88 6.19
N ALA B 7 -8.37 -13.85 7.08
CA ALA B 7 -8.83 -15.07 7.74
C ALA B 7 -10.35 -15.02 7.96
N VAL B 8 -10.96 -16.16 8.24
CA VAL B 8 -12.39 -16.23 8.53
C VAL B 8 -12.66 -17.00 9.83
N TYR B 9 -13.23 -16.30 10.82
CA TYR B 9 -13.66 -16.90 12.08
C TYR B 9 -14.80 -17.89 11.84
N GLU B 10 -14.45 -19.15 11.94
CA GLU B 10 -15.40 -20.22 11.84
C GLU B 10 -15.23 -21.17 13.00
N ASN B 11 -16.35 -21.54 13.59
CA ASN B 11 -16.39 -22.59 14.59
C ASN B 11 -15.49 -22.27 15.76
N GLY B 12 -15.36 -21.00 16.09
CA GLY B 12 -14.34 -20.66 17.03
C GLY B 12 -13.33 -19.70 16.44
N VAL B 13 -12.59 -20.21 15.51
CA VAL B 13 -11.29 -19.67 15.19
C VAL B 13 -11.29 -18.90 13.89
N PHE B 14 -10.35 -17.98 13.75
CA PHE B 14 -10.14 -17.33 12.48
C PHE B 14 -9.23 -18.21 11.65
N LYS B 15 -9.77 -18.72 10.58
CA LYS B 15 -9.03 -19.57 9.69
C LYS B 15 -8.54 -18.75 8.52
N PRO B 16 -7.23 -18.55 8.38
CA PRO B 16 -6.71 -17.74 7.29
C PRO B 16 -7.05 -18.32 5.93
N LEU B 17 -6.84 -17.52 4.91
CA LEU B 17 -6.99 -17.96 3.53
C LEU B 17 -5.63 -17.94 2.89
N GLN B 18 -4.70 -17.30 3.60
CA GLN B 18 -3.31 -17.25 3.15
C GLN B 18 -2.40 -17.87 4.20
N LYS B 19 -1.19 -18.23 3.79
CA LYS B 19 -0.27 -18.93 4.66
C LYS B 19 0.41 -17.99 5.65
N VAL B 20 0.41 -18.42 6.90
CA VAL B 20 1.03 -17.65 7.98
C VAL B 20 1.90 -18.56 8.82
N ASP B 21 2.97 -17.99 9.27
CA ASP B 21 3.80 -18.64 10.24
C ASP B 21 4.45 -17.59 11.08
N LEU B 22 3.74 -17.23 12.10
CA LEU B 22 4.26 -16.34 13.12
C LEU B 22 4.47 -17.10 14.42
N LYS B 23 4.10 -18.35 14.36
CA LYS B 23 4.33 -19.35 15.38
C LYS B 23 3.37 -19.21 16.56
N GLU B 24 3.22 -20.32 17.27
CA GLU B 24 2.14 -20.51 18.22
C GLU B 24 2.10 -19.46 19.29
N GLY B 25 0.89 -18.97 19.50
CA GLY B 25 0.65 -17.81 20.32
C GLY B 25 1.52 -16.66 19.92
N GLU B 26 1.29 -16.19 18.72
CA GLU B 26 1.85 -14.92 18.29
C GLU B 26 0.80 -13.82 18.35
N ARG B 27 1.19 -12.67 18.89
CA ARG B 27 0.30 -11.54 19.07
C ARG B 27 0.08 -10.80 17.76
N VAL B 28 -1.16 -10.81 17.35
CA VAL B 28 -1.57 -10.24 16.08
C VAL B 28 -2.76 -9.31 16.26
N LYS B 29 -2.93 -8.37 15.34
CA LYS B 29 -4.04 -7.44 15.40
C LYS B 29 -5.04 -7.74 14.31
N ILE B 30 -6.30 -7.73 14.70
CA ILE B 30 -7.39 -8.11 13.82
C ILE B 30 -8.24 -6.89 13.51
N LYS B 31 -8.74 -6.84 12.31
CA LYS B 31 -9.70 -5.84 11.90
C LYS B 31 -10.73 -6.48 11.00
N LEU B 32 -11.85 -5.83 10.89
CA LEU B 32 -13.01 -6.37 10.20
C LEU B 32 -13.11 -5.81 8.79
N GLU B 33 -13.39 -6.68 7.82
CA GLU B 33 -13.50 -6.24 6.45
C GLU B 33 -14.95 -6.11 6.00
N LEU B 34 -15.15 -5.13 5.16
CA LEU B 34 -16.40 -4.90 4.49
C LEU B 34 -16.11 -4.14 3.22
N LYS B 35 -16.95 -4.27 2.23
CA LYS B 35 -16.71 -3.63 0.96
C LYS B 35 -17.72 -2.53 0.71
N VAL B 36 -17.32 -1.56 -0.10
CA VAL B 36 -18.19 -0.46 -0.46
C VAL B 36 -19.15 -0.92 -1.56
N GLU B 37 -20.25 -0.18 -1.72
CA GLU B 37 -21.26 -0.52 -2.71
C GLU B 37 -20.66 -0.75 -4.09
N PRO B 38 -20.68 -2.01 -4.56
CA PRO B 38 -20.16 -2.35 -5.86
C PRO B 38 -21.22 -2.23 -6.95
N ILE B 39 -20.79 -2.39 -8.18
CA ILE B 39 -21.66 -2.34 -9.33
C ILE B 39 -21.29 -3.45 -10.28
N ASP B 40 -22.27 -3.94 -11.01
CA ASP B 40 -22.00 -4.88 -12.07
C ASP B 40 -21.78 -4.11 -13.36
N LEU B 41 -20.84 -4.56 -14.17
CA LEU B 41 -20.47 -3.85 -15.39
C LEU B 41 -21.67 -3.78 -16.34
N GLY B 42 -22.12 -2.56 -16.62
CA GLY B 42 -23.27 -2.38 -17.46
C GLY B 42 -22.87 -2.19 -18.89
N GLU B 43 -23.24 -3.15 -19.69
CA GLU B 43 -22.99 -3.12 -21.12
C GLU B 43 -23.96 -2.15 -21.80
N PRO B 44 -23.52 -1.51 -22.88
CA PRO B 44 -24.35 -0.58 -23.65
C PRO B 44 -25.57 -1.28 -24.24
N VAL B 45 -26.74 -0.70 -24.03
CA VAL B 45 -27.96 -1.26 -24.57
C VAL B 45 -28.07 -0.92 -26.05
N SER B 46 -28.72 -1.78 -26.81
CA SER B 46 -28.86 -1.60 -28.23
C SER B 46 -30.23 -1.04 -28.58
N VAL B 47 -30.39 -0.63 -29.83
CA VAL B 47 -31.68 -0.17 -30.30
C VAL B 47 -32.36 -1.29 -31.09
N GLU B 48 -33.65 -1.46 -30.84
CA GLU B 48 -34.39 -2.56 -31.44
C GLU B 48 -35.19 -2.08 -32.65
N GLU B 49 -35.37 -2.97 -33.61
CA GLU B 49 -36.20 -2.66 -34.77
C GLU B 49 -37.67 -2.79 -34.40
N ILE B 50 -37.92 -3.67 -33.43
CA ILE B 50 -39.26 -3.90 -32.90
C ILE B 50 -39.54 -2.98 -31.71
N LYS B 51 -38.69 -1.98 -31.57
CA LYS B 51 -38.76 -1.07 -30.44
C LYS B 51 -39.95 -0.13 -30.57
N LYS B 52 -40.64 0.06 -29.46
CA LYS B 52 -41.77 0.98 -29.42
C LYS B 52 -41.25 2.40 -29.19
N ILE B 53 -42.11 3.38 -29.47
CA ILE B 53 -41.72 4.77 -29.52
C ILE B 53 -40.59 4.97 -30.54
N ARG B 54 -41.00 5.16 -31.80
CA ARG B 54 -40.10 5.33 -32.93
C ARG B 54 -39.40 4.01 -33.27
N ASP B 55 -39.98 3.29 -34.21
CA ASP B 55 -39.44 2.00 -34.66
C ASP B 55 -38.04 2.17 -35.24
N GLY B 56 -37.23 1.13 -35.12
CA GLY B 56 -35.89 1.18 -35.64
C GLY B 56 -35.78 0.55 -37.00
N THR B 57 -35.27 1.30 -37.97
CA THR B 57 -35.11 0.80 -39.32
C THR B 57 -34.20 1.76 -40.10
N TRP B 58 -33.88 1.40 -41.33
CA TRP B 58 -33.06 2.26 -42.17
C TRP B 58 -33.96 3.08 -43.07
N MET B 59 -33.67 4.37 -43.17
CA MET B 59 -34.54 5.30 -43.87
C MET B 59 -33.96 5.67 -45.24
N SER B 60 -34.85 5.90 -46.20
CA SER B 60 -34.51 6.29 -47.56
C SER B 60 -33.99 5.09 -48.35
N SER B 61 -34.56 4.88 -49.52
CA SER B 61 -34.19 3.75 -50.36
C SER B 61 -33.18 4.18 -51.44
N LEU B 62 -32.80 5.46 -51.40
CA LEU B 62 -31.94 6.06 -52.40
C LEU B 62 -32.47 5.83 -53.82
N GLU B 63 -33.39 6.68 -54.22
CA GLU B 63 -34.05 6.55 -55.51
C GLU B 63 -33.29 7.36 -56.58
N HIS B 64 -33.51 7.00 -57.84
CA HIS B 64 -32.86 7.67 -58.97
C HIS B 64 -33.66 8.91 -59.35
N HIS B 65 -34.24 9.57 -58.36
CA HIS B 65 -35.05 10.76 -58.59
C HIS B 65 -34.17 11.98 -58.83
N HIS B 66 -33.53 12.00 -59.99
CA HIS B 66 -32.64 13.09 -60.34
C HIS B 66 -33.44 14.31 -60.78
N HIS B 67 -33.21 15.43 -60.11
CA HIS B 67 -33.86 16.68 -60.48
C HIS B 67 -32.91 17.55 -61.28
N HIS B 68 -33.37 17.97 -62.44
CA HIS B 68 -32.52 18.72 -63.37
C HIS B 68 -33.10 20.11 -63.61
N HIS B 69 -32.23 21.11 -63.61
CA HIS B 69 -32.65 22.47 -63.88
C HIS B 69 -32.68 22.73 -65.38
N MET A 1 -19.62 -2.29 16.66
CA MET A 1 -18.52 -1.48 17.20
C MET A 1 -17.33 -1.48 16.24
N PRO A 2 -16.97 -0.31 15.69
CA PRO A 2 -15.81 -0.17 14.81
C PRO A 2 -14.50 -0.26 15.59
N LYS A 3 -13.88 -1.43 15.56
CA LYS A 3 -12.68 -1.68 16.33
C LYS A 3 -11.75 -2.64 15.60
N ILE A 4 -10.56 -2.81 16.15
CA ILE A 4 -9.67 -3.86 15.73
C ILE A 4 -9.52 -4.85 16.89
N ILE A 5 -9.42 -6.11 16.56
CA ILE A 5 -9.33 -7.15 17.56
C ILE A 5 -7.88 -7.55 17.75
N GLU A 6 -7.51 -7.89 18.96
CA GLU A 6 -6.21 -8.46 19.21
C GLU A 6 -6.34 -9.97 19.37
N ALA A 7 -5.49 -10.71 18.70
CA ALA A 7 -5.53 -12.17 18.74
C ALA A 7 -4.13 -12.74 18.88
N VAL A 8 -4.04 -13.95 19.41
CA VAL A 8 -2.80 -14.68 19.47
C VAL A 8 -2.87 -15.92 18.60
N TYR A 9 -2.02 -15.96 17.59
CA TYR A 9 -1.91 -17.12 16.71
C TYR A 9 -1.20 -18.24 17.44
N GLU A 10 -1.90 -19.34 17.56
CA GLU A 10 -1.41 -20.50 18.27
C GLU A 10 -1.92 -21.76 17.59
N ASN A 11 -1.01 -22.68 17.32
CA ASN A 11 -1.35 -23.99 16.78
C ASN A 11 -1.82 -23.88 15.33
N GLY A 12 -1.42 -22.80 14.67
CA GLY A 12 -1.88 -22.57 13.32
C GLY A 12 -3.24 -21.91 13.29
N VAL A 13 -3.61 -21.34 14.42
CA VAL A 13 -4.91 -20.69 14.55
C VAL A 13 -4.73 -19.24 14.96
N PHE A 14 -5.63 -18.38 14.56
CA PHE A 14 -5.69 -17.06 15.15
C PHE A 14 -6.77 -17.05 16.23
N LYS A 15 -6.34 -16.86 17.45
CA LYS A 15 -7.22 -16.93 18.60
C LYS A 15 -7.30 -15.57 19.29
N PRO A 16 -8.42 -14.85 19.17
CA PRO A 16 -8.51 -13.52 19.74
C PRO A 16 -8.30 -13.51 21.25
N LEU A 17 -8.14 -12.31 21.76
CA LEU A 17 -7.99 -12.10 23.20
C LEU A 17 -9.30 -11.58 23.73
N GLN A 18 -10.19 -11.28 22.81
CA GLN A 18 -11.53 -10.83 23.15
C GLN A 18 -12.55 -11.48 22.24
N LYS A 19 -13.67 -11.87 22.81
CA LYS A 19 -14.70 -12.58 22.06
C LYS A 19 -15.49 -11.61 21.19
N VAL A 20 -15.65 -12.01 19.95
CA VAL A 20 -16.34 -11.19 18.97
C VAL A 20 -17.50 -11.94 18.39
N ASP A 21 -18.56 -11.22 18.16
CA ASP A 21 -19.72 -11.79 17.53
C ASP A 21 -19.70 -11.37 16.09
N LEU A 22 -19.03 -12.18 15.35
CA LEU A 22 -18.95 -12.07 13.91
C LEU A 22 -19.69 -13.21 13.24
N LYS A 23 -19.61 -13.27 11.92
CA LYS A 23 -20.22 -14.35 11.16
C LYS A 23 -19.22 -15.45 10.91
N GLU A 24 -19.72 -16.60 10.48
CA GLU A 24 -18.87 -17.71 10.17
C GLU A 24 -18.27 -17.53 8.80
N GLY A 25 -16.97 -17.69 8.75
CA GLY A 25 -16.17 -17.25 7.65
C GLY A 25 -16.48 -15.81 7.32
N GLU A 26 -16.15 -14.94 8.27
CA GLU A 26 -16.21 -13.51 8.06
C GLU A 26 -14.88 -12.99 7.53
N ARG A 27 -14.93 -11.91 6.74
CA ARG A 27 -13.76 -11.40 6.05
C ARG A 27 -13.00 -10.37 6.88
N VAL A 28 -11.91 -10.85 7.39
CA VAL A 28 -10.98 -10.06 8.16
C VAL A 28 -9.58 -10.20 7.59
N LYS A 29 -8.75 -9.21 7.79
CA LYS A 29 -7.37 -9.29 7.38
C LYS A 29 -6.50 -9.36 8.60
N ILE A 30 -5.44 -10.11 8.49
CA ILE A 30 -4.52 -10.28 9.59
C ILE A 30 -3.29 -9.47 9.34
N LYS A 31 -2.90 -8.78 10.35
CA LYS A 31 -1.70 -8.01 10.37
C LYS A 31 -1.11 -8.18 11.73
N LEU A 32 0.15 -7.89 11.88
CA LEU A 32 0.86 -8.30 13.06
C LEU A 32 1.25 -7.10 13.89
N GLU A 33 1.33 -7.31 15.20
CA GLU A 33 1.92 -6.33 16.07
C GLU A 33 3.38 -6.26 15.74
N LEU A 34 3.84 -5.08 15.44
CA LEU A 34 5.17 -4.92 14.92
C LEU A 34 6.17 -4.81 16.06
N LYS A 35 7.39 -5.21 15.76
CA LYS A 35 8.48 -4.96 16.65
C LYS A 35 9.13 -3.66 16.20
N VAL A 36 9.83 -3.02 17.10
CA VAL A 36 10.35 -1.69 16.82
C VAL A 36 11.68 -1.78 16.08
N GLU A 37 11.83 -0.95 15.08
CA GLU A 37 13.08 -0.87 14.34
C GLU A 37 13.68 0.51 14.49
N PRO A 38 14.44 0.72 15.57
CA PRO A 38 15.17 1.96 15.80
C PRO A 38 16.57 1.87 15.21
N ILE A 39 17.50 2.61 15.76
CA ILE A 39 18.88 2.48 15.35
C ILE A 39 19.60 1.56 16.32
N ASP A 40 20.43 0.70 15.80
CA ASP A 40 21.13 -0.30 16.59
C ASP A 40 22.61 0.02 16.63
N LEU A 41 23.11 0.31 17.82
CA LEU A 41 24.49 0.73 17.98
C LEU A 41 25.41 -0.48 18.12
N GLY A 42 26.46 -0.51 17.31
CA GLY A 42 27.43 -1.59 17.38
C GLY A 42 27.85 -2.05 16.01
N GLU A 43 29.11 -1.84 15.70
CA GLU A 43 29.68 -2.23 14.42
C GLU A 43 30.73 -3.31 14.63
N PRO A 44 30.57 -4.45 13.96
CA PRO A 44 31.50 -5.58 14.06
C PRO A 44 32.89 -5.24 13.54
N VAL A 45 33.89 -5.44 14.38
CA VAL A 45 35.27 -5.17 13.99
C VAL A 45 35.89 -6.39 13.32
N SER A 46 36.79 -6.13 12.41
CA SER A 46 37.43 -7.17 11.63
C SER A 46 38.83 -7.48 12.17
N VAL A 47 39.46 -8.51 11.61
CA VAL A 47 40.79 -8.90 12.01
C VAL A 47 41.74 -8.81 10.81
N GLU A 48 43.01 -8.50 11.05
CA GLU A 48 43.98 -8.34 9.98
C GLU A 48 44.62 -9.69 9.63
N GLU A 49 44.44 -10.11 8.40
CA GLU A 49 45.16 -11.27 7.87
C GLU A 49 46.51 -10.80 7.32
N ILE A 50 46.53 -9.58 6.82
CA ILE A 50 47.71 -9.00 6.19
C ILE A 50 48.64 -8.41 7.25
N LYS A 51 48.38 -8.72 8.50
CA LYS A 51 49.23 -8.23 9.59
C LYS A 51 50.56 -8.96 9.54
N LYS A 52 51.64 -8.21 9.66
CA LYS A 52 52.95 -8.73 9.40
C LYS A 52 54.00 -8.19 10.38
N ILE A 53 54.59 -9.10 11.15
CA ILE A 53 55.73 -8.80 11.96
C ILE A 53 56.96 -9.47 11.36
N ARG A 54 57.74 -8.71 10.61
CA ARG A 54 58.87 -9.26 9.86
C ARG A 54 60.16 -8.48 10.11
N ASP A 55 61.25 -9.22 10.25
CA ASP A 55 62.57 -8.63 10.37
C ASP A 55 63.44 -9.08 9.22
N GLY A 56 64.43 -8.28 8.88
CA GLY A 56 65.30 -8.60 7.78
C GLY A 56 66.75 -8.52 8.16
N THR A 57 67.52 -9.52 7.76
CA THR A 57 68.94 -9.55 8.04
C THR A 57 69.68 -10.30 6.94
N TRP A 58 70.85 -9.79 6.58
CA TRP A 58 71.66 -10.37 5.53
C TRP A 58 73.13 -9.99 5.73
N MET A 59 74.02 -10.96 5.58
CA MET A 59 75.45 -10.72 5.74
C MET A 59 76.24 -11.84 5.06
N SER A 60 77.41 -11.50 4.55
CA SER A 60 78.28 -12.48 3.92
C SER A 60 79.68 -12.40 4.52
N SER A 61 80.13 -13.50 5.11
CA SER A 61 81.41 -13.54 5.79
C SER A 61 82.43 -14.31 4.96
N LEU A 62 82.14 -14.46 3.67
CA LEU A 62 82.97 -15.25 2.77
C LEU A 62 84.28 -14.55 2.44
N GLU A 63 85.17 -14.48 3.42
CA GLU A 63 86.48 -13.89 3.22
C GLU A 63 87.35 -14.85 2.41
N HIS A 64 87.79 -14.40 1.24
CA HIS A 64 88.59 -15.23 0.36
C HIS A 64 89.35 -14.39 -0.66
N HIS A 65 90.58 -14.78 -0.93
CA HIS A 65 91.40 -14.14 -1.94
C HIS A 65 91.61 -15.09 -3.09
N HIS A 66 91.30 -14.66 -4.30
CA HIS A 66 91.24 -15.56 -5.43
C HIS A 66 91.80 -14.93 -6.70
N HIS A 67 92.88 -15.53 -7.21
CA HIS A 67 93.38 -15.19 -8.54
C HIS A 67 93.46 -16.48 -9.36
N HIS A 68 94.18 -17.45 -8.81
CA HIS A 68 94.20 -18.80 -9.38
C HIS A 68 94.26 -19.83 -8.25
N HIS A 69 94.76 -19.40 -7.10
CA HIS A 69 94.73 -20.22 -5.89
C HIS A 69 94.16 -19.43 -4.73
N MET B 1 8.31 -5.40 2.75
CA MET B 1 6.92 -5.05 3.08
C MET B 1 6.15 -6.26 3.60
N PRO B 2 5.60 -6.17 4.82
CA PRO B 2 4.71 -7.17 5.35
C PRO B 2 3.35 -7.11 4.67
N LYS B 3 2.76 -8.26 4.38
CA LYS B 3 1.50 -8.29 3.69
C LYS B 3 0.41 -8.78 4.63
N ILE B 4 -0.82 -8.37 4.34
CA ILE B 4 -1.96 -8.87 5.04
C ILE B 4 -2.36 -10.24 4.52
N ILE B 5 -2.65 -11.15 5.42
CA ILE B 5 -3.23 -12.39 5.05
C ILE B 5 -4.67 -12.41 5.50
N GLU B 6 -5.57 -12.84 4.64
CA GLU B 6 -6.97 -12.82 4.95
C GLU B 6 -7.37 -14.09 5.71
N ALA B 7 -8.26 -13.94 6.66
CA ALA B 7 -8.74 -15.05 7.46
C ALA B 7 -10.26 -14.98 7.60
N VAL B 8 -10.85 -16.08 8.03
CA VAL B 8 -12.28 -16.14 8.25
C VAL B 8 -12.58 -16.56 9.68
N TYR B 9 -13.46 -15.79 10.32
CA TYR B 9 -13.92 -16.11 11.68
C TYR B 9 -14.84 -17.31 11.70
N GLU B 10 -14.30 -18.34 12.31
CA GLU B 10 -14.99 -19.56 12.61
C GLU B 10 -15.66 -19.36 13.96
N ASN B 11 -16.30 -20.39 14.49
CA ASN B 11 -17.13 -20.31 15.69
C ASN B 11 -16.30 -20.02 16.92
N GLY B 12 -15.67 -18.89 16.87
CA GLY B 12 -14.83 -18.43 17.94
C GLY B 12 -13.40 -18.48 17.49
N VAL B 13 -13.23 -18.76 16.21
CA VAL B 13 -11.91 -18.96 15.64
C VAL B 13 -11.60 -17.95 14.56
N PHE B 14 -10.34 -17.70 14.30
CA PHE B 14 -9.95 -17.07 13.05
C PHE B 14 -9.05 -18.02 12.27
N LYS B 15 -9.55 -18.45 11.12
CA LYS B 15 -8.81 -19.32 10.24
C LYS B 15 -8.37 -18.55 9.01
N PRO B 16 -7.07 -18.40 8.77
CA PRO B 16 -6.60 -17.74 7.57
C PRO B 16 -6.98 -18.50 6.31
N LEU B 17 -6.80 -17.86 5.17
CA LEU B 17 -6.94 -18.52 3.89
C LEU B 17 -5.56 -18.63 3.28
N GLN B 18 -4.63 -17.94 3.93
CA GLN B 18 -3.24 -17.95 3.50
C GLN B 18 -2.46 -18.89 4.41
N LYS B 19 -1.35 -19.42 3.93
CA LYS B 19 -0.49 -20.21 4.78
C LYS B 19 0.28 -19.30 5.71
N VAL B 20 0.45 -19.75 6.93
CA VAL B 20 1.14 -18.96 7.93
C VAL B 20 2.37 -19.71 8.41
N ASP B 21 3.39 -18.96 8.73
CA ASP B 21 4.69 -19.54 9.02
C ASP B 21 5.17 -19.04 10.38
N LEU B 22 4.21 -18.49 11.11
CA LEU B 22 4.45 -17.93 12.43
C LEU B 22 4.42 -19.03 13.49
N LYS B 23 4.48 -18.64 14.76
CA LYS B 23 4.49 -19.59 15.84
C LYS B 23 3.41 -19.26 16.87
N GLU B 24 3.31 -20.10 17.90
CA GLU B 24 2.32 -19.92 18.94
C GLU B 24 2.60 -18.68 19.75
N GLY B 25 1.54 -17.97 20.10
CA GLY B 25 1.65 -16.79 20.92
C GLY B 25 2.03 -15.56 20.12
N GLU B 26 1.86 -15.64 18.81
CA GLU B 26 2.18 -14.54 17.93
C GLU B 26 1.05 -13.50 17.96
N ARG B 27 1.40 -12.26 18.24
CA ARG B 27 0.42 -11.19 18.40
C ARG B 27 0.04 -10.59 17.06
N VAL B 28 -1.26 -10.50 16.81
CA VAL B 28 -1.78 -9.96 15.56
C VAL B 28 -3.03 -9.13 15.82
N LYS B 29 -3.45 -8.36 14.81
CA LYS B 29 -4.66 -7.58 14.87
C LYS B 29 -5.63 -8.08 13.81
N ILE B 30 -6.89 -8.04 14.16
CA ILE B 30 -7.96 -8.46 13.27
C ILE B 30 -8.85 -7.27 12.96
N LYS B 31 -9.34 -7.21 11.76
CA LYS B 31 -10.17 -6.10 11.35
C LYS B 31 -11.09 -6.52 10.21
N LEU B 32 -12.37 -6.25 10.39
CA LEU B 32 -13.34 -6.40 9.31
C LEU B 32 -13.00 -5.36 8.26
N GLU B 33 -12.81 -5.81 7.03
CA GLU B 33 -12.30 -4.92 6.01
C GLU B 33 -13.28 -3.83 5.62
N LEU B 34 -12.73 -2.72 5.16
CA LEU B 34 -13.47 -1.52 4.86
C LEU B 34 -13.13 -1.06 3.43
N LYS B 35 -14.00 -0.25 2.86
CA LYS B 35 -13.82 0.24 1.50
C LYS B 35 -13.23 1.65 1.53
N VAL B 36 -12.62 2.04 0.41
CA VAL B 36 -12.16 3.40 0.23
C VAL B 36 -12.99 4.09 -0.84
N GLU B 37 -13.13 5.40 -0.70
CA GLU B 37 -13.89 6.18 -1.65
C GLU B 37 -13.34 7.61 -1.69
N PRO B 38 -13.00 8.10 -2.89
CA PRO B 38 -12.47 9.46 -3.05
C PRO B 38 -13.57 10.52 -3.06
N ILE B 39 -13.16 11.78 -3.07
CA ILE B 39 -14.08 12.90 -3.10
C ILE B 39 -14.48 13.24 -4.53
N ASP B 40 -15.60 13.94 -4.67
CA ASP B 40 -16.03 14.41 -5.98
C ASP B 40 -15.56 15.85 -6.18
N LEU B 41 -15.02 16.15 -7.35
CA LEU B 41 -14.47 17.47 -7.61
C LEU B 41 -14.64 17.86 -9.06
N GLY B 42 -14.47 19.14 -9.35
CA GLY B 42 -14.52 19.61 -10.71
C GLY B 42 -14.42 21.12 -10.74
N GLU B 43 -14.92 21.72 -11.80
CA GLU B 43 -14.90 23.16 -11.95
C GLU B 43 -16.23 23.65 -12.51
N PRO B 44 -16.85 24.63 -11.83
CA PRO B 44 -18.15 25.17 -12.22
C PRO B 44 -18.09 25.96 -13.53
N VAL B 45 -18.80 25.49 -14.54
CA VAL B 45 -18.90 26.19 -15.81
C VAL B 45 -20.38 26.41 -16.13
N SER B 46 -20.68 27.46 -16.88
CA SER B 46 -22.05 27.81 -17.19
C SER B 46 -22.42 27.45 -18.62
N VAL B 47 -23.69 27.13 -18.81
CA VAL B 47 -24.24 26.84 -20.12
C VAL B 47 -25.75 27.11 -20.10
N GLU B 48 -26.32 27.49 -21.24
CA GLU B 48 -27.74 27.82 -21.26
C GLU B 48 -28.54 26.89 -22.16
N GLU B 49 -29.42 26.14 -21.53
CA GLU B 49 -30.41 25.31 -22.22
C GLU B 49 -31.63 26.15 -22.54
N ILE B 50 -31.85 27.16 -21.71
CA ILE B 50 -33.08 27.95 -21.74
C ILE B 50 -33.06 28.98 -22.87
N LYS B 51 -31.90 29.16 -23.48
CA LYS B 51 -31.76 30.15 -24.54
C LYS B 51 -30.97 29.56 -25.70
N LYS B 52 -31.46 29.80 -26.91
CA LYS B 52 -30.82 29.31 -28.11
C LYS B 52 -30.87 30.39 -29.19
N ILE B 53 -30.13 30.19 -30.28
CA ILE B 53 -29.93 31.21 -31.31
C ILE B 53 -29.38 32.51 -30.70
N ARG B 54 -28.08 32.72 -30.89
CA ARG B 54 -27.41 33.88 -30.35
C ARG B 54 -26.34 34.36 -31.33
N ASP B 55 -26.43 35.62 -31.74
CA ASP B 55 -25.53 36.17 -32.73
C ASP B 55 -24.23 36.65 -32.10
N GLY B 56 -23.26 36.95 -32.95
CA GLY B 56 -21.97 37.41 -32.50
C GLY B 56 -21.11 37.83 -33.68
N THR B 57 -19.84 38.14 -33.40
CA THR B 57 -18.90 38.59 -34.43
C THR B 57 -19.22 40.02 -34.88
N TRP B 58 -18.18 40.77 -35.19
CA TRP B 58 -18.33 42.16 -35.60
C TRP B 58 -18.01 42.33 -37.09
N MET B 59 -18.86 43.08 -37.79
CA MET B 59 -18.64 43.32 -39.20
C MET B 59 -17.59 44.41 -39.40
N SER B 60 -16.60 44.12 -40.21
CA SER B 60 -15.53 45.08 -40.48
C SER B 60 -16.06 46.29 -41.24
N SER B 61 -16.17 47.40 -40.54
CA SER B 61 -16.58 48.66 -41.15
C SER B 61 -15.35 49.51 -41.43
N LEU B 62 -14.18 48.92 -41.15
CA LEU B 62 -12.90 49.59 -41.30
C LEU B 62 -12.79 50.80 -40.39
N GLU B 63 -11.65 51.46 -40.44
CA GLU B 63 -11.40 52.64 -39.62
C GLU B 63 -10.99 53.82 -40.49
N HIS B 64 -11.43 55.00 -40.11
CA HIS B 64 -11.07 56.22 -40.83
C HIS B 64 -9.66 56.65 -40.47
N HIS B 65 -8.68 56.14 -41.20
CA HIS B 65 -7.29 56.44 -40.93
C HIS B 65 -6.86 57.70 -41.68
N HIS B 66 -6.49 58.72 -40.93
CA HIS B 66 -5.99 59.94 -41.52
C HIS B 66 -4.65 60.29 -40.90
N HIS B 67 -3.65 60.52 -41.75
CA HIS B 67 -2.36 60.96 -41.27
C HIS B 67 -2.37 62.49 -41.18
N HIS B 68 -1.71 63.14 -42.15
CA HIS B 68 -1.62 64.60 -42.23
C HIS B 68 -0.41 64.96 -43.05
N HIS B 69 -0.47 66.05 -43.80
CA HIS B 69 0.70 66.55 -44.51
C HIS B 69 0.70 68.08 -44.46
N MET A 1 -15.52 0.55 12.60
CA MET A 1 -15.14 0.02 13.93
C MET A 1 -13.77 0.57 14.32
N PRO A 2 -13.73 1.52 15.27
CA PRO A 2 -12.49 2.15 15.73
C PRO A 2 -11.66 1.24 16.63
N LYS A 3 -11.51 -0.01 16.23
CA LYS A 3 -10.73 -0.98 17.00
C LYS A 3 -10.10 -2.01 16.08
N ILE A 4 -9.08 -2.63 16.63
CA ILE A 4 -8.49 -3.82 16.09
C ILE A 4 -8.43 -4.86 17.19
N ILE A 5 -8.93 -6.05 16.92
CA ILE A 5 -8.95 -7.09 17.89
C ILE A 5 -7.68 -7.92 17.80
N GLU A 6 -7.11 -8.26 18.94
CA GLU A 6 -5.89 -9.02 18.94
C GLU A 6 -6.16 -10.50 19.19
N ALA A 7 -5.40 -11.34 18.52
CA ALA A 7 -5.55 -12.79 18.63
C ALA A 7 -4.18 -13.45 18.74
N VAL A 8 -4.16 -14.71 19.15
CA VAL A 8 -2.95 -15.49 19.22
C VAL A 8 -3.06 -16.73 18.33
N TYR A 9 -2.09 -16.90 17.44
CA TYR A 9 -2.08 -17.99 16.47
C TYR A 9 -1.27 -19.16 16.98
N GLU A 10 -1.97 -20.25 17.28
CA GLU A 10 -1.37 -21.49 17.72
C GLU A 10 -1.93 -22.64 16.90
N ASN A 11 -1.09 -23.61 16.56
CA ASN A 11 -1.54 -24.86 15.92
C ASN A 11 -2.23 -24.59 14.57
N GLY A 12 -1.94 -23.44 13.98
CA GLY A 12 -2.59 -23.08 12.74
C GLY A 12 -3.90 -22.37 12.95
N VAL A 13 -4.13 -21.95 14.19
CA VAL A 13 -5.37 -21.31 14.58
C VAL A 13 -5.11 -19.90 15.08
N PHE A 14 -5.99 -18.98 14.79
CA PHE A 14 -5.96 -17.69 15.46
C PHE A 14 -7.08 -17.67 16.51
N LYS A 15 -6.70 -17.57 17.77
CA LYS A 15 -7.65 -17.41 18.86
C LYS A 15 -7.59 -16.00 19.36
N PRO A 16 -8.64 -15.21 19.23
CA PRO A 16 -8.61 -13.84 19.73
C PRO A 16 -8.43 -13.77 21.24
N LEU A 17 -8.16 -12.59 21.73
CA LEU A 17 -8.08 -12.35 23.15
C LEU A 17 -9.36 -11.68 23.57
N GLN A 18 -10.17 -11.39 22.57
CA GLN A 18 -11.46 -10.75 22.76
C GLN A 18 -12.54 -11.57 22.05
N LYS A 19 -13.59 -11.92 22.77
CA LYS A 19 -14.68 -12.68 22.16
C LYS A 19 -15.51 -11.78 21.27
N VAL A 20 -15.77 -12.25 20.07
CA VAL A 20 -16.51 -11.47 19.09
C VAL A 20 -17.70 -12.22 18.61
N ASP A 21 -18.78 -11.49 18.49
CA ASP A 21 -19.98 -12.04 17.93
C ASP A 21 -20.02 -11.72 16.47
N LEU A 22 -19.42 -12.60 15.75
CA LEU A 22 -19.39 -12.57 14.30
C LEU A 22 -20.00 -13.84 13.70
N LYS A 23 -19.88 -13.98 12.40
CA LYS A 23 -20.47 -15.10 11.68
C LYS A 23 -19.43 -16.18 11.42
N GLU A 24 -19.83 -17.22 10.71
CA GLU A 24 -18.91 -18.22 10.23
C GLU A 24 -18.36 -17.83 8.88
N GLY A 25 -17.07 -18.05 8.74
CA GLY A 25 -16.34 -17.53 7.62
C GLY A 25 -16.60 -16.06 7.47
N GLU A 26 -16.16 -15.32 8.46
CA GLU A 26 -16.16 -13.88 8.39
C GLU A 26 -14.80 -13.40 7.89
N ARG A 27 -14.82 -12.56 6.86
CA ARG A 27 -13.57 -12.14 6.21
C ARG A 27 -12.89 -11.04 6.97
N VAL A 28 -11.73 -11.40 7.45
CA VAL A 28 -10.91 -10.52 8.25
C VAL A 28 -9.48 -10.53 7.73
N LYS A 29 -8.71 -9.55 8.15
CA LYS A 29 -7.32 -9.48 7.79
C LYS A 29 -6.45 -9.50 9.03
N ILE A 30 -5.33 -10.17 8.91
CA ILE A 30 -4.38 -10.31 10.00
C ILE A 30 -3.16 -9.51 9.65
N LYS A 31 -2.61 -8.85 10.62
CA LYS A 31 -1.42 -8.08 10.44
C LYS A 31 -0.57 -8.10 11.68
N LEU A 32 0.65 -7.67 11.51
CA LEU A 32 1.59 -7.59 12.59
C LEU A 32 1.91 -6.13 12.81
N GLU A 33 1.81 -5.69 14.05
CA GLU A 33 1.80 -4.28 14.34
C GLU A 33 3.11 -3.60 13.96
N LEU A 34 2.97 -2.34 13.56
CA LEU A 34 4.08 -1.53 13.09
C LEU A 34 3.85 -0.08 13.46
N LYS A 35 4.73 0.78 12.96
CA LYS A 35 4.62 2.21 13.19
C LYS A 35 4.21 2.96 11.94
N VAL A 36 3.91 4.24 12.11
CA VAL A 36 3.54 5.10 10.99
C VAL A 36 4.75 5.90 10.53
N GLU A 37 4.84 6.12 9.24
CA GLU A 37 5.95 6.83 8.65
C GLU A 37 5.71 8.33 8.67
N PRO A 38 6.70 9.10 9.13
CA PRO A 38 6.64 10.56 9.17
C PRO A 38 6.94 11.17 7.79
N ILE A 39 7.17 12.47 7.77
CA ILE A 39 7.43 13.17 6.53
C ILE A 39 8.92 13.44 6.35
N ASP A 40 9.29 13.87 5.16
CA ASP A 40 10.66 14.23 4.84
C ASP A 40 10.70 15.33 3.79
N LEU A 41 11.63 16.24 3.92
CA LEU A 41 11.75 17.36 2.98
C LEU A 41 13.16 17.39 2.39
N GLY A 42 13.29 17.95 1.20
CA GLY A 42 14.58 18.03 0.56
C GLY A 42 15.21 19.39 0.74
N GLU A 43 15.90 19.86 -0.28
CA GLU A 43 16.59 21.13 -0.24
C GLU A 43 15.94 22.14 -1.18
N PRO A 44 15.97 23.42 -0.80
CA PRO A 44 15.48 24.51 -1.66
C PRO A 44 16.36 24.70 -2.89
N VAL A 45 15.91 25.53 -3.83
CA VAL A 45 16.67 25.75 -5.06
C VAL A 45 17.96 26.51 -4.76
N SER A 46 18.96 26.33 -5.60
CA SER A 46 20.25 26.95 -5.39
C SER A 46 20.65 27.81 -6.58
N VAL A 47 21.60 28.70 -6.34
CA VAL A 47 22.12 29.59 -7.37
C VAL A 47 23.65 29.55 -7.36
N GLU A 48 24.24 29.48 -8.54
CA GLU A 48 25.69 29.39 -8.66
C GLU A 48 26.29 30.69 -9.19
N GLU A 49 27.35 31.12 -8.52
CA GLU A 49 28.11 32.32 -8.93
C GLU A 49 29.06 31.98 -10.06
N ILE A 50 29.38 30.71 -10.18
CA ILE A 50 30.27 30.22 -11.23
C ILE A 50 29.64 30.46 -12.60
N LYS A 51 28.36 30.77 -12.59
CA LYS A 51 27.63 31.15 -13.79
C LYS A 51 27.66 32.67 -13.92
N LYS A 52 27.99 33.16 -15.11
CA LYS A 52 28.15 34.58 -15.31
C LYS A 52 28.02 34.95 -16.78
N ILE A 53 28.44 36.17 -17.11
CA ILE A 53 28.45 36.68 -18.47
C ILE A 53 27.04 37.02 -18.95
N ARG A 54 26.74 38.31 -18.89
CA ARG A 54 25.48 38.85 -19.35
C ARG A 54 25.75 40.02 -20.27
N ASP A 55 24.96 40.19 -21.31
CA ASP A 55 25.18 41.27 -22.26
C ASP A 55 23.97 42.16 -22.36
N GLY A 56 24.23 43.41 -22.72
CA GLY A 56 23.20 44.37 -22.95
C GLY A 56 23.27 44.90 -24.36
N THR A 57 22.73 44.12 -25.28
CA THR A 57 22.85 44.39 -26.70
C THR A 57 22.24 45.75 -27.06
N TRP A 58 23.07 46.64 -27.58
CA TRP A 58 22.65 47.95 -28.01
C TRP A 58 23.49 48.39 -29.20
N MET A 59 22.90 49.21 -30.07
CA MET A 59 23.56 49.62 -31.30
C MET A 59 23.35 51.11 -31.54
N SER A 60 23.60 51.56 -32.77
CA SER A 60 23.45 52.96 -33.15
C SER A 60 24.42 53.86 -32.38
N SER A 61 25.48 53.25 -31.87
CA SER A 61 26.49 53.97 -31.12
C SER A 61 27.56 54.54 -32.04
N LEU A 62 27.23 54.66 -33.32
CA LEU A 62 28.16 55.16 -34.32
C LEU A 62 27.68 56.49 -34.87
N GLU A 63 28.59 57.29 -35.36
CA GLU A 63 28.26 58.60 -35.91
C GLU A 63 28.81 58.73 -37.32
N HIS A 64 27.99 59.25 -38.22
CA HIS A 64 28.40 59.42 -39.61
C HIS A 64 28.39 60.91 -39.97
N HIS A 65 29.53 61.55 -39.83
CA HIS A 65 29.59 62.99 -40.02
C HIS A 65 30.72 63.36 -40.97
N HIS A 66 30.38 64.09 -42.04
CA HIS A 66 31.37 64.54 -43.00
C HIS A 66 31.58 66.04 -42.87
N HIS A 67 32.37 66.62 -43.77
CA HIS A 67 32.57 68.06 -43.81
C HIS A 67 32.53 68.58 -45.24
N HIS A 68 31.76 67.91 -46.08
CA HIS A 68 31.60 68.32 -47.48
C HIS A 68 30.55 67.45 -48.17
N HIS A 69 31.04 66.36 -48.78
CA HIS A 69 30.24 65.46 -49.60
C HIS A 69 31.17 64.65 -50.47
N MET B 1 4.35 0.35 3.09
CA MET B 1 3.51 -0.66 2.42
C MET B 1 3.58 -1.98 3.19
N PRO B 2 2.56 -2.27 4.01
CA PRO B 2 2.51 -3.49 4.81
C PRO B 2 1.84 -4.66 4.07
N LYS B 3 1.64 -5.76 4.78
CA LYS B 3 0.98 -6.93 4.23
C LYS B 3 -0.18 -7.36 5.13
N ILE B 4 -1.16 -8.01 4.54
CA ILE B 4 -2.28 -8.53 5.28
C ILE B 4 -2.42 -10.03 5.02
N ILE B 5 -2.83 -10.75 6.04
CA ILE B 5 -3.18 -12.15 5.87
C ILE B 5 -4.69 -12.27 5.89
N GLU B 6 -5.21 -13.18 5.11
CA GLU B 6 -6.65 -13.37 5.05
C GLU B 6 -7.04 -14.65 5.77
N ALA B 7 -8.03 -14.52 6.63
CA ALA B 7 -8.52 -15.62 7.43
C ALA B 7 -10.04 -15.56 7.53
N VAL B 8 -10.67 -16.69 7.75
CA VAL B 8 -12.10 -16.76 7.94
C VAL B 8 -12.44 -17.13 9.39
N TYR B 9 -13.08 -16.19 10.07
CA TYR B 9 -13.56 -16.40 11.44
C TYR B 9 -14.80 -17.27 11.40
N GLU B 10 -14.67 -18.47 11.90
CA GLU B 10 -15.76 -19.42 11.92
C GLU B 10 -16.08 -19.83 13.34
N ASN B 11 -17.29 -19.49 13.75
CA ASN B 11 -17.86 -19.92 15.03
C ASN B 11 -17.07 -19.39 16.23
N GLY B 12 -16.28 -18.36 16.02
CA GLY B 12 -15.48 -17.82 17.11
C GLY B 12 -14.00 -18.10 16.93
N VAL B 13 -13.66 -18.67 15.78
CA VAL B 13 -12.27 -19.01 15.48
C VAL B 13 -11.77 -18.26 14.27
N PHE B 14 -10.52 -17.83 14.26
CA PHE B 14 -9.94 -17.28 13.05
C PHE B 14 -9.12 -18.34 12.34
N LYS B 15 -9.55 -18.70 11.14
CA LYS B 15 -8.84 -19.70 10.34
C LYS B 15 -8.33 -19.08 9.05
N PRO B 16 -7.01 -18.95 8.89
CA PRO B 16 -6.44 -18.39 7.67
C PRO B 16 -6.81 -19.22 6.46
N LEU B 17 -6.55 -18.64 5.30
CA LEU B 17 -6.77 -19.33 4.04
C LEU B 17 -5.43 -19.63 3.41
N GLN B 18 -4.46 -18.84 3.84
CA GLN B 18 -3.09 -18.95 3.29
C GLN B 18 -2.12 -19.40 4.36
N LYS B 19 -2.69 -19.67 5.50
CA LYS B 19 -1.98 -20.10 6.69
C LYS B 19 -0.86 -19.14 7.12
N VAL B 20 -0.36 -19.36 8.32
CA VAL B 20 0.63 -18.48 8.93
C VAL B 20 1.60 -19.29 9.75
N ASP B 21 2.79 -18.77 9.89
CA ASP B 21 3.73 -19.35 10.81
C ASP B 21 4.40 -18.27 11.60
N LEU B 22 3.74 -17.94 12.66
CA LEU B 22 4.27 -17.14 13.72
C LEU B 22 3.97 -17.79 15.08
N LYS B 23 5.01 -18.39 15.65
CA LYS B 23 4.97 -19.18 16.87
C LYS B 23 3.67 -19.97 17.08
N GLU B 24 3.48 -20.39 18.31
CA GLU B 24 2.20 -20.83 18.79
C GLU B 24 1.74 -19.88 19.87
N GLY B 25 0.54 -19.39 19.68
CA GLY B 25 0.08 -18.24 20.40
C GLY B 25 1.04 -17.10 20.24
N GLU B 26 1.16 -16.62 19.00
CA GLU B 26 1.82 -15.38 18.72
C GLU B 26 0.76 -14.29 18.55
N ARG B 27 1.08 -13.08 18.97
CA ARG B 27 0.07 -12.03 19.08
C ARG B 27 0.03 -11.13 17.85
N VAL B 28 -1.16 -11.07 17.28
CA VAL B 28 -1.39 -10.38 16.01
C VAL B 28 -2.59 -9.46 16.11
N LYS B 29 -2.83 -8.69 15.05
CA LYS B 29 -3.98 -7.81 14.99
C LYS B 29 -4.93 -8.30 13.93
N ILE B 30 -6.20 -8.17 14.21
CA ILE B 30 -7.23 -8.55 13.27
C ILE B 30 -8.07 -7.33 12.94
N LYS B 31 -8.45 -7.23 11.68
CA LYS B 31 -9.26 -6.14 11.21
C LYS B 31 -10.23 -6.64 10.15
N LEU B 32 -11.51 -6.39 10.36
CA LEU B 32 -12.53 -6.72 9.39
C LEU B 32 -12.23 -6.00 8.08
N GLU B 33 -12.35 -6.71 6.96
CA GLU B 33 -11.87 -6.19 5.69
C GLU B 33 -12.58 -4.90 5.27
N LEU B 34 -11.79 -4.02 4.68
CA LEU B 34 -12.25 -2.74 4.14
C LEU B 34 -11.64 -2.52 2.77
N LYS B 35 -12.15 -1.55 2.03
CA LYS B 35 -11.61 -1.23 0.72
C LYS B 35 -11.22 0.25 0.66
N VAL B 36 -10.51 0.59 -0.40
CA VAL B 36 -10.21 1.99 -0.70
C VAL B 36 -11.01 2.39 -1.91
N GLU B 37 -11.74 3.48 -1.79
CA GLU B 37 -12.68 3.87 -2.83
C GLU B 37 -12.23 5.12 -3.55
N PRO B 38 -12.01 5.03 -4.87
CA PRO B 38 -11.67 6.17 -5.70
C PRO B 38 -12.91 6.88 -6.22
N ILE B 39 -12.72 7.89 -7.05
CA ILE B 39 -13.82 8.63 -7.62
C ILE B 39 -14.06 8.25 -9.08
N ASP B 40 -15.29 8.40 -9.53
CA ASP B 40 -15.66 8.10 -10.91
C ASP B 40 -16.52 9.21 -11.47
N LEU B 41 -15.93 10.05 -12.31
CA LEU B 41 -16.61 11.20 -12.86
C LEU B 41 -16.35 11.32 -14.36
N GLY B 42 -17.39 11.65 -15.10
CA GLY B 42 -17.25 11.84 -16.53
C GLY B 42 -17.65 13.24 -16.92
N GLU B 43 -16.68 13.99 -17.39
CA GLU B 43 -16.89 15.36 -17.80
C GLU B 43 -17.23 15.45 -19.29
N PRO B 44 -17.80 16.58 -19.73
CA PRO B 44 -18.23 16.79 -21.13
C PRO B 44 -17.16 16.44 -22.15
N VAL B 45 -17.61 15.86 -23.26
CA VAL B 45 -16.74 15.52 -24.38
C VAL B 45 -16.39 16.78 -25.17
N SER B 46 -15.38 16.71 -26.02
CA SER B 46 -14.95 17.85 -26.81
C SER B 46 -15.87 18.08 -28.01
N VAL B 47 -15.77 19.26 -28.58
CA VAL B 47 -16.55 19.63 -29.75
C VAL B 47 -15.62 19.94 -30.92
N GLU B 48 -16.17 19.98 -32.13
CA GLU B 48 -15.39 20.28 -33.33
C GLU B 48 -14.77 21.67 -33.25
N GLU B 49 -13.47 21.72 -33.10
CA GLU B 49 -12.77 22.99 -32.98
C GLU B 49 -12.43 23.54 -34.36
N ILE B 50 -12.24 22.63 -35.30
CA ILE B 50 -11.87 23.00 -36.66
C ILE B 50 -13.13 23.17 -37.53
N LYS B 51 -14.28 23.24 -36.88
CA LYS B 51 -15.53 23.40 -37.59
C LYS B 51 -15.75 24.87 -37.92
N LYS B 52 -16.11 25.13 -39.17
CA LYS B 52 -16.32 26.49 -39.64
C LYS B 52 -17.22 26.48 -40.88
N ILE B 53 -18.00 27.53 -41.02
CA ILE B 53 -18.89 27.68 -42.17
C ILE B 53 -18.12 28.20 -43.37
N ARG B 54 -18.01 27.40 -44.41
CA ARG B 54 -17.32 27.82 -45.62
C ARG B 54 -18.32 28.03 -46.76
N ASP B 55 -18.70 29.27 -46.97
CA ASP B 55 -19.68 29.61 -48.00
C ASP B 55 -19.21 30.80 -48.80
N GLY B 56 -19.83 30.99 -49.96
CA GLY B 56 -19.50 32.13 -50.80
C GLY B 56 -18.67 31.74 -52.00
N THR B 57 -18.91 32.43 -53.10
CA THR B 57 -18.14 32.26 -54.32
C THR B 57 -18.31 33.49 -55.20
N TRP B 58 -17.39 33.71 -56.11
CA TRP B 58 -17.42 34.91 -56.93
C TRP B 58 -17.26 34.53 -58.40
N MET B 59 -17.92 35.28 -59.27
CA MET B 59 -17.84 35.04 -60.70
C MET B 59 -16.77 35.94 -61.31
N SER B 60 -16.55 35.81 -62.61
CA SER B 60 -15.60 36.67 -63.31
C SER B 60 -16.23 37.15 -64.61
N SER B 61 -16.29 38.46 -64.76
CA SER B 61 -16.90 39.05 -65.94
C SER B 61 -15.83 39.34 -66.99
N LEU B 62 -14.58 39.14 -66.60
CA LEU B 62 -13.42 39.28 -67.49
C LEU B 62 -13.37 40.67 -68.16
N GLU B 63 -12.50 41.52 -67.68
CA GLU B 63 -12.35 42.85 -68.25
C GLU B 63 -11.56 42.78 -69.56
N HIS B 64 -12.21 43.13 -70.64
CA HIS B 64 -11.56 43.20 -71.95
C HIS B 64 -11.20 44.64 -72.27
N HIS B 65 -9.92 44.93 -72.26
CA HIS B 65 -9.44 46.29 -72.51
C HIS B 65 -8.39 46.31 -73.62
N HIS B 66 -8.72 46.99 -74.70
CA HIS B 66 -7.80 47.10 -75.83
C HIS B 66 -8.19 48.30 -76.71
N HIS B 67 -7.86 49.49 -76.26
CA HIS B 67 -8.20 50.70 -76.99
C HIS B 67 -7.03 51.14 -77.85
N HIS B 68 -7.03 50.71 -79.11
CA HIS B 68 -5.93 51.02 -80.02
C HIS B 68 -6.09 52.42 -80.61
N HIS B 69 -5.04 53.22 -80.54
CA HIS B 69 -5.03 54.53 -81.16
C HIS B 69 -3.87 54.62 -82.14
N MET A 1 -17.50 2.22 13.62
CA MET A 1 -16.71 2.16 14.86
C MET A 1 -15.32 1.61 14.57
N PRO A 2 -14.29 2.47 14.56
CA PRO A 2 -12.90 2.05 14.35
C PRO A 2 -12.36 1.30 15.56
N LYS A 3 -12.11 0.02 15.39
CA LYS A 3 -11.63 -0.82 16.47
C LYS A 3 -10.91 -2.04 15.92
N ILE A 4 -9.91 -2.50 16.66
CA ILE A 4 -9.20 -3.71 16.33
C ILE A 4 -9.42 -4.75 17.41
N ILE A 5 -9.50 -5.99 17.01
CA ILE A 5 -9.52 -7.08 17.96
C ILE A 5 -8.10 -7.65 18.04
N GLU A 6 -7.76 -8.28 19.14
CA GLU A 6 -6.46 -8.90 19.26
C GLU A 6 -6.62 -10.41 19.34
N ALA A 7 -5.69 -11.13 18.75
CA ALA A 7 -5.74 -12.59 18.72
C ALA A 7 -4.33 -13.17 18.82
N VAL A 8 -4.25 -14.43 19.20
CA VAL A 8 -3.01 -15.16 19.24
C VAL A 8 -3.10 -16.41 18.34
N TYR A 9 -2.29 -16.42 17.30
CA TYR A 9 -2.23 -17.54 16.36
C TYR A 9 -1.47 -18.71 16.99
N GLU A 10 -2.15 -19.82 17.21
CA GLU A 10 -1.51 -21.07 17.47
C GLU A 10 -1.67 -21.85 16.22
N ASN A 11 -0.60 -22.44 15.73
CA ASN A 11 -0.46 -22.63 14.30
C ASN A 11 -1.30 -23.69 13.67
N GLY A 12 -2.53 -23.42 13.78
CA GLY A 12 -3.49 -23.82 12.82
C GLY A 12 -4.50 -22.71 12.69
N VAL A 13 -4.38 -21.70 13.58
CA VAL A 13 -5.54 -20.88 13.91
C VAL A 13 -5.15 -19.54 14.53
N PHE A 14 -5.99 -18.54 14.32
CA PHE A 14 -5.92 -17.31 15.07
C PHE A 14 -6.99 -17.36 16.16
N LYS A 15 -6.56 -17.35 17.41
CA LYS A 15 -7.46 -17.39 18.54
C LYS A 15 -7.50 -16.06 19.25
N PRO A 16 -8.61 -15.33 19.18
CA PRO A 16 -8.70 -14.02 19.83
C PRO A 16 -8.35 -14.03 21.30
N LEU A 17 -8.15 -12.83 21.74
CA LEU A 17 -8.07 -12.47 23.11
C LEU A 17 -9.47 -12.06 23.46
N GLN A 18 -9.85 -10.97 22.83
CA GLN A 18 -11.17 -10.39 23.07
C GLN A 18 -12.24 -11.40 22.69
N LYS A 19 -13.21 -11.59 23.56
CA LYS A 19 -14.24 -12.59 23.30
C LYS A 19 -15.07 -12.20 22.09
N VAL A 20 -15.38 -13.18 21.29
CA VAL A 20 -15.93 -12.95 19.97
C VAL A 20 -17.41 -13.27 19.88
N ASP A 21 -18.07 -12.51 19.05
CA ASP A 21 -19.51 -12.64 18.82
C ASP A 21 -19.79 -12.61 17.32
N LEU A 22 -18.70 -12.77 16.57
CA LEU A 22 -18.77 -12.74 15.11
C LEU A 22 -19.40 -14.01 14.55
N LYS A 23 -19.44 -14.10 13.21
CA LYS A 23 -20.12 -15.19 12.54
C LYS A 23 -19.19 -15.91 11.58
N GLU A 24 -19.61 -17.10 11.14
CA GLU A 24 -18.80 -17.91 10.26
C GLU A 24 -18.62 -17.25 8.90
N GLY A 25 -17.43 -17.44 8.36
CA GLY A 25 -16.99 -16.71 7.21
C GLY A 25 -17.13 -15.23 7.45
N GLU A 26 -16.35 -14.75 8.39
CA GLU A 26 -16.21 -13.34 8.64
C GLU A 26 -14.84 -12.91 8.15
N ARG A 27 -14.80 -11.90 7.26
CA ARG A 27 -13.55 -11.53 6.61
C ARG A 27 -12.79 -10.46 7.35
N VAL A 28 -11.71 -10.92 7.88
CA VAL A 28 -10.84 -10.11 8.70
C VAL A 28 -9.45 -10.09 8.12
N LYS A 29 -8.75 -8.99 8.33
CA LYS A 29 -7.37 -8.90 7.94
C LYS A 29 -6.51 -9.03 9.17
N ILE A 30 -5.44 -9.75 9.03
CA ILE A 30 -4.48 -9.86 10.10
C ILE A 30 -3.44 -8.80 9.87
N LYS A 31 -3.18 -8.06 10.90
CA LYS A 31 -2.34 -6.89 10.80
C LYS A 31 -1.37 -6.83 11.95
N LEU A 32 -0.14 -6.55 11.61
CA LEU A 32 0.92 -6.43 12.59
C LEU A 32 1.19 -4.96 12.83
N GLU A 33 1.19 -4.57 14.09
CA GLU A 33 1.13 -3.16 14.45
C GLU A 33 2.39 -2.36 14.12
N LEU A 34 2.17 -1.16 13.60
CA LEU A 34 3.22 -0.19 13.35
C LEU A 34 2.83 1.13 14.01
N LYS A 35 3.61 2.18 13.75
CA LYS A 35 3.30 3.49 14.27
C LYS A 35 2.97 4.45 13.14
N VAL A 36 2.38 5.59 13.49
CA VAL A 36 1.96 6.59 12.50
C VAL A 36 3.16 7.44 12.07
N GLU A 37 3.06 7.98 10.87
CA GLU A 37 4.12 8.79 10.28
C GLU A 37 4.06 10.24 10.79
N PRO A 38 5.18 10.98 10.68
CA PRO A 38 5.21 12.41 11.02
C PRO A 38 4.54 13.27 9.95
N ILE A 39 4.50 14.57 10.19
CA ILE A 39 3.84 15.50 9.29
C ILE A 39 4.72 15.85 8.10
N ASP A 40 4.14 16.60 7.17
CA ASP A 40 4.83 17.03 5.96
C ASP A 40 6.02 17.93 6.28
N LEU A 41 7.19 17.50 5.84
CA LEU A 41 8.41 18.28 5.99
C LEU A 41 9.16 18.34 4.66
N GLY A 42 9.95 19.38 4.47
CA GLY A 42 10.69 19.52 3.24
C GLY A 42 11.65 20.71 3.27
N GLU A 43 12.88 20.48 2.87
CA GLU A 43 13.88 21.53 2.81
C GLU A 43 13.77 22.31 1.50
N PRO A 44 13.85 23.65 1.58
CA PRO A 44 13.79 24.52 0.41
C PRO A 44 15.16 24.75 -0.22
N VAL A 45 15.22 25.63 -1.20
CA VAL A 45 16.47 25.95 -1.89
C VAL A 45 16.94 27.34 -1.47
N SER A 46 18.24 27.56 -1.54
CA SER A 46 18.83 28.82 -1.17
C SER A 46 19.27 29.61 -2.40
N VAL A 47 19.97 30.71 -2.18
CA VAL A 47 20.45 31.58 -3.25
C VAL A 47 21.48 30.85 -4.12
N GLU A 48 21.64 31.32 -5.36
CA GLU A 48 22.61 30.74 -6.29
C GLU A 48 24.03 30.90 -5.74
N GLU A 49 24.75 29.79 -5.70
CA GLU A 49 26.11 29.78 -5.16
C GLU A 49 27.09 30.46 -6.12
N ILE A 50 26.84 30.28 -7.40
CA ILE A 50 27.73 30.79 -8.45
C ILE A 50 27.48 32.29 -8.68
N LYS A 51 26.50 32.82 -7.99
CA LYS A 51 26.09 34.19 -8.16
C LYS A 51 27.01 35.11 -7.36
N LYS A 52 27.43 36.20 -8.00
CA LYS A 52 28.26 37.18 -7.37
C LYS A 52 27.49 38.47 -7.14
N ILE A 53 27.94 39.29 -6.20
CA ILE A 53 27.43 40.63 -6.08
C ILE A 53 28.11 41.49 -7.14
N ARG A 54 27.34 41.92 -8.13
CA ARG A 54 27.90 42.60 -9.28
C ARG A 54 28.50 43.95 -8.89
N ASP A 55 29.69 44.21 -9.40
CA ASP A 55 30.36 45.47 -9.13
C ASP A 55 29.85 46.54 -10.07
N GLY A 56 29.77 47.76 -9.57
CA GLY A 56 29.23 48.85 -10.36
C GLY A 56 29.77 50.18 -9.90
N THR A 57 29.50 51.22 -10.69
CA THR A 57 29.99 52.57 -10.42
C THR A 57 31.51 52.66 -10.63
N TRP A 58 31.96 53.79 -11.12
CA TRP A 58 33.38 53.97 -11.39
C TRP A 58 33.92 55.17 -10.61
N MET A 59 35.18 55.09 -10.22
CA MET A 59 35.80 56.14 -9.42
C MET A 59 36.38 57.22 -10.34
N SER A 60 36.22 58.47 -9.93
CA SER A 60 36.71 59.60 -10.71
C SER A 60 38.22 59.72 -10.56
N SER A 61 38.84 60.52 -11.41
CA SER A 61 40.28 60.70 -11.38
C SER A 61 40.63 62.06 -10.78
N LEU A 62 39.66 62.62 -10.05
CA LEU A 62 39.71 63.99 -9.60
C LEU A 62 40.04 64.93 -10.75
N GLU A 63 39.00 65.26 -11.48
CA GLU A 63 39.10 66.04 -12.70
C GLU A 63 39.71 67.40 -12.41
N HIS A 64 40.90 67.62 -12.96
CA HIS A 64 41.68 68.84 -12.73
C HIS A 64 42.03 68.96 -11.24
N HIS A 65 42.92 68.06 -10.80
CA HIS A 65 43.32 68.01 -9.39
C HIS A 65 44.51 68.94 -9.14
N HIS A 66 44.49 70.08 -9.83
CA HIS A 66 45.50 71.11 -9.67
C HIS A 66 44.83 72.46 -9.61
N HIS A 67 45.24 73.29 -8.67
CA HIS A 67 44.64 74.62 -8.52
C HIS A 67 45.71 75.69 -8.45
N HIS A 68 45.84 76.43 -9.53
CA HIS A 68 46.68 77.62 -9.56
C HIS A 68 45.76 78.83 -9.43
N HIS A 69 44.57 78.68 -10.01
CA HIS A 69 43.52 79.67 -9.93
C HIS A 69 42.28 79.12 -10.64
N MET B 1 8.06 -7.91 4.49
CA MET B 1 6.88 -7.09 4.11
C MET B 1 5.66 -7.53 4.89
N PRO B 2 5.13 -6.65 5.76
CA PRO B 2 3.96 -6.96 6.58
C PRO B 2 2.65 -6.80 5.80
N LYS B 3 2.35 -7.77 4.95
CA LYS B 3 1.11 -7.79 4.21
C LYS B 3 -0.01 -8.30 5.10
N ILE B 4 -1.21 -7.80 4.89
CA ILE B 4 -2.36 -8.34 5.58
C ILE B 4 -2.72 -9.68 4.99
N ILE B 5 -2.81 -10.66 5.84
CA ILE B 5 -3.25 -11.95 5.42
C ILE B 5 -4.71 -12.12 5.83
N GLU B 6 -5.52 -12.61 4.91
CA GLU B 6 -6.93 -12.72 5.14
C GLU B 6 -7.27 -14.05 5.82
N ALA B 7 -8.19 -13.97 6.77
CA ALA B 7 -8.63 -15.14 7.50
C ALA B 7 -10.16 -15.13 7.62
N VAL B 8 -10.74 -16.33 7.72
CA VAL B 8 -12.16 -16.47 7.92
C VAL B 8 -12.46 -17.11 9.27
N TYR B 9 -13.15 -16.36 10.10
CA TYR B 9 -13.62 -16.85 11.39
C TYR B 9 -14.74 -17.87 11.21
N GLU B 10 -14.58 -18.99 11.89
CA GLU B 10 -15.55 -20.06 11.87
C GLU B 10 -15.49 -20.82 13.19
N ASN B 11 -16.65 -21.02 13.79
CA ASN B 11 -16.79 -21.88 14.96
C ASN B 11 -16.05 -21.32 16.17
N GLY B 12 -15.78 -20.03 16.15
CA GLY B 12 -15.04 -19.41 17.24
C GLY B 12 -13.56 -19.32 16.93
N VAL B 13 -13.20 -19.61 15.69
CA VAL B 13 -11.80 -19.60 15.29
C VAL B 13 -11.58 -18.64 14.14
N PHE B 14 -10.41 -18.04 14.06
CA PHE B 14 -10.05 -17.34 12.85
C PHE B 14 -9.08 -18.21 12.05
N LYS B 15 -9.52 -18.65 10.89
CA LYS B 15 -8.71 -19.50 10.05
C LYS B 15 -8.27 -18.74 8.80
N PRO B 16 -6.97 -18.54 8.62
CA PRO B 16 -6.48 -17.80 7.47
C PRO B 16 -6.75 -18.52 6.15
N LEU B 17 -6.56 -17.80 5.08
CA LEU B 17 -6.62 -18.38 3.75
C LEU B 17 -5.25 -18.28 3.14
N GLN B 18 -4.36 -17.62 3.86
CA GLN B 18 -3.01 -17.37 3.40
C GLN B 18 -2.05 -18.42 3.92
N LYS B 19 -2.60 -19.33 4.72
CA LYS B 19 -1.88 -20.32 5.52
C LYS B 19 -0.53 -19.84 6.05
N VAL B 20 -0.42 -19.90 7.35
CA VAL B 20 0.65 -19.19 8.03
C VAL B 20 1.48 -20.08 8.90
N ASP B 21 2.76 -19.80 8.85
CA ASP B 21 3.69 -20.42 9.75
C ASP B 21 4.29 -19.33 10.61
N LEU B 22 3.59 -19.10 11.68
CA LEU B 22 3.99 -18.18 12.71
C LEU B 22 4.35 -18.94 13.98
N LYS B 23 4.38 -18.24 15.11
CA LYS B 23 4.57 -18.88 16.38
C LYS B 23 3.22 -19.28 16.95
N GLU B 24 3.22 -19.80 18.16
CA GLU B 24 1.98 -20.10 18.84
C GLU B 24 1.73 -19.07 19.92
N GLY B 25 0.59 -18.43 19.84
CA GLY B 25 0.30 -17.30 20.68
C GLY B 25 0.87 -16.04 20.08
N GLU B 26 1.03 -16.07 18.76
CA GLU B 26 1.58 -14.96 18.00
C GLU B 26 0.68 -13.73 18.11
N ARG B 27 1.30 -12.59 18.38
CA ARG B 27 0.55 -11.36 18.63
C ARG B 27 0.17 -10.66 17.33
N VAL B 28 -1.12 -10.64 17.08
CA VAL B 28 -1.66 -10.06 15.87
C VAL B 28 -2.92 -9.25 16.17
N LYS B 29 -3.29 -8.38 15.24
CA LYS B 29 -4.49 -7.59 15.34
C LYS B 29 -5.43 -7.98 14.21
N ILE B 30 -6.72 -7.97 14.50
CA ILE B 30 -7.72 -8.31 13.52
C ILE B 30 -8.64 -7.14 13.27
N LYS B 31 -8.76 -6.80 12.01
CA LYS B 31 -9.66 -5.76 11.59
C LYS B 31 -10.43 -6.26 10.38
N LEU B 32 -11.75 -6.23 10.48
CA LEU B 32 -12.59 -6.71 9.40
C LEU B 32 -12.51 -5.70 8.27
N GLU B 33 -11.95 -6.10 7.15
CA GLU B 33 -11.44 -5.12 6.21
C GLU B 33 -11.30 -5.68 4.80
N LEU B 34 -11.20 -4.77 3.83
CA LEU B 34 -11.12 -5.13 2.42
C LEU B 34 -9.66 -5.12 1.94
N LYS B 35 -9.46 -4.81 0.67
CA LYS B 35 -8.13 -4.86 0.06
C LYS B 35 -7.66 -3.46 -0.33
N VAL B 36 -6.34 -3.30 -0.40
CA VAL B 36 -5.73 -2.03 -0.75
C VAL B 36 -4.88 -2.18 -2.02
N GLU B 37 -4.53 -1.07 -2.64
CA GLU B 37 -3.76 -1.06 -3.87
C GLU B 37 -2.27 -0.80 -3.61
N PRO B 38 -1.39 -1.24 -4.54
CA PRO B 38 0.05 -1.06 -4.42
C PRO B 38 0.54 0.25 -5.04
N ILE B 39 1.86 0.48 -4.98
CA ILE B 39 2.47 1.67 -5.51
C ILE B 39 3.50 1.35 -6.60
N ASP B 40 3.95 2.37 -7.30
CA ASP B 40 4.97 2.21 -8.35
C ASP B 40 6.14 3.16 -8.06
N LEU B 41 7.09 3.25 -8.98
CA LEU B 41 8.29 4.06 -8.76
C LEU B 41 8.47 5.06 -9.90
N GLY B 42 9.43 5.97 -9.76
CA GLY B 42 9.70 6.93 -10.81
C GLY B 42 11.17 7.07 -11.09
N GLU B 43 11.59 8.25 -11.51
CA GLU B 43 12.99 8.51 -11.80
C GLU B 43 13.64 9.22 -10.62
N PRO B 44 14.96 9.46 -10.65
CA PRO B 44 15.65 10.26 -9.64
C PRO B 44 15.22 11.74 -9.70
N VAL B 45 16.00 12.60 -9.08
CA VAL B 45 15.71 14.02 -9.09
C VAL B 45 16.03 14.60 -10.47
N SER B 46 15.33 15.64 -10.86
CA SER B 46 15.55 16.28 -12.14
C SER B 46 16.57 17.42 -11.99
N VAL B 47 16.99 18.00 -13.10
CA VAL B 47 17.93 19.10 -13.08
C VAL B 47 17.21 20.42 -13.37
N GLU B 48 17.60 21.46 -12.65
CA GLU B 48 16.98 22.77 -12.81
C GLU B 48 18.02 23.86 -13.09
N GLU B 49 17.61 25.12 -13.03
CA GLU B 49 18.44 26.23 -13.48
C GLU B 49 19.62 26.52 -12.57
N ILE B 50 19.48 26.18 -11.30
CA ILE B 50 20.45 26.57 -10.30
C ILE B 50 21.49 25.47 -10.11
N LYS B 51 21.16 24.28 -10.60
CA LYS B 51 22.06 23.16 -10.55
C LYS B 51 22.94 23.16 -11.79
N LYS B 52 24.23 22.98 -11.60
CA LYS B 52 25.18 22.92 -12.69
C LYS B 52 26.07 21.70 -12.53
N ILE B 53 26.28 20.98 -13.63
CA ILE B 53 27.05 19.75 -13.60
C ILE B 53 28.50 20.04 -13.95
N ARG B 54 28.70 20.93 -14.91
CA ARG B 54 30.05 21.30 -15.34
C ARG B 54 30.66 22.29 -14.36
N ASP B 55 31.91 22.04 -13.97
CA ASP B 55 32.63 22.94 -13.10
C ASP B 55 33.64 23.74 -13.91
N GLY B 56 34.23 24.75 -13.29
CA GLY B 56 35.19 25.58 -13.96
C GLY B 56 35.85 26.54 -13.02
N THR B 57 36.85 27.26 -13.48
CA THR B 57 37.57 28.21 -12.67
C THR B 57 38.25 29.25 -13.54
N TRP B 58 38.67 30.35 -12.93
CA TRP B 58 39.41 31.37 -13.63
C TRP B 58 40.90 31.09 -13.50
N MET B 59 41.61 31.18 -14.62
CA MET B 59 43.00 30.78 -14.65
C MET B 59 43.85 31.84 -15.35
N SER B 60 45.01 32.11 -14.77
CA SER B 60 45.99 33.03 -15.32
C SER B 60 45.50 34.48 -15.29
N SER B 61 46.26 35.33 -14.60
CA SER B 61 45.93 36.74 -14.51
C SER B 61 46.84 37.53 -15.42
N LEU B 62 47.72 36.82 -16.12
CA LEU B 62 48.77 37.42 -16.93
C LEU B 62 49.55 38.41 -16.10
N GLU B 63 50.48 37.88 -15.30
CA GLU B 63 51.21 38.68 -14.34
C GLU B 63 52.21 39.59 -15.07
N HIS B 64 52.28 40.83 -14.64
CA HIS B 64 53.13 41.82 -15.28
C HIS B 64 54.52 41.81 -14.67
N HIS B 65 55.27 40.77 -14.98
CA HIS B 65 56.63 40.63 -14.48
C HIS B 65 57.55 41.60 -15.21
N HIS B 66 58.29 42.38 -14.44
CA HIS B 66 59.08 43.47 -14.99
C HIS B 66 60.50 43.02 -15.30
N HIS B 67 61.01 43.47 -16.44
CA HIS B 67 62.40 43.23 -16.82
C HIS B 67 63.31 44.18 -16.05
N HIS B 68 64.49 44.44 -16.58
CA HIS B 68 65.39 45.40 -15.96
C HIS B 68 66.17 46.17 -17.00
N HIS B 69 65.61 47.28 -17.45
CA HIS B 69 66.29 48.14 -18.42
C HIS B 69 66.29 49.56 -17.90
N MET A 1 -16.22 4.30 14.22
CA MET A 1 -14.80 3.91 14.37
C MET A 1 -14.65 2.40 14.27
N PRO A 2 -13.86 1.91 13.31
CA PRO A 2 -13.55 0.48 13.20
C PRO A 2 -12.55 0.05 14.26
N LYS A 3 -13.02 -0.67 15.27
CA LYS A 3 -12.15 -1.10 16.36
C LYS A 3 -11.41 -2.36 15.98
N ILE A 4 -10.19 -2.46 16.45
CA ILE A 4 -9.36 -3.60 16.19
C ILE A 4 -9.50 -4.66 17.26
N ILE A 5 -9.46 -5.91 16.85
CA ILE A 5 -9.44 -7.03 17.76
C ILE A 5 -8.01 -7.53 17.87
N GLU A 6 -7.69 -8.19 18.96
CA GLU A 6 -6.38 -8.76 19.13
C GLU A 6 -6.52 -10.27 19.22
N ALA A 7 -5.54 -10.98 18.70
CA ALA A 7 -5.56 -12.43 18.72
C ALA A 7 -4.15 -12.99 18.84
N VAL A 8 -4.08 -14.27 19.15
CA VAL A 8 -2.83 -15.00 19.17
C VAL A 8 -2.90 -16.19 18.24
N TYR A 9 -1.99 -16.23 17.29
CA TYR A 9 -1.87 -17.34 16.36
C TYR A 9 -1.18 -18.51 17.05
N GLU A 10 -1.98 -19.45 17.49
CA GLU A 10 -1.49 -20.64 18.14
C GLU A 10 -1.92 -21.87 17.38
N ASN A 11 -1.00 -22.80 17.20
CA ASN A 11 -1.29 -24.09 16.59
C ASN A 11 -1.75 -23.93 15.14
N GLY A 12 -1.40 -22.80 14.54
CA GLY A 12 -1.82 -22.54 13.17
C GLY A 12 -3.19 -21.90 13.10
N VAL A 13 -3.68 -21.46 14.25
CA VAL A 13 -5.00 -20.86 14.33
C VAL A 13 -4.92 -19.47 14.96
N PHE A 14 -5.80 -18.57 14.56
CA PHE A 14 -5.87 -17.28 15.22
C PHE A 14 -6.97 -17.29 16.29
N LYS A 15 -6.57 -17.15 17.54
CA LYS A 15 -7.49 -17.10 18.65
C LYS A 15 -7.47 -15.71 19.27
N PRO A 16 -8.57 -14.96 19.19
CA PRO A 16 -8.61 -13.60 19.75
C PRO A 16 -8.42 -13.57 21.26
N LEU A 17 -8.22 -12.38 21.76
CA LEU A 17 -8.15 -12.12 23.19
C LEU A 17 -9.41 -11.39 23.57
N GLN A 18 -10.01 -10.79 22.56
CA GLN A 18 -11.28 -10.09 22.73
C GLN A 18 -12.41 -10.97 22.27
N LYS A 19 -13.53 -10.89 22.95
CA LYS A 19 -14.70 -11.67 22.62
C LYS A 19 -15.49 -10.97 21.55
N VAL A 20 -15.72 -11.68 20.47
CA VAL A 20 -16.40 -11.11 19.31
C VAL A 20 -17.47 -12.02 18.82
N ASP A 21 -18.60 -11.42 18.55
CA ASP A 21 -19.71 -12.13 17.97
C ASP A 21 -19.68 -11.91 16.49
N LEU A 22 -18.96 -12.78 15.86
CA LEU A 22 -18.89 -12.85 14.42
C LEU A 22 -19.51 -14.14 13.93
N LYS A 23 -19.67 -14.26 12.63
CA LYS A 23 -20.25 -15.45 12.05
C LYS A 23 -19.20 -16.28 11.35
N GLU A 24 -19.49 -17.55 11.16
CA GLU A 24 -18.58 -18.45 10.51
C GLU A 24 -18.44 -18.07 9.04
N GLY A 25 -17.24 -17.66 8.69
CA GLY A 25 -16.98 -17.18 7.35
C GLY A 25 -16.89 -15.68 7.30
N GLU A 26 -16.76 -15.03 8.46
CA GLU A 26 -16.59 -13.59 8.51
C GLU A 26 -15.18 -13.22 8.07
N ARG A 27 -15.08 -12.21 7.20
CA ARG A 27 -13.80 -11.92 6.56
C ARG A 27 -13.06 -10.77 7.18
N VAL A 28 -11.88 -11.11 7.61
CA VAL A 28 -11.06 -10.25 8.41
C VAL A 28 -9.65 -10.22 7.86
N LYS A 29 -8.90 -9.20 8.23
CA LYS A 29 -7.52 -9.12 7.84
C LYS A 29 -6.63 -9.15 9.06
N ILE A 30 -5.52 -9.85 8.93
CA ILE A 30 -4.59 -10.07 10.02
C ILE A 30 -3.26 -9.43 9.70
N LYS A 31 -2.57 -9.00 10.70
CA LYS A 31 -1.19 -8.68 10.60
C LYS A 31 -0.55 -8.76 11.97
N LEU A 32 0.76 -8.80 11.98
CA LEU A 32 1.50 -8.78 13.20
C LEU A 32 1.71 -7.33 13.56
N GLU A 33 1.12 -6.89 14.65
CA GLU A 33 0.99 -5.48 14.87
C GLU A 33 2.33 -4.85 15.17
N LEU A 34 2.48 -3.66 14.64
CA LEU A 34 3.77 -2.99 14.59
C LEU A 34 4.09 -2.29 15.90
N LYS A 35 5.37 -1.96 16.06
CA LYS A 35 5.85 -1.25 17.22
C LYS A 35 6.09 0.20 16.84
N VAL A 36 6.19 1.06 17.84
CA VAL A 36 6.53 2.45 17.59
C VAL A 36 8.03 2.54 17.34
N GLU A 37 8.41 3.35 16.38
CA GLU A 37 9.81 3.50 16.02
C GLU A 37 10.58 4.16 17.17
N PRO A 38 11.60 3.45 17.68
CA PRO A 38 12.37 3.88 18.85
C PRO A 38 13.19 5.14 18.58
N ILE A 39 13.97 5.50 19.57
CA ILE A 39 14.74 6.74 19.54
C ILE A 39 15.88 6.67 18.52
N ASP A 40 16.44 7.82 18.21
CA ASP A 40 17.60 7.91 17.34
C ASP A 40 18.76 8.51 18.11
N LEU A 41 19.70 7.67 18.50
CA LEU A 41 20.82 8.11 19.33
C LEU A 41 21.94 8.71 18.50
N GLY A 42 22.97 9.21 19.18
CA GLY A 42 24.07 9.85 18.50
C GLY A 42 25.14 8.87 18.07
N GLU A 43 26.37 9.13 18.49
CA GLU A 43 27.50 8.31 18.12
C GLU A 43 28.05 7.55 19.32
N PRO A 44 28.21 6.22 19.20
CA PRO A 44 28.87 5.41 20.22
C PRO A 44 30.39 5.55 20.14
N VAL A 45 31.09 4.97 21.11
CA VAL A 45 32.55 5.04 21.13
C VAL A 45 33.15 3.66 21.35
N SER A 46 34.45 3.57 21.11
CA SER A 46 35.18 2.33 21.31
C SER A 46 35.68 2.24 22.74
N VAL A 47 36.20 1.08 23.11
CA VAL A 47 36.67 0.86 24.48
C VAL A 47 37.80 -0.15 24.52
N GLU A 48 38.22 -0.62 23.35
CA GLU A 48 39.23 -1.67 23.27
C GLU A 48 40.63 -1.10 23.45
N GLU A 49 41.17 -1.33 24.62
CA GLU A 49 42.55 -0.97 24.92
C GLU A 49 43.48 -2.09 24.51
N ILE A 50 42.97 -3.31 24.57
CA ILE A 50 43.76 -4.51 24.32
C ILE A 50 44.13 -4.63 22.84
N LYS A 51 43.59 -3.75 22.03
CA LYS A 51 43.91 -3.72 20.61
C LYS A 51 45.13 -2.85 20.38
N LYS A 52 46.06 -3.35 19.58
CA LYS A 52 47.24 -2.60 19.21
C LYS A 52 47.08 -2.03 17.80
N ILE A 53 47.55 -0.81 17.61
CA ILE A 53 47.49 -0.17 16.31
C ILE A 53 48.62 -0.71 15.44
N ARG A 54 49.81 -0.77 16.03
CA ARG A 54 50.97 -1.27 15.33
C ARG A 54 51.91 -1.97 16.30
N ASP A 55 52.79 -2.82 15.79
CA ASP A 55 53.84 -3.42 16.59
C ASP A 55 54.96 -2.41 16.74
N GLY A 56 55.77 -2.54 17.79
CA GLY A 56 56.80 -1.55 18.03
C GLY A 56 58.11 -2.14 18.53
N THR A 57 58.02 -2.98 19.55
CA THR A 57 59.21 -3.50 20.19
C THR A 57 59.88 -4.59 19.35
N TRP A 58 61.20 -4.55 19.29
CA TRP A 58 61.97 -5.56 18.57
C TRP A 58 62.81 -6.34 19.56
N MET A 59 62.79 -7.66 19.41
CA MET A 59 63.51 -8.54 20.34
C MET A 59 64.97 -8.68 19.93
N SER A 60 65.80 -9.12 20.87
CA SER A 60 67.22 -9.30 20.64
C SER A 60 67.92 -8.00 20.27
N SER A 61 67.35 -6.89 20.69
CA SER A 61 67.93 -5.57 20.47
C SER A 61 69.06 -5.30 21.47
N LEU A 62 69.29 -6.25 22.35
CA LEU A 62 70.30 -6.11 23.39
C LEU A 62 71.67 -6.52 22.87
N GLU A 63 72.62 -5.60 22.97
CA GLU A 63 73.99 -5.89 22.58
C GLU A 63 74.85 -6.09 23.83
N HIS A 64 75.35 -7.29 24.03
CA HIS A 64 76.12 -7.61 25.21
C HIS A 64 77.60 -7.60 24.88
N HIS A 65 77.95 -8.26 23.78
CA HIS A 65 79.31 -8.25 23.30
C HIS A 65 79.45 -7.23 22.18
N HIS A 66 79.84 -6.02 22.54
CA HIS A 66 80.01 -4.94 21.58
C HIS A 66 80.71 -3.78 22.26
N HIS A 67 81.74 -3.26 21.61
CA HIS A 67 82.50 -2.12 22.14
C HIS A 67 81.65 -0.85 22.13
N HIS A 68 81.89 0.00 23.11
CA HIS A 68 81.16 1.26 23.24
C HIS A 68 82.02 2.40 22.69
N HIS A 69 81.37 3.42 22.14
CA HIS A 69 82.07 4.60 21.66
C HIS A 69 81.25 5.85 21.97
N MET B 1 7.60 -5.64 5.14
CA MET B 1 6.38 -4.88 5.45
C MET B 1 5.27 -5.82 5.90
N PRO B 2 4.80 -5.67 7.14
CA PRO B 2 3.70 -6.49 7.68
C PRO B 2 2.35 -6.09 7.09
N LYS B 3 2.04 -6.67 5.94
CA LYS B 3 0.79 -6.40 5.26
C LYS B 3 -0.30 -7.38 5.68
N ILE B 4 -1.50 -7.14 5.18
CA ILE B 4 -2.67 -7.90 5.58
C ILE B 4 -2.64 -9.36 5.12
N ILE B 5 -3.09 -10.22 6.00
CA ILE B 5 -3.45 -11.60 5.67
C ILE B 5 -4.97 -11.70 5.75
N GLU B 6 -5.56 -12.63 5.02
CA GLU B 6 -7.00 -12.80 5.08
C GLU B 6 -7.36 -14.09 5.80
N ALA B 7 -8.35 -14.00 6.68
CA ALA B 7 -8.81 -15.14 7.45
C ALA B 7 -10.33 -15.08 7.61
N VAL B 8 -10.92 -16.20 8.00
CA VAL B 8 -12.33 -16.29 8.28
C VAL B 8 -12.60 -16.86 9.66
N TYR B 9 -13.35 -16.11 10.44
CA TYR B 9 -13.85 -16.56 11.75
C TYR B 9 -14.76 -17.77 11.57
N GLU B 10 -14.31 -18.92 12.06
CA GLU B 10 -15.09 -20.14 11.98
C GLU B 10 -15.13 -20.83 13.32
N ASN B 11 -16.34 -21.15 13.75
CA ASN B 11 -16.58 -21.88 14.97
C ASN B 11 -15.86 -21.26 16.15
N GLY B 12 -15.75 -19.95 16.16
CA GLY B 12 -14.89 -19.36 17.15
C GLY B 12 -13.72 -18.67 16.52
N VAL B 13 -12.86 -19.49 15.96
CA VAL B 13 -11.48 -19.10 15.70
C VAL B 13 -11.29 -18.55 14.30
N PHE B 14 -10.28 -17.72 14.12
CA PHE B 14 -9.99 -17.16 12.83
C PHE B 14 -9.08 -18.08 12.04
N LYS B 15 -9.58 -18.60 10.95
CA LYS B 15 -8.80 -19.45 10.06
C LYS B 15 -8.43 -18.68 8.81
N PRO B 16 -7.15 -18.52 8.51
CA PRO B 16 -6.73 -17.82 7.30
C PRO B 16 -7.28 -18.46 6.03
N LEU B 17 -7.15 -17.77 4.93
CA LEU B 17 -7.50 -18.31 3.62
C LEU B 17 -6.22 -18.71 2.92
N GLN B 18 -5.12 -18.28 3.51
CA GLN B 18 -3.81 -18.64 3.02
C GLN B 18 -2.93 -19.09 4.17
N LYS B 19 -2.08 -20.07 3.93
CA LYS B 19 -1.29 -20.69 4.99
C LYS B 19 -0.35 -19.68 5.65
N VAL B 20 -0.10 -19.92 6.93
CA VAL B 20 0.76 -19.06 7.72
C VAL B 20 1.89 -19.87 8.32
N ASP B 21 3.02 -19.23 8.52
CA ASP B 21 4.23 -19.92 8.92
C ASP B 21 4.90 -19.17 10.06
N LEU B 22 4.08 -18.43 10.78
CA LEU B 22 4.52 -17.64 11.93
C LEU B 22 4.73 -18.52 13.15
N LYS B 23 4.85 -17.90 14.31
CA LYS B 23 5.11 -18.63 15.53
C LYS B 23 3.85 -18.91 16.32
N GLU B 24 3.93 -19.86 17.24
CA GLU B 24 2.84 -20.14 18.13
C GLU B 24 2.75 -19.05 19.18
N GLY B 25 1.54 -18.64 19.43
CA GLY B 25 1.30 -17.41 20.14
C GLY B 25 2.06 -16.28 19.52
N GLU B 26 1.70 -15.96 18.31
CA GLU B 26 2.19 -14.77 17.64
C GLU B 26 1.18 -13.64 17.81
N ARG B 27 1.67 -12.41 17.85
CA ARG B 27 0.85 -11.28 18.24
C ARG B 27 0.32 -10.53 17.04
N VAL B 28 -0.94 -10.74 16.82
CA VAL B 28 -1.63 -10.21 15.67
C VAL B 28 -2.84 -9.40 16.07
N LYS B 29 -3.25 -8.50 15.18
CA LYS B 29 -4.49 -7.78 15.34
C LYS B 29 -5.38 -8.05 14.17
N ILE B 30 -6.66 -8.14 14.44
CA ILE B 30 -7.64 -8.55 13.46
C ILE B 30 -8.78 -7.56 13.42
N LYS B 31 -9.35 -7.38 12.26
CA LYS B 31 -10.46 -6.50 12.09
C LYS B 31 -11.25 -6.90 10.86
N LEU B 32 -12.44 -6.38 10.74
CA LEU B 32 -13.34 -6.72 9.65
C LEU B 32 -13.09 -5.76 8.50
N GLU B 33 -12.60 -6.27 7.39
CA GLU B 33 -12.12 -5.36 6.36
C GLU B 33 -12.75 -5.60 5.00
N LEU B 34 -12.85 -4.50 4.29
CA LEU B 34 -13.40 -4.43 2.95
C LEU B 34 -12.69 -3.31 2.19
N LYS B 35 -13.19 -2.96 1.01
CA LYS B 35 -12.62 -1.86 0.25
C LYS B 35 -13.69 -0.82 -0.07
N VAL B 36 -13.25 0.37 -0.46
CA VAL B 36 -14.16 1.46 -0.77
C VAL B 36 -14.59 1.36 -2.23
N GLU B 37 -15.88 1.47 -2.47
CA GLU B 37 -16.46 1.31 -3.79
C GLU B 37 -16.32 2.56 -4.66
N PRO B 38 -16.85 3.74 -4.22
CA PRO B 38 -16.88 4.95 -5.05
C PRO B 38 -15.49 5.49 -5.38
N ILE B 39 -15.46 6.50 -6.22
CA ILE B 39 -14.22 7.08 -6.68
C ILE B 39 -13.89 8.38 -5.95
N ASP B 40 -12.72 8.91 -6.20
CA ASP B 40 -12.28 10.13 -5.55
C ASP B 40 -11.69 11.09 -6.58
N LEU B 41 -12.16 12.33 -6.57
CA LEU B 41 -11.69 13.39 -7.48
C LEU B 41 -12.11 13.13 -8.93
N GLY B 42 -12.99 13.96 -9.44
CA GLY B 42 -13.38 13.87 -10.83
C GLY B 42 -14.33 14.97 -11.25
N GLU B 43 -13.85 15.82 -12.15
CA GLU B 43 -14.65 16.91 -12.68
C GLU B 43 -15.02 16.62 -14.14
N PRO B 44 -16.31 16.75 -14.49
CA PRO B 44 -16.77 16.58 -15.86
C PRO B 44 -16.50 17.84 -16.70
N VAL B 45 -15.62 17.70 -17.69
CA VAL B 45 -15.29 18.83 -18.55
C VAL B 45 -16.44 19.12 -19.50
N SER B 46 -16.47 20.34 -19.98
CA SER B 46 -17.54 20.81 -20.83
C SER B 46 -17.31 20.43 -22.28
N VAL B 47 -18.40 20.44 -23.04
CA VAL B 47 -18.35 20.19 -24.46
C VAL B 47 -19.48 20.94 -25.17
N GLU B 48 -19.18 21.45 -26.34
CA GLU B 48 -20.17 22.13 -27.15
C GLU B 48 -20.00 21.79 -28.62
N GLU B 49 -20.89 20.96 -29.10
CA GLU B 49 -20.87 20.51 -30.49
C GLU B 49 -21.68 21.45 -31.37
N ILE B 50 -22.66 22.10 -30.78
CA ILE B 50 -23.61 22.93 -31.54
C ILE B 50 -23.00 24.27 -31.95
N LYS B 51 -21.88 24.60 -31.31
CA LYS B 51 -21.19 25.84 -31.60
C LYS B 51 -19.71 25.67 -31.33
N LYS B 52 -18.88 26.21 -32.21
CA LYS B 52 -17.45 26.07 -32.07
C LYS B 52 -16.74 27.26 -32.71
N ILE B 53 -15.51 27.52 -32.30
CA ILE B 53 -14.72 28.59 -32.85
C ILE B 53 -14.31 28.28 -34.29
N ARG B 54 -14.49 29.26 -35.17
CA ARG B 54 -14.15 29.09 -36.58
C ARG B 54 -12.89 29.86 -36.91
N ASP B 55 -11.97 29.22 -37.61
CA ASP B 55 -10.72 29.87 -38.02
C ASP B 55 -10.24 29.29 -39.34
N GLY B 56 -9.34 29.98 -39.99
CA GLY B 56 -8.78 29.50 -41.23
C GLY B 56 -9.38 30.19 -42.44
N THR B 57 -10.32 31.08 -42.20
CA THR B 57 -10.98 31.80 -43.28
C THR B 57 -10.07 32.86 -43.89
N TRP B 58 -10.13 32.99 -45.20
CA TRP B 58 -9.29 33.94 -45.92
C TRP B 58 -10.14 34.89 -46.76
N MET B 59 -9.77 36.16 -46.79
CA MET B 59 -10.49 37.15 -47.56
C MET B 59 -9.54 38.16 -48.18
N SER B 60 -9.82 38.55 -49.41
CA SER B 60 -9.04 39.57 -50.09
C SER B 60 -9.36 40.95 -49.51
N SER B 61 -8.41 41.87 -49.59
CA SER B 61 -8.58 43.19 -49.02
C SER B 61 -9.10 44.17 -50.07
N LEU B 62 -9.17 43.69 -51.31
CA LEU B 62 -9.68 44.42 -52.48
C LEU B 62 -9.14 45.85 -52.61
N GLU B 63 -8.32 46.06 -53.63
CA GLU B 63 -7.79 47.38 -53.92
C GLU B 63 -8.20 47.83 -55.30
N HIS B 64 -9.06 48.84 -55.36
CA HIS B 64 -9.47 49.41 -56.63
C HIS B 64 -9.45 50.92 -56.57
N HIS B 65 -8.51 51.52 -57.29
CA HIS B 65 -8.42 52.97 -57.40
C HIS B 65 -8.37 53.36 -58.87
N HIS B 66 -8.87 54.55 -59.18
CA HIS B 66 -8.82 55.03 -60.55
C HIS B 66 -7.40 55.50 -60.91
N HIS B 67 -6.68 54.63 -61.60
CA HIS B 67 -5.33 54.95 -62.02
C HIS B 67 -5.37 55.74 -63.32
N HIS B 68 -5.60 57.04 -63.21
CA HIS B 68 -5.68 57.91 -64.37
C HIS B 68 -4.95 59.21 -64.08
N HIS B 69 -3.85 59.43 -64.78
CA HIS B 69 -3.12 60.67 -64.66
C HIS B 69 -3.58 61.64 -65.74
N MET A 1 -16.44 3.19 11.80
CA MET A 1 -15.18 2.75 12.45
C MET A 1 -14.97 1.25 12.26
N PRO A 2 -13.85 0.85 11.65
CA PRO A 2 -13.52 -0.56 11.46
C PRO A 2 -13.19 -1.22 12.80
N LYS A 3 -14.05 -2.13 13.24
CA LYS A 3 -13.87 -2.78 14.54
C LYS A 3 -12.70 -3.76 14.50
N ILE A 4 -11.99 -3.83 15.62
CA ILE A 4 -10.81 -4.63 15.72
C ILE A 4 -10.84 -5.51 16.97
N ILE A 5 -10.27 -6.69 16.87
CA ILE A 5 -9.93 -7.49 18.04
C ILE A 5 -8.47 -7.86 17.96
N GLU A 6 -7.94 -8.40 19.02
CA GLU A 6 -6.63 -9.00 18.99
C GLU A 6 -6.80 -10.51 18.97
N ALA A 7 -5.80 -11.24 18.50
CA ALA A 7 -5.84 -12.69 18.49
C ALA A 7 -4.44 -13.27 18.61
N VAL A 8 -4.35 -14.48 19.13
CA VAL A 8 -3.10 -15.19 19.20
C VAL A 8 -3.12 -16.37 18.22
N TYR A 9 -2.24 -16.29 17.24
CA TYR A 9 -2.12 -17.30 16.20
C TYR A 9 -1.35 -18.52 16.69
N GLU A 10 -2.05 -19.59 17.01
CA GLU A 10 -1.43 -20.81 17.43
C GLU A 10 -1.76 -21.94 16.47
N ASN A 11 -0.76 -22.74 16.13
CA ASN A 11 -0.96 -23.95 15.32
C ASN A 11 -1.42 -23.60 13.90
N GLY A 12 -1.38 -22.33 13.56
CA GLY A 12 -1.86 -21.91 12.28
C GLY A 12 -3.29 -21.40 12.35
N VAL A 13 -3.77 -21.18 13.57
CA VAL A 13 -5.12 -20.64 13.75
C VAL A 13 -5.06 -19.37 14.60
N PHE A 14 -5.90 -18.40 14.27
CA PHE A 14 -5.99 -17.21 15.10
C PHE A 14 -7.07 -17.40 16.17
N LYS A 15 -6.66 -17.39 17.42
CA LYS A 15 -7.59 -17.45 18.52
C LYS A 15 -7.62 -16.09 19.21
N PRO A 16 -8.75 -15.37 19.10
CA PRO A 16 -8.88 -14.02 19.64
C PRO A 16 -8.36 -13.84 21.05
N LEU A 17 -8.31 -12.59 21.41
CA LEU A 17 -8.15 -12.16 22.74
C LEU A 17 -9.48 -11.63 23.14
N GLN A 18 -10.05 -12.35 24.07
CA GLN A 18 -11.31 -12.10 24.77
C GLN A 18 -12.51 -12.47 23.91
N LYS A 19 -13.52 -13.01 24.58
CA LYS A 19 -14.69 -13.57 23.93
C LYS A 19 -15.41 -12.51 23.10
N VAL A 20 -15.64 -12.85 21.85
CA VAL A 20 -16.24 -11.93 20.91
C VAL A 20 -17.42 -12.53 20.24
N ASP A 21 -18.34 -11.66 19.94
CA ASP A 21 -19.50 -12.05 19.20
C ASP A 21 -19.32 -11.58 17.78
N LEU A 22 -18.67 -12.43 17.05
CA LEU A 22 -18.52 -12.30 15.62
C LEU A 22 -19.46 -13.27 14.90
N LYS A 23 -19.35 -13.29 13.59
CA LYS A 23 -20.07 -14.25 12.77
C LYS A 23 -19.11 -15.33 12.30
N GLU A 24 -19.59 -16.54 12.12
CA GLU A 24 -18.75 -17.59 11.59
C GLU A 24 -18.70 -17.50 10.08
N GLY A 25 -17.49 -17.36 9.56
CA GLY A 25 -17.31 -17.09 8.16
C GLY A 25 -17.05 -15.61 7.92
N GLU A 26 -16.74 -14.90 9.00
CA GLU A 26 -16.47 -13.48 8.91
C GLU A 26 -15.06 -13.28 8.35
N ARG A 27 -14.99 -12.67 7.18
CA ARG A 27 -13.71 -12.47 6.52
C ARG A 27 -13.04 -11.20 6.99
N VAL A 28 -11.88 -11.39 7.55
CA VAL A 28 -11.20 -10.34 8.28
C VAL A 28 -9.81 -10.10 7.72
N LYS A 29 -9.26 -8.93 8.03
CA LYS A 29 -7.93 -8.56 7.61
C LYS A 29 -7.07 -8.34 8.83
N ILE A 30 -5.89 -8.87 8.79
CA ILE A 30 -5.02 -8.92 9.95
C ILE A 30 -3.63 -8.48 9.60
N LYS A 31 -2.97 -7.88 10.55
CA LYS A 31 -1.58 -7.53 10.45
C LYS A 31 -0.91 -7.82 11.78
N LEU A 32 0.40 -7.85 11.77
CA LEU A 32 1.17 -8.38 12.88
C LEU A 32 1.59 -7.28 13.85
N GLU A 33 1.65 -7.62 15.13
CA GLU A 33 2.22 -6.72 16.12
C GLU A 33 3.70 -6.54 15.82
N LEU A 34 4.19 -5.35 16.10
CA LEU A 34 5.52 -4.97 15.65
C LEU A 34 6.63 -5.67 16.39
N LYS A 35 7.74 -5.77 15.70
CA LYS A 35 8.96 -6.35 16.22
C LYS A 35 10.11 -5.37 15.99
N VAL A 36 11.28 -5.71 16.49
CA VAL A 36 12.45 -4.86 16.28
C VAL A 36 13.24 -5.33 15.06
N GLU A 37 13.77 -4.38 14.31
CA GLU A 37 14.54 -4.70 13.12
C GLU A 37 16.01 -4.85 13.45
N PRO A 38 16.62 -5.94 13.00
CA PRO A 38 18.05 -6.19 13.21
C PRO A 38 18.92 -5.28 12.35
N ILE A 39 20.23 -5.36 12.57
CA ILE A 39 21.16 -4.53 11.81
C ILE A 39 21.59 -5.27 10.55
N ASP A 40 21.90 -4.51 9.52
CA ASP A 40 22.35 -5.08 8.26
C ASP A 40 23.69 -4.47 7.88
N LEU A 41 24.62 -5.31 7.44
CA LEU A 41 25.98 -4.86 7.15
C LEU A 41 26.05 -4.17 5.79
N GLY A 42 27.24 -3.65 5.48
CA GLY A 42 27.44 -2.97 4.24
C GLY A 42 28.40 -3.72 3.37
N GLU A 43 28.28 -3.50 2.09
CA GLU A 43 29.05 -4.21 1.08
C GLU A 43 30.53 -3.85 1.16
N PRO A 44 31.40 -4.85 0.96
CA PRO A 44 32.85 -4.62 0.93
C PRO A 44 33.25 -3.71 -0.23
N VAL A 45 33.86 -2.58 0.09
CA VAL A 45 34.23 -1.61 -0.93
C VAL A 45 35.49 -2.07 -1.68
N SER A 46 35.54 -1.68 -2.94
CA SER A 46 36.61 -2.08 -3.84
C SER A 46 37.73 -1.05 -3.86
N VAL A 47 38.68 -1.24 -4.78
CA VAL A 47 39.85 -0.38 -4.91
C VAL A 47 40.81 -0.52 -3.72
N GLU A 48 42.09 -0.54 -4.00
CA GLU A 48 43.10 -0.74 -2.97
C GLU A 48 43.59 0.58 -2.43
N GLU A 49 43.30 0.84 -1.17
CA GLU A 49 43.82 2.02 -0.49
C GLU A 49 45.19 1.70 0.08
N ILE A 50 45.41 0.42 0.35
CA ILE A 50 46.64 -0.03 0.99
C ILE A 50 47.78 -0.14 -0.02
N LYS A 51 47.42 -0.14 -1.28
CA LYS A 51 48.40 -0.26 -2.33
C LYS A 51 48.70 1.11 -2.91
N LYS A 52 49.98 1.41 -3.05
CA LYS A 52 50.43 2.73 -3.45
C LYS A 52 50.91 2.74 -4.90
N ILE A 53 51.86 3.63 -5.19
CA ILE A 53 52.45 3.76 -6.52
C ILE A 53 51.50 4.49 -7.47
N ARG A 54 51.75 5.78 -7.64
CA ARG A 54 50.98 6.61 -8.55
C ARG A 54 51.90 7.25 -9.58
N ASP A 55 51.64 7.02 -10.85
CA ASP A 55 52.46 7.60 -11.91
C ASP A 55 51.91 8.97 -12.29
N GLY A 56 52.65 9.66 -13.14
CA GLY A 56 52.28 11.00 -13.54
C GLY A 56 53.35 11.63 -14.42
N THR A 57 53.93 10.83 -15.30
CA THR A 57 54.95 11.30 -16.21
C THR A 57 54.38 12.29 -17.21
N TRP A 58 55.19 13.25 -17.63
CA TRP A 58 54.76 14.27 -18.55
C TRP A 58 55.91 14.69 -19.48
N MET A 59 55.57 14.99 -20.72
CA MET A 59 56.54 15.46 -21.69
C MET A 59 56.31 16.93 -21.99
N SER A 60 57.34 17.74 -21.81
CA SER A 60 57.21 19.17 -22.01
C SER A 60 57.36 19.55 -23.48
N SER A 61 56.50 20.44 -23.95
CA SER A 61 56.54 20.90 -25.32
C SER A 61 57.10 22.32 -25.40
N LEU A 62 57.77 22.74 -24.32
CA LEU A 62 58.34 24.07 -24.25
C LEU A 62 59.61 24.19 -25.08
N GLU A 63 59.45 24.56 -26.33
CA GLU A 63 60.57 24.79 -27.23
C GLU A 63 60.91 26.28 -27.24
N HIS A 64 62.10 26.61 -26.77
CA HIS A 64 62.51 28.00 -26.62
C HIS A 64 63.73 28.30 -27.49
N HIS A 65 63.68 29.42 -28.20
CA HIS A 65 64.79 29.86 -29.03
C HIS A 65 65.28 31.23 -28.62
N HIS A 66 66.52 31.53 -28.97
CA HIS A 66 67.07 32.86 -28.80
C HIS A 66 68.29 33.04 -29.70
N HIS A 67 68.05 33.49 -30.91
CA HIS A 67 69.12 33.72 -31.87
C HIS A 67 68.94 35.05 -32.58
N HIS A 68 70.01 35.83 -32.63
CA HIS A 68 69.98 37.08 -33.37
C HIS A 68 70.68 36.86 -34.71
N HIS A 69 71.64 35.93 -34.69
CA HIS A 69 72.31 35.46 -35.89
C HIS A 69 72.48 33.95 -35.79
N MET B 1 9.15 -5.93 4.23
CA MET B 1 8.10 -6.84 3.73
C MET B 1 6.77 -6.60 4.46
N PRO B 2 5.95 -5.68 3.94
CA PRO B 2 4.66 -5.37 4.53
C PRO B 2 3.53 -6.22 3.95
N LYS B 3 2.98 -7.10 4.76
CA LYS B 3 1.92 -8.00 4.30
C LYS B 3 0.72 -7.98 5.23
N ILE B 4 -0.44 -8.27 4.67
CA ILE B 4 -1.64 -8.42 5.42
C ILE B 4 -2.15 -9.85 5.31
N ILE B 5 -2.72 -10.36 6.38
CA ILE B 5 -3.28 -11.70 6.38
C ILE B 5 -4.79 -11.61 6.33
N GLU B 6 -5.40 -12.59 5.70
CA GLU B 6 -6.84 -12.69 5.65
C GLU B 6 -7.24 -14.03 6.24
N ALA B 7 -8.39 -14.08 6.93
CA ALA B 7 -8.84 -15.32 7.54
C ALA B 7 -10.36 -15.34 7.68
N VAL B 8 -10.90 -16.53 7.95
CA VAL B 8 -12.31 -16.69 8.22
C VAL B 8 -12.54 -17.21 9.64
N TYR B 9 -13.30 -16.46 10.41
CA TYR B 9 -13.60 -16.80 11.80
C TYR B 9 -14.77 -17.77 11.89
N GLU B 10 -14.47 -19.02 12.12
CA GLU B 10 -15.48 -20.05 12.27
C GLU B 10 -15.41 -20.68 13.66
N ASN B 11 -16.54 -20.67 14.35
CA ASN B 11 -16.69 -21.34 15.65
C ASN B 11 -15.78 -20.74 16.72
N GLY B 12 -15.35 -19.50 16.50
CA GLY B 12 -14.48 -18.86 17.48
C GLY B 12 -13.04 -18.89 17.05
N VAL B 13 -12.79 -19.38 15.85
CA VAL B 13 -11.44 -19.47 15.33
C VAL B 13 -11.28 -18.66 14.06
N PHE B 14 -10.14 -18.04 13.88
CA PHE B 14 -9.82 -17.46 12.59
C PHE B 14 -8.92 -18.41 11.82
N LYS B 15 -9.41 -18.92 10.71
CA LYS B 15 -8.59 -19.72 9.81
C LYS B 15 -8.18 -18.88 8.63
N PRO B 16 -6.88 -18.58 8.49
CA PRO B 16 -6.38 -17.82 7.36
C PRO B 16 -6.73 -18.43 6.03
N LEU B 17 -6.49 -17.65 5.01
CA LEU B 17 -6.52 -18.11 3.66
C LEU B 17 -5.18 -18.75 3.36
N GLN B 18 -4.19 -17.89 3.18
CA GLN B 18 -2.86 -18.38 2.88
C GLN B 18 -2.13 -18.71 4.17
N LYS B 19 -1.20 -19.65 4.08
CA LYS B 19 -0.48 -20.13 5.25
C LYS B 19 0.43 -19.06 5.83
N VAL B 20 0.44 -18.97 7.15
CA VAL B 20 1.29 -18.04 7.85
C VAL B 20 2.18 -18.78 8.80
N ASP B 21 3.43 -18.40 8.79
CA ASP B 21 4.39 -19.00 9.68
C ASP B 21 4.80 -17.98 10.70
N LEU B 22 4.02 -17.97 11.73
CA LEU B 22 4.27 -17.18 12.92
C LEU B 22 4.60 -18.09 14.09
N LYS B 23 4.71 -17.52 15.28
CA LYS B 23 4.88 -18.31 16.49
C LYS B 23 3.54 -18.81 16.96
N GLU B 24 3.54 -19.85 17.79
CA GLU B 24 2.32 -20.25 18.46
C GLU B 24 2.02 -19.25 19.54
N GLY B 25 0.82 -18.74 19.48
CA GLY B 25 0.45 -17.57 20.20
C GLY B 25 1.30 -16.40 19.80
N GLU B 26 1.13 -16.01 18.56
CA GLU B 26 1.61 -14.72 18.07
C GLU B 26 0.49 -13.71 18.14
N ARG B 27 0.82 -12.45 18.34
CA ARG B 27 -0.18 -11.44 18.59
C ARG B 27 -0.41 -10.57 17.37
N VAL B 28 -1.67 -10.39 17.03
CA VAL B 28 -2.06 -9.72 15.81
C VAL B 28 -3.30 -8.85 16.02
N LYS B 29 -3.56 -7.95 15.07
CA LYS B 29 -4.72 -7.07 15.12
C LYS B 29 -5.58 -7.32 13.91
N ILE B 30 -6.87 -7.42 14.17
CA ILE B 30 -7.85 -7.80 13.15
C ILE B 30 -8.82 -6.69 12.94
N LYS B 31 -9.32 -6.55 11.73
CA LYS B 31 -10.39 -5.63 11.45
C LYS B 31 -11.15 -6.06 10.22
N LEU B 32 -12.29 -5.47 10.05
CA LEU B 32 -13.10 -5.64 8.86
C LEU B 32 -12.91 -4.44 7.98
N GLU B 33 -12.59 -4.67 6.72
CA GLU B 33 -12.40 -3.59 5.79
C GLU B 33 -13.72 -3.22 5.13
N LEU B 34 -13.88 -1.96 4.82
CA LEU B 34 -15.17 -1.45 4.39
C LEU B 34 -15.21 -1.11 2.93
N LYS B 35 -16.30 -0.49 2.53
CA LYS B 35 -16.53 -0.11 1.16
C LYS B 35 -15.90 1.25 0.89
N VAL B 36 -15.59 1.52 -0.35
CA VAL B 36 -15.31 2.87 -0.78
C VAL B 36 -16.55 3.44 -1.45
N GLU B 37 -16.88 4.67 -1.10
CA GLU B 37 -18.10 5.30 -1.56
C GLU B 37 -17.96 5.77 -3.01
N PRO B 38 -19.05 5.66 -3.79
CA PRO B 38 -19.05 5.86 -5.24
C PRO B 38 -18.89 7.31 -5.67
N ILE B 39 -19.37 7.61 -6.87
CA ILE B 39 -19.21 8.92 -7.48
C ILE B 39 -20.19 9.94 -6.93
N ASP B 40 -20.07 11.16 -7.43
CA ASP B 40 -20.96 12.25 -7.06
C ASP B 40 -22.14 12.31 -8.03
N LEU B 41 -23.34 12.37 -7.46
CA LEU B 41 -24.56 12.38 -8.26
C LEU B 41 -25.22 13.75 -8.18
N GLY B 42 -25.84 14.17 -9.27
CA GLY B 42 -26.50 15.46 -9.31
C GLY B 42 -28.01 15.31 -9.35
N GLU B 43 -28.67 16.21 -10.04
CA GLU B 43 -30.11 16.19 -10.15
C GLU B 43 -30.54 16.15 -11.61
N PRO B 44 -31.29 15.12 -12.00
CA PRO B 44 -31.81 14.98 -13.36
C PRO B 44 -32.73 16.14 -13.73
N VAL B 45 -32.46 16.77 -14.87
CA VAL B 45 -33.24 17.91 -15.31
C VAL B 45 -34.53 17.47 -15.98
N SER B 46 -35.52 18.33 -15.86
CA SER B 46 -36.84 18.08 -16.39
C SER B 46 -37.08 18.93 -17.64
N VAL B 47 -38.29 18.85 -18.19
CA VAL B 47 -38.69 19.75 -19.25
C VAL B 47 -38.66 21.19 -18.73
N GLU B 48 -38.23 22.12 -19.57
CA GLU B 48 -38.08 23.50 -19.15
C GLU B 48 -39.41 24.15 -18.82
N GLU B 49 -39.47 24.77 -17.65
CA GLU B 49 -40.67 25.48 -17.21
C GLU B 49 -40.72 26.83 -17.89
N ILE B 50 -39.55 27.32 -18.29
CA ILE B 50 -39.42 28.60 -18.96
C ILE B 50 -40.01 28.54 -20.38
N LYS B 51 -40.50 27.36 -20.75
CA LYS B 51 -41.10 27.14 -22.06
C LYS B 51 -42.28 28.08 -22.26
N LYS B 52 -42.34 28.70 -23.41
CA LYS B 52 -43.30 29.77 -23.66
C LYS B 52 -44.08 29.52 -24.94
N ILE B 53 -45.38 29.79 -24.90
CA ILE B 53 -46.22 29.66 -26.06
C ILE B 53 -46.76 31.01 -26.50
N ARG B 54 -47.25 31.08 -27.73
CA ARG B 54 -47.87 32.29 -28.26
C ARG B 54 -48.93 31.92 -29.28
N ASP B 55 -49.98 32.74 -29.37
CA ASP B 55 -51.03 32.55 -30.37
C ASP B 55 -51.76 33.88 -30.59
N GLY B 56 -52.93 33.82 -31.20
CA GLY B 56 -53.68 35.03 -31.46
C GLY B 56 -55.05 34.73 -32.05
N THR B 57 -56.09 35.23 -31.40
CA THR B 57 -57.44 35.03 -31.89
C THR B 57 -57.89 36.26 -32.68
N TRP B 58 -58.36 36.04 -33.90
CA TRP B 58 -58.73 37.11 -34.79
C TRP B 58 -60.14 37.63 -34.50
N MET B 59 -60.36 38.89 -34.87
CA MET B 59 -61.66 39.53 -34.70
C MET B 59 -61.92 40.47 -35.87
N SER B 60 -63.18 40.74 -36.17
CA SER B 60 -63.51 41.69 -37.22
C SER B 60 -63.38 43.11 -36.68
N SER B 61 -62.73 43.96 -37.46
CA SER B 61 -62.43 45.32 -37.03
C SER B 61 -63.62 46.25 -37.26
N LEU B 62 -64.79 45.66 -37.51
CA LEU B 62 -66.02 46.42 -37.73
C LEU B 62 -66.39 47.23 -36.49
N GLU B 63 -66.12 48.52 -36.54
CA GLU B 63 -66.47 49.41 -35.44
C GLU B 63 -67.73 50.19 -35.79
N HIS B 64 -68.45 50.64 -34.78
CA HIS B 64 -69.63 51.46 -34.99
C HIS B 64 -69.21 52.92 -35.14
N HIS B 65 -69.17 53.38 -36.38
CA HIS B 65 -68.71 54.74 -36.66
C HIS B 65 -69.73 55.49 -37.48
N HIS B 66 -69.98 56.73 -37.08
CA HIS B 66 -70.95 57.60 -37.76
C HIS B 66 -70.34 58.95 -38.07
N HIS B 67 -70.86 59.59 -39.11
CA HIS B 67 -70.44 60.95 -39.45
C HIS B 67 -71.61 61.70 -40.04
N HIS B 68 -71.86 62.90 -39.53
CA HIS B 68 -73.00 63.70 -39.96
C HIS B 68 -72.57 65.14 -40.22
N HIS B 69 -73.11 65.73 -41.28
CA HIS B 69 -72.85 67.13 -41.57
C HIS B 69 -74.11 67.79 -42.12
N MET A 1 -18.30 -5.74 16.35
CA MET A 1 -18.42 -4.80 15.22
C MET A 1 -17.06 -4.64 14.55
N PRO A 2 -17.03 -4.09 13.31
CA PRO A 2 -15.77 -3.84 12.60
C PRO A 2 -14.83 -2.92 13.39
N LYS A 3 -13.87 -3.53 14.06
CA LYS A 3 -12.89 -2.82 14.87
C LYS A 3 -11.65 -3.68 15.03
N ILE A 4 -10.50 -3.05 15.26
CA ILE A 4 -9.30 -3.81 15.51
C ILE A 4 -9.41 -4.61 16.79
N ILE A 5 -8.99 -5.84 16.71
CA ILE A 5 -8.93 -6.72 17.85
C ILE A 5 -7.56 -7.35 17.88
N GLU A 6 -7.09 -7.68 19.06
CA GLU A 6 -5.85 -8.41 19.21
C GLU A 6 -6.14 -9.88 19.45
N ALA A 7 -5.54 -10.72 18.62
CA ALA A 7 -5.69 -12.16 18.74
C ALA A 7 -4.32 -12.81 18.77
N VAL A 8 -4.29 -14.07 19.15
CA VAL A 8 -3.09 -14.86 19.08
C VAL A 8 -3.31 -16.10 18.23
N TYR A 9 -2.63 -16.16 17.10
CA TYR A 9 -2.65 -17.31 16.23
C TYR A 9 -1.97 -18.49 16.93
N GLU A 10 -2.75 -19.54 17.12
CA GLU A 10 -2.32 -20.74 17.78
C GLU A 10 -3.06 -21.92 17.17
N ASN A 11 -2.38 -23.05 17.02
CA ASN A 11 -3.00 -24.29 16.53
C ASN A 11 -3.45 -24.15 15.07
N GLY A 12 -2.90 -23.17 14.39
CA GLY A 12 -3.30 -22.90 13.02
C GLY A 12 -4.56 -22.04 12.96
N VAL A 13 -4.83 -21.37 14.07
CA VAL A 13 -6.02 -20.54 14.22
C VAL A 13 -5.64 -19.16 14.71
N PHE A 14 -6.43 -18.15 14.45
CA PHE A 14 -6.30 -16.90 15.17
C PHE A 14 -7.31 -16.85 16.29
N LYS A 15 -6.85 -16.85 17.52
CA LYS A 15 -7.73 -16.80 18.68
C LYS A 15 -7.64 -15.45 19.36
N PRO A 16 -8.70 -14.64 19.33
CA PRO A 16 -8.66 -13.32 19.97
C PRO A 16 -8.31 -13.37 21.43
N LEU A 17 -8.00 -12.21 21.90
CA LEU A 17 -7.92 -11.87 23.29
C LEU A 17 -9.27 -11.37 23.66
N GLN A 18 -9.55 -10.21 23.09
CA GLN A 18 -10.81 -9.49 23.35
C GLN A 18 -11.99 -10.37 22.92
N LYS A 19 -13.09 -10.30 23.64
CA LYS A 19 -14.29 -11.01 23.24
C LYS A 19 -14.87 -10.41 21.98
N VAL A 20 -15.51 -11.24 21.16
CA VAL A 20 -16.06 -10.77 19.90
C VAL A 20 -17.54 -11.04 19.80
N ASP A 21 -18.15 -10.24 18.97
CA ASP A 21 -19.57 -10.28 18.74
C ASP A 21 -19.84 -10.56 17.28
N LEU A 22 -18.81 -10.95 16.59
CA LEU A 22 -18.84 -11.11 15.15
C LEU A 22 -19.26 -12.51 14.72
N LYS A 23 -19.22 -12.76 13.42
CA LYS A 23 -19.80 -13.96 12.85
C LYS A 23 -18.76 -15.07 12.73
N GLU A 24 -19.15 -16.16 12.09
CA GLU A 24 -18.20 -17.15 11.61
C GLU A 24 -17.84 -16.79 10.19
N GLY A 25 -17.14 -17.69 9.48
CA GLY A 25 -16.24 -17.32 8.38
C GLY A 25 -16.55 -15.99 7.76
N GLU A 26 -16.23 -14.98 8.54
CA GLU A 26 -16.28 -13.60 8.16
C GLU A 26 -14.87 -13.18 7.73
N ARG A 27 -14.78 -12.38 6.67
CA ARG A 27 -13.50 -12.15 6.01
C ARG A 27 -12.80 -10.91 6.52
N VAL A 28 -11.55 -11.10 6.90
CA VAL A 28 -10.75 -10.05 7.55
C VAL A 28 -9.28 -10.12 7.14
N LYS A 29 -8.52 -9.11 7.54
CA LYS A 29 -7.09 -9.03 7.27
C LYS A 29 -6.37 -8.77 8.58
N ILE A 30 -5.26 -9.44 8.76
CA ILE A 30 -4.55 -9.42 10.04
C ILE A 30 -3.15 -8.84 9.88
N LYS A 31 -2.79 -7.96 10.78
CA LYS A 31 -1.47 -7.38 10.79
C LYS A 31 -0.67 -7.88 11.97
N LEU A 32 0.61 -7.98 11.79
CA LEU A 32 1.49 -8.50 12.81
C LEU A 32 2.23 -7.38 13.52
N GLU A 33 2.49 -7.57 14.80
CA GLU A 33 3.29 -6.62 15.55
C GLU A 33 4.76 -6.99 15.45
N LEU A 34 5.64 -6.02 15.61
CA LEU A 34 7.05 -6.23 15.34
C LEU A 34 7.94 -5.85 16.51
N LYS A 35 9.24 -5.92 16.25
CA LYS A 35 10.27 -5.61 17.22
C LYS A 35 11.23 -4.60 16.60
N VAL A 36 12.52 -4.79 16.80
CA VAL A 36 13.53 -3.94 16.19
C VAL A 36 14.14 -4.67 15.00
N GLU A 37 14.55 -3.92 13.97
CA GLU A 37 15.14 -4.50 12.78
C GLU A 37 16.45 -5.20 13.11
N PRO A 38 16.77 -6.27 12.37
CA PRO A 38 17.95 -7.12 12.64
C PRO A 38 19.28 -6.41 12.45
N ILE A 39 20.35 -7.19 12.48
CA ILE A 39 21.71 -6.65 12.41
C ILE A 39 22.22 -6.71 10.98
N ASP A 40 23.15 -5.82 10.66
CA ASP A 40 23.75 -5.75 9.33
C ASP A 40 25.14 -6.40 9.36
N LEU A 41 26.01 -5.98 8.45
CA LEU A 41 27.38 -6.48 8.41
C LEU A 41 28.16 -5.98 9.61
N GLY A 42 29.09 -6.80 10.08
CA GLY A 42 29.90 -6.43 11.23
C GLY A 42 31.05 -5.51 10.88
N GLU A 43 32.25 -6.03 11.02
CA GLU A 43 33.45 -5.27 10.74
C GLU A 43 33.54 -4.91 9.26
N PRO A 44 34.03 -3.69 8.95
CA PRO A 44 34.14 -3.20 7.58
C PRO A 44 35.19 -3.95 6.76
N VAL A 45 35.05 -3.92 5.45
CA VAL A 45 35.99 -4.60 4.56
C VAL A 45 37.33 -3.88 4.58
N SER A 46 38.39 -4.63 4.40
CA SER A 46 39.74 -4.11 4.48
C SER A 46 40.45 -4.23 3.14
N VAL A 47 41.75 -3.95 3.14
CA VAL A 47 42.56 -4.09 1.94
C VAL A 47 42.78 -5.56 1.61
N GLU A 48 42.87 -5.88 0.32
CA GLU A 48 43.03 -7.25 -0.11
C GLU A 48 44.45 -7.76 0.08
N GLU A 49 44.62 -9.05 -0.09
CA GLU A 49 45.87 -9.74 0.23
C GLU A 49 46.99 -9.39 -0.76
N ILE A 50 46.59 -9.01 -1.97
CA ILE A 50 47.53 -8.83 -3.07
C ILE A 50 48.47 -7.63 -2.86
N LYS A 51 48.17 -6.78 -1.91
CA LYS A 51 48.99 -5.59 -1.68
C LYS A 51 50.21 -5.94 -0.84
N LYS A 52 51.36 -5.48 -1.28
CA LYS A 52 52.60 -5.73 -0.58
C LYS A 52 53.57 -4.56 -0.76
N ILE A 53 54.50 -4.44 0.18
CA ILE A 53 55.57 -3.49 0.06
C ILE A 53 56.64 -4.07 -0.86
N ARG A 54 57.44 -3.23 -1.50
CA ARG A 54 58.50 -3.71 -2.37
C ARG A 54 59.63 -4.29 -1.52
N ASP A 55 59.78 -5.61 -1.58
CA ASP A 55 60.69 -6.33 -0.70
C ASP A 55 62.01 -6.64 -1.40
N GLY A 56 63.03 -6.88 -0.60
CA GLY A 56 64.35 -7.18 -1.11
C GLY A 56 65.30 -7.58 0.00
N THR A 57 65.72 -8.84 -0.02
CA THR A 57 66.67 -9.34 0.95
C THR A 57 67.70 -10.21 0.25
N TRP A 58 68.71 -10.67 0.97
CA TRP A 58 69.77 -11.44 0.35
C TRP A 58 69.81 -12.85 0.93
N MET A 59 70.23 -13.79 0.10
CA MET A 59 70.31 -15.18 0.49
C MET A 59 71.74 -15.65 0.47
N SER A 60 72.17 -16.26 1.59
CA SER A 60 73.51 -16.82 1.75
C SER A 60 74.59 -15.74 1.63
N SER A 61 75.22 -15.44 2.75
CA SER A 61 76.26 -14.42 2.80
C SER A 61 77.62 -15.04 2.49
N LEU A 62 77.60 -16.22 1.87
CA LEU A 62 78.80 -17.00 1.59
C LEU A 62 79.54 -17.31 2.87
N GLU A 63 78.79 -17.44 3.96
CA GLU A 63 79.36 -17.68 5.28
C GLU A 63 79.79 -19.14 5.42
N HIS A 64 81.10 -19.35 5.43
CA HIS A 64 81.65 -20.67 5.70
C HIS A 64 82.37 -20.65 7.05
N HIS A 65 81.65 -21.03 8.09
CA HIS A 65 82.20 -21.03 9.43
C HIS A 65 82.70 -22.43 9.77
N HIS A 66 84.01 -22.58 9.76
CA HIS A 66 84.61 -23.89 9.91
C HIS A 66 84.79 -24.23 11.39
N HIS A 67 84.43 -25.46 11.75
CA HIS A 67 84.65 -25.95 13.09
C HIS A 67 85.90 -26.81 13.11
N HIS A 68 86.76 -26.59 14.10
CA HIS A 68 88.03 -27.29 14.15
C HIS A 68 87.91 -28.60 14.92
N HIS A 69 87.96 -29.70 14.20
CA HIS A 69 87.91 -31.02 14.79
C HIS A 69 88.34 -32.05 13.75
N MET B 1 3.58 -3.12 10.68
CA MET B 1 3.36 -4.54 10.33
C MET B 1 4.29 -4.96 9.19
N PRO B 2 4.66 -6.25 9.14
CA PRO B 2 5.45 -6.79 8.03
C PRO B 2 4.56 -7.30 6.89
N LYS B 3 3.85 -8.38 7.15
CA LYS B 3 2.87 -8.90 6.20
C LYS B 3 1.51 -9.00 6.87
N ILE B 4 0.47 -9.10 6.06
CA ILE B 4 -0.87 -9.30 6.57
C ILE B 4 -1.40 -10.65 6.13
N ILE B 5 -2.02 -11.35 7.05
CA ILE B 5 -2.67 -12.62 6.74
C ILE B 5 -4.15 -12.39 6.54
N GLU B 6 -4.82 -13.31 5.87
CA GLU B 6 -6.25 -13.19 5.67
C GLU B 6 -6.95 -14.44 6.16
N ALA B 7 -8.07 -14.26 6.85
CA ALA B 7 -8.74 -15.36 7.52
C ALA B 7 -10.24 -15.14 7.63
N VAL B 8 -10.93 -16.20 8.01
CA VAL B 8 -12.34 -16.14 8.28
C VAL B 8 -12.63 -16.74 9.65
N TYR B 9 -13.50 -16.09 10.42
CA TYR B 9 -13.90 -16.53 11.74
C TYR B 9 -14.51 -17.92 11.72
N GLU B 10 -14.45 -18.57 12.86
CA GLU B 10 -15.15 -19.80 13.07
C GLU B 10 -15.63 -19.84 14.48
N ASN B 11 -16.88 -19.50 14.63
CA ASN B 11 -17.53 -19.40 15.93
C ASN B 11 -16.75 -18.45 16.82
N GLY B 12 -16.12 -17.45 16.22
CA GLY B 12 -15.12 -16.74 16.95
C GLY B 12 -13.82 -16.69 16.19
N VAL B 13 -13.21 -17.85 16.09
CA VAL B 13 -11.76 -17.96 15.88
C VAL B 13 -11.41 -18.06 14.42
N PHE B 14 -10.33 -17.42 14.04
CA PHE B 14 -10.04 -17.17 12.64
C PHE B 14 -9.26 -18.30 12.01
N LYS B 15 -9.79 -18.83 10.91
CA LYS B 15 -9.06 -19.75 10.08
C LYS B 15 -8.61 -19.02 8.84
N PRO B 16 -7.31 -18.82 8.66
CA PRO B 16 -6.84 -18.09 7.51
C PRO B 16 -6.87 -18.90 6.23
N LEU B 17 -6.64 -18.19 5.15
CA LEU B 17 -6.36 -18.81 3.87
C LEU B 17 -4.86 -18.97 3.83
N GLN B 18 -4.24 -18.12 4.63
CA GLN B 18 -2.84 -18.22 5.02
C GLN B 18 -1.86 -18.57 3.92
N LYS B 19 -1.17 -19.69 4.10
CA LYS B 19 0.20 -19.85 3.71
C LYS B 19 1.01 -18.97 4.63
N VAL B 20 1.87 -18.11 4.13
CA VAL B 20 2.61 -17.19 5.00
C VAL B 20 3.64 -18.00 5.84
N ASP B 21 4.51 -17.31 6.56
CA ASP B 21 5.62 -17.96 7.27
C ASP B 21 5.57 -17.65 8.76
N LEU B 22 4.43 -17.16 9.19
CA LEU B 22 4.22 -16.79 10.59
C LEU B 22 3.86 -18.03 11.41
N LYS B 23 3.85 -17.89 12.74
CA LYS B 23 3.84 -19.06 13.59
C LYS B 23 2.87 -18.97 14.76
N GLU B 24 2.85 -20.04 15.56
CA GLU B 24 1.92 -20.15 16.67
C GLU B 24 2.36 -19.31 17.84
N GLY B 25 1.38 -18.78 18.53
CA GLY B 25 1.58 -17.71 19.46
C GLY B 25 2.20 -16.54 18.75
N GLU B 26 1.45 -15.98 17.83
CA GLU B 26 1.83 -14.76 17.15
C GLU B 26 0.81 -13.65 17.39
N ARG B 27 1.31 -12.44 17.58
CA ARG B 27 0.48 -11.30 17.93
C ARG B 27 -0.03 -10.60 16.69
N VAL B 28 -1.33 -10.44 16.63
CA VAL B 28 -1.97 -9.93 15.42
C VAL B 28 -3.07 -8.90 15.73
N LYS B 29 -3.22 -7.95 14.81
CA LYS B 29 -4.28 -6.95 14.85
C LYS B 29 -5.16 -7.12 13.63
N ILE B 30 -6.45 -7.00 13.84
CA ILE B 30 -7.41 -7.38 12.81
C ILE B 30 -8.23 -6.19 12.36
N LYS B 31 -8.61 -6.22 11.11
CA LYS B 31 -9.59 -5.31 10.58
C LYS B 31 -10.52 -6.10 9.70
N LEU B 32 -11.67 -5.55 9.42
CA LEU B 32 -12.70 -6.27 8.72
C LEU B 32 -12.98 -5.65 7.38
N GLU B 33 -13.14 -6.49 6.37
CA GLU B 33 -13.51 -6.04 5.06
C GLU B 33 -15.01 -6.14 4.91
N LEU B 34 -15.58 -5.19 4.23
CA LEU B 34 -17.02 -5.11 4.08
C LEU B 34 -17.42 -4.93 2.63
N LYS B 35 -18.66 -5.21 2.35
CA LYS B 35 -19.20 -5.01 1.03
C LYS B 35 -19.68 -3.58 0.87
N VAL B 36 -19.79 -3.16 -0.37
CA VAL B 36 -20.32 -1.86 -0.70
C VAL B 36 -21.74 -2.02 -1.22
N GLU B 37 -22.55 -1.00 -1.00
CA GLU B 37 -23.91 -1.01 -1.47
C GLU B 37 -23.90 -0.97 -3.00
N PRO B 38 -24.31 -2.08 -3.64
CA PRO B 38 -24.15 -2.26 -5.08
C PRO B 38 -25.15 -1.47 -5.90
N ILE B 39 -24.95 -1.51 -7.21
CA ILE B 39 -25.81 -0.82 -8.14
C ILE B 39 -27.11 -1.59 -8.35
N ASP B 40 -28.03 -1.00 -9.08
CA ASP B 40 -29.30 -1.63 -9.37
C ASP B 40 -29.21 -2.49 -10.63
N LEU B 41 -29.78 -3.68 -10.58
CA LEU B 41 -29.71 -4.61 -11.70
C LEU B 41 -31.09 -4.75 -12.34
N GLY B 42 -31.10 -4.90 -13.66
CA GLY B 42 -32.35 -5.06 -14.38
C GLY B 42 -32.44 -6.41 -15.02
N GLU B 43 -33.39 -7.19 -14.56
CA GLU B 43 -33.61 -8.54 -15.05
C GLU B 43 -34.19 -8.52 -16.46
N PRO B 44 -33.54 -9.21 -17.41
CA PRO B 44 -33.97 -9.27 -18.80
C PRO B 44 -35.20 -10.17 -18.99
N VAL B 45 -35.75 -10.16 -20.19
CA VAL B 45 -36.93 -10.97 -20.49
C VAL B 45 -36.62 -11.91 -21.65
N SER B 46 -37.31 -13.04 -21.68
CA SER B 46 -37.18 -13.99 -22.76
C SER B 46 -38.55 -14.28 -23.35
N VAL B 47 -38.57 -14.94 -24.50
CA VAL B 47 -39.82 -15.25 -25.18
C VAL B 47 -39.85 -16.70 -25.62
N GLU B 48 -40.90 -17.42 -25.26
CA GLU B 48 -41.07 -18.80 -25.70
C GLU B 48 -42.10 -18.83 -26.81
N GLU B 49 -41.61 -18.95 -28.02
CA GLU B 49 -42.47 -18.93 -29.22
C GLU B 49 -43.02 -20.31 -29.53
N ILE B 50 -42.28 -21.31 -29.10
CA ILE B 50 -42.64 -22.71 -29.34
C ILE B 50 -43.63 -23.19 -28.27
N LYS B 51 -43.96 -22.30 -27.36
CA LYS B 51 -44.81 -22.63 -26.23
C LYS B 51 -46.28 -22.64 -26.66
N LYS B 52 -46.98 -23.70 -26.27
CA LYS B 52 -48.36 -23.88 -26.65
C LYS B 52 -49.19 -24.35 -25.45
N ILE B 53 -50.48 -24.08 -25.49
CA ILE B 53 -51.42 -24.63 -24.53
C ILE B 53 -52.12 -25.84 -25.13
N ARG B 54 -51.68 -27.03 -24.73
CA ARG B 54 -52.22 -28.27 -25.28
C ARG B 54 -53.36 -28.80 -24.44
N ASP B 55 -54.23 -29.58 -25.06
CA ASP B 55 -55.34 -30.24 -24.38
C ASP B 55 -55.83 -31.42 -25.21
N GLY B 56 -56.43 -32.39 -24.54
CA GLY B 56 -56.96 -33.55 -25.22
C GLY B 56 -58.35 -33.90 -24.74
N THR B 57 -59.20 -34.36 -25.63
CA THR B 57 -60.57 -34.69 -25.27
C THR B 57 -60.90 -36.13 -25.66
N TRP B 58 -62.03 -36.63 -25.18
CA TRP B 58 -62.45 -37.99 -25.43
C TRP B 58 -63.88 -38.02 -25.94
N MET B 59 -64.16 -38.91 -26.89
CA MET B 59 -65.49 -39.02 -27.47
C MET B 59 -66.03 -40.43 -27.32
N SER B 60 -67.20 -40.54 -26.72
CA SER B 60 -67.85 -41.83 -26.56
C SER B 60 -68.57 -42.23 -27.85
N SER B 61 -68.49 -43.51 -28.17
CA SER B 61 -69.12 -44.03 -29.37
C SER B 61 -70.41 -44.75 -29.01
N LEU B 62 -70.94 -44.40 -27.83
CA LEU B 62 -72.14 -45.01 -27.27
C LEU B 62 -71.90 -46.48 -26.94
N GLU B 63 -72.97 -47.22 -26.64
CA GLU B 63 -72.83 -48.62 -26.25
C GLU B 63 -74.03 -49.42 -26.75
N HIS B 64 -73.94 -50.75 -26.64
CA HIS B 64 -74.97 -51.64 -27.15
C HIS B 64 -76.19 -51.63 -26.24
N HIS B 65 -77.38 -51.80 -26.84
CA HIS B 65 -78.62 -51.80 -26.09
C HIS B 65 -79.57 -52.84 -26.66
N HIS B 66 -80.51 -53.30 -25.85
CA HIS B 66 -81.47 -54.30 -26.29
C HIS B 66 -82.89 -53.93 -25.92
N HIS B 67 -83.63 -53.40 -26.87
CA HIS B 67 -85.04 -53.13 -26.69
C HIS B 67 -85.82 -54.17 -27.49
N HIS B 68 -86.31 -55.19 -26.80
CA HIS B 68 -86.87 -56.38 -27.45
C HIS B 68 -87.92 -56.03 -28.50
N HIS B 69 -88.84 -55.15 -28.15
CA HIS B 69 -89.85 -54.72 -29.09
C HIS B 69 -90.02 -53.21 -29.01
N MET A 1 -17.58 2.94 18.77
CA MET A 1 -17.11 2.68 17.39
C MET A 1 -16.48 1.30 17.30
N PRO A 2 -16.71 0.58 16.18
CA PRO A 2 -16.13 -0.75 15.95
C PRO A 2 -14.65 -0.83 16.34
N LYS A 3 -14.36 -1.71 17.29
CA LYS A 3 -12.99 -1.92 17.74
C LYS A 3 -12.24 -2.82 16.78
N ILE A 4 -10.93 -2.79 16.87
CA ILE A 4 -10.12 -3.78 16.21
C ILE A 4 -9.97 -4.98 17.13
N ILE A 5 -9.95 -6.16 16.55
CA ILE A 5 -9.81 -7.35 17.35
C ILE A 5 -8.34 -7.63 17.59
N GLU A 6 -8.05 -8.25 18.70
CA GLU A 6 -6.70 -8.58 19.09
C GLU A 6 -6.64 -10.08 19.33
N ALA A 7 -5.73 -10.75 18.67
CA ALA A 7 -5.70 -12.21 18.70
C ALA A 7 -4.28 -12.74 18.75
N VAL A 8 -4.15 -14.04 18.99
CA VAL A 8 -2.89 -14.72 18.97
C VAL A 8 -2.96 -15.97 18.10
N TYR A 9 -1.99 -16.12 17.22
CA TYR A 9 -1.85 -17.36 16.46
C TYR A 9 -1.28 -18.41 17.37
N GLU A 10 -2.05 -19.47 17.56
CA GLU A 10 -1.75 -20.56 18.46
C GLU A 10 -2.50 -21.80 17.98
N ASN A 11 -1.83 -22.96 18.02
CA ASN A 11 -2.45 -24.24 17.65
C ASN A 11 -2.81 -24.24 16.16
N GLY A 12 -2.09 -23.43 15.38
CA GLY A 12 -2.41 -23.28 13.98
C GLY A 12 -3.70 -22.52 13.76
N VAL A 13 -4.09 -21.76 14.78
CA VAL A 13 -5.34 -21.02 14.76
C VAL A 13 -5.09 -19.59 15.21
N PHE A 14 -5.97 -18.68 14.90
CA PHE A 14 -5.91 -17.36 15.48
C PHE A 14 -7.06 -17.19 16.46
N LYS A 15 -6.72 -17.04 17.73
CA LYS A 15 -7.71 -16.86 18.77
C LYS A 15 -7.59 -15.47 19.35
N PRO A 16 -8.68 -14.71 19.38
CA PRO A 16 -8.66 -13.39 19.98
C PRO A 16 -8.36 -13.43 21.47
N LEU A 17 -8.13 -12.26 22.03
CA LEU A 17 -7.94 -12.10 23.46
C LEU A 17 -9.21 -11.49 24.02
N GLN A 18 -10.09 -11.17 23.08
CA GLN A 18 -11.40 -10.63 23.38
C GLN A 18 -12.43 -11.33 22.52
N LYS A 19 -13.49 -11.82 23.13
CA LYS A 19 -14.52 -12.51 22.39
C LYS A 19 -15.28 -11.53 21.51
N VAL A 20 -15.41 -11.89 20.26
CA VAL A 20 -16.15 -11.10 19.30
C VAL A 20 -17.33 -11.89 18.79
N ASP A 21 -18.38 -11.17 18.47
CA ASP A 21 -19.66 -11.77 18.15
C ASP A 21 -19.91 -11.72 16.64
N LEU A 22 -18.81 -11.66 15.90
CA LEU A 22 -18.87 -11.64 14.44
C LEU A 22 -19.39 -12.96 13.89
N LYS A 23 -19.52 -13.03 12.56
CA LYS A 23 -20.11 -14.18 11.92
C LYS A 23 -19.08 -15.18 11.44
N GLU A 24 -19.58 -16.34 11.01
CA GLU A 24 -18.75 -17.37 10.44
C GLU A 24 -18.41 -17.00 9.01
N GLY A 25 -17.16 -17.14 8.65
CA GLY A 25 -16.72 -16.79 7.32
C GLY A 25 -16.58 -15.29 7.17
N GLU A 26 -16.53 -14.59 8.30
CA GLU A 26 -16.36 -13.14 8.28
C GLU A 26 -14.96 -12.78 7.78
N ARG A 27 -14.93 -11.79 6.89
CA ARG A 27 -13.74 -11.47 6.11
C ARG A 27 -12.80 -10.52 6.82
N VAL A 28 -11.76 -11.12 7.33
CA VAL A 28 -10.77 -10.41 8.11
C VAL A 28 -9.37 -10.68 7.58
N LYS A 29 -8.46 -9.73 7.77
CA LYS A 29 -7.07 -9.94 7.39
C LYS A 29 -6.17 -9.59 8.55
N ILE A 30 -5.21 -10.45 8.78
CA ILE A 30 -4.39 -10.40 9.99
C ILE A 30 -3.02 -9.84 9.69
N LYS A 31 -2.53 -9.08 10.64
CA LYS A 31 -1.22 -8.48 10.57
C LYS A 31 -0.55 -8.60 11.91
N LEU A 32 0.77 -8.54 11.89
CA LEU A 32 1.54 -8.47 13.12
C LEU A 32 1.62 -7.01 13.49
N GLU A 33 1.01 -6.66 14.60
CA GLU A 33 0.67 -5.27 14.83
C GLU A 33 1.73 -4.50 15.59
N LEU A 34 1.85 -3.25 15.18
CA LEU A 34 2.80 -2.32 15.74
C LEU A 34 2.10 -1.30 16.63
N LYS A 35 2.81 -0.24 16.96
CA LYS A 35 2.23 0.92 17.61
C LYS A 35 2.59 2.14 16.78
N VAL A 36 1.93 3.26 17.02
CA VAL A 36 2.21 4.47 16.26
C VAL A 36 3.63 4.97 16.49
N GLU A 37 4.35 5.13 15.40
CA GLU A 37 5.75 5.48 15.45
C GLU A 37 5.96 6.97 15.16
N PRO A 38 6.99 7.57 15.76
CA PRO A 38 7.35 8.96 15.50
C PRO A 38 8.05 9.13 14.16
N ILE A 39 8.67 10.28 13.94
CA ILE A 39 9.37 10.56 12.69
C ILE A 39 10.65 9.73 12.57
N ASP A 40 10.96 9.32 11.36
CA ASP A 40 12.17 8.55 11.09
C ASP A 40 12.97 9.19 9.96
N LEU A 41 12.36 10.16 9.30
CA LEU A 41 12.98 10.82 8.17
C LEU A 41 13.52 12.20 8.53
N GLY A 42 14.04 12.91 7.54
CA GLY A 42 14.59 14.23 7.76
C GLY A 42 14.45 15.08 6.52
N GLU A 43 13.93 16.29 6.70
CA GLU A 43 13.71 17.20 5.60
C GLU A 43 15.01 17.89 5.18
N PRO A 44 15.24 17.98 3.86
CA PRO A 44 16.46 18.59 3.30
C PRO A 44 16.55 20.09 3.53
N VAL A 45 17.74 20.64 3.31
CA VAL A 45 17.99 22.06 3.52
C VAL A 45 17.61 22.85 2.26
N SER A 46 17.35 24.14 2.43
CA SER A 46 16.95 25.00 1.32
C SER A 46 18.18 25.54 0.57
N VAL A 47 17.95 26.11 -0.60
CA VAL A 47 19.00 26.64 -1.44
C VAL A 47 19.67 27.86 -0.81
N GLU A 48 21.00 27.88 -0.83
CA GLU A 48 21.78 28.92 -0.16
C GLU A 48 22.00 30.13 -1.05
N GLU A 49 22.16 29.88 -2.35
CA GLU A 49 22.58 30.90 -3.30
C GLU A 49 21.54 31.99 -3.49
N ILE A 50 20.29 31.65 -3.23
CA ILE A 50 19.17 32.55 -3.49
C ILE A 50 19.08 33.67 -2.45
N LYS A 51 19.86 33.55 -1.39
CA LYS A 51 19.78 34.51 -0.29
C LYS A 51 20.72 35.70 -0.52
N LYS A 52 21.50 35.61 -1.58
CA LYS A 52 22.47 36.63 -1.95
C LYS A 52 23.59 36.78 -0.90
N ILE A 53 24.74 37.30 -1.32
CA ILE A 53 25.86 37.54 -0.44
C ILE A 53 25.54 38.63 0.59
N ARG A 54 26.36 38.73 1.64
CA ARG A 54 26.13 39.70 2.71
C ARG A 54 26.43 41.12 2.22
N ASP A 55 27.69 41.39 1.97
CA ASP A 55 28.11 42.71 1.52
C ASP A 55 29.09 42.59 0.36
N GLY A 56 29.51 43.72 -0.18
CA GLY A 56 30.33 43.70 -1.38
C GLY A 56 29.50 43.59 -2.63
N THR A 57 28.27 44.08 -2.54
CA THR A 57 27.35 44.07 -3.66
C THR A 57 27.33 45.44 -4.35
N TRP A 58 26.35 45.67 -5.21
CA TRP A 58 26.23 46.90 -5.95
C TRP A 58 25.83 48.05 -5.03
N MET A 59 26.08 49.27 -5.50
CA MET A 59 25.70 50.47 -4.78
C MET A 59 24.99 51.43 -5.71
N SER A 60 23.83 51.91 -5.30
CA SER A 60 23.05 52.84 -6.09
C SER A 60 23.39 54.27 -5.71
N SER A 61 23.39 55.15 -6.71
CA SER A 61 23.66 56.55 -6.49
C SER A 61 22.37 57.29 -6.10
N LEU A 62 21.30 56.51 -5.96
CA LEU A 62 19.98 57.00 -5.62
C LEU A 62 19.43 57.94 -6.69
N GLU A 63 18.45 57.45 -7.44
CA GLU A 63 17.83 58.25 -8.47
C GLU A 63 17.01 59.37 -7.86
N HIS A 64 17.56 60.57 -7.90
CA HIS A 64 16.81 61.74 -7.48
C HIS A 64 15.95 62.20 -8.63
N HIS A 65 14.73 62.62 -8.34
CA HIS A 65 13.77 62.95 -9.39
C HIS A 65 14.27 64.15 -10.20
N HIS A 66 14.71 63.89 -11.43
CA HIS A 66 15.28 64.93 -12.28
C HIS A 66 14.25 66.01 -12.56
N HIS A 67 14.70 67.25 -12.52
CA HIS A 67 13.83 68.40 -12.67
C HIS A 67 14.59 69.54 -13.33
N HIS A 68 13.89 70.33 -14.14
CA HIS A 68 14.52 71.44 -14.86
C HIS A 68 14.26 72.76 -14.14
N HIS A 69 13.83 72.66 -12.89
CA HIS A 69 13.59 73.81 -12.06
C HIS A 69 13.76 73.42 -10.60
N MET B 1 8.09 -5.17 2.95
CA MET B 1 6.61 -5.31 2.93
C MET B 1 6.17 -6.52 3.72
N PRO B 2 5.52 -6.30 4.87
CA PRO B 2 4.95 -7.38 5.67
C PRO B 2 3.58 -7.79 5.12
N LYS B 3 3.50 -9.01 4.59
CA LYS B 3 2.26 -9.49 4.00
C LYS B 3 1.22 -9.76 5.08
N ILE B 4 -0.03 -9.63 4.70
CA ILE B 4 -1.12 -9.85 5.60
C ILE B 4 -1.77 -11.20 5.33
N ILE B 5 -2.19 -11.86 6.39
CA ILE B 5 -2.84 -13.16 6.26
C ILE B 5 -4.33 -12.97 6.04
N GLU B 6 -4.96 -13.90 5.35
CA GLU B 6 -6.36 -13.80 5.09
C GLU B 6 -7.06 -14.94 5.81
N ALA B 7 -7.94 -14.59 6.72
CA ALA B 7 -8.59 -15.56 7.56
C ALA B 7 -10.09 -15.30 7.63
N VAL B 8 -10.81 -16.29 8.11
CA VAL B 8 -12.23 -16.14 8.36
C VAL B 8 -12.56 -16.57 9.78
N TYR B 9 -13.35 -15.74 10.44
CA TYR B 9 -13.92 -16.09 11.75
C TYR B 9 -14.87 -17.25 11.54
N GLU B 10 -14.38 -18.43 11.85
CA GLU B 10 -15.05 -19.65 11.51
C GLU B 10 -15.36 -20.43 12.76
N ASN B 11 -16.64 -20.66 12.96
CA ASN B 11 -17.13 -21.38 14.13
C ASN B 11 -16.60 -20.80 15.42
N GLY B 12 -16.41 -19.50 15.45
CA GLY B 12 -15.70 -18.96 16.57
C GLY B 12 -14.50 -18.17 16.14
N VAL B 13 -13.52 -18.90 15.66
CA VAL B 13 -12.13 -18.46 15.69
C VAL B 13 -11.68 -17.91 14.35
N PHE B 14 -10.48 -17.32 14.30
CA PHE B 14 -9.93 -16.88 13.05
C PHE B 14 -9.15 -18.01 12.41
N LYS B 15 -9.63 -18.47 11.27
CA LYS B 15 -9.00 -19.56 10.56
C LYS B 15 -8.49 -19.06 9.23
N PRO B 16 -7.16 -19.00 9.07
CA PRO B 16 -6.56 -18.51 7.85
C PRO B 16 -6.90 -19.36 6.66
N LEU B 17 -6.62 -18.81 5.53
CA LEU B 17 -6.84 -19.45 4.26
C LEU B 17 -5.57 -19.37 3.45
N GLN B 18 -4.76 -18.39 3.82
CA GLN B 18 -3.41 -18.27 3.33
C GLN B 18 -2.49 -18.89 4.37
N LYS B 19 -1.44 -19.55 3.91
CA LYS B 19 -0.49 -20.18 4.83
C LYS B 19 0.20 -19.13 5.69
N VAL B 20 0.65 -19.54 6.85
CA VAL B 20 1.31 -18.62 7.75
C VAL B 20 2.81 -18.78 7.62
N ASP B 21 3.48 -17.71 7.94
CA ASP B 21 4.93 -17.66 7.90
C ASP B 21 5.41 -17.18 9.25
N LEU B 22 4.49 -17.20 10.18
CA LEU B 22 4.71 -16.70 11.51
C LEU B 22 4.85 -17.85 12.50
N LYS B 23 4.85 -17.54 13.78
CA LYS B 23 4.98 -18.57 14.79
C LYS B 23 3.79 -18.58 15.72
N GLU B 24 3.59 -19.69 16.41
CA GLU B 24 2.56 -19.80 17.39
C GLU B 24 2.92 -19.01 18.63
N GLY B 25 1.98 -18.27 19.14
CA GLY B 25 2.24 -17.35 20.21
C GLY B 25 2.51 -15.97 19.66
N GLU B 26 2.08 -15.72 18.43
CA GLU B 26 2.37 -14.44 17.77
C GLU B 26 1.25 -13.43 17.95
N ARG B 27 1.62 -12.16 18.07
CA ARG B 27 0.67 -11.10 18.41
C ARG B 27 0.17 -10.33 17.19
N VAL B 28 -1.08 -10.53 16.96
CA VAL B 28 -1.74 -10.00 15.77
C VAL B 28 -3.03 -9.29 16.13
N LYS B 29 -3.51 -8.47 15.20
CA LYS B 29 -4.78 -7.82 15.35
C LYS B 29 -5.56 -7.97 14.08
N ILE B 30 -6.86 -7.96 14.23
CA ILE B 30 -7.75 -8.31 13.15
C ILE B 30 -8.76 -7.23 12.95
N LYS B 31 -9.05 -6.95 11.70
CA LYS B 31 -10.10 -6.08 11.32
C LYS B 31 -10.73 -6.60 10.06
N LEU B 32 -11.89 -6.09 9.76
CA LEU B 32 -12.66 -6.53 8.61
C LEU B 32 -12.36 -5.62 7.46
N GLU B 33 -11.89 -6.20 6.37
CA GLU B 33 -11.41 -5.41 5.26
C GLU B 33 -12.56 -4.77 4.51
N LEU B 34 -12.32 -3.57 4.03
CA LEU B 34 -13.37 -2.78 3.42
C LEU B 34 -13.32 -2.86 1.90
N LYS B 35 -14.26 -2.16 1.30
CA LYS B 35 -14.39 -2.07 -0.13
C LYS B 35 -13.40 -1.06 -0.71
N VAL B 36 -13.32 -1.02 -2.03
CA VAL B 36 -12.66 0.07 -2.71
C VAL B 36 -13.71 0.92 -3.39
N GLU B 37 -13.44 2.20 -3.52
CA GLU B 37 -14.38 3.11 -4.12
C GLU B 37 -14.12 3.26 -5.62
N PRO B 38 -15.16 3.57 -6.40
CA PRO B 38 -15.04 3.69 -7.86
C PRO B 38 -14.16 4.85 -8.28
N ILE B 39 -13.93 4.91 -9.58
CA ILE B 39 -13.08 5.91 -10.17
C ILE B 39 -13.90 7.08 -10.70
N ASP B 40 -13.21 8.13 -11.11
CA ASP B 40 -13.86 9.31 -11.65
C ASP B 40 -14.15 9.14 -13.14
N LEU B 41 -15.35 9.49 -13.55
CA LEU B 41 -15.74 9.41 -14.94
C LEU B 41 -16.51 10.67 -15.35
N GLY B 42 -16.74 10.83 -16.65
CA GLY B 42 -17.39 12.02 -17.14
C GLY B 42 -18.90 11.91 -17.19
N GLU B 43 -19.47 12.57 -18.17
CA GLU B 43 -20.92 12.68 -18.31
C GLU B 43 -21.48 11.58 -19.20
N PRO B 44 -22.66 11.06 -18.87
CA PRO B 44 -23.36 10.07 -19.68
C PRO B 44 -24.06 10.73 -20.87
N VAL B 45 -23.84 10.19 -22.06
CA VAL B 45 -24.44 10.76 -23.27
C VAL B 45 -25.93 10.44 -23.35
N SER B 46 -26.66 11.39 -23.88
CA SER B 46 -28.11 11.30 -23.98
C SER B 46 -28.52 11.00 -25.42
N VAL B 47 -29.80 10.71 -25.61
CA VAL B 47 -30.34 10.44 -26.94
C VAL B 47 -31.66 11.17 -27.13
N GLU B 48 -31.95 11.57 -28.36
CA GLU B 48 -33.22 12.23 -28.67
C GLU B 48 -34.31 11.21 -28.94
N GLU B 49 -35.42 11.38 -28.24
CA GLU B 49 -36.55 10.48 -28.35
C GLU B 49 -37.45 10.88 -29.52
N ILE B 50 -37.39 12.15 -29.87
CA ILE B 50 -38.23 12.72 -30.94
C ILE B 50 -37.78 12.24 -32.32
N LYS B 51 -36.69 11.50 -32.35
CA LYS B 51 -36.13 11.00 -33.59
C LYS B 51 -37.00 9.89 -34.20
N LYS B 52 -37.27 10.01 -35.49
CA LYS B 52 -38.01 9.01 -36.21
C LYS B 52 -37.59 9.00 -37.68
N ILE B 53 -36.79 8.01 -38.06
CA ILE B 53 -36.31 7.89 -39.43
C ILE B 53 -36.28 6.43 -39.86
N ARG B 54 -37.12 6.08 -40.83
CA ARG B 54 -37.13 4.74 -41.36
C ARG B 54 -36.19 4.66 -42.58
N ASP B 55 -36.39 5.56 -43.52
CA ASP B 55 -35.55 5.62 -44.71
C ASP B 55 -35.28 7.08 -45.08
N GLY B 56 -34.37 7.29 -46.02
CA GLY B 56 -34.04 8.63 -46.46
C GLY B 56 -34.92 9.08 -47.59
N THR B 57 -34.38 9.08 -48.80
CA THR B 57 -35.17 9.39 -49.98
C THR B 57 -34.51 8.82 -51.23
N TRP B 58 -35.35 8.36 -52.14
CA TRP B 58 -34.88 7.80 -53.40
C TRP B 58 -35.99 7.87 -54.44
N MET B 59 -35.63 8.28 -55.64
CA MET B 59 -36.57 8.41 -56.73
C MET B 59 -36.24 7.42 -57.84
N SER B 60 -37.14 7.29 -58.80
CA SER B 60 -36.94 6.39 -59.92
C SER B 60 -37.63 6.96 -61.16
N SER B 61 -37.64 6.18 -62.23
CA SER B 61 -38.24 6.61 -63.49
C SER B 61 -39.75 6.33 -63.50
N LEU B 62 -40.26 5.88 -62.35
CA LEU B 62 -41.66 5.54 -62.17
C LEU B 62 -42.09 4.43 -63.12
N GLU B 63 -43.39 4.23 -63.25
CA GLU B 63 -43.91 3.20 -64.13
C GLU B 63 -44.36 3.82 -65.45
N HIS B 64 -44.18 3.07 -66.52
CA HIS B 64 -44.51 3.53 -67.86
C HIS B 64 -44.48 2.36 -68.84
N HIS B 65 -45.63 1.95 -69.33
CA HIS B 65 -45.71 0.85 -70.27
C HIS B 65 -46.18 1.36 -71.62
N HIS B 66 -45.49 0.96 -72.68
CA HIS B 66 -45.81 1.44 -74.01
C HIS B 66 -45.28 0.49 -75.08
N HIS B 67 -46.18 -0.36 -75.59
CA HIS B 67 -45.90 -1.22 -76.74
C HIS B 67 -47.13 -2.07 -76.99
N HIS B 68 -47.25 -2.61 -78.20
CA HIS B 68 -48.38 -3.46 -78.53
C HIS B 68 -47.89 -4.75 -79.20
N HIS B 69 -47.98 -4.79 -80.52
CA HIS B 69 -47.52 -5.95 -81.27
C HIS B 69 -47.47 -5.61 -82.76
N MET A 1 -17.71 2.93 14.86
CA MET A 1 -16.51 2.88 15.73
C MET A 1 -15.47 1.92 15.17
N PRO A 2 -14.28 2.42 14.83
CA PRO A 2 -13.19 1.60 14.32
C PRO A 2 -12.31 1.06 15.44
N LYS A 3 -12.57 -0.16 15.86
CA LYS A 3 -11.80 -0.78 16.93
C LYS A 3 -11.33 -2.17 16.51
N ILE A 4 -10.18 -2.56 17.04
CA ILE A 4 -9.61 -3.85 16.74
C ILE A 4 -9.57 -4.73 17.97
N ILE A 5 -9.87 -6.00 17.79
CA ILE A 5 -9.74 -6.98 18.86
C ILE A 5 -8.44 -7.75 18.63
N GLU A 6 -7.89 -8.33 19.68
CA GLU A 6 -6.65 -9.06 19.56
C GLU A 6 -6.89 -10.55 19.45
N ALA A 7 -5.94 -11.24 18.83
CA ALA A 7 -5.96 -12.69 18.73
C ALA A 7 -4.52 -13.19 18.68
N VAL A 8 -4.28 -14.34 19.29
CA VAL A 8 -2.96 -14.93 19.29
C VAL A 8 -2.95 -16.19 18.45
N TYR A 9 -1.98 -16.29 17.59
CA TYR A 9 -1.83 -17.42 16.68
C TYR A 9 -1.02 -18.51 17.35
N GLU A 10 -1.69 -19.61 17.62
CA GLU A 10 -1.11 -20.78 18.24
C GLU A 10 -1.63 -22.02 17.54
N ASN A 11 -0.75 -22.98 17.30
CA ASN A 11 -1.13 -24.29 16.77
C ASN A 11 -1.61 -24.20 15.33
N GLY A 12 -1.25 -23.10 14.68
CA GLY A 12 -1.72 -22.85 13.33
C GLY A 12 -3.07 -22.19 13.31
N VAL A 13 -3.46 -21.64 14.45
CA VAL A 13 -4.77 -21.03 14.62
C VAL A 13 -4.64 -19.62 15.12
N PHE A 14 -5.57 -18.74 14.75
CA PHE A 14 -5.69 -17.47 15.43
C PHE A 14 -6.76 -17.60 16.51
N LYS A 15 -6.34 -17.47 17.75
CA LYS A 15 -7.24 -17.57 18.88
C LYS A 15 -7.41 -16.20 19.53
N PRO A 16 -8.58 -15.58 19.36
CA PRO A 16 -8.87 -14.26 19.93
C PRO A 16 -8.50 -14.08 21.39
N LEU A 17 -8.56 -12.83 21.77
CA LEU A 17 -8.56 -12.43 23.14
C LEU A 17 -9.90 -11.82 23.40
N GLN A 18 -10.82 -12.73 23.76
CA GLN A 18 -12.26 -12.53 23.93
C GLN A 18 -12.98 -12.57 22.58
N LYS A 19 -14.23 -13.04 22.64
CA LYS A 19 -14.99 -13.41 21.45
C LYS A 19 -15.34 -12.23 20.56
N VAL A 20 -15.48 -12.52 19.29
CA VAL A 20 -15.90 -11.53 18.30
C VAL A 20 -17.23 -11.90 17.77
N ASP A 21 -18.09 -10.93 17.65
CA ASP A 21 -19.39 -11.17 17.14
C ASP A 21 -19.36 -11.01 15.65
N LEU A 22 -19.03 -12.10 15.05
CA LEU A 22 -19.02 -12.25 13.62
C LEU A 22 -19.82 -13.48 13.24
N LYS A 23 -20.01 -13.68 11.94
CA LYS A 23 -20.63 -14.89 11.46
C LYS A 23 -19.57 -15.83 10.95
N GLU A 24 -19.86 -17.11 10.98
CA GLU A 24 -18.88 -18.12 10.66
C GLU A 24 -18.40 -17.97 9.23
N GLY A 25 -17.10 -17.95 9.09
CA GLY A 25 -16.45 -17.53 7.89
C GLY A 25 -16.80 -16.10 7.56
N GLU A 26 -16.35 -15.22 8.43
CA GLU A 26 -16.34 -13.79 8.17
C GLU A 26 -14.92 -13.36 7.85
N ARG A 27 -14.77 -12.43 6.91
CA ARG A 27 -13.43 -12.06 6.46
C ARG A 27 -12.85 -10.88 7.19
N VAL A 28 -11.66 -11.15 7.65
CA VAL A 28 -10.91 -10.24 8.48
C VAL A 28 -9.47 -10.24 7.99
N LYS A 29 -8.76 -9.17 8.25
CA LYS A 29 -7.40 -9.07 7.78
C LYS A 29 -6.44 -8.94 8.93
N ILE A 30 -5.29 -9.50 8.73
CA ILE A 30 -4.33 -9.67 9.80
C ILE A 30 -3.10 -8.82 9.57
N LYS A 31 -2.60 -8.30 10.66
CA LYS A 31 -1.38 -7.56 10.68
C LYS A 31 -0.80 -7.64 12.08
N LEU A 32 0.50 -7.54 12.15
CA LEU A 32 1.24 -7.79 13.37
C LEU A 32 1.53 -6.48 14.06
N GLU A 33 1.14 -6.37 15.31
CA GLU A 33 1.14 -5.08 15.97
C GLU A 33 2.46 -4.77 16.65
N LEU A 34 2.77 -3.48 16.74
CA LEU A 34 4.06 -3.02 17.24
C LEU A 34 3.92 -2.25 18.54
N LYS A 35 5.04 -1.67 18.95
CA LYS A 35 5.13 -0.89 20.17
C LYS A 35 4.88 0.59 19.89
N VAL A 36 4.77 1.37 20.96
CA VAL A 36 4.66 2.82 20.84
C VAL A 36 5.92 3.48 21.43
N GLU A 37 6.21 4.68 20.97
CA GLU A 37 7.38 5.41 21.42
C GLU A 37 7.07 6.23 22.68
N PRO A 38 7.94 6.14 23.69
CA PRO A 38 7.74 6.79 24.98
C PRO A 38 8.13 8.28 24.96
N ILE A 39 8.14 8.88 26.14
CA ILE A 39 8.42 10.29 26.29
C ILE A 39 9.92 10.56 26.34
N ASP A 40 10.29 11.81 26.14
CA ASP A 40 11.68 12.24 26.19
C ASP A 40 12.01 12.80 27.58
N LEU A 41 13.29 12.97 27.86
CA LEU A 41 13.74 13.43 29.17
C LEU A 41 13.53 14.94 29.35
N GLY A 42 13.64 15.40 30.59
CA GLY A 42 13.43 16.79 30.89
C GLY A 42 14.73 17.55 31.08
N GLU A 43 14.71 18.52 31.98
CA GLU A 43 15.84 19.40 32.19
C GLU A 43 16.11 19.60 33.68
N PRO A 44 17.36 19.98 34.05
CA PRO A 44 17.74 20.22 35.44
C PRO A 44 17.21 21.56 35.97
N VAL A 45 17.52 21.85 37.23
CA VAL A 45 17.07 23.08 37.87
C VAL A 45 18.23 24.08 37.94
N SER A 46 17.89 25.36 38.03
CA SER A 46 18.89 26.41 38.06
C SER A 46 19.11 26.92 39.49
N VAL A 47 19.89 27.98 39.61
CA VAL A 47 20.17 28.58 40.91
C VAL A 47 19.50 29.94 41.03
N GLU A 48 18.76 30.13 42.11
CA GLU A 48 18.04 31.36 42.35
C GLU A 48 18.81 32.27 43.29
N GLU A 49 18.33 33.50 43.44
CA GLU A 49 18.93 34.47 44.34
C GLU A 49 18.41 34.27 45.75
N ILE A 50 17.23 33.67 45.84
CA ILE A 50 16.61 33.39 47.14
C ILE A 50 17.39 32.28 47.87
N LYS A 51 18.23 31.58 47.12
CA LYS A 51 19.11 30.59 47.66
C LYS A 51 20.33 31.27 48.28
N LYS A 52 20.94 30.63 49.27
CA LYS A 52 21.93 31.30 50.10
C LYS A 52 23.12 31.84 49.28
N ILE A 53 23.34 33.14 49.39
CA ILE A 53 24.43 33.81 48.75
C ILE A 53 25.17 34.64 49.79
N ARG A 54 26.50 34.69 49.70
CA ARG A 54 27.30 35.42 50.67
C ARG A 54 27.78 36.75 50.11
N ASP A 55 28.60 37.44 50.91
CA ASP A 55 29.14 38.76 50.59
C ASP A 55 28.06 39.83 50.71
N GLY A 56 28.36 41.05 50.30
CA GLY A 56 27.41 42.14 50.47
C GLY A 56 27.74 43.35 49.62
N THR A 57 27.43 44.54 50.14
CA THR A 57 27.62 45.78 49.41
C THR A 57 27.69 46.96 50.39
N TRP A 58 28.01 48.14 49.86
CA TRP A 58 28.15 49.34 50.68
C TRP A 58 26.90 50.20 50.60
N MET A 59 26.53 50.82 51.71
CA MET A 59 25.32 51.62 51.77
C MET A 59 25.66 53.10 51.89
N SER A 60 24.80 53.95 51.35
CA SER A 60 24.97 55.39 51.45
C SER A 60 24.28 55.90 52.72
N SER A 61 25.07 56.26 53.70
CA SER A 61 24.54 56.68 55.00
C SER A 61 24.38 58.19 55.09
N LEU A 62 24.33 58.84 53.92
CA LEU A 62 24.25 60.29 53.83
C LEU A 62 25.52 60.96 54.33
N GLU A 63 25.59 62.28 54.19
CA GLU A 63 26.77 63.02 54.56
C GLU A 63 26.45 64.17 55.53
N HIS A 64 27.40 65.07 55.73
CA HIS A 64 27.24 66.16 56.68
C HIS A 64 27.32 67.51 55.97
N HIS A 65 26.18 68.20 55.87
CA HIS A 65 26.11 69.53 55.25
C HIS A 65 26.51 69.49 53.78
N HIS A 66 25.52 69.39 52.91
CA HIS A 66 25.77 69.27 51.48
C HIS A 66 25.99 70.64 50.85
N HIS A 67 26.01 71.65 51.68
CA HIS A 67 26.27 73.01 51.22
C HIS A 67 27.77 73.19 51.04
N HIS A 68 28.27 72.88 49.86
CA HIS A 68 29.69 72.87 49.60
C HIS A 68 30.00 73.52 48.26
N HIS A 69 30.68 74.67 48.32
CA HIS A 69 31.12 75.36 47.12
C HIS A 69 32.65 75.37 47.07
N MET B 1 8.43 -4.78 2.06
CA MET B 1 6.96 -4.66 2.13
C MET B 1 6.33 -6.00 2.52
N PRO B 2 5.85 -6.12 3.76
CA PRO B 2 5.16 -7.32 4.21
C PRO B 2 3.73 -7.36 3.68
N LYS B 3 3.26 -8.56 3.35
CA LYS B 3 1.90 -8.70 2.85
C LYS B 3 0.98 -9.12 3.96
N ILE B 4 -0.25 -8.66 3.88
CA ILE B 4 -1.26 -8.97 4.86
C ILE B 4 -2.03 -10.20 4.43
N ILE B 5 -2.34 -11.06 5.39
CA ILE B 5 -3.13 -12.23 5.13
C ILE B 5 -4.56 -12.02 5.59
N GLU B 6 -5.45 -12.88 5.12
CA GLU B 6 -6.84 -12.82 5.53
C GLU B 6 -7.19 -14.07 6.33
N ALA B 7 -8.23 -13.99 7.15
CA ALA B 7 -8.70 -15.13 7.92
C ALA B 7 -10.22 -15.13 8.03
N VAL B 8 -10.79 -16.30 8.25
CA VAL B 8 -12.21 -16.43 8.47
C VAL B 8 -12.50 -16.91 9.88
N TYR B 9 -13.35 -16.17 10.57
CA TYR B 9 -13.73 -16.46 11.94
C TYR B 9 -14.98 -17.30 11.98
N GLU B 10 -14.81 -18.55 12.36
CA GLU B 10 -15.92 -19.47 12.53
C GLU B 10 -15.84 -20.16 13.87
N ASN B 11 -16.97 -20.25 14.56
CA ASN B 11 -17.08 -21.00 15.82
C ASN B 11 -16.23 -20.38 16.93
N GLY B 12 -15.78 -19.15 16.72
CA GLY B 12 -14.91 -18.52 17.68
C GLY B 12 -13.45 -18.69 17.33
N VAL B 13 -13.21 -19.18 16.12
CA VAL B 13 -11.87 -19.44 15.62
C VAL B 13 -11.54 -18.52 14.47
N PHE B 14 -10.30 -18.08 14.38
CA PHE B 14 -9.84 -17.42 13.18
C PHE B 14 -8.93 -18.35 12.39
N LYS B 15 -9.36 -18.73 11.20
CA LYS B 15 -8.55 -19.55 10.31
C LYS B 15 -8.21 -18.76 9.06
N PRO B 16 -6.92 -18.51 8.81
CA PRO B 16 -6.50 -17.75 7.64
C PRO B 16 -6.96 -18.37 6.32
N LEU B 17 -6.75 -17.59 5.29
CA LEU B 17 -6.92 -18.04 3.94
C LEU B 17 -5.55 -18.07 3.36
N GLN B 18 -5.06 -19.29 3.21
CA GLN B 18 -3.71 -19.68 2.76
C GLN B 18 -2.75 -19.69 3.93
N LYS B 19 -3.35 -19.50 5.08
CA LYS B 19 -2.68 -19.54 6.35
C LYS B 19 -1.50 -18.58 6.37
N VAL B 20 -0.58 -18.82 7.28
CA VAL B 20 0.54 -17.94 7.44
C VAL B 20 1.73 -18.69 7.98
N ASP B 21 2.87 -18.06 7.86
CA ASP B 21 4.13 -18.63 8.31
C ASP B 21 4.49 -18.06 9.67
N LEU B 22 3.51 -17.40 10.25
CA LEU B 22 3.58 -16.96 11.62
C LEU B 22 3.30 -18.15 12.52
N LYS B 23 3.77 -18.10 13.75
CA LYS B 23 3.71 -19.27 14.61
C LYS B 23 3.17 -18.93 15.99
N GLU B 24 3.27 -19.90 16.89
CA GLU B 24 2.66 -19.82 18.21
C GLU B 24 3.07 -18.55 18.94
N GLY B 25 2.08 -17.95 19.58
CA GLY B 25 2.32 -16.78 20.39
C GLY B 25 2.37 -15.51 19.58
N GLU B 26 1.99 -15.59 18.30
CA GLU B 26 2.03 -14.44 17.44
C GLU B 26 0.85 -13.51 17.72
N ARG B 27 1.11 -12.21 17.83
CA ARG B 27 0.07 -11.29 18.28
C ARG B 27 -0.28 -10.26 17.21
N VAL B 28 -1.54 -10.32 16.85
CA VAL B 28 -2.08 -9.51 15.77
C VAL B 28 -3.41 -8.89 16.19
N LYS B 29 -3.92 -7.95 15.42
CA LYS B 29 -5.20 -7.36 15.72
C LYS B 29 -6.13 -7.43 14.53
N ILE B 30 -7.38 -7.72 14.84
CA ILE B 30 -8.37 -8.03 13.82
C ILE B 30 -9.09 -6.79 13.36
N LYS B 31 -9.09 -6.62 12.08
CA LYS B 31 -9.87 -5.60 11.43
C LYS B 31 -10.81 -6.28 10.46
N LEU B 32 -12.08 -6.01 10.60
CA LEU B 32 -13.06 -6.56 9.68
C LEU B 32 -12.92 -5.79 8.38
N GLU B 33 -12.45 -6.46 7.35
CA GLU B 33 -11.90 -5.72 6.23
C GLU B 33 -12.36 -6.25 4.87
N LEU B 34 -11.99 -5.48 3.87
CA LEU B 34 -12.28 -5.79 2.48
C LEU B 34 -11.03 -5.52 1.65
N LYS B 35 -11.09 -5.80 0.37
CA LYS B 35 -9.97 -5.56 -0.51
C LYS B 35 -10.11 -4.20 -1.18
N VAL B 36 -9.00 -3.67 -1.67
CA VAL B 36 -8.99 -2.37 -2.32
C VAL B 36 -9.75 -2.44 -3.64
N GLU B 37 -10.30 -1.31 -4.04
CA GLU B 37 -11.09 -1.24 -5.25
C GLU B 37 -10.22 -1.44 -6.50
N PRO B 38 -10.67 -2.31 -7.41
CA PRO B 38 -9.99 -2.54 -8.68
C PRO B 38 -10.18 -1.38 -9.66
N ILE B 39 -10.10 -1.65 -10.96
CA ILE B 39 -10.29 -0.64 -11.98
C ILE B 39 -9.07 0.29 -12.06
N ASP B 40 -8.94 1.02 -13.17
CA ASP B 40 -7.78 1.84 -13.45
C ASP B 40 -6.50 1.01 -13.41
N LEU B 41 -6.42 0.07 -14.33
CA LEU B 41 -5.28 -0.82 -14.46
C LEU B 41 -4.77 -0.74 -15.89
N GLY B 42 -3.49 -0.45 -16.05
CA GLY B 42 -2.93 -0.27 -17.36
C GLY B 42 -2.42 -1.56 -17.93
N GLU B 43 -3.09 -2.00 -18.97
CA GLU B 43 -2.67 -3.16 -19.72
C GLU B 43 -1.67 -2.75 -20.79
N PRO B 44 -0.43 -3.25 -20.70
CA PRO B 44 0.64 -2.90 -21.62
C PRO B 44 0.34 -3.36 -23.05
N VAL B 45 0.16 -2.39 -23.94
CA VAL B 45 -0.08 -2.69 -25.34
C VAL B 45 1.18 -3.21 -26.00
N SER B 46 0.98 -4.11 -26.94
CA SER B 46 2.09 -4.75 -27.61
C SER B 46 2.31 -4.17 -29.00
N VAL B 47 3.51 -4.37 -29.51
CA VAL B 47 3.88 -3.91 -30.83
C VAL B 47 4.23 -5.11 -31.69
N GLU B 48 4.05 -4.99 -33.01
CA GLU B 48 4.33 -6.10 -33.92
C GLU B 48 5.82 -6.40 -33.97
N GLU B 49 6.17 -7.58 -33.50
CA GLU B 49 7.56 -8.03 -33.48
C GLU B 49 7.90 -8.67 -34.82
N ILE B 50 6.88 -9.19 -35.48
CA ILE B 50 7.06 -9.88 -36.76
C ILE B 50 7.35 -8.88 -37.90
N LYS B 51 7.09 -7.63 -37.61
CA LYS B 51 7.33 -6.56 -38.57
C LYS B 51 8.83 -6.28 -38.68
N LYS B 52 9.33 -6.17 -39.89
CA LYS B 52 10.74 -6.00 -40.11
C LYS B 52 11.03 -4.76 -40.94
N ILE B 53 12.25 -4.25 -40.81
CA ILE B 53 12.71 -3.13 -41.58
C ILE B 53 13.57 -3.62 -42.75
N ARG B 54 13.48 -2.92 -43.88
CA ARG B 54 14.24 -3.30 -45.07
C ARG B 54 15.73 -3.02 -44.91
N ASP B 55 16.55 -3.95 -45.36
CA ASP B 55 18.00 -3.82 -45.24
C ASP B 55 18.67 -4.06 -46.60
N GLY B 56 19.99 -4.00 -46.61
CA GLY B 56 20.74 -4.23 -47.83
C GLY B 56 21.18 -2.94 -48.48
N THR B 57 21.39 -1.93 -47.67
CA THR B 57 21.80 -0.62 -48.15
C THR B 57 23.32 -0.49 -48.21
N TRP B 58 23.86 -0.61 -49.42
CA TRP B 58 25.27 -0.42 -49.65
C TRP B 58 25.53 0.97 -50.22
N MET B 59 26.79 1.26 -50.50
CA MET B 59 27.18 2.52 -51.11
C MET B 59 28.63 2.46 -51.58
N SER B 60 28.95 3.21 -52.61
CA SER B 60 30.30 3.24 -53.15
C SER B 60 31.06 4.45 -52.62
N SER B 61 32.27 4.22 -52.15
CA SER B 61 33.09 5.28 -51.58
C SER B 61 34.21 5.68 -52.55
N LEU B 62 34.21 5.06 -53.72
CA LEU B 62 35.23 5.31 -54.72
C LEU B 62 34.91 6.60 -55.50
N GLU B 63 35.76 7.60 -55.32
CA GLU B 63 35.60 8.87 -56.01
C GLU B 63 36.96 9.32 -56.54
N HIS B 64 37.27 8.95 -57.76
CA HIS B 64 38.58 9.24 -58.33
C HIS B 64 38.64 10.62 -58.97
N HIS B 65 38.61 11.64 -58.11
CA HIS B 65 38.79 13.02 -58.56
C HIS B 65 40.14 13.22 -59.23
N HIS B 66 40.12 13.84 -60.39
CA HIS B 66 41.34 14.01 -61.19
C HIS B 66 42.04 15.31 -60.83
N HIS B 67 43.37 15.30 -60.88
CA HIS B 67 44.16 16.46 -60.50
C HIS B 67 45.36 16.61 -61.44
N HIS B 68 45.74 17.86 -61.73
CA HIS B 68 46.92 18.14 -62.54
C HIS B 68 47.95 18.88 -61.70
N HIS B 69 48.98 19.41 -62.35
CA HIS B 69 49.96 20.23 -61.68
C HIS B 69 50.45 21.32 -62.63
N MET A 1 -15.85 2.59 13.85
CA MET A 1 -14.46 2.25 13.49
C MET A 1 -14.31 0.76 13.24
N PRO A 2 -13.44 0.37 12.30
CA PRO A 2 -13.10 -1.03 12.08
C PRO A 2 -12.37 -1.62 13.28
N LYS A 3 -13.06 -2.48 14.02
CA LYS A 3 -12.53 -3.01 15.26
C LYS A 3 -11.39 -3.99 15.00
N ILE A 4 -10.51 -4.10 15.99
CA ILE A 4 -9.49 -5.10 15.98
C ILE A 4 -9.68 -6.00 17.18
N ILE A 5 -9.52 -7.29 16.95
CA ILE A 5 -9.48 -8.22 18.05
C ILE A 5 -8.04 -8.71 18.19
N GLU A 6 -7.62 -8.93 19.41
CA GLU A 6 -6.28 -9.43 19.63
C GLU A 6 -6.36 -10.93 19.83
N ALA A 7 -5.65 -11.65 18.98
CA ALA A 7 -5.71 -13.10 18.98
C ALA A 7 -4.29 -13.66 18.99
N VAL A 8 -4.18 -14.95 19.28
CA VAL A 8 -2.93 -15.66 19.21
C VAL A 8 -3.00 -16.76 18.17
N TYR A 9 -2.20 -16.61 17.12
CA TYR A 9 -2.07 -17.62 16.07
C TYR A 9 -1.30 -18.82 16.59
N GLU A 10 -2.02 -19.91 16.84
CA GLU A 10 -1.44 -21.15 17.28
C GLU A 10 -1.77 -22.26 16.31
N ASN A 11 -0.76 -23.00 15.90
CA ASN A 11 -0.93 -24.20 15.09
C ASN A 11 -1.70 -23.95 13.81
N GLY A 12 -1.68 -22.71 13.33
CA GLY A 12 -2.32 -22.40 12.07
C GLY A 12 -3.68 -21.75 12.26
N VAL A 13 -4.08 -21.52 13.51
CA VAL A 13 -5.36 -20.88 13.77
C VAL A 13 -5.21 -19.68 14.69
N PHE A 14 -5.99 -18.65 14.45
CA PHE A 14 -5.95 -17.48 15.30
C PHE A 14 -7.03 -17.58 16.37
N LYS A 15 -6.60 -17.67 17.62
CA LYS A 15 -7.52 -17.72 18.74
C LYS A 15 -7.55 -16.38 19.45
N PRO A 16 -8.68 -15.67 19.46
CA PRO A 16 -8.74 -14.36 20.10
C PRO A 16 -8.56 -14.45 21.61
N LEU A 17 -8.35 -13.28 22.21
CA LEU A 17 -8.27 -13.16 23.64
C LEU A 17 -9.46 -12.37 24.13
N GLN A 18 -10.08 -11.68 23.17
CA GLN A 18 -11.25 -10.88 23.46
C GLN A 18 -12.53 -11.66 23.25
N LYS A 19 -13.64 -11.08 23.64
CA LYS A 19 -14.94 -11.51 23.19
C LYS A 19 -15.12 -10.99 21.77
N VAL A 20 -15.55 -11.85 20.88
CA VAL A 20 -15.64 -11.49 19.49
C VAL A 20 -17.03 -11.04 19.14
N ASP A 21 -17.09 -9.95 18.40
CA ASP A 21 -18.34 -9.30 18.08
C ASP A 21 -18.70 -9.62 16.64
N LEU A 22 -18.02 -10.61 16.12
CA LEU A 22 -18.19 -11.06 14.75
C LEU A 22 -19.10 -12.29 14.69
N LYS A 23 -19.22 -12.85 13.49
CA LYS A 23 -20.05 -14.02 13.27
C LYS A 23 -19.38 -14.91 12.23
N GLU A 24 -19.80 -16.17 12.15
CA GLU A 24 -19.20 -17.13 11.23
C GLU A 24 -19.27 -16.64 9.80
N GLY A 25 -18.19 -16.92 9.11
CA GLY A 25 -17.96 -16.35 7.80
C GLY A 25 -17.90 -14.85 7.88
N GLU A 26 -16.88 -14.39 8.57
CA GLU A 26 -16.52 -13.00 8.58
C GLU A 26 -15.15 -12.82 7.98
N ARG A 27 -15.02 -11.92 7.01
CA ARG A 27 -13.73 -11.68 6.38
C ARG A 27 -12.92 -10.67 7.15
N VAL A 28 -11.78 -11.13 7.56
CA VAL A 28 -10.89 -10.40 8.44
C VAL A 28 -9.47 -10.53 7.96
N LYS A 29 -8.66 -9.50 8.19
CA LYS A 29 -7.28 -9.53 7.80
C LYS A 29 -6.38 -9.37 9.00
N ILE A 30 -5.35 -10.17 9.01
CA ILE A 30 -4.42 -10.22 10.13
C ILE A 30 -3.16 -9.45 9.78
N LYS A 31 -2.69 -8.70 10.72
CA LYS A 31 -1.48 -7.94 10.56
C LYS A 31 -0.87 -7.66 11.90
N LEU A 32 0.38 -7.25 11.88
CA LEU A 32 1.10 -6.94 13.09
C LEU A 32 1.06 -5.44 13.29
N GLU A 33 0.63 -5.01 14.47
CA GLU A 33 0.35 -3.61 14.68
C GLU A 33 0.77 -3.14 16.06
N LEU A 34 1.08 -1.85 16.13
CA LEU A 34 1.37 -1.19 17.39
C LEU A 34 0.51 0.05 17.50
N LYS A 35 0.31 0.51 18.72
CA LYS A 35 -0.55 1.62 19.00
C LYS A 35 0.17 2.68 19.84
N VAL A 36 -0.59 3.69 20.27
CA VAL A 36 -0.09 4.78 21.09
C VAL A 36 0.94 5.66 20.35
N GLU A 37 0.96 6.92 20.72
CA GLU A 37 1.86 7.89 20.14
C GLU A 37 3.03 8.16 21.10
N PRO A 38 4.19 8.58 20.57
CA PRO A 38 5.34 8.93 21.40
C PRO A 38 5.14 10.26 22.11
N ILE A 39 6.07 10.60 22.99
CA ILE A 39 5.99 11.83 23.76
C ILE A 39 6.93 12.89 23.20
N ASP A 40 6.91 14.07 23.80
CA ASP A 40 7.86 15.13 23.47
C ASP A 40 9.23 14.80 24.03
N LEU A 41 10.27 15.03 23.23
CA LEU A 41 11.63 14.68 23.61
C LEU A 41 12.31 15.83 24.37
N GLY A 42 13.63 15.75 24.48
CA GLY A 42 14.37 16.71 25.26
C GLY A 42 15.46 17.37 24.45
N GLU A 43 15.62 18.65 24.69
CA GLU A 43 16.64 19.45 24.02
C GLU A 43 18.06 19.03 24.46
N PRO A 44 19.00 18.99 23.51
CA PRO A 44 20.40 18.66 23.79
C PRO A 44 21.19 19.90 24.22
N VAL A 45 22.39 19.68 24.75
CA VAL A 45 23.24 20.77 25.19
C VAL A 45 23.79 21.52 23.99
N SER A 46 24.06 22.80 24.18
CA SER A 46 24.53 23.66 23.12
C SER A 46 26.06 23.78 23.14
N VAL A 47 26.58 24.72 22.36
CA VAL A 47 28.01 24.98 22.33
C VAL A 47 28.48 25.58 23.66
N GLU A 48 29.66 25.19 24.10
CA GLU A 48 30.21 25.65 25.36
C GLU A 48 30.51 27.14 25.34
N GLU A 49 29.97 27.83 26.31
CA GLU A 49 30.21 29.25 26.49
C GLU A 49 31.45 29.50 27.36
N ILE A 50 31.78 28.51 28.17
CA ILE A 50 32.78 28.65 29.23
C ILE A 50 34.19 28.90 28.67
N LYS A 51 34.35 28.71 27.38
CA LYS A 51 35.66 28.90 26.75
C LYS A 51 35.83 30.37 26.35
N LYS A 52 36.99 30.91 26.66
CA LYS A 52 37.28 32.31 26.41
C LYS A 52 38.02 32.46 25.09
N ILE A 53 37.65 33.47 24.31
CA ILE A 53 38.31 33.77 23.09
C ILE A 53 39.58 34.56 23.36
N ARG A 54 40.68 34.15 22.74
CA ARG A 54 41.98 34.74 23.04
C ARG A 54 42.24 35.98 22.20
N ASP A 55 42.68 37.05 22.85
CA ASP A 55 43.07 38.27 22.16
C ASP A 55 44.56 38.50 22.33
N GLY A 56 45.06 39.59 21.77
CA GLY A 56 46.48 39.88 21.86
C GLY A 56 46.80 40.64 23.13
N THR A 57 47.95 40.37 23.71
CA THR A 57 48.35 41.04 24.93
C THR A 57 48.96 42.40 24.61
N TRP A 58 48.14 43.43 24.74
CA TRP A 58 48.58 44.78 24.46
C TRP A 58 48.83 45.52 25.76
N MET A 59 49.85 46.37 25.78
CA MET A 59 50.19 47.12 26.99
C MET A 59 49.75 48.57 26.86
N SER A 60 49.17 49.11 27.91
CA SER A 60 48.82 50.53 27.93
C SER A 60 50.08 51.36 28.14
N SER A 61 50.63 51.84 27.04
CA SER A 61 51.83 52.67 27.08
C SER A 61 51.46 54.13 27.36
N LEU A 62 50.20 54.34 27.73
CA LEU A 62 49.71 55.66 28.04
C LEU A 62 50.13 56.06 29.45
N GLU A 63 51.19 56.84 29.53
CA GLU A 63 51.64 57.38 30.80
C GLU A 63 51.53 58.89 30.78
N HIS A 64 50.63 59.43 31.58
CA HIS A 64 50.42 60.87 31.61
C HIS A 64 50.99 61.45 32.89
N HIS A 65 51.48 62.68 32.81
CA HIS A 65 52.05 63.33 33.97
C HIS A 65 51.09 64.34 34.55
N HIS A 66 51.29 64.66 35.82
CA HIS A 66 50.48 65.65 36.49
C HIS A 66 51.37 66.78 36.96
N HIS A 67 51.53 67.79 36.13
CA HIS A 67 52.42 68.89 36.45
C HIS A 67 51.65 70.21 36.47
N HIS A 68 51.61 70.83 37.64
CA HIS A 68 50.93 72.11 37.85
C HIS A 68 49.40 71.95 37.81
N HIS A 69 48.75 72.40 38.87
CA HIS A 69 47.30 72.42 38.92
C HIS A 69 46.76 73.51 38.01
N MET B 1 6.33 -2.20 6.10
CA MET B 1 5.32 -2.85 5.22
C MET B 1 5.31 -4.36 5.44
N PRO B 2 4.41 -4.84 6.30
CA PRO B 2 4.27 -6.26 6.57
C PRO B 2 3.19 -6.89 5.70
N LYS B 3 3.22 -8.21 5.60
CA LYS B 3 2.19 -8.94 4.87
C LYS B 3 0.91 -9.00 5.68
N ILE B 4 -0.21 -9.08 5.01
CA ILE B 4 -1.46 -9.28 5.67
C ILE B 4 -1.97 -10.67 5.41
N ILE B 5 -2.49 -11.30 6.44
CA ILE B 5 -3.11 -12.60 6.31
C ILE B 5 -4.60 -12.40 6.14
N GLU B 6 -5.26 -13.31 5.47
CA GLU B 6 -6.67 -13.19 5.22
C GLU B 6 -7.34 -14.44 5.75
N ALA B 7 -8.13 -14.27 6.78
CA ALA B 7 -8.71 -15.40 7.48
C ALA B 7 -10.22 -15.27 7.54
N VAL B 8 -10.90 -16.33 7.94
CA VAL B 8 -12.33 -16.29 8.18
C VAL B 8 -12.62 -16.75 9.60
N TYR B 9 -13.38 -15.96 10.30
CA TYR B 9 -13.78 -16.26 11.66
C TYR B 9 -14.96 -17.20 11.67
N GLU B 10 -14.80 -18.29 12.39
CA GLU B 10 -15.81 -19.30 12.52
C GLU B 10 -15.66 -20.01 13.85
N ASN B 11 -16.76 -20.08 14.60
CA ASN B 11 -16.82 -20.86 15.84
C ASN B 11 -15.94 -20.26 16.93
N GLY B 12 -15.65 -18.98 16.81
CA GLY B 12 -14.78 -18.32 17.76
C GLY B 12 -13.33 -18.43 17.36
N VAL B 13 -13.10 -18.79 16.11
CA VAL B 13 -11.75 -18.96 15.60
C VAL B 13 -11.54 -18.05 14.40
N PHE B 14 -10.31 -17.61 14.19
CA PHE B 14 -9.97 -17.01 12.93
C PHE B 14 -9.15 -18.00 12.11
N LYS B 15 -9.70 -18.44 11.00
CA LYS B 15 -9.10 -19.47 10.17
C LYS B 15 -8.59 -18.87 8.87
N PRO B 16 -7.28 -18.85 8.65
CA PRO B 16 -6.71 -18.22 7.46
C PRO B 16 -7.14 -18.91 6.17
N LEU B 17 -6.85 -18.24 5.08
CA LEU B 17 -7.17 -18.74 3.76
C LEU B 17 -5.88 -19.01 3.02
N GLN B 18 -4.79 -18.69 3.70
CA GLN B 18 -3.46 -19.00 3.19
C GLN B 18 -2.62 -19.64 4.29
N LYS B 19 -1.55 -20.34 3.89
CA LYS B 19 -0.62 -20.89 4.85
C LYS B 19 0.21 -19.76 5.44
N VAL B 20 0.30 -19.75 6.76
CA VAL B 20 0.95 -18.65 7.46
C VAL B 20 2.29 -19.11 8.02
N ASP B 21 3.23 -18.20 8.03
CA ASP B 21 4.61 -18.49 8.41
C ASP B 21 4.95 -17.89 9.75
N LEU B 22 3.92 -17.47 10.44
CA LEU B 22 4.05 -16.91 11.78
C LEU B 22 4.32 -18.00 12.81
N LYS B 23 4.37 -17.64 14.07
CA LYS B 23 4.69 -18.59 15.12
C LYS B 23 3.51 -18.77 16.07
N GLU B 24 3.61 -19.80 16.92
CA GLU B 24 2.53 -20.14 17.81
C GLU B 24 2.39 -19.11 18.91
N GLY B 25 1.15 -18.75 19.17
CA GLY B 25 0.83 -17.58 19.94
C GLY B 25 1.56 -16.39 19.38
N GLU B 26 1.18 -16.03 18.18
CA GLU B 26 1.65 -14.82 17.56
C GLU B 26 0.70 -13.68 17.90
N ARG B 27 1.25 -12.53 18.27
CA ARG B 27 0.44 -11.40 18.71
C ARG B 27 -0.04 -10.61 17.52
N VAL B 28 -1.29 -10.81 17.24
CA VAL B 28 -1.89 -10.26 16.03
C VAL B 28 -3.17 -9.51 16.34
N LYS B 29 -3.50 -8.58 15.46
CA LYS B 29 -4.74 -7.85 15.55
C LYS B 29 -5.50 -8.01 14.27
N ILE B 30 -6.79 -8.19 14.42
CA ILE B 30 -7.64 -8.52 13.29
C ILE B 30 -8.45 -7.32 12.89
N LYS B 31 -8.29 -6.94 11.65
CA LYS B 31 -8.99 -5.81 11.11
C LYS B 31 -10.07 -6.32 10.18
N LEU B 32 -11.30 -5.91 10.44
CA LEU B 32 -12.42 -6.36 9.64
C LEU B 32 -12.38 -5.65 8.30
N GLU B 33 -12.13 -6.41 7.25
CA GLU B 33 -11.83 -5.83 5.97
C GLU B 33 -12.34 -6.70 4.82
N LEU B 34 -12.58 -6.04 3.69
CA LEU B 34 -12.97 -6.71 2.47
C LEU B 34 -12.35 -5.99 1.28
N LYS B 35 -12.30 -6.68 0.16
CA LYS B 35 -11.80 -6.11 -1.06
C LYS B 35 -12.94 -5.70 -1.96
N VAL B 36 -12.63 -4.91 -2.98
CA VAL B 36 -13.63 -4.45 -3.93
C VAL B 36 -13.91 -5.56 -4.93
N GLU B 37 -15.16 -5.68 -5.33
CA GLU B 37 -15.58 -6.67 -6.30
C GLU B 37 -14.85 -6.47 -7.63
N PRO B 38 -14.20 -7.53 -8.13
CA PRO B 38 -13.41 -7.46 -9.36
C PRO B 38 -14.28 -7.42 -10.60
N ILE B 39 -13.63 -7.26 -11.74
CA ILE B 39 -14.32 -7.20 -13.00
C ILE B 39 -14.57 -8.59 -13.56
N ASP B 40 -15.45 -8.70 -14.54
CA ASP B 40 -15.73 -9.97 -15.18
C ASP B 40 -15.45 -9.84 -16.68
N LEU B 41 -15.22 -10.96 -17.34
CA LEU B 41 -14.85 -10.95 -18.75
C LEU B 41 -15.42 -12.16 -19.49
N GLY B 42 -15.63 -11.98 -20.78
CA GLY B 42 -16.13 -13.05 -21.63
C GLY B 42 -15.89 -12.76 -23.09
N GLU B 43 -15.08 -13.59 -23.72
CA GLU B 43 -14.64 -13.35 -25.08
C GLU B 43 -15.42 -14.24 -26.06
N PRO B 44 -15.80 -13.68 -27.23
CA PRO B 44 -16.54 -14.39 -28.29
C PRO B 44 -15.99 -15.78 -28.61
N VAL B 45 -16.90 -16.68 -28.96
CA VAL B 45 -16.54 -18.05 -29.28
C VAL B 45 -15.88 -18.13 -30.66
N SER B 46 -15.11 -19.19 -30.87
CA SER B 46 -14.32 -19.35 -32.09
C SER B 46 -15.14 -19.96 -33.23
N VAL B 47 -14.46 -20.20 -34.36
CA VAL B 47 -15.06 -20.84 -35.52
C VAL B 47 -14.37 -22.19 -35.76
N GLU B 48 -15.11 -23.18 -36.25
CA GLU B 48 -14.55 -24.53 -36.37
C GLU B 48 -13.66 -24.65 -37.60
N GLU B 49 -12.53 -25.29 -37.41
CA GLU B 49 -11.57 -25.49 -38.49
C GLU B 49 -11.91 -26.73 -39.31
N ILE B 50 -12.61 -27.67 -38.67
CA ILE B 50 -12.96 -28.94 -39.28
C ILE B 50 -14.11 -28.75 -40.28
N LYS B 51 -14.61 -27.52 -40.32
CA LYS B 51 -15.70 -27.15 -41.22
C LYS B 51 -15.27 -27.37 -42.67
N LYS B 52 -16.14 -27.98 -43.44
CA LYS B 52 -15.86 -28.26 -44.82
C LYS B 52 -17.05 -27.89 -45.70
N ILE B 53 -16.83 -26.98 -46.64
CA ILE B 53 -17.84 -26.61 -47.59
C ILE B 53 -17.39 -27.01 -48.99
N ARG B 54 -17.78 -28.20 -49.42
CA ARG B 54 -17.32 -28.72 -50.70
C ARG B 54 -18.48 -28.82 -51.69
N ASP B 55 -18.16 -28.60 -52.96
CA ASP B 55 -19.15 -28.67 -54.04
C ASP B 55 -18.93 -29.92 -54.87
N GLY B 56 -19.96 -30.32 -55.61
CA GLY B 56 -19.88 -31.51 -56.42
C GLY B 56 -20.32 -31.25 -57.85
N THR B 57 -19.39 -31.33 -58.77
CA THR B 57 -19.69 -31.05 -60.17
C THR B 57 -19.74 -32.34 -60.98
N TRP B 58 -20.88 -32.55 -61.60
CA TRP B 58 -21.06 -33.65 -62.52
C TRP B 58 -21.35 -33.09 -63.90
N MET B 59 -20.80 -33.72 -64.92
CA MET B 59 -20.99 -33.25 -66.28
C MET B 59 -21.38 -34.38 -67.22
N SER B 60 -22.49 -34.21 -67.90
CA SER B 60 -22.84 -35.07 -69.01
C SER B 60 -22.11 -34.58 -70.25
N SER B 61 -21.70 -35.49 -71.11
CA SER B 61 -20.96 -35.12 -72.32
C SER B 61 -21.91 -34.55 -73.37
N LEU B 62 -23.18 -34.43 -73.00
CA LEU B 62 -24.22 -33.96 -73.89
C LEU B 62 -24.25 -34.81 -75.15
N GLU B 63 -24.10 -36.12 -74.95
CA GLU B 63 -24.12 -37.08 -76.05
C GLU B 63 -25.48 -37.07 -76.73
N HIS B 64 -25.59 -36.27 -77.76
CA HIS B 64 -26.82 -36.06 -78.49
C HIS B 64 -27.10 -37.26 -79.40
N HIS B 65 -28.02 -38.12 -78.98
CA HIS B 65 -28.38 -39.28 -79.79
C HIS B 65 -29.26 -38.85 -80.94
N HIS B 66 -28.74 -38.97 -82.15
CA HIS B 66 -29.44 -38.48 -83.33
C HIS B 66 -30.03 -39.63 -84.14
N HIS B 67 -31.23 -39.41 -84.63
CA HIS B 67 -31.89 -40.39 -85.48
C HIS B 67 -31.90 -39.91 -86.92
N HIS B 68 -31.83 -40.84 -87.86
CA HIS B 68 -31.73 -40.48 -89.27
C HIS B 68 -33.09 -40.11 -89.86
N HIS B 69 -33.22 -38.85 -90.21
CA HIS B 69 -34.37 -38.35 -90.95
C HIS B 69 -33.91 -37.23 -91.88
N MET A 1 -17.40 3.89 14.68
CA MET A 1 -15.94 3.78 14.92
C MET A 1 -15.52 2.32 15.06
N PRO A 2 -14.68 1.84 14.12
CA PRO A 2 -14.15 0.48 14.17
C PRO A 2 -13.00 0.34 15.15
N LYS A 3 -12.89 -0.81 15.78
CA LYS A 3 -11.78 -1.09 16.67
C LYS A 3 -10.94 -2.22 16.12
N ILE A 4 -9.71 -2.32 16.59
CA ILE A 4 -8.92 -3.49 16.36
C ILE A 4 -8.93 -4.32 17.62
N ILE A 5 -9.40 -5.54 17.49
CA ILE A 5 -9.57 -6.42 18.61
C ILE A 5 -8.54 -7.55 18.53
N GLU A 6 -8.21 -8.15 19.66
CA GLU A 6 -7.00 -8.97 19.71
C GLU A 6 -7.26 -10.47 19.68
N ALA A 7 -6.37 -11.16 18.96
CA ALA A 7 -6.32 -12.60 18.90
C ALA A 7 -4.85 -13.01 18.90
N VAL A 8 -4.56 -14.26 19.22
CA VAL A 8 -3.19 -14.74 19.18
C VAL A 8 -3.11 -16.04 18.39
N TYR A 9 -2.10 -16.12 17.55
CA TYR A 9 -1.88 -17.28 16.68
C TYR A 9 -1.18 -18.37 17.49
N GLU A 10 -1.96 -19.37 17.86
CA GLU A 10 -1.52 -20.43 18.73
C GLU A 10 -1.69 -21.77 18.05
N ASN A 11 -0.59 -22.49 17.93
CA ASN A 11 -0.55 -23.81 17.29
C ASN A 11 -1.09 -23.81 15.86
N GLY A 12 -0.83 -22.74 15.14
CA GLY A 12 -1.22 -22.68 13.74
C GLY A 12 -2.65 -22.21 13.54
N VAL A 13 -3.20 -21.60 14.57
CA VAL A 13 -4.56 -21.08 14.52
C VAL A 13 -4.59 -19.68 15.10
N PHE A 14 -5.47 -18.82 14.65
CA PHE A 14 -5.66 -17.55 15.31
C PHE A 14 -6.79 -17.69 16.33
N LYS A 15 -6.44 -17.54 17.60
CA LYS A 15 -7.42 -17.64 18.67
C LYS A 15 -7.66 -16.27 19.27
N PRO A 16 -8.86 -15.72 19.12
CA PRO A 16 -9.19 -14.47 19.77
C PRO A 16 -9.13 -14.59 21.28
N LEU A 17 -9.19 -13.45 21.89
CA LEU A 17 -9.45 -13.33 23.29
C LEU A 17 -10.95 -13.46 23.49
N GLN A 18 -11.61 -12.41 23.05
CA GLN A 18 -13.03 -12.20 23.34
C GLN A 18 -13.70 -11.60 22.13
N LYS A 19 -12.92 -11.54 21.10
CA LYS A 19 -13.17 -10.65 19.99
C LYS A 19 -14.02 -11.27 18.86
N VAL A 20 -14.68 -10.36 18.14
CA VAL A 20 -15.58 -10.65 17.04
C VAL A 20 -16.78 -11.49 17.46
N ASP A 21 -17.89 -11.17 16.86
CA ASP A 21 -19.16 -11.83 17.11
C ASP A 21 -19.93 -11.86 15.81
N LEU A 22 -19.20 -11.59 14.75
CA LEU A 22 -19.78 -11.36 13.44
C LEU A 22 -19.92 -12.64 12.64
N LYS A 23 -19.61 -13.72 13.32
CA LYS A 23 -20.10 -15.07 13.03
C LYS A 23 -19.32 -15.78 11.92
N GLU A 24 -19.52 -17.10 11.86
CA GLU A 24 -18.73 -17.99 11.02
C GLU A 24 -18.61 -17.52 9.59
N GLY A 25 -17.38 -17.49 9.10
CA GLY A 25 -17.11 -17.12 7.73
C GLY A 25 -16.95 -15.62 7.54
N GLU A 26 -16.83 -14.90 8.66
CA GLU A 26 -16.70 -13.47 8.63
C GLU A 26 -15.24 -13.07 8.31
N ARG A 27 -15.08 -12.10 7.40
CA ARG A 27 -13.76 -11.78 6.83
C ARG A 27 -13.00 -10.71 7.62
N VAL A 28 -11.91 -11.18 8.14
CA VAL A 28 -10.99 -10.35 8.88
C VAL A 28 -9.62 -10.45 8.25
N LYS A 29 -8.79 -9.46 8.47
CA LYS A 29 -7.46 -9.50 7.94
C LYS A 29 -6.48 -9.33 9.08
N ILE A 30 -5.46 -10.14 9.06
CA ILE A 30 -4.55 -10.22 10.15
C ILE A 30 -3.41 -9.25 9.95
N LYS A 31 -3.14 -8.52 10.99
CA LYS A 31 -2.02 -7.62 11.03
C LYS A 31 -1.13 -8.02 12.16
N LEU A 32 0.14 -8.09 11.90
CA LEU A 32 1.11 -8.42 12.91
C LEU A 32 1.42 -7.16 13.67
N GLU A 33 1.30 -7.21 14.98
CA GLU A 33 1.51 -6.02 15.77
C GLU A 33 2.94 -5.54 15.58
N LEU A 34 3.07 -4.25 15.46
CA LEU A 34 4.34 -3.65 15.07
C LEU A 34 5.27 -3.48 16.25
N LYS A 35 6.53 -3.44 15.92
CA LYS A 35 7.59 -3.25 16.89
C LYS A 35 8.43 -2.06 16.52
N VAL A 36 8.96 -1.39 17.52
CA VAL A 36 9.86 -0.28 17.29
C VAL A 36 11.29 -0.74 17.30
N GLU A 37 12.02 -0.30 16.30
CA GLU A 37 13.40 -0.68 16.16
C GLU A 37 14.31 0.54 16.33
N PRO A 38 14.94 0.66 17.50
CA PRO A 38 15.86 1.75 17.79
C PRO A 38 17.28 1.43 17.35
N ILE A 39 18.22 2.28 17.73
CA ILE A 39 19.61 2.09 17.38
C ILE A 39 20.28 1.30 18.49
N ASP A 40 21.21 0.44 18.11
CA ASP A 40 21.89 -0.41 19.07
C ASP A 40 23.36 -0.02 19.15
N LEU A 41 23.81 0.30 20.35
CA LEU A 41 25.17 0.78 20.55
C LEU A 41 26.14 -0.40 20.66
N GLY A 42 27.39 -0.16 20.32
CA GLY A 42 28.40 -1.20 20.35
C GLY A 42 29.61 -0.79 21.14
N GLU A 43 29.84 -1.48 22.23
CA GLU A 43 30.98 -1.23 23.09
C GLU A 43 32.27 -1.66 22.41
N PRO A 44 33.23 -0.73 22.24
CA PRO A 44 34.52 -1.02 21.61
C PRO A 44 35.47 -1.76 22.57
N VAL A 45 36.31 -2.61 22.00
CA VAL A 45 37.26 -3.37 22.80
C VAL A 45 38.64 -2.72 22.72
N SER A 46 39.46 -2.98 23.72
CA SER A 46 40.81 -2.45 23.77
C SER A 46 41.76 -3.37 23.02
N VAL A 47 43.00 -2.93 22.83
CA VAL A 47 43.95 -3.73 22.08
C VAL A 47 44.87 -4.53 23.02
N GLU A 48 45.19 -5.75 22.61
CA GLU A 48 46.01 -6.64 23.41
C GLU A 48 47.06 -7.36 22.54
N GLU A 49 46.73 -7.51 21.27
CA GLU A 49 47.52 -8.31 20.33
C GLU A 49 48.92 -7.75 20.05
N ILE A 50 49.08 -6.45 20.25
CA ILE A 50 50.30 -5.75 19.80
C ILE A 50 51.56 -6.21 20.55
N LYS A 51 51.39 -6.89 21.66
CA LYS A 51 52.52 -7.29 22.47
C LYS A 51 53.33 -8.42 21.81
N LYS A 52 54.64 -8.26 21.81
CA LYS A 52 55.54 -9.25 21.26
C LYS A 52 56.70 -9.51 22.22
N ILE A 53 57.40 -10.61 22.01
CA ILE A 53 58.49 -11.00 22.90
C ILE A 53 59.78 -11.25 22.10
N ARG A 54 60.92 -10.89 22.68
CA ARG A 54 62.21 -11.10 22.03
C ARG A 54 62.80 -12.45 22.45
N ASP A 55 63.94 -12.80 21.86
CA ASP A 55 64.61 -14.05 22.19
C ASP A 55 65.96 -13.76 22.83
N GLY A 56 66.49 -14.74 23.55
CA GLY A 56 67.74 -14.55 24.26
C GLY A 56 68.94 -15.01 23.44
N THR A 57 69.81 -14.07 23.11
CA THR A 57 71.00 -14.36 22.35
C THR A 57 72.21 -14.56 23.25
N TRP A 58 72.59 -15.81 23.47
CA TRP A 58 73.77 -16.14 24.23
C TRP A 58 74.99 -16.10 23.32
N MET A 59 76.16 -15.83 23.87
CA MET A 59 77.34 -15.61 23.06
C MET A 59 78.60 -16.18 23.71
N SER A 60 79.66 -16.29 22.91
CA SER A 60 80.96 -16.75 23.35
C SER A 60 80.95 -18.18 23.88
N SER A 61 81.02 -19.12 22.97
CA SER A 61 81.18 -20.52 23.29
C SER A 61 82.61 -20.96 22.98
N LEU A 62 83.48 -19.96 22.81
CA LEU A 62 84.84 -20.19 22.35
C LEU A 62 85.78 -20.47 23.51
N GLU A 63 86.50 -21.59 23.42
CA GLU A 63 87.54 -21.91 24.37
C GLU A 63 88.59 -22.81 23.71
N HIS A 64 89.77 -22.27 23.48
CA HIS A 64 90.86 -23.05 22.89
C HIS A 64 92.21 -22.49 23.30
N HIS A 65 93.15 -23.40 23.53
CA HIS A 65 94.53 -23.07 23.87
C HIS A 65 94.65 -22.49 25.29
N HIS A 66 95.10 -23.33 26.21
CA HIS A 66 95.34 -22.92 27.59
C HIS A 66 96.76 -23.27 27.99
N HIS A 67 97.12 -22.97 29.22
CA HIS A 67 98.46 -23.25 29.71
C HIS A 67 98.46 -24.56 30.48
N HIS A 68 99.57 -25.26 30.45
CA HIS A 68 99.65 -26.56 31.07
C HIS A 68 100.61 -26.53 32.25
N HIS A 69 100.18 -27.16 33.34
CA HIS A 69 100.93 -27.13 34.59
C HIS A 69 101.48 -28.52 34.89
N MET B 1 7.17 -4.44 2.80
CA MET B 1 5.81 -3.88 2.96
C MET B 1 4.95 -4.83 3.78
N PRO B 2 4.23 -4.31 4.78
CA PRO B 2 3.41 -5.13 5.69
C PRO B 2 2.30 -5.87 4.96
N LYS B 3 2.56 -7.14 4.63
CA LYS B 3 1.54 -7.99 4.03
C LYS B 3 0.64 -8.55 5.11
N ILE B 4 -0.62 -8.70 4.80
CA ILE B 4 -1.58 -9.16 5.74
C ILE B 4 -2.21 -10.46 5.29
N ILE B 5 -2.49 -11.31 6.25
CA ILE B 5 -3.10 -12.61 5.97
C ILE B 5 -4.61 -12.48 6.01
N GLU B 6 -5.28 -13.28 5.20
CA GLU B 6 -6.73 -13.30 5.18
C GLU B 6 -7.22 -14.52 5.93
N ALA B 7 -8.16 -14.32 6.83
CA ALA B 7 -8.68 -15.41 7.65
C ALA B 7 -10.19 -15.28 7.84
N VAL B 8 -10.85 -16.41 8.09
CA VAL B 8 -12.26 -16.43 8.36
C VAL B 8 -12.54 -16.81 9.80
N TYR B 9 -13.40 -16.03 10.45
CA TYR B 9 -13.82 -16.30 11.81
C TYR B 9 -14.93 -17.33 11.83
N GLU B 10 -14.55 -18.50 12.28
CA GLU B 10 -15.44 -19.58 12.59
C GLU B 10 -15.91 -19.40 14.01
N ASN B 11 -16.60 -20.40 14.53
CA ASN B 11 -17.28 -20.35 15.80
C ASN B 11 -16.30 -20.19 16.96
N GLY B 12 -15.63 -19.08 16.90
CA GLY B 12 -14.65 -18.72 17.90
C GLY B 12 -13.27 -18.90 17.35
N VAL B 13 -13.21 -19.22 16.06
CA VAL B 13 -11.95 -19.55 15.42
C VAL B 13 -11.57 -18.50 14.40
N PHE B 14 -10.28 -18.25 14.25
CA PHE B 14 -9.78 -17.57 13.08
C PHE B 14 -8.88 -18.52 12.32
N LYS B 15 -9.30 -18.88 11.12
CA LYS B 15 -8.50 -19.72 10.26
C LYS B 15 -8.23 -19.00 8.96
N PRO B 16 -6.95 -18.84 8.61
CA PRO B 16 -6.57 -18.17 7.38
C PRO B 16 -7.03 -18.92 6.12
N LEU B 17 -6.93 -18.23 5.01
CA LEU B 17 -7.14 -18.82 3.70
C LEU B 17 -5.84 -18.69 2.92
N GLN B 18 -4.98 -17.85 3.47
CA GLN B 18 -3.68 -17.60 2.89
C GLN B 18 -2.68 -18.58 3.52
N LYS B 19 -1.53 -18.73 2.92
CA LYS B 19 -0.50 -19.59 3.49
C LYS B 19 0.20 -18.86 4.62
N VAL B 20 0.54 -19.59 5.66
CA VAL B 20 1.08 -19.00 6.86
C VAL B 20 2.30 -19.71 7.36
N ASP B 21 3.20 -18.88 7.80
CA ASP B 21 4.36 -19.33 8.51
C ASP B 21 4.65 -18.33 9.60
N LEU B 22 4.00 -18.59 10.70
CA LEU B 22 4.18 -17.85 11.92
C LEU B 22 4.43 -18.80 13.07
N LYS B 23 4.60 -18.24 14.26
CA LYS B 23 4.84 -19.04 15.45
C LYS B 23 3.65 -19.02 16.39
N GLU B 24 3.61 -19.98 17.30
CA GLU B 24 2.55 -20.04 18.30
C GLU B 24 2.83 -19.01 19.38
N GLY B 25 1.87 -18.16 19.60
CA GLY B 25 2.04 -17.05 20.49
C GLY B 25 2.33 -15.77 19.72
N GLU B 26 2.07 -15.81 18.42
CA GLU B 26 2.25 -14.66 17.56
C GLU B 26 1.08 -13.70 17.76
N ARG B 27 1.38 -12.49 18.16
CA ARG B 27 0.34 -11.54 18.50
C ARG B 27 -0.12 -10.77 17.29
N VAL B 28 -1.41 -10.89 17.05
CA VAL B 28 -2.02 -10.34 15.85
C VAL B 28 -3.24 -9.51 16.23
N LYS B 29 -3.54 -8.52 15.42
CA LYS B 29 -4.66 -7.66 15.72
C LYS B 29 -5.65 -7.68 14.59
N ILE B 30 -6.88 -7.80 15.02
CA ILE B 30 -7.97 -8.15 14.14
C ILE B 30 -8.85 -6.96 13.84
N LYS B 31 -9.33 -6.95 12.62
CA LYS B 31 -10.27 -6.01 12.15
C LYS B 31 -11.00 -6.65 10.98
N LEU B 32 -12.12 -6.10 10.60
CA LEU B 32 -12.88 -6.66 9.52
C LEU B 32 -12.74 -5.77 8.31
N GLU B 33 -12.23 -6.34 7.23
CA GLU B 33 -11.81 -5.52 6.13
C GLU B 33 -12.59 -5.79 4.86
N LEU B 34 -12.47 -4.86 3.92
CA LEU B 34 -13.29 -4.86 2.73
C LEU B 34 -12.58 -5.47 1.55
N LYS B 35 -13.31 -5.50 0.45
CA LYS B 35 -12.83 -6.04 -0.80
C LYS B 35 -12.59 -4.92 -1.79
N VAL B 36 -11.82 -5.21 -2.83
CA VAL B 36 -11.72 -4.31 -3.95
C VAL B 36 -12.71 -4.74 -5.02
N GLU B 37 -13.36 -3.78 -5.63
CA GLU B 37 -14.43 -4.06 -6.55
C GLU B 37 -14.01 -3.83 -8.00
N PRO B 38 -13.77 -4.92 -8.74
CA PRO B 38 -13.52 -4.87 -10.17
C PRO B 38 -14.81 -5.07 -10.96
N ILE B 39 -14.71 -4.95 -12.27
CA ILE B 39 -15.85 -5.14 -13.13
C ILE B 39 -15.56 -6.19 -14.20
N ASP B 40 -16.27 -7.31 -14.13
CA ASP B 40 -16.14 -8.37 -15.10
C ASP B 40 -17.19 -8.23 -16.19
N LEU B 41 -16.78 -8.42 -17.43
CA LEU B 41 -17.66 -8.25 -18.58
C LEU B 41 -18.10 -9.63 -19.10
N GLY B 42 -19.11 -9.64 -19.97
CA GLY B 42 -19.57 -10.87 -20.54
C GLY B 42 -19.06 -11.06 -21.96
N GLU B 43 -19.78 -11.84 -22.73
CA GLU B 43 -19.36 -12.22 -24.06
C GLU B 43 -20.45 -11.97 -25.10
N PRO B 44 -20.07 -11.46 -26.29
CA PRO B 44 -21.01 -11.20 -27.38
C PRO B 44 -21.55 -12.49 -28.00
N VAL B 45 -22.62 -12.37 -28.78
CA VAL B 45 -23.26 -13.53 -29.39
C VAL B 45 -22.75 -13.75 -30.81
N SER B 46 -22.95 -14.96 -31.30
CA SER B 46 -22.45 -15.38 -32.59
C SER B 46 -23.59 -15.86 -33.50
N VAL B 47 -23.23 -16.56 -34.58
CA VAL B 47 -24.16 -17.13 -35.54
C VAL B 47 -24.72 -16.06 -36.49
N GLU B 48 -24.80 -16.43 -37.77
CA GLU B 48 -25.29 -15.52 -38.80
C GLU B 48 -26.74 -15.81 -39.14
N GLU B 49 -27.52 -14.74 -39.30
CA GLU B 49 -28.96 -14.84 -39.48
C GLU B 49 -29.37 -15.07 -40.94
N ILE B 50 -28.58 -14.52 -41.85
CA ILE B 50 -28.99 -14.40 -43.25
C ILE B 50 -28.77 -15.69 -44.04
N LYS B 51 -28.03 -16.62 -43.47
CA LYS B 51 -27.65 -17.82 -44.19
C LYS B 51 -28.77 -18.86 -44.16
N LYS B 52 -29.11 -19.35 -45.35
CA LYS B 52 -30.12 -20.36 -45.51
C LYS B 52 -30.04 -21.01 -46.90
N ILE B 53 -30.79 -22.08 -47.10
CA ILE B 53 -30.75 -22.84 -48.32
C ILE B 53 -31.65 -22.23 -49.40
N ARG B 54 -31.35 -22.55 -50.67
CA ARG B 54 -32.21 -22.20 -51.79
C ARG B 54 -32.43 -23.43 -52.66
N ASP B 55 -33.49 -23.42 -53.46
CA ASP B 55 -33.82 -24.56 -54.32
C ASP B 55 -33.82 -24.12 -55.79
N GLY B 56 -34.27 -25.00 -56.67
CA GLY B 56 -34.25 -24.70 -58.09
C GLY B 56 -35.42 -25.33 -58.83
N THR B 57 -35.78 -24.72 -59.96
CA THR B 57 -36.85 -25.23 -60.80
C THR B 57 -36.34 -25.39 -62.23
N TRP B 58 -36.82 -26.41 -62.94
CA TRP B 58 -36.35 -26.66 -64.29
C TRP B 58 -37.50 -26.64 -65.27
N MET B 59 -37.30 -25.96 -66.39
CA MET B 59 -38.35 -25.83 -67.40
C MET B 59 -37.96 -26.55 -68.69
N SER B 60 -38.82 -27.45 -69.12
CA SER B 60 -38.63 -28.17 -70.37
C SER B 60 -38.96 -27.28 -71.56
N SER B 61 -38.46 -27.63 -72.73
CA SER B 61 -38.70 -26.87 -73.94
C SER B 61 -40.03 -27.27 -74.59
N LEU B 62 -40.89 -27.90 -73.78
CA LEU B 62 -42.17 -28.43 -74.22
C LEU B 62 -42.00 -29.41 -75.38
N GLU B 63 -43.12 -29.89 -75.90
CA GLU B 63 -43.11 -30.86 -76.97
C GLU B 63 -43.62 -30.26 -78.26
N HIS B 64 -43.40 -30.98 -79.35
CA HIS B 64 -43.99 -30.63 -80.63
C HIS B 64 -44.14 -31.90 -81.45
N HIS B 65 -45.29 -32.06 -82.10
CA HIS B 65 -45.56 -33.28 -82.84
C HIS B 65 -46.36 -32.97 -84.09
N HIS B 66 -45.67 -32.94 -85.22
CA HIS B 66 -46.32 -32.67 -86.49
C HIS B 66 -46.48 -33.96 -87.27
N HIS B 67 -47.31 -33.92 -88.30
CA HIS B 67 -47.58 -35.11 -89.11
C HIS B 67 -47.55 -34.74 -90.58
N HIS B 68 -47.03 -35.65 -91.40
CA HIS B 68 -46.92 -35.40 -92.83
C HIS B 68 -48.27 -35.51 -93.52
N HIS B 69 -48.76 -36.74 -93.70
CA HIS B 69 -50.04 -36.95 -94.35
C HIS B 69 -50.58 -38.33 -94.02
N MET A 1 -15.54 4.63 13.94
CA MET A 1 -14.34 3.78 13.87
C MET A 1 -14.66 2.34 14.28
N PRO A 2 -14.59 1.40 13.33
CA PRO A 2 -14.70 -0.03 13.65
C PRO A 2 -13.46 -0.50 14.42
N LYS A 3 -13.69 -1.21 15.52
CA LYS A 3 -12.59 -1.65 16.36
C LYS A 3 -11.77 -2.73 15.69
N ILE A 4 -10.51 -2.79 16.06
CA ILE A 4 -9.64 -3.86 15.69
C ILE A 4 -9.53 -4.85 16.85
N ILE A 5 -9.47 -6.12 16.51
CA ILE A 5 -9.33 -7.16 17.51
C ILE A 5 -7.88 -7.59 17.57
N GLU A 6 -7.45 -8.15 18.68
CA GLU A 6 -6.13 -8.71 18.76
C GLU A 6 -6.20 -10.17 19.18
N ALA A 7 -5.37 -10.99 18.55
CA ALA A 7 -5.38 -12.42 18.75
C ALA A 7 -3.96 -12.94 18.91
N VAL A 8 -3.85 -14.15 19.39
CA VAL A 8 -2.60 -14.86 19.42
C VAL A 8 -2.70 -16.11 18.54
N TYR A 9 -1.93 -16.10 17.48
CA TYR A 9 -1.80 -17.27 16.61
C TYR A 9 -1.23 -18.42 17.44
N GLU A 10 -1.92 -19.55 17.44
CA GLU A 10 -1.52 -20.70 18.21
C GLU A 10 -1.96 -21.99 17.54
N ASN A 11 -1.03 -22.93 17.49
CA ASN A 11 -1.34 -24.30 17.10
C ASN A 11 -1.94 -24.37 15.71
N GLY A 12 -1.59 -23.41 14.87
CA GLY A 12 -2.34 -23.30 13.67
C GLY A 12 -3.03 -21.97 13.56
N VAL A 13 -4.01 -21.80 14.41
CA VAL A 13 -5.08 -20.85 14.19
C VAL A 13 -4.85 -19.50 14.87
N PHE A 14 -5.63 -18.50 14.47
CA PHE A 14 -5.62 -17.22 15.15
C PHE A 14 -6.65 -17.25 16.27
N LYS A 15 -6.20 -17.12 17.51
CA LYS A 15 -7.08 -17.16 18.66
C LYS A 15 -7.11 -15.81 19.34
N PRO A 16 -8.24 -15.09 19.31
CA PRO A 16 -8.30 -13.73 19.85
C PRO A 16 -7.96 -13.69 21.34
N LEU A 17 -7.76 -12.48 21.83
CA LEU A 17 -7.50 -12.25 23.24
C LEU A 17 -8.80 -11.90 23.91
N GLN A 18 -9.84 -11.90 23.10
CA GLN A 18 -11.19 -11.59 23.56
C GLN A 18 -12.19 -12.40 22.76
N LYS A 19 -13.37 -12.63 23.30
CA LYS A 19 -14.42 -13.26 22.53
C LYS A 19 -15.10 -12.23 21.67
N VAL A 20 -15.51 -12.66 20.49
CA VAL A 20 -16.01 -11.71 19.49
C VAL A 20 -17.38 -12.07 19.02
N ASP A 21 -18.19 -11.05 18.86
CA ASP A 21 -19.50 -11.22 18.31
C ASP A 21 -19.42 -10.97 16.83
N LEU A 22 -19.12 -12.04 16.17
CA LEU A 22 -19.09 -12.09 14.72
C LEU A 22 -19.87 -13.30 14.25
N LYS A 23 -19.70 -13.67 13.00
CA LYS A 23 -20.31 -14.88 12.49
C LYS A 23 -19.28 -15.73 11.78
N GLU A 24 -19.55 -17.02 11.69
CA GLU A 24 -18.62 -17.95 11.11
C GLU A 24 -18.50 -17.74 9.61
N GLY A 25 -17.27 -17.60 9.15
CA GLY A 25 -17.01 -17.33 7.76
C GLY A 25 -16.93 -15.84 7.48
N GLU A 26 -16.79 -15.05 8.55
CA GLU A 26 -16.70 -13.60 8.41
C GLU A 26 -15.32 -13.21 7.90
N ARG A 27 -15.25 -12.24 6.99
CA ARG A 27 -13.99 -11.90 6.34
C ARG A 27 -13.25 -10.81 7.05
N VAL A 28 -12.13 -11.23 7.56
CA VAL A 28 -11.28 -10.39 8.37
C VAL A 28 -9.89 -10.34 7.78
N LYS A 29 -9.23 -9.22 7.96
CA LYS A 29 -7.88 -9.04 7.48
C LYS A 29 -6.94 -8.97 8.66
N ILE A 30 -5.81 -9.60 8.50
CA ILE A 30 -4.83 -9.66 9.55
C ILE A 30 -3.68 -8.74 9.19
N LYS A 31 -3.22 -8.05 10.20
CA LYS A 31 -2.02 -7.31 10.12
C LYS A 31 -1.26 -7.54 11.40
N LEU A 32 0.04 -7.43 11.34
CA LEU A 32 0.89 -8.08 12.28
C LEU A 32 1.53 -7.09 13.25
N GLU A 33 1.49 -7.45 14.53
CA GLU A 33 1.96 -6.58 15.59
C GLU A 33 3.39 -6.93 15.99
N LEU A 34 4.15 -5.90 16.28
CA LEU A 34 5.54 -6.04 16.65
C LEU A 34 6.00 -4.85 17.47
N LYS A 35 7.24 -4.93 17.93
CA LYS A 35 7.88 -3.79 18.56
C LYS A 35 8.89 -3.21 17.60
N VAL A 36 9.40 -2.03 17.90
CA VAL A 36 10.44 -1.43 17.07
C VAL A 36 11.69 -2.29 17.17
N GLU A 37 12.40 -2.43 16.06
CA GLU A 37 13.59 -3.26 16.01
C GLU A 37 14.61 -2.77 17.02
N PRO A 38 15.12 -3.69 17.85
CA PRO A 38 16.01 -3.38 18.98
C PRO A 38 17.26 -2.61 18.58
N ILE A 39 18.00 -2.21 19.58
CA ILE A 39 19.21 -1.44 19.40
C ILE A 39 20.35 -2.33 18.91
N ASP A 40 21.21 -1.76 18.10
CA ASP A 40 22.35 -2.48 17.57
C ASP A 40 23.59 -2.14 18.41
N LEU A 41 23.88 -2.98 19.39
CA LEU A 41 24.95 -2.69 20.33
C LEU A 41 26.25 -3.36 19.91
N GLY A 42 27.29 -3.14 20.69
CA GLY A 42 28.58 -3.72 20.40
C GLY A 42 28.82 -4.93 21.26
N GLU A 43 28.89 -6.05 20.60
CA GLU A 43 29.08 -7.33 21.25
C GLU A 43 30.52 -7.51 21.73
N PRO A 44 30.71 -8.06 22.94
CA PRO A 44 32.04 -8.38 23.46
C PRO A 44 32.65 -9.54 22.70
N VAL A 45 33.77 -9.29 22.05
CA VAL A 45 34.40 -10.31 21.21
C VAL A 45 35.00 -11.40 22.07
N SER A 46 34.99 -12.61 21.55
CA SER A 46 35.52 -13.76 22.23
C SER A 46 36.94 -14.06 21.74
N VAL A 47 37.61 -14.99 22.42
CA VAL A 47 38.96 -15.37 22.06
C VAL A 47 39.01 -16.83 21.61
N GLU A 48 39.90 -17.14 20.68
CA GLU A 48 40.03 -18.49 20.17
C GLU A 48 40.75 -19.38 21.17
N GLU A 49 40.25 -20.59 21.33
CA GLU A 49 40.88 -21.57 22.21
C GLU A 49 41.94 -22.33 21.44
N ILE A 50 41.78 -22.38 20.13
CA ILE A 50 42.64 -23.19 19.26
C ILE A 50 43.99 -22.54 19.00
N LYS A 51 44.22 -21.37 19.57
CA LYS A 51 45.46 -20.66 19.38
C LYS A 51 46.62 -21.43 20.01
N LYS A 52 47.76 -21.45 19.34
CA LYS A 52 48.89 -22.20 19.80
C LYS A 52 50.10 -21.30 19.97
N ILE A 53 51.07 -21.75 20.77
CA ILE A 53 52.32 -21.05 21.01
C ILE A 53 52.15 -19.83 21.92
N ARG A 54 52.99 -19.76 22.93
CA ARG A 54 53.09 -18.61 23.81
C ARG A 54 54.58 -18.38 24.12
N ASP A 55 54.90 -17.52 25.07
CA ASP A 55 56.30 -17.24 25.39
C ASP A 55 57.00 -18.47 25.95
N GLY A 56 58.27 -18.57 25.62
CA GLY A 56 59.08 -19.68 26.07
C GLY A 56 60.53 -19.54 25.63
N THR A 57 61.34 -18.92 26.47
CA THR A 57 62.75 -18.73 26.16
C THR A 57 63.49 -20.05 26.13
N TRP A 58 64.25 -20.28 25.09
CA TRP A 58 64.99 -21.52 24.93
C TRP A 58 66.48 -21.27 25.02
N MET A 59 67.16 -22.11 25.78
CA MET A 59 68.60 -21.98 25.99
C MET A 59 69.36 -22.64 24.86
N SER A 60 70.51 -22.05 24.52
CA SER A 60 71.35 -22.57 23.45
C SER A 60 71.93 -23.94 23.80
N SER A 61 71.50 -24.97 23.08
CA SER A 61 71.97 -26.33 23.30
C SER A 61 73.31 -26.56 22.62
N LEU A 62 73.76 -25.56 21.88
CA LEU A 62 74.98 -25.64 21.09
C LEU A 62 76.22 -25.46 21.97
N GLU A 63 76.02 -24.82 23.10
CA GLU A 63 77.12 -24.47 23.99
C GLU A 63 77.69 -25.69 24.69
N HIS A 64 78.82 -26.17 24.18
CA HIS A 64 79.50 -27.33 24.75
C HIS A 64 80.86 -26.91 25.32
N HIS A 65 81.67 -27.89 25.72
CA HIS A 65 82.95 -27.62 26.33
C HIS A 65 83.96 -28.72 26.04
N HIS A 66 85.18 -28.35 25.71
CA HIS A 66 86.24 -29.32 25.47
C HIS A 66 86.89 -29.69 26.79
N HIS A 67 87.47 -30.88 26.85
CA HIS A 67 88.08 -31.36 28.08
C HIS A 67 89.49 -31.87 27.83
N HIS A 68 90.47 -31.06 28.17
CA HIS A 68 91.88 -31.45 28.08
C HIS A 68 92.75 -30.43 28.80
N HIS A 69 93.58 -30.92 29.70
CA HIS A 69 94.46 -30.06 30.49
C HIS A 69 95.92 -30.33 30.11
N MET B 1 6.71 -4.94 4.03
CA MET B 1 5.74 -4.31 4.95
C MET B 1 4.73 -5.34 5.44
N PRO B 2 4.09 -5.10 6.60
CA PRO B 2 3.01 -5.95 7.09
C PRO B 2 1.79 -5.85 6.20
N LYS B 3 1.63 -6.84 5.33
CA LYS B 3 0.51 -6.87 4.40
C LYS B 3 -0.73 -7.41 5.09
N ILE B 4 -1.88 -7.26 4.46
CA ILE B 4 -3.09 -7.83 4.95
C ILE B 4 -3.19 -9.28 4.53
N ILE B 5 -3.50 -10.13 5.49
CA ILE B 5 -3.79 -11.52 5.19
C ILE B 5 -5.27 -11.72 5.42
N GLU B 6 -5.89 -12.52 4.60
CA GLU B 6 -7.32 -12.74 4.73
C GLU B 6 -7.59 -14.05 5.47
N ALA B 7 -8.55 -14.03 6.35
CA ALA B 7 -8.91 -15.20 7.12
C ALA B 7 -10.42 -15.24 7.33
N VAL B 8 -10.94 -16.42 7.66
CA VAL B 8 -12.34 -16.59 7.97
C VAL B 8 -12.51 -17.04 9.42
N TYR B 9 -13.29 -16.29 10.17
CA TYR B 9 -13.59 -16.61 11.56
C TYR B 9 -14.69 -17.67 11.62
N GLU B 10 -14.27 -18.90 11.83
CA GLU B 10 -15.18 -20.02 11.94
C GLU B 10 -14.95 -20.72 13.28
N ASN B 11 -16.03 -21.23 13.87
CA ASN B 11 -15.97 -21.99 15.13
C ASN B 11 -15.52 -21.11 16.30
N GLY B 12 -15.49 -19.81 16.07
CA GLY B 12 -14.96 -18.90 17.09
C GLY B 12 -13.46 -18.76 16.96
N VAL B 13 -12.97 -19.12 15.78
CA VAL B 13 -11.55 -19.08 15.46
C VAL B 13 -11.31 -18.20 14.26
N PHE B 14 -10.14 -17.59 14.17
CA PHE B 14 -9.76 -16.93 12.94
C PHE B 14 -8.85 -17.87 12.15
N LYS B 15 -9.32 -18.30 10.98
CA LYS B 15 -8.55 -19.20 10.14
C LYS B 15 -8.24 -18.56 8.81
N PRO B 16 -6.95 -18.34 8.50
CA PRO B 16 -6.56 -17.70 7.26
C PRO B 16 -6.97 -18.48 6.04
N LEU B 17 -6.87 -17.75 4.97
CA LEU B 17 -6.84 -18.26 3.64
C LEU B 17 -5.39 -18.52 3.36
N GLN B 18 -4.66 -17.42 3.33
CA GLN B 18 -3.25 -17.44 2.94
C GLN B 18 -2.43 -18.32 3.88
N LYS B 19 -1.27 -18.75 3.41
CA LYS B 19 -0.36 -19.54 4.22
C LYS B 19 0.38 -18.65 5.20
N VAL B 20 0.34 -19.03 6.46
CA VAL B 20 0.98 -18.29 7.53
C VAL B 20 1.94 -19.20 8.28
N ASP B 21 3.00 -18.63 8.80
CA ASP B 21 4.10 -19.39 9.38
C ASP B 21 4.40 -18.93 10.80
N LEU B 22 3.46 -18.19 11.36
CA LEU B 22 3.59 -17.68 12.72
C LEU B 22 3.46 -18.82 13.74
N LYS B 23 3.88 -18.55 14.97
CA LYS B 23 3.90 -19.58 16.00
C LYS B 23 2.98 -19.22 17.16
N GLU B 24 3.03 -20.04 18.22
CA GLU B 24 2.14 -19.86 19.37
C GLU B 24 2.39 -18.54 20.07
N GLY B 25 1.30 -17.96 20.52
CA GLY B 25 1.30 -16.61 21.02
C GLY B 25 2.07 -15.69 20.11
N GLU B 26 1.55 -15.55 18.91
CA GLU B 26 2.01 -14.53 18.00
C GLU B 26 1.02 -13.38 17.96
N ARG B 27 1.55 -12.17 18.03
CA ARG B 27 0.73 -10.96 18.15
C ARG B 27 0.22 -10.51 16.80
N VAL B 28 -1.08 -10.55 16.66
CA VAL B 28 -1.73 -10.21 15.39
C VAL B 28 -3.00 -9.42 15.64
N LYS B 29 -3.37 -8.58 14.69
CA LYS B 29 -4.57 -7.79 14.79
C LYS B 29 -5.55 -8.20 13.71
N ILE B 30 -6.82 -8.22 14.08
CA ILE B 30 -7.89 -8.63 13.19
C ILE B 30 -8.84 -7.47 12.98
N LYS B 31 -9.33 -7.35 11.78
CA LYS B 31 -10.34 -6.37 11.46
C LYS B 31 -11.13 -6.84 10.25
N LEU B 32 -12.45 -6.89 10.38
CA LEU B 32 -13.28 -7.23 9.24
C LEU B 32 -13.12 -6.13 8.23
N GLU B 33 -12.53 -6.45 7.10
CA GLU B 33 -11.97 -5.40 6.28
C GLU B 33 -11.87 -5.78 4.82
N LEU B 34 -12.06 -4.76 3.99
CA LEU B 34 -11.88 -4.83 2.57
C LEU B 34 -11.65 -3.43 2.05
N LYS B 35 -11.30 -3.30 0.79
CA LYS B 35 -11.25 -1.99 0.15
C LYS B 35 -12.14 -2.00 -1.06
N VAL B 36 -12.73 -0.85 -1.34
CA VAL B 36 -13.75 -0.74 -2.36
C VAL B 36 -13.15 -0.31 -3.69
N GLU B 37 -13.63 -0.91 -4.76
CA GLU B 37 -13.22 -0.56 -6.09
C GLU B 37 -14.26 0.36 -6.72
N PRO B 38 -13.98 0.94 -7.90
CA PRO B 38 -14.98 1.75 -8.62
C PRO B 38 -16.23 0.94 -8.94
N ILE B 39 -17.23 1.62 -9.44
CA ILE B 39 -18.52 1.01 -9.67
C ILE B 39 -18.79 0.83 -11.16
N ASP B 40 -19.92 0.22 -11.46
CA ASP B 40 -20.36 -0.01 -12.83
C ASP B 40 -21.61 0.79 -13.13
N LEU B 41 -21.76 1.22 -14.37
CA LEU B 41 -22.92 1.99 -14.78
C LEU B 41 -23.76 1.19 -15.77
N GLY B 42 -25.07 1.35 -15.68
CA GLY B 42 -25.96 0.59 -16.51
C GLY B 42 -26.51 1.42 -17.65
N GLU B 43 -26.27 0.94 -18.85
CA GLU B 43 -26.77 1.56 -20.07
C GLU B 43 -28.30 1.71 -20.02
N PRO B 44 -28.82 2.82 -20.54
CA PRO B 44 -30.26 3.09 -20.57
C PRO B 44 -30.98 2.27 -21.64
N VAL B 45 -32.25 2.59 -21.87
CA VAL B 45 -33.07 1.88 -22.85
C VAL B 45 -32.82 2.42 -24.24
N SER B 46 -33.08 1.61 -25.26
CA SER B 46 -32.89 1.99 -26.65
C SER B 46 -34.09 2.78 -27.15
N VAL B 47 -33.96 3.32 -28.36
CA VAL B 47 -35.04 4.04 -29.02
C VAL B 47 -36.15 3.07 -29.40
N GLU B 48 -37.39 3.55 -29.40
CA GLU B 48 -38.56 2.71 -29.69
C GLU B 48 -38.37 1.93 -30.98
N GLU B 49 -38.42 0.62 -30.84
CA GLU B 49 -38.38 -0.29 -31.98
C GLU B 49 -39.78 -0.49 -32.55
N ILE B 50 -40.77 -0.32 -31.68
CA ILE B 50 -42.16 -0.60 -32.02
C ILE B 50 -42.85 0.60 -32.67
N LYS B 51 -42.12 1.70 -32.83
CA LYS B 51 -42.66 2.86 -33.52
C LYS B 51 -42.54 2.65 -35.02
N LYS B 52 -43.59 2.93 -35.75
CA LYS B 52 -43.64 2.61 -37.16
C LYS B 52 -43.47 3.85 -38.03
N ILE B 53 -42.91 3.67 -39.21
CA ILE B 53 -42.78 4.72 -40.18
C ILE B 53 -44.15 5.07 -40.77
N ARG B 54 -44.37 6.33 -41.06
CA ARG B 54 -45.64 6.77 -41.61
C ARG B 54 -45.52 7.03 -43.11
N ASP B 55 -46.64 7.42 -43.74
CA ASP B 55 -46.74 7.54 -45.20
C ASP B 55 -46.71 6.17 -45.86
N GLY B 56 -47.31 6.09 -47.03
CA GLY B 56 -47.34 4.85 -47.78
C GLY B 56 -48.01 5.01 -49.12
N THR B 57 -47.36 4.52 -50.17
CA THR B 57 -47.91 4.59 -51.51
C THR B 57 -49.24 3.86 -51.58
N TRP B 58 -50.22 4.48 -52.23
CA TRP B 58 -51.54 3.89 -52.36
C TRP B 58 -51.98 3.91 -53.81
N MET B 59 -52.50 2.78 -54.28
CA MET B 59 -52.98 2.67 -55.64
C MET B 59 -54.47 2.46 -55.63
N SER B 60 -55.19 3.29 -56.38
CA SER B 60 -56.63 3.21 -56.45
C SER B 60 -57.06 2.24 -57.54
N SER B 61 -58.33 1.87 -57.55
CA SER B 61 -58.88 0.92 -58.51
C SER B 61 -59.21 1.60 -59.85
N LEU B 62 -58.58 2.77 -60.06
CA LEU B 62 -58.79 3.56 -61.27
C LEU B 62 -60.24 4.03 -61.38
N GLU B 63 -60.60 4.49 -62.56
CA GLU B 63 -61.95 4.95 -62.82
C GLU B 63 -62.56 4.20 -63.99
N HIS B 64 -63.79 3.74 -63.83
CA HIS B 64 -64.51 3.11 -64.92
C HIS B 64 -65.35 4.13 -65.66
N HIS B 65 -65.06 4.28 -66.95
CA HIS B 65 -65.81 5.22 -67.79
C HIS B 65 -67.30 4.91 -67.76
N HIS B 66 -68.11 5.95 -67.67
CA HIS B 66 -69.55 5.78 -67.52
C HIS B 66 -70.21 5.48 -68.87
N HIS B 67 -71.16 4.55 -68.85
CA HIS B 67 -71.92 4.20 -70.04
C HIS B 67 -73.40 4.21 -69.72
N HIS B 68 -74.14 5.07 -70.38
CA HIS B 68 -75.56 5.23 -70.10
C HIS B 68 -76.37 4.15 -70.81
N HIS B 69 -77.13 3.40 -70.05
CA HIS B 69 -78.01 2.37 -70.62
C HIS B 69 -79.46 2.76 -70.39
N MET A 1 -14.15 -1.90 9.74
CA MET A 1 -14.42 -1.69 11.18
C MET A 1 -13.34 -0.79 11.76
N PRO A 2 -13.76 0.26 12.48
CA PRO A 2 -12.84 1.28 13.05
C PRO A 2 -11.75 0.70 13.95
N LYS A 3 -12.15 0.03 15.03
CA LYS A 3 -11.19 -0.38 16.05
C LYS A 3 -10.69 -1.81 15.80
N ILE A 4 -9.69 -2.21 16.56
CA ILE A 4 -9.02 -3.48 16.38
C ILE A 4 -9.36 -4.48 17.48
N ILE A 5 -9.43 -5.74 17.09
CA ILE A 5 -9.49 -6.85 18.03
C ILE A 5 -8.12 -7.55 17.99
N GLU A 6 -7.85 -8.45 18.92
CA GLU A 6 -6.57 -9.12 18.96
C GLU A 6 -6.76 -10.63 18.93
N ALA A 7 -5.71 -11.35 18.56
CA ALA A 7 -5.71 -12.81 18.56
C ALA A 7 -4.28 -13.34 18.61
N VAL A 8 -4.15 -14.59 19.05
CA VAL A 8 -2.89 -15.29 19.03
C VAL A 8 -2.96 -16.49 18.09
N TYR A 9 -2.14 -16.46 17.06
CA TYR A 9 -2.09 -17.53 16.05
C TYR A 9 -1.22 -18.69 16.51
N GLU A 10 -1.88 -19.82 16.74
CA GLU A 10 -1.22 -21.04 17.14
C GLU A 10 -1.82 -22.21 16.37
N ASN A 11 -0.99 -23.20 16.07
CA ASN A 11 -1.42 -24.42 15.36
C ASN A 11 -2.05 -24.11 14.00
N GLY A 12 -1.69 -22.99 13.40
CA GLY A 12 -2.27 -22.61 12.13
C GLY A 12 -3.63 -21.99 12.29
N VAL A 13 -3.89 -21.49 13.48
CA VAL A 13 -5.18 -20.92 13.84
C VAL A 13 -5.01 -19.56 14.48
N PHE A 14 -5.99 -18.70 14.37
CA PHE A 14 -6.00 -17.47 15.13
C PHE A 14 -6.99 -17.58 16.29
N LYS A 15 -6.47 -17.57 17.49
CA LYS A 15 -7.28 -17.65 18.70
C LYS A 15 -7.35 -16.28 19.34
N PRO A 16 -8.48 -15.59 19.24
CA PRO A 16 -8.68 -14.24 19.76
C PRO A 16 -8.06 -13.90 21.10
N LEU A 17 -8.09 -12.61 21.34
CA LEU A 17 -7.80 -12.02 22.61
C LEU A 17 -8.92 -11.04 22.86
N GLN A 18 -9.87 -11.53 23.63
CA GLN A 18 -11.08 -10.86 24.10
C GLN A 18 -12.16 -10.80 23.01
N LYS A 19 -13.27 -10.13 23.33
CA LYS A 19 -14.54 -10.30 22.62
C LYS A 19 -14.48 -10.11 21.12
N VAL A 20 -15.18 -11.01 20.45
CA VAL A 20 -15.43 -10.93 19.02
C VAL A 20 -16.84 -11.40 18.78
N ASP A 21 -17.55 -10.66 17.98
CA ASP A 21 -18.87 -11.04 17.61
C ASP A 21 -19.01 -10.92 16.13
N LEU A 22 -18.65 -12.02 15.52
CA LEU A 22 -18.78 -12.21 14.09
C LEU A 22 -19.61 -13.45 13.78
N LYS A 23 -19.78 -13.73 12.50
CA LYS A 23 -20.45 -14.93 12.06
C LYS A 23 -19.48 -15.85 11.35
N GLU A 24 -19.85 -17.12 11.20
CA GLU A 24 -18.99 -18.08 10.54
C GLU A 24 -18.83 -17.73 9.08
N GLY A 25 -17.59 -17.79 8.65
CA GLY A 25 -17.19 -17.23 7.39
C GLY A 25 -17.37 -15.73 7.41
N GLU A 26 -16.59 -15.12 8.27
CA GLU A 26 -16.45 -13.67 8.28
C GLU A 26 -15.03 -13.31 7.92
N ARG A 27 -14.86 -12.26 7.13
CA ARG A 27 -13.54 -11.89 6.66
C ARG A 27 -12.94 -10.75 7.45
N VAL A 28 -11.78 -11.03 7.95
CA VAL A 28 -11.03 -10.11 8.77
C VAL A 28 -9.58 -10.10 8.29
N LYS A 29 -8.91 -8.98 8.45
CA LYS A 29 -7.54 -8.87 8.03
C LYS A 29 -6.63 -8.91 9.22
N ILE A 30 -5.55 -9.63 9.07
CA ILE A 30 -4.58 -9.81 10.11
C ILE A 30 -3.32 -9.08 9.73
N LYS A 31 -2.65 -8.57 10.72
CA LYS A 31 -1.35 -8.00 10.56
C LYS A 31 -0.65 -8.07 11.89
N LEU A 32 0.66 -8.04 11.85
CA LEU A 32 1.44 -8.04 13.07
C LEU A 32 1.25 -6.72 13.77
N GLU A 33 1.30 -6.72 15.08
CA GLU A 33 1.02 -5.50 15.84
C GLU A 33 1.83 -4.31 15.32
N LEU A 34 1.09 -3.28 15.00
CA LEU A 34 1.57 -2.05 14.40
C LEU A 34 2.45 -2.21 13.16
N LYS A 35 2.51 -1.14 12.38
CA LYS A 35 3.25 -1.14 11.14
C LYS A 35 4.63 -0.49 11.30
N VAL A 36 5.40 -0.52 10.23
CA VAL A 36 6.70 0.14 10.19
C VAL A 36 6.53 1.56 9.70
N GLU A 37 7.43 2.44 10.12
CA GLU A 37 7.40 3.82 9.74
C GLU A 37 8.23 4.05 8.48
N PRO A 38 7.84 5.03 7.65
CA PRO A 38 8.56 5.34 6.41
C PRO A 38 9.91 6.00 6.68
N ILE A 39 10.69 6.19 5.63
CA ILE A 39 12.04 6.72 5.78
C ILE A 39 12.19 8.01 4.98
N ASP A 40 13.10 8.85 5.43
CA ASP A 40 13.47 10.05 4.70
C ASP A 40 14.91 10.41 5.07
N LEU A 41 15.83 9.60 4.57
CA LEU A 41 17.22 9.71 4.94
C LEU A 41 17.96 10.64 3.98
N GLY A 42 18.78 11.51 4.54
CA GLY A 42 19.60 12.36 3.74
C GLY A 42 20.67 11.56 3.04
N GLU A 43 20.52 11.45 1.76
CA GLU A 43 21.43 10.65 0.94
C GLU A 43 22.54 11.51 0.39
N PRO A 44 23.78 11.27 0.83
CA PRO A 44 24.95 12.03 0.39
C PRO A 44 25.36 11.67 -1.03
N VAL A 45 25.23 12.63 -1.93
CA VAL A 45 25.66 12.45 -3.31
C VAL A 45 26.81 13.39 -3.60
N SER A 46 27.52 13.11 -4.68
CA SER A 46 28.67 13.90 -5.06
C SER A 46 28.23 15.31 -5.47
N VAL A 47 29.16 16.23 -5.45
CA VAL A 47 28.86 17.62 -5.75
C VAL A 47 29.53 18.04 -7.05
N GLU A 48 28.76 18.72 -7.90
CA GLU A 48 29.28 19.19 -9.17
C GLU A 48 29.03 20.68 -9.30
N GLU A 49 30.11 21.43 -9.46
CA GLU A 49 30.06 22.88 -9.50
C GLU A 49 29.73 23.41 -10.88
N ILE A 50 30.05 22.62 -11.89
CA ILE A 50 29.85 23.01 -13.28
C ILE A 50 28.44 22.61 -13.74
N LYS A 51 27.67 22.03 -12.83
CA LYS A 51 26.33 21.56 -13.13
C LYS A 51 25.37 22.73 -13.31
N LYS A 52 24.56 22.68 -14.37
CA LYS A 52 23.60 23.71 -14.71
C LYS A 52 24.24 25.07 -14.94
N ILE A 53 24.32 25.44 -16.21
CA ILE A 53 24.84 26.72 -16.60
C ILE A 53 23.79 27.81 -16.41
N ARG A 54 24.17 28.87 -15.71
CA ARG A 54 23.27 30.00 -15.50
C ARG A 54 23.78 31.23 -16.23
N ASP A 55 23.00 31.71 -17.18
CA ASP A 55 23.33 32.96 -17.86
C ASP A 55 22.32 34.02 -17.47
N GLY A 56 22.73 35.27 -17.53
CA GLY A 56 21.89 36.34 -17.05
C GLY A 56 21.41 37.26 -18.16
N THR A 57 21.13 36.69 -19.33
CA THR A 57 20.63 37.48 -20.44
C THR A 57 19.12 37.75 -20.29
N TRP A 58 18.70 38.88 -20.83
CA TRP A 58 17.31 39.29 -20.80
C TRP A 58 17.01 40.14 -22.03
N MET A 59 15.91 39.87 -22.70
CA MET A 59 15.54 40.61 -23.89
C MET A 59 14.74 41.85 -23.52
N SER A 60 15.22 43.00 -23.95
CA SER A 60 14.54 44.26 -23.68
C SER A 60 13.67 44.65 -24.86
N SER A 61 12.37 44.70 -24.62
CA SER A 61 11.39 44.97 -25.66
C SER A 61 11.19 46.47 -25.89
N LEU A 62 12.18 47.27 -25.49
CA LEU A 62 12.12 48.71 -25.68
C LEU A 62 12.10 49.04 -27.17
N GLU A 63 10.94 49.47 -27.64
CA GLU A 63 10.75 49.76 -29.05
C GLU A 63 10.25 51.18 -29.27
N HIS A 64 10.42 51.68 -30.48
CA HIS A 64 9.90 52.99 -30.84
C HIS A 64 9.03 52.86 -32.10
N HIS A 65 7.73 52.67 -31.89
CA HIS A 65 6.81 52.43 -33.00
C HIS A 65 5.55 53.27 -32.86
N HIS A 66 5.26 54.02 -33.90
CA HIS A 66 3.99 54.75 -34.00
C HIS A 66 3.47 54.67 -35.42
N HIS A 67 4.35 55.01 -36.33
CA HIS A 67 4.05 55.03 -37.78
C HIS A 67 2.92 55.99 -38.11
N HIS A 68 2.69 56.94 -37.23
CA HIS A 68 1.72 58.00 -37.47
C HIS A 68 2.43 59.21 -38.04
N HIS A 69 2.13 59.54 -39.28
CA HIS A 69 2.73 60.68 -39.94
C HIS A 69 1.74 61.83 -40.03
N MET B 1 8.39 -8.35 7.47
CA MET B 1 7.72 -7.14 6.93
C MET B 1 6.22 -7.27 7.05
N PRO B 2 5.56 -6.26 7.64
CA PRO B 2 4.11 -6.27 7.89
C PRO B 2 3.28 -6.54 6.62
N LYS B 3 2.79 -7.76 6.52
CA LYS B 3 1.87 -8.13 5.47
C LYS B 3 0.50 -8.35 6.08
N ILE B 4 -0.54 -8.29 5.26
CA ILE B 4 -1.85 -8.56 5.75
C ILE B 4 -2.28 -9.97 5.38
N ILE B 5 -2.92 -10.63 6.32
CA ILE B 5 -3.48 -11.95 6.10
C ILE B 5 -4.99 -11.83 6.21
N GLU B 6 -5.72 -12.84 5.81
CA GLU B 6 -7.14 -12.85 5.97
C GLU B 6 -7.58 -14.16 6.56
N ALA B 7 -8.49 -14.09 7.52
CA ALA B 7 -8.98 -15.28 8.18
C ALA B 7 -10.49 -15.25 8.28
N VAL B 8 -11.10 -16.41 8.40
CA VAL B 8 -12.52 -16.52 8.59
C VAL B 8 -12.85 -17.00 9.99
N TYR B 9 -13.61 -16.19 10.71
CA TYR B 9 -14.19 -16.58 12.00
C TYR B 9 -15.10 -17.78 11.81
N GLU B 10 -14.69 -18.91 12.34
CA GLU B 10 -15.42 -20.15 12.14
C GLU B 10 -15.52 -20.90 13.44
N ASN B 11 -16.72 -21.29 13.78
CA ASN B 11 -16.99 -22.03 15.02
C ASN B 11 -16.46 -21.26 16.22
N GLY B 12 -16.40 -19.93 16.13
CA GLY B 12 -15.64 -19.23 17.13
C GLY B 12 -14.39 -18.63 16.54
N VAL B 13 -13.51 -19.52 16.17
CA VAL B 13 -12.09 -19.25 16.02
C VAL B 13 -11.74 -18.85 14.59
N PHE B 14 -10.66 -18.10 14.42
CA PHE B 14 -10.29 -17.61 13.10
C PHE B 14 -9.41 -18.59 12.34
N LYS B 15 -9.87 -18.99 11.16
CA LYS B 15 -9.10 -19.82 10.25
C LYS B 15 -8.66 -18.97 9.06
N PRO B 16 -7.35 -18.81 8.83
CA PRO B 16 -6.88 -18.01 7.71
C PRO B 16 -7.23 -18.61 6.37
N LEU B 17 -7.04 -17.82 5.32
CA LEU B 17 -7.18 -18.30 3.95
C LEU B 17 -5.81 -18.26 3.31
N GLN B 18 -4.87 -17.70 4.05
CA GLN B 18 -3.46 -17.71 3.68
C GLN B 18 -2.69 -18.51 4.71
N LYS B 19 -1.69 -19.26 4.30
CA LYS B 19 -0.83 -19.91 5.24
C LYS B 19 0.05 -18.87 5.90
N VAL B 20 0.03 -18.88 7.22
CA VAL B 20 0.74 -17.87 7.99
C VAL B 20 2.17 -18.33 8.25
N ASP B 21 3.07 -17.37 8.26
CA ASP B 21 4.50 -17.62 8.26
C ASP B 21 5.10 -17.21 9.61
N LEU B 22 4.21 -17.01 10.55
CA LEU B 22 4.57 -16.52 11.87
C LEU B 22 4.89 -17.66 12.83
N LYS B 23 4.99 -17.35 14.11
CA LYS B 23 5.35 -18.33 15.13
C LYS B 23 4.16 -18.59 16.04
N GLU B 24 4.13 -19.76 16.65
CA GLU B 24 3.02 -20.17 17.50
C GLU B 24 2.79 -19.19 18.65
N GLY B 25 1.53 -18.84 18.82
CA GLY B 25 1.14 -17.75 19.67
C GLY B 25 1.84 -16.48 19.25
N GLU B 26 1.51 -16.04 18.06
CA GLU B 26 1.98 -14.78 17.56
C GLU B 26 0.99 -13.67 17.86
N ARG B 27 1.52 -12.44 18.05
CA ARG B 27 0.70 -11.30 18.39
C ARG B 27 0.26 -10.54 17.16
N VAL B 28 -0.99 -10.74 16.85
CA VAL B 28 -1.59 -10.14 15.67
C VAL B 28 -2.83 -9.35 16.06
N LYS B 29 -3.16 -8.37 15.24
CA LYS B 29 -4.34 -7.57 15.46
C LYS B 29 -5.28 -7.71 14.28
N ILE B 30 -6.56 -7.63 14.58
CA ILE B 30 -7.60 -7.95 13.62
C ILE B 30 -8.60 -6.82 13.55
N LYS B 31 -9.25 -6.69 12.42
CA LYS B 31 -10.36 -5.80 12.27
C LYS B 31 -11.28 -6.36 11.21
N LEU B 32 -12.52 -5.92 11.23
CA LEU B 32 -13.54 -6.48 10.37
C LEU B 32 -13.59 -5.68 9.09
N GLU B 33 -13.23 -6.30 7.99
CA GLU B 33 -13.01 -5.58 6.77
C GLU B 33 -14.25 -5.55 5.89
N LEU B 34 -14.35 -4.51 5.09
CA LEU B 34 -15.52 -4.29 4.27
C LEU B 34 -15.14 -3.61 2.97
N LYS B 35 -16.14 -3.18 2.22
CA LYS B 35 -15.94 -2.52 0.96
C LYS B 35 -15.85 -1.01 1.15
N VAL B 36 -15.39 -0.30 0.13
CA VAL B 36 -15.31 1.15 0.18
C VAL B 36 -16.72 1.75 0.10
N GLU B 37 -16.87 2.97 0.60
CA GLU B 37 -18.14 3.65 0.60
C GLU B 37 -18.65 3.84 -0.83
N PRO B 38 -19.97 3.71 -1.03
CA PRO B 38 -20.59 3.77 -2.36
C PRO B 38 -20.40 5.11 -3.05
N ILE B 39 -20.85 5.16 -4.29
CA ILE B 39 -20.68 6.31 -5.14
C ILE B 39 -21.72 7.38 -4.88
N ASP B 40 -21.51 8.54 -5.51
CA ASP B 40 -22.42 9.67 -5.34
C ASP B 40 -23.47 9.65 -6.44
N LEU B 41 -23.98 10.82 -6.81
CA LEU B 41 -24.97 10.93 -7.87
C LEU B 41 -24.27 11.12 -9.23
N GLY B 42 -25.06 11.42 -10.25
CA GLY B 42 -24.54 11.59 -11.57
C GLY B 42 -25.26 12.70 -12.30
N GLU B 43 -24.54 13.48 -13.06
CA GLU B 43 -25.10 14.61 -13.78
C GLU B 43 -25.89 14.14 -15.00
N PRO B 44 -26.87 14.94 -15.45
CA PRO B 44 -27.54 14.71 -16.72
C PRO B 44 -26.58 14.98 -17.88
N VAL B 45 -26.94 14.52 -19.08
CA VAL B 45 -26.07 14.69 -20.24
C VAL B 45 -25.59 16.13 -20.39
N SER B 46 -24.31 16.23 -20.66
CA SER B 46 -23.61 17.51 -20.70
C SER B 46 -23.73 18.15 -22.08
N VAL B 47 -23.28 19.39 -22.19
CA VAL B 47 -23.30 20.11 -23.47
C VAL B 47 -21.95 19.93 -24.18
N GLU B 48 -22.01 19.57 -25.45
CA GLU B 48 -20.80 19.34 -26.24
C GLU B 48 -20.17 20.66 -26.67
N GLU B 49 -18.94 20.88 -26.23
CA GLU B 49 -18.23 22.12 -26.50
C GLU B 49 -17.50 22.08 -27.84
N ILE B 50 -17.19 20.89 -28.28
CA ILE B 50 -16.41 20.69 -29.50
C ILE B 50 -17.32 20.50 -30.70
N LYS B 51 -18.61 20.66 -30.47
CA LYS B 51 -19.61 20.41 -31.49
C LYS B 51 -19.84 21.67 -32.33
N LYS B 52 -20.17 21.47 -33.60
CA LYS B 52 -20.43 22.55 -34.53
C LYS B 52 -21.84 23.10 -34.34
N ILE B 53 -21.99 24.41 -34.49
CA ILE B 53 -23.28 25.05 -34.36
C ILE B 53 -23.71 25.68 -35.68
N ARG B 54 -22.78 26.45 -36.26
CA ARG B 54 -23.01 27.19 -37.49
C ARG B 54 -24.09 28.26 -37.35
N ASP B 55 -23.92 29.34 -38.09
CA ASP B 55 -24.86 30.44 -38.08
C ASP B 55 -24.92 31.10 -39.45
N GLY B 56 -25.88 31.98 -39.66
CA GLY B 56 -26.00 32.69 -40.92
C GLY B 56 -24.94 33.77 -41.08
N THR B 57 -23.74 33.36 -41.46
CA THR B 57 -22.65 34.29 -41.66
C THR B 57 -22.59 34.77 -43.10
N TRP B 58 -22.07 35.96 -43.30
CA TRP B 58 -21.97 36.56 -44.62
C TRP B 58 -20.52 36.64 -45.07
N MET B 59 -20.29 36.27 -46.32
CA MET B 59 -18.97 36.36 -46.93
C MET B 59 -19.11 36.52 -48.43
N SER B 60 -18.16 37.22 -49.05
CA SER B 60 -18.20 37.46 -50.47
C SER B 60 -16.80 37.41 -51.07
N SER B 61 -16.73 37.00 -52.33
CA SER B 61 -15.49 37.00 -53.08
C SER B 61 -15.42 38.29 -53.91
N LEU B 62 -16.30 39.23 -53.57
CA LEU B 62 -16.41 40.47 -54.32
C LEU B 62 -15.47 41.54 -53.78
N GLU B 63 -14.30 41.64 -54.37
CA GLU B 63 -13.38 42.73 -54.07
C GLU B 63 -13.21 43.57 -55.32
N HIS B 64 -14.10 44.54 -55.50
CA HIS B 64 -14.10 45.36 -56.70
C HIS B 64 -13.41 46.69 -56.47
N HIS B 65 -12.15 46.63 -56.05
CA HIS B 65 -11.34 47.83 -55.94
C HIS B 65 -11.05 48.38 -57.33
N HIS B 66 -11.55 49.57 -57.61
CA HIS B 66 -11.48 50.13 -58.95
C HIS B 66 -10.24 50.98 -59.11
N HIS B 67 -9.23 50.44 -59.76
CA HIS B 67 -8.06 51.23 -60.08
C HIS B 67 -8.36 52.11 -61.30
N HIS B 68 -8.39 53.40 -61.08
CA HIS B 68 -8.59 54.35 -62.17
C HIS B 68 -7.30 55.11 -62.40
N HIS B 69 -6.88 55.16 -63.66
CA HIS B 69 -5.59 55.75 -64.04
C HIS B 69 -4.45 54.94 -63.42
N MET A 1 -19.30 -1.96 15.09
CA MET A 1 -18.42 -0.79 14.88
C MET A 1 -17.10 -1.23 14.28
N PRO A 2 -16.44 -0.33 13.52
CA PRO A 2 -15.11 -0.59 12.97
C PRO A 2 -14.02 -0.54 14.05
N LYS A 3 -13.44 -1.69 14.36
CA LYS A 3 -12.41 -1.78 15.38
C LYS A 3 -11.41 -2.87 15.03
N ILE A 4 -10.36 -2.95 15.82
CA ILE A 4 -9.37 -3.97 15.65
C ILE A 4 -9.46 -4.96 16.79
N ILE A 5 -9.21 -6.22 16.49
CA ILE A 5 -9.24 -7.26 17.50
C ILE A 5 -7.82 -7.70 17.82
N GLU A 6 -7.61 -8.10 19.05
CA GLU A 6 -6.34 -8.68 19.46
C GLU A 6 -6.49 -10.19 19.56
N ALA A 7 -5.65 -10.90 18.83
CA ALA A 7 -5.68 -12.35 18.80
C ALA A 7 -4.26 -12.88 18.71
N VAL A 8 -4.09 -14.18 18.91
CA VAL A 8 -2.81 -14.82 18.74
C VAL A 8 -2.95 -16.06 17.86
N TYR A 9 -2.09 -16.15 16.86
CA TYR A 9 -1.97 -17.34 16.03
C TYR A 9 -1.59 -18.51 16.91
N GLU A 10 -2.35 -19.59 16.80
CA GLU A 10 -2.16 -20.74 17.64
C GLU A 10 -2.31 -22.03 16.87
N ASN A 11 -1.18 -22.68 16.69
CA ASN A 11 -1.12 -24.00 16.08
C ASN A 11 -1.77 -24.00 14.71
N GLY A 12 -1.77 -22.86 14.06
CA GLY A 12 -2.63 -22.73 12.92
C GLY A 12 -3.50 -21.52 13.06
N VAL A 13 -4.42 -21.65 13.98
CA VAL A 13 -5.61 -20.81 14.00
C VAL A 13 -5.45 -19.60 14.90
N PHE A 14 -6.05 -18.49 14.52
CA PHE A 14 -5.92 -17.27 15.29
C PHE A 14 -6.98 -17.21 16.38
N LYS A 15 -6.51 -17.21 17.62
CA LYS A 15 -7.37 -17.17 18.78
C LYS A 15 -7.36 -15.79 19.39
N PRO A 16 -8.48 -15.07 19.42
CA PRO A 16 -8.53 -13.76 20.06
C PRO A 16 -8.18 -13.83 21.53
N LEU A 17 -7.99 -12.67 22.13
CA LEU A 17 -7.74 -12.59 23.56
C LEU A 17 -9.01 -12.14 24.23
N GLN A 18 -9.97 -11.76 23.41
CA GLN A 18 -11.27 -11.32 23.93
C GLN A 18 -12.40 -11.72 23.01
N LYS A 19 -13.63 -11.54 23.49
CA LYS A 19 -14.83 -11.94 22.77
C LYS A 19 -14.99 -11.18 21.47
N VAL A 20 -15.18 -11.96 20.43
CA VAL A 20 -15.50 -11.45 19.11
C VAL A 20 -16.63 -12.22 18.51
N ASP A 21 -17.46 -11.47 17.85
CA ASP A 21 -18.54 -12.02 17.09
C ASP A 21 -18.80 -11.15 15.88
N LEU A 22 -18.08 -11.48 14.87
CA LEU A 22 -18.27 -10.89 13.54
C LEU A 22 -18.93 -11.92 12.62
N LYS A 23 -19.17 -13.05 13.22
CA LYS A 23 -19.90 -14.20 12.70
C LYS A 23 -19.05 -15.13 11.87
N GLU A 24 -19.65 -16.24 11.52
CA GLU A 24 -18.96 -17.32 10.86
C GLU A 24 -18.78 -17.02 9.39
N GLY A 25 -17.58 -17.28 8.93
CA GLY A 25 -17.14 -16.78 7.65
C GLY A 25 -17.37 -15.30 7.57
N GLU A 26 -16.68 -14.61 8.43
CA GLU A 26 -16.60 -13.19 8.41
C GLU A 26 -15.18 -12.79 8.07
N ARG A 27 -15.02 -11.79 7.21
CA ARG A 27 -13.75 -11.56 6.56
C ARG A 27 -12.96 -10.44 7.20
N VAL A 28 -11.82 -10.85 7.68
CA VAL A 28 -10.91 -9.99 8.43
C VAL A 28 -9.49 -10.22 7.93
N LYS A 29 -8.62 -9.26 8.15
CA LYS A 29 -7.25 -9.43 7.76
C LYS A 29 -6.33 -9.30 8.96
N ILE A 30 -5.35 -10.18 8.96
CA ILE A 30 -4.40 -10.32 10.04
C ILE A 30 -3.09 -9.69 9.63
N LYS A 31 -2.38 -9.18 10.60
CA LYS A 31 -1.07 -8.68 10.38
C LYS A 31 -0.30 -8.71 11.68
N LEU A 32 1.00 -8.63 11.57
CA LEU A 32 1.86 -8.82 12.71
C LEU A 32 2.21 -7.49 13.33
N GLU A 33 1.79 -7.33 14.56
CA GLU A 33 1.91 -6.04 15.21
C GLU A 33 3.25 -5.90 15.89
N LEU A 34 3.87 -4.77 15.63
CA LEU A 34 5.20 -4.48 16.13
C LEU A 34 5.42 -2.97 16.20
N LYS A 35 6.67 -2.58 16.38
CA LYS A 35 7.05 -1.19 16.38
C LYS A 35 8.02 -0.90 15.24
N VAL A 36 8.31 0.37 15.03
CA VAL A 36 9.33 0.76 14.06
C VAL A 36 10.70 0.56 14.69
N GLU A 37 11.57 -0.12 13.99
CA GLU A 37 12.85 -0.49 14.53
C GLU A 37 13.94 0.52 14.17
N PRO A 38 14.79 0.87 15.15
CA PRO A 38 16.00 1.63 14.91
C PRO A 38 17.13 0.73 14.43
N ILE A 39 18.28 1.32 14.13
CA ILE A 39 19.42 0.57 13.63
C ILE A 39 20.29 0.03 14.76
N ASP A 40 20.88 -1.12 14.53
CA ASP A 40 21.73 -1.77 15.50
C ASP A 40 23.19 -1.51 15.20
N LEU A 41 24.05 -1.93 16.12
CA LEU A 41 25.48 -1.97 15.87
C LEU A 41 25.85 -3.40 15.50
N GLY A 42 26.59 -3.56 14.41
CA GLY A 42 26.81 -4.88 13.88
C GLY A 42 27.93 -5.63 14.55
N GLU A 43 28.50 -6.54 13.79
CA GLU A 43 29.49 -7.46 14.28
C GLU A 43 30.79 -7.34 13.49
N PRO A 44 31.93 -7.68 14.11
CA PRO A 44 33.22 -7.69 13.42
C PRO A 44 33.58 -9.07 12.89
N VAL A 45 34.65 -9.13 12.10
CA VAL A 45 35.18 -10.40 11.63
C VAL A 45 36.60 -10.60 12.11
N SER A 46 36.96 -11.84 12.32
CA SER A 46 38.25 -12.21 12.89
C SER A 46 39.03 -13.11 11.92
N VAL A 47 40.28 -13.43 12.31
CA VAL A 47 41.18 -14.31 11.56
C VAL A 47 41.58 -13.74 10.20
N GLU A 48 42.74 -14.18 9.71
CA GLU A 48 43.32 -13.80 8.42
C GLU A 48 43.71 -12.32 8.33
N GLU A 49 42.93 -11.46 8.94
CA GLU A 49 43.23 -10.04 8.98
C GLU A 49 44.42 -9.78 9.90
N ILE A 50 44.59 -10.68 10.85
CA ILE A 50 45.66 -10.59 11.83
C ILE A 50 46.91 -11.31 11.31
N LYS A 51 46.77 -11.96 10.16
CA LYS A 51 47.87 -12.70 9.58
C LYS A 51 48.54 -11.83 8.51
N LYS A 52 49.62 -12.36 7.92
CA LYS A 52 50.52 -11.59 7.06
C LYS A 52 51.14 -10.44 7.84
N ILE A 53 52.40 -10.64 8.21
CA ILE A 53 53.15 -9.67 8.94
C ILE A 53 54.20 -9.03 8.02
N ARG A 54 54.53 -7.77 8.27
CA ARG A 54 55.58 -7.09 7.52
C ARG A 54 56.86 -7.91 7.55
N ASP A 55 57.40 -8.19 6.38
CA ASP A 55 58.62 -8.97 6.31
C ASP A 55 59.83 -8.08 6.49
N GLY A 56 60.87 -8.63 7.06
CA GLY A 56 62.09 -7.90 7.30
C GLY A 56 63.31 -8.78 7.18
N THR A 57 63.21 -9.79 6.32
CA THR A 57 64.29 -10.73 6.12
C THR A 57 65.50 -10.04 5.52
N TRP A 58 66.62 -10.11 6.21
CA TRP A 58 67.85 -9.52 5.72
C TRP A 58 68.56 -10.54 4.85
N MET A 59 69.02 -10.11 3.70
CA MET A 59 69.64 -11.01 2.73
C MET A 59 70.89 -11.66 3.30
N SER A 60 70.91 -12.99 3.28
CA SER A 60 72.08 -13.73 3.71
C SER A 60 73.18 -13.60 2.65
N SER A 61 74.21 -12.85 2.99
CA SER A 61 75.26 -12.53 2.03
C SER A 61 76.41 -13.52 2.12
N LEU A 62 76.16 -14.66 2.78
CA LEU A 62 77.17 -15.70 2.90
C LEU A 62 77.38 -16.35 1.54
N GLU A 63 78.41 -15.90 0.84
CA GLU A 63 78.73 -16.42 -0.47
C GLU A 63 80.10 -17.07 -0.47
N HIS A 64 80.56 -17.49 -1.65
CA HIS A 64 81.89 -18.05 -1.80
C HIS A 64 82.62 -17.36 -2.94
N HIS A 65 83.71 -16.67 -2.63
CA HIS A 65 84.56 -16.08 -3.66
C HIS A 65 85.30 -17.19 -4.39
N HIS A 66 84.70 -17.66 -5.49
CA HIS A 66 85.17 -18.85 -6.17
C HIS A 66 86.02 -18.51 -7.38
N HIS A 67 86.27 -17.23 -7.56
CA HIS A 67 87.03 -16.76 -8.72
C HIS A 67 88.45 -16.39 -8.31
N HIS A 68 89.37 -17.33 -8.49
CA HIS A 68 90.77 -17.12 -8.15
C HIS A 68 91.59 -18.33 -8.58
N HIS A 69 92.60 -18.10 -9.41
CA HIS A 69 93.51 -19.16 -9.79
C HIS A 69 94.73 -19.10 -8.87
N MET B 1 7.77 -3.87 4.64
CA MET B 1 6.71 -4.21 3.66
C MET B 1 5.41 -4.56 4.38
N PRO B 2 4.35 -3.75 4.17
CA PRO B 2 3.05 -4.00 4.77
C PRO B 2 2.28 -5.11 4.07
N LYS B 3 2.19 -6.25 4.72
CA LYS B 3 1.41 -7.37 4.20
C LYS B 3 0.26 -7.69 5.13
N ILE B 4 -0.81 -8.23 4.56
CA ILE B 4 -1.95 -8.63 5.31
C ILE B 4 -2.32 -10.08 5.00
N ILE B 5 -2.76 -10.78 6.02
CA ILE B 5 -3.26 -12.13 5.85
C ILE B 5 -4.78 -12.08 5.86
N GLU B 6 -5.42 -13.00 5.20
CA GLU B 6 -6.86 -13.05 5.20
C GLU B 6 -7.34 -14.30 5.91
N ALA B 7 -8.33 -14.13 6.77
CA ALA B 7 -8.82 -15.22 7.61
C ALA B 7 -10.33 -15.10 7.78
N VAL B 8 -11.00 -16.22 7.96
CA VAL B 8 -12.41 -16.23 8.23
C VAL B 8 -12.69 -16.80 9.62
N TYR B 9 -13.41 -16.03 10.41
CA TYR B 9 -13.78 -16.42 11.77
C TYR B 9 -14.91 -17.45 11.76
N GLU B 10 -14.63 -18.59 12.37
CA GLU B 10 -15.60 -19.63 12.55
C GLU B 10 -15.45 -20.24 13.94
N ASN B 11 -16.56 -20.46 14.63
CA ASN B 11 -16.56 -21.23 15.90
C ASN B 11 -15.75 -20.53 16.99
N GLY B 12 -15.53 -19.23 16.84
CA GLY B 12 -14.72 -18.50 17.80
C GLY B 12 -13.26 -18.48 17.40
N VAL B 13 -13.00 -18.87 16.17
CA VAL B 13 -11.64 -18.97 15.66
C VAL B 13 -11.45 -18.07 14.46
N PHE B 14 -10.24 -17.61 14.22
CA PHE B 14 -9.93 -16.98 12.95
C PHE B 14 -9.04 -17.89 12.11
N LYS B 15 -9.56 -18.34 10.99
CA LYS B 15 -8.87 -19.27 10.12
C LYS B 15 -8.42 -18.59 8.85
N PRO B 16 -7.12 -18.48 8.61
CA PRO B 16 -6.63 -17.83 7.41
C PRO B 16 -6.95 -18.61 6.15
N LEU B 17 -6.76 -17.95 5.02
CA LEU B 17 -6.83 -18.59 3.72
C LEU B 17 -5.42 -18.58 3.14
N GLN B 18 -4.58 -17.80 3.80
CA GLN B 18 -3.15 -17.80 3.51
C GLN B 18 -2.42 -18.59 4.57
N LYS B 19 -1.44 -19.36 4.14
CA LYS B 19 -0.66 -20.15 5.08
C LYS B 19 0.41 -19.28 5.73
N VAL B 20 0.51 -19.39 7.04
CA VAL B 20 1.46 -18.60 7.80
C VAL B 20 2.29 -19.50 8.67
N ASP B 21 3.57 -19.21 8.68
CA ASP B 21 4.46 -19.91 9.55
C ASP B 21 4.77 -19.02 10.72
N LEU B 22 3.91 -19.14 11.68
CA LEU B 22 4.01 -18.42 12.93
C LEU B 22 4.05 -19.37 14.12
N LYS B 23 4.10 -18.78 15.31
CA LYS B 23 4.14 -19.54 16.55
C LYS B 23 2.77 -19.52 17.21
N GLU B 24 2.54 -20.45 18.13
CA GLU B 24 1.37 -20.38 18.98
C GLU B 24 1.55 -19.26 19.98
N GLY B 25 0.66 -18.29 19.92
CA GLY B 25 0.78 -17.13 20.77
C GLY B 25 1.41 -15.96 20.03
N GLU B 26 1.47 -16.06 18.70
CA GLU B 26 2.00 -14.97 17.90
C GLU B 26 1.03 -13.80 17.90
N ARG B 27 1.55 -12.59 18.11
CA ARG B 27 0.68 -11.45 18.38
C ARG B 27 0.37 -10.65 17.13
N VAL B 28 -0.90 -10.59 16.89
CA VAL B 28 -1.46 -10.01 15.69
C VAL B 28 -2.70 -9.18 16.02
N LYS B 29 -3.10 -8.32 15.11
CA LYS B 29 -4.34 -7.60 15.25
C LYS B 29 -5.21 -7.88 14.04
N ILE B 30 -6.47 -8.05 14.32
CA ILE B 30 -7.44 -8.37 13.31
C ILE B 30 -8.23 -7.13 12.97
N LYS B 31 -8.42 -6.91 11.70
CA LYS B 31 -9.09 -5.72 11.25
C LYS B 31 -10.07 -6.08 10.16
N LEU B 32 -11.16 -5.34 10.13
CA LEU B 32 -12.29 -5.69 9.29
C LEU B 32 -12.13 -5.14 7.90
N GLU B 33 -12.30 -6.01 6.92
CA GLU B 33 -12.28 -5.58 5.54
C GLU B 33 -13.70 -5.33 5.10
N LEU B 34 -13.94 -4.14 4.63
CA LEU B 34 -15.29 -3.66 4.40
C LEU B 34 -15.42 -2.96 3.06
N LYS B 35 -16.56 -2.33 2.87
CA LYS B 35 -16.89 -1.60 1.66
C LYS B 35 -15.92 -0.44 1.41
N VAL B 36 -15.80 -0.10 0.14
CA VAL B 36 -15.09 1.10 -0.28
C VAL B 36 -16.06 1.97 -1.06
N GLU B 37 -15.90 3.29 -0.96
CA GLU B 37 -16.81 4.22 -1.62
C GLU B 37 -16.93 3.95 -3.12
N PRO B 38 -18.12 3.56 -3.57
CA PRO B 38 -18.39 3.26 -4.97
C PRO B 38 -18.78 4.51 -5.75
N ILE B 39 -19.18 4.31 -7.00
CA ILE B 39 -19.57 5.41 -7.84
C ILE B 39 -21.07 5.69 -7.72
N ASP B 40 -21.46 6.91 -8.01
CA ASP B 40 -22.83 7.33 -7.91
C ASP B 40 -23.55 7.17 -9.24
N LEU B 41 -24.88 7.11 -9.17
CA LEU B 41 -25.70 7.01 -10.37
C LEU B 41 -26.97 7.84 -10.22
N GLY B 42 -27.67 8.08 -11.31
CA GLY B 42 -28.83 8.94 -11.28
C GLY B 42 -30.12 8.21 -10.96
N GLU B 43 -31.18 8.55 -11.69
CA GLU B 43 -32.50 7.99 -11.44
C GLU B 43 -32.93 7.09 -12.59
N PRO B 44 -33.93 6.22 -12.36
CA PRO B 44 -34.52 5.39 -13.41
C PRO B 44 -35.48 6.20 -14.30
N VAL B 45 -35.86 5.62 -15.43
CA VAL B 45 -36.74 6.30 -16.38
C VAL B 45 -38.19 6.01 -16.03
N SER B 46 -39.07 6.94 -16.37
CA SER B 46 -40.48 6.85 -16.04
C SER B 46 -41.29 6.32 -17.22
N VAL B 47 -42.55 5.99 -16.97
CA VAL B 47 -43.45 5.53 -18.02
C VAL B 47 -44.03 6.74 -18.76
N GLU B 48 -44.10 6.65 -20.08
CA GLU B 48 -44.54 7.78 -20.89
C GLU B 48 -45.80 7.44 -21.68
N GLU B 49 -45.99 6.15 -21.89
CA GLU B 49 -47.05 5.62 -22.76
C GLU B 49 -48.45 6.02 -22.29
N ILE B 50 -48.58 6.27 -21.01
CA ILE B 50 -49.89 6.52 -20.40
C ILE B 50 -50.34 7.97 -20.57
N LYS B 51 -49.46 8.80 -21.08
CA LYS B 51 -49.77 10.21 -21.28
C LYS B 51 -50.72 10.39 -22.46
N LYS B 52 -51.69 11.27 -22.30
CA LYS B 52 -52.58 11.59 -23.40
C LYS B 52 -51.99 12.69 -24.27
N ILE B 53 -51.92 12.42 -25.56
CA ILE B 53 -51.46 13.41 -26.52
C ILE B 53 -52.65 14.22 -27.02
N ARG B 54 -52.56 15.53 -26.87
CA ARG B 54 -53.66 16.43 -27.23
C ARG B 54 -54.00 16.31 -28.70
N ASP B 55 -55.20 15.84 -28.98
CA ASP B 55 -55.64 15.57 -30.34
C ASP B 55 -56.26 16.83 -30.96
N GLY B 56 -56.54 16.76 -32.25
CA GLY B 56 -57.06 17.92 -32.96
C GLY B 56 -58.51 18.20 -32.61
N THR B 57 -58.79 19.44 -32.24
CA THR B 57 -60.15 19.85 -31.90
C THR B 57 -60.87 20.37 -33.14
N TRP B 58 -62.16 20.07 -33.20
CA TRP B 58 -62.98 20.53 -34.31
C TRP B 58 -63.43 21.97 -34.04
N MET B 59 -64.04 22.58 -35.04
CA MET B 59 -64.48 23.97 -34.94
C MET B 59 -65.86 24.06 -34.28
N SER B 60 -66.26 25.28 -33.94
CA SER B 60 -67.54 25.50 -33.28
C SER B 60 -68.70 25.32 -34.26
N SER B 61 -69.92 25.57 -33.78
CA SER B 61 -71.09 25.45 -34.62
C SER B 61 -71.63 26.83 -35.00
N LEU B 62 -70.90 27.86 -34.59
CA LEU B 62 -71.27 29.25 -34.84
C LEU B 62 -72.64 29.58 -34.25
N GLU B 63 -73.15 30.76 -34.58
CA GLU B 63 -74.46 31.16 -34.13
C GLU B 63 -75.44 31.20 -35.30
N HIS B 64 -76.63 30.68 -35.09
CA HIS B 64 -77.67 30.70 -36.09
C HIS B 64 -78.86 31.49 -35.58
N HIS B 65 -78.80 32.80 -35.75
CA HIS B 65 -79.86 33.68 -35.26
C HIS B 65 -81.03 33.67 -36.23
N HIS B 66 -82.23 33.43 -35.72
CA HIS B 66 -83.43 33.48 -36.53
C HIS B 66 -84.07 34.84 -36.39
N HIS B 67 -84.71 35.30 -37.48
CA HIS B 67 -85.19 36.68 -37.60
C HIS B 67 -84.00 37.60 -37.80
N HIS B 68 -84.24 38.77 -38.37
CA HIS B 68 -83.17 39.74 -38.60
C HIS B 68 -83.05 40.68 -37.40
N HIS B 69 -83.90 40.44 -36.42
CA HIS B 69 -83.90 41.24 -35.20
C HIS B 69 -83.02 40.56 -34.15
N MET A 1 -18.38 2.37 15.51
CA MET A 1 -16.94 2.60 15.22
C MET A 1 -16.20 1.27 15.15
N PRO A 2 -15.63 0.94 13.99
CA PRO A 2 -14.84 -0.29 13.81
C PRO A 2 -13.53 -0.24 14.59
N LYS A 3 -13.26 -1.30 15.34
CA LYS A 3 -12.08 -1.36 16.20
C LYS A 3 -11.41 -2.71 16.06
N ILE A 4 -10.10 -2.73 16.22
CA ILE A 4 -9.32 -3.95 16.11
C ILE A 4 -9.56 -4.89 17.28
N ILE A 5 -9.56 -6.17 16.99
CA ILE A 5 -9.58 -7.18 18.02
C ILE A 5 -8.19 -7.78 18.11
N GLU A 6 -7.77 -8.18 19.29
CA GLU A 6 -6.45 -8.76 19.45
C GLU A 6 -6.55 -10.27 19.57
N ALA A 7 -5.66 -10.97 18.89
CA ALA A 7 -5.66 -12.41 18.87
C ALA A 7 -4.24 -12.96 18.92
N VAL A 8 -4.11 -14.22 19.30
CA VAL A 8 -2.85 -14.92 19.25
C VAL A 8 -2.96 -16.16 18.37
N TYR A 9 -2.13 -16.21 17.35
CA TYR A 9 -2.04 -17.36 16.46
C TYR A 9 -1.33 -18.51 17.16
N GLU A 10 -2.11 -19.54 17.46
CA GLU A 10 -1.63 -20.75 18.09
C GLU A 10 -2.21 -21.95 17.36
N ASN A 11 -1.42 -23.01 17.26
CA ASN A 11 -1.89 -24.29 16.70
C ASN A 11 -2.31 -24.13 15.23
N GLY A 12 -1.78 -23.11 14.58
CA GLY A 12 -2.15 -22.84 13.21
C GLY A 12 -3.49 -22.13 13.12
N VAL A 13 -3.91 -21.54 14.23
CA VAL A 13 -5.18 -20.85 14.32
C VAL A 13 -4.99 -19.44 14.84
N PHE A 14 -5.85 -18.53 14.45
CA PHE A 14 -5.86 -17.23 15.09
C PHE A 14 -6.91 -17.22 16.20
N LYS A 15 -6.46 -17.09 17.43
CA LYS A 15 -7.31 -17.18 18.59
C LYS A 15 -7.37 -15.84 19.31
N PRO A 16 -8.51 -15.13 19.25
CA PRO A 16 -8.60 -13.81 19.87
C PRO A 16 -8.43 -13.86 21.39
N LEU A 17 -8.30 -12.68 21.96
CA LEU A 17 -8.25 -12.50 23.40
C LEU A 17 -9.56 -11.89 23.83
N GLN A 18 -10.25 -11.36 22.83
CA GLN A 18 -11.58 -10.79 23.03
C GLN A 18 -12.60 -11.72 22.41
N LYS A 19 -13.71 -11.95 23.09
CA LYS A 19 -14.74 -12.80 22.55
C LYS A 19 -15.51 -12.05 21.46
N VAL A 20 -15.55 -12.66 20.30
CA VAL A 20 -16.16 -12.04 19.13
C VAL A 20 -17.52 -12.65 18.88
N ASP A 21 -18.42 -11.83 18.36
CA ASP A 21 -19.81 -12.23 18.21
C ASP A 21 -20.21 -12.20 16.74
N LEU A 22 -19.19 -12.17 15.90
CA LEU A 22 -19.38 -12.16 14.46
C LEU A 22 -19.81 -13.54 13.96
N LYS A 23 -19.91 -13.71 12.65
CA LYS A 23 -20.42 -14.95 12.09
C LYS A 23 -19.32 -15.74 11.38
N GLU A 24 -19.66 -16.95 10.98
CA GLU A 24 -18.70 -17.82 10.33
C GLU A 24 -18.45 -17.36 8.91
N GLY A 25 -17.21 -17.48 8.51
CA GLY A 25 -16.74 -16.85 7.32
C GLY A 25 -17.03 -15.37 7.34
N GLU A 26 -16.39 -14.71 8.27
CA GLU A 26 -16.39 -13.27 8.36
C GLU A 26 -15.02 -12.77 7.91
N ARG A 27 -15.02 -11.91 6.89
CA ARG A 27 -13.78 -11.50 6.22
C ARG A 27 -12.99 -10.48 7.01
N VAL A 28 -11.87 -10.94 7.48
CA VAL A 28 -10.99 -10.14 8.29
C VAL A 28 -9.56 -10.27 7.81
N LYS A 29 -8.75 -9.27 8.11
CA LYS A 29 -7.36 -9.30 7.79
C LYS A 29 -6.55 -9.35 9.08
N ILE A 30 -5.40 -9.98 9.02
CA ILE A 30 -4.53 -10.08 10.16
C ILE A 30 -3.37 -9.14 9.99
N LYS A 31 -3.15 -8.36 11.02
CA LYS A 31 -2.02 -7.46 11.08
C LYS A 31 -1.35 -7.62 12.41
N LEU A 32 -0.06 -7.70 12.40
CA LEU A 32 0.68 -8.07 13.58
C LEU A 32 1.33 -6.86 14.22
N GLU A 33 1.34 -6.84 15.55
CA GLU A 33 1.81 -5.69 16.29
C GLU A 33 3.28 -5.41 16.05
N LEU A 34 3.66 -4.18 16.31
CA LEU A 34 5.03 -3.73 16.12
C LEU A 34 5.52 -2.95 17.32
N LYS A 35 6.82 -2.86 17.42
CA LYS A 35 7.46 -2.05 18.43
C LYS A 35 7.82 -0.69 17.85
N VAL A 36 8.16 0.25 18.70
CA VAL A 36 8.62 1.54 18.26
C VAL A 36 10.12 1.66 18.52
N GLU A 37 10.83 2.24 17.56
CA GLU A 37 12.25 2.46 17.69
C GLU A 37 12.51 3.71 18.51
N PRO A 38 13.26 3.57 19.61
CA PRO A 38 13.51 4.64 20.58
C PRO A 38 14.55 5.66 20.09
N ILE A 39 15.10 6.40 21.05
CA ILE A 39 16.07 7.43 20.76
C ILE A 39 17.39 6.85 20.25
N ASP A 40 18.22 7.72 19.69
CA ASP A 40 19.51 7.32 19.14
C ASP A 40 20.60 8.27 19.61
N LEU A 41 21.82 7.76 19.75
CA LEU A 41 22.93 8.55 20.29
C LEU A 41 23.83 9.07 19.17
N GLY A 42 24.20 10.34 19.27
CA GLY A 42 25.03 10.97 18.30
C GLY A 42 26.49 10.86 18.64
N GLU A 43 27.29 10.97 17.62
CA GLU A 43 28.75 10.84 17.73
C GLU A 43 29.39 12.12 18.24
N PRO A 44 30.54 11.98 18.94
CA PRO A 44 31.33 13.12 19.40
C PRO A 44 32.13 13.75 18.26
N VAL A 45 32.53 15.00 18.44
CA VAL A 45 33.28 15.72 17.43
C VAL A 45 34.78 15.53 17.65
N SER A 46 35.56 15.69 16.59
CA SER A 46 36.99 15.48 16.65
C SER A 46 37.72 16.78 17.01
N VAL A 47 39.02 16.67 17.20
CA VAL A 47 39.87 17.80 17.52
C VAL A 47 41.19 17.69 16.74
N GLU A 48 41.95 18.78 16.66
CA GLU A 48 43.21 18.78 15.92
C GLU A 48 44.28 18.03 16.70
N GLU A 49 44.82 16.99 16.09
CA GLU A 49 45.85 16.16 16.72
C GLU A 49 47.24 16.76 16.51
N ILE A 50 47.40 17.47 15.41
CA ILE A 50 48.71 17.95 15.01
C ILE A 50 48.96 19.37 15.53
N LYS A 51 47.97 19.90 16.21
CA LYS A 51 48.03 21.28 16.69
C LYS A 51 49.00 21.39 17.87
N LYS A 52 49.87 22.39 17.80
CA LYS A 52 50.83 22.63 18.85
C LYS A 52 50.68 24.05 19.38
N ILE A 53 50.83 24.22 20.68
CA ILE A 53 50.68 25.53 21.29
C ILE A 53 52.05 26.16 21.54
N ARG A 54 52.51 26.91 20.55
CA ARG A 54 53.77 27.62 20.63
C ARG A 54 53.56 28.99 21.28
N ASP A 55 54.06 29.15 22.49
CA ASP A 55 53.92 30.41 23.21
C ASP A 55 55.30 30.97 23.53
N GLY A 56 55.34 32.24 23.87
CA GLY A 56 56.60 32.90 24.08
C GLY A 56 56.99 33.02 25.54
N THR A 57 57.95 32.20 25.96
CA THR A 57 58.49 32.32 27.30
C THR A 57 59.60 33.36 27.30
N TRP A 58 59.54 34.27 28.25
CA TRP A 58 60.44 35.41 28.26
C TRP A 58 61.61 35.17 29.19
N MET A 59 62.79 35.65 28.79
CA MET A 59 64.00 35.51 29.58
C MET A 59 64.31 36.81 30.31
N SER A 60 64.83 36.71 31.51
CA SER A 60 65.20 37.88 32.28
C SER A 60 66.51 38.47 31.78
N SER A 61 66.42 39.59 31.10
CA SER A 61 67.58 40.24 30.51
C SER A 61 68.12 41.33 31.43
N LEU A 62 67.52 41.43 32.61
CA LEU A 62 67.93 42.41 33.59
C LEU A 62 68.66 41.70 34.74
N GLU A 63 69.89 42.12 35.00
CA GLU A 63 70.66 41.56 36.10
C GLU A 63 70.43 42.39 37.36
N HIS A 64 70.52 41.74 38.52
CA HIS A 64 70.35 42.41 39.79
C HIS A 64 71.62 43.18 40.15
N HIS A 65 71.91 44.21 39.36
CA HIS A 65 73.16 44.95 39.52
C HIS A 65 73.00 46.07 40.54
N HIS A 66 74.07 46.26 41.32
CA HIS A 66 74.13 47.27 42.38
C HIS A 66 73.28 46.88 43.58
N HIS A 67 73.72 45.85 44.27
CA HIS A 67 73.21 45.52 45.59
C HIS A 67 74.33 45.65 46.60
N HIS A 68 74.51 46.85 47.11
CA HIS A 68 75.61 47.13 48.02
C HIS A 68 75.23 46.72 49.43
N HIS A 69 75.93 45.74 49.95
CA HIS A 69 75.68 45.23 51.29
C HIS A 69 76.33 46.14 52.32
N MET B 1 7.89 -3.65 2.91
CA MET B 1 6.41 -3.60 2.81
C MET B 1 5.78 -4.81 3.47
N PRO B 2 5.04 -4.60 4.57
CA PRO B 2 4.31 -5.68 5.23
C PRO B 2 3.01 -6.02 4.50
N LYS B 3 2.61 -7.28 4.53
CA LYS B 3 1.38 -7.70 3.88
C LYS B 3 0.45 -8.35 4.90
N ILE B 4 -0.81 -8.47 4.53
CA ILE B 4 -1.83 -8.99 5.41
C ILE B 4 -2.23 -10.40 5.00
N ILE B 5 -2.52 -11.22 5.99
CA ILE B 5 -3.13 -12.50 5.75
C ILE B 5 -4.62 -12.36 5.98
N GLU B 6 -5.42 -13.05 5.21
CA GLU B 6 -6.85 -13.00 5.38
C GLU B 6 -7.33 -14.27 6.04
N ALA B 7 -8.30 -14.12 6.92
CA ALA B 7 -8.85 -15.25 7.65
C ALA B 7 -10.36 -15.09 7.78
N VAL B 8 -11.03 -16.17 8.16
CA VAL B 8 -12.44 -16.14 8.41
C VAL B 8 -12.74 -16.57 9.85
N TYR B 9 -13.43 -15.70 10.58
CA TYR B 9 -13.90 -16.04 11.93
C TYR B 9 -14.87 -17.21 11.86
N GLU B 10 -14.59 -18.25 12.63
CA GLU B 10 -15.46 -19.39 12.70
C GLU B 10 -15.65 -19.87 14.13
N ASN B 11 -16.85 -19.68 14.62
CA ASN B 11 -17.27 -20.20 15.92
C ASN B 11 -16.36 -19.75 17.03
N GLY B 12 -15.76 -18.59 16.87
CA GLY B 12 -14.70 -18.24 17.76
C GLY B 12 -13.46 -17.89 17.01
N VAL B 13 -12.89 -18.92 16.43
CA VAL B 13 -11.52 -18.88 15.99
C VAL B 13 -11.38 -18.47 14.53
N PHE B 14 -10.32 -17.75 14.23
CA PHE B 14 -10.09 -17.27 12.89
C PHE B 14 -9.23 -18.24 12.10
N LYS B 15 -9.80 -18.80 11.04
CA LYS B 15 -9.06 -19.64 10.13
C LYS B 15 -8.66 -18.85 8.91
N PRO B 16 -7.36 -18.74 8.62
CA PRO B 16 -6.91 -18.01 7.45
C PRO B 16 -7.34 -18.67 6.15
N LEU B 17 -7.15 -17.96 5.05
CA LEU B 17 -7.35 -18.51 3.72
C LEU B 17 -5.98 -18.68 3.09
N GLN B 18 -5.00 -18.12 3.75
CA GLN B 18 -3.61 -18.28 3.36
C GLN B 18 -2.88 -19.03 4.46
N LYS B 19 -1.93 -19.86 4.09
CA LYS B 19 -1.15 -20.58 5.07
C LYS B 19 -0.17 -19.63 5.75
N VAL B 20 0.16 -19.95 7.00
CA VAL B 20 0.90 -19.02 7.84
C VAL B 20 2.30 -19.54 8.13
N ASP B 21 3.24 -18.60 8.23
CA ASP B 21 4.65 -18.92 8.39
C ASP B 21 5.18 -18.23 9.65
N LEU B 22 4.24 -17.82 10.47
CA LEU B 22 4.54 -17.15 11.73
C LEU B 22 4.75 -18.19 12.83
N LYS B 23 4.74 -17.75 14.09
CA LYS B 23 5.00 -18.66 15.18
C LYS B 23 3.79 -18.79 16.08
N GLU B 24 3.70 -19.91 16.77
CA GLU B 24 2.63 -20.12 17.70
C GLU B 24 2.81 -19.24 18.92
N GLY B 25 1.74 -18.58 19.28
CA GLY B 25 1.81 -17.43 20.13
C GLY B 25 2.46 -16.29 19.40
N GLU B 26 1.77 -15.85 18.37
CA GLU B 26 2.10 -14.64 17.66
C GLU B 26 1.02 -13.60 17.90
N ARG B 27 1.44 -12.38 18.22
CA ARG B 27 0.50 -11.33 18.61
C ARG B 27 0.06 -10.54 17.39
N VAL B 28 -1.23 -10.59 17.18
CA VAL B 28 -1.83 -9.98 15.99
C VAL B 28 -3.15 -9.29 16.33
N LYS B 29 -3.63 -8.50 15.39
CA LYS B 29 -4.89 -7.82 15.48
C LYS B 29 -5.76 -8.21 14.31
N ILE B 30 -7.06 -8.13 14.52
CA ILE B 30 -8.03 -8.47 13.50
C ILE B 30 -8.80 -7.23 13.11
N LYS B 31 -9.09 -7.11 11.84
CA LYS B 31 -9.86 -6.00 11.33
C LYS B 31 -10.62 -6.46 10.09
N LEU B 32 -11.93 -6.27 10.12
CA LEU B 32 -12.78 -6.68 9.01
C LEU B 32 -12.52 -5.74 7.84
N GLU B 33 -11.98 -6.29 6.77
CA GLU B 33 -11.43 -5.46 5.73
C GLU B 33 -11.62 -6.09 4.35
N LEU B 34 -11.30 -5.31 3.33
CA LEU B 34 -11.45 -5.72 1.95
C LEU B 34 -10.11 -5.62 1.22
N LYS B 35 -10.03 -6.23 0.05
CA LYS B 35 -8.83 -6.14 -0.76
C LYS B 35 -9.16 -5.51 -2.10
N VAL B 36 -8.15 -4.99 -2.77
CA VAL B 36 -8.34 -4.38 -4.06
C VAL B 36 -8.10 -5.38 -5.19
N GLU B 37 -8.94 -5.32 -6.18
CA GLU B 37 -8.83 -6.16 -7.36
C GLU B 37 -9.24 -5.36 -8.60
N PRO B 38 -8.29 -4.66 -9.22
CA PRO B 38 -8.55 -3.80 -10.37
C PRO B 38 -8.36 -4.53 -11.70
N ILE B 39 -8.20 -3.75 -12.77
CA ILE B 39 -7.99 -4.30 -14.09
C ILE B 39 -6.60 -3.98 -14.61
N ASP B 40 -6.11 -4.79 -15.52
CA ASP B 40 -4.82 -4.56 -16.15
C ASP B 40 -5.00 -3.74 -17.41
N LEU B 41 -5.92 -4.20 -18.28
CA LEU B 41 -6.25 -3.53 -19.53
C LEU B 41 -5.10 -3.61 -20.53
N GLY B 42 -5.34 -4.27 -21.64
CA GLY B 42 -4.30 -4.46 -22.64
C GLY B 42 -4.28 -3.37 -23.68
N GLU B 43 -4.00 -3.75 -24.92
CA GLU B 43 -3.84 -2.81 -26.00
C GLU B 43 -4.95 -2.93 -27.02
N PRO B 44 -5.20 -1.88 -27.82
CA PRO B 44 -6.18 -1.89 -28.91
C PRO B 44 -5.65 -2.61 -30.15
N VAL B 45 -6.52 -2.78 -31.14
CA VAL B 45 -6.16 -3.49 -32.37
C VAL B 45 -5.52 -2.53 -33.38
N SER B 46 -4.70 -3.08 -34.27
CA SER B 46 -3.99 -2.29 -35.26
C SER B 46 -4.82 -2.13 -36.54
N VAL B 47 -4.34 -1.30 -37.45
CA VAL B 47 -5.01 -1.07 -38.73
C VAL B 47 -4.02 -1.27 -39.89
N GLU B 48 -4.49 -1.94 -40.94
CA GLU B 48 -3.65 -2.27 -42.09
C GLU B 48 -4.22 -1.74 -43.39
N GLU B 49 -5.54 -1.68 -43.45
CA GLU B 49 -6.26 -1.28 -44.67
C GLU B 49 -6.00 0.18 -45.01
N ILE B 50 -5.65 0.98 -44.01
CA ILE B 50 -5.41 2.40 -44.21
C ILE B 50 -4.03 2.63 -44.84
N LYS B 51 -3.28 1.56 -45.02
CA LYS B 51 -1.94 1.65 -45.58
C LYS B 51 -2.00 2.00 -47.06
N LYS B 52 -1.17 2.95 -47.47
CA LYS B 52 -1.16 3.42 -48.84
C LYS B 52 0.09 2.93 -49.57
N ILE B 53 -0.03 2.75 -50.87
CA ILE B 53 1.06 2.30 -51.69
C ILE B 53 1.41 3.36 -52.74
N ARG B 54 2.69 3.66 -52.87
CA ARG B 54 3.15 4.57 -53.91
C ARG B 54 3.21 3.81 -55.24
N ASP B 55 2.46 4.29 -56.22
CA ASP B 55 2.35 3.60 -57.49
C ASP B 55 3.36 4.13 -58.49
N GLY B 56 3.81 3.23 -59.35
CA GLY B 56 4.77 3.60 -60.37
C GLY B 56 4.10 3.81 -61.71
N THR B 57 3.45 4.95 -61.86
CA THR B 57 2.72 5.26 -63.08
C THR B 57 3.69 5.50 -64.24
N TRP B 58 3.38 4.92 -65.40
CA TRP B 58 4.22 5.00 -66.56
C TRP B 58 3.59 5.86 -67.65
N MET B 59 4.19 5.80 -68.85
CA MET B 59 3.81 6.63 -70.00
C MET B 59 4.26 8.07 -69.79
N SER B 60 4.12 8.91 -70.83
CA SER B 60 4.60 10.28 -70.79
C SER B 60 6.10 10.35 -70.49
N SER B 61 6.79 9.28 -70.84
CA SER B 61 8.21 9.10 -70.52
C SER B 61 9.16 9.83 -71.49
N LEU B 62 8.60 10.77 -72.25
CA LEU B 62 9.31 11.54 -73.25
C LEU B 62 10.20 10.68 -74.14
N GLU B 63 9.70 10.38 -75.33
CA GLU B 63 10.45 9.56 -76.28
C GLU B 63 11.45 10.40 -77.07
N HIS B 64 12.29 9.74 -77.86
CA HIS B 64 13.28 10.44 -78.65
C HIS B 64 13.27 9.96 -80.11
N HIS B 65 13.09 10.90 -81.03
CA HIS B 65 13.13 10.60 -82.45
C HIS B 65 14.52 10.93 -83.00
N HIS B 66 15.02 10.10 -83.89
CA HIS B 66 16.34 10.33 -84.47
C HIS B 66 16.35 11.52 -85.42
N HIS B 67 17.31 12.40 -85.21
CA HIS B 67 17.53 13.53 -86.13
C HIS B 67 18.11 13.01 -87.44
N HIS B 68 17.25 12.60 -88.35
CA HIS B 68 17.68 12.09 -89.64
C HIS B 68 17.95 13.22 -90.63
N HIS B 69 19.06 13.91 -90.41
CA HIS B 69 19.51 15.00 -91.28
C HIS B 69 20.96 15.34 -90.96
N MET A 1 -19.08 -6.22 12.94
CA MET A 1 -18.75 -4.90 13.54
C MET A 1 -17.26 -4.85 13.88
N PRO A 2 -16.50 -4.04 13.13
CA PRO A 2 -15.05 -4.10 13.14
C PRO A 2 -14.35 -3.14 14.11
N LYS A 3 -13.80 -3.71 15.16
CA LYS A 3 -12.80 -3.03 15.97
C LYS A 3 -11.55 -3.88 15.91
N ILE A 4 -10.39 -3.32 16.17
CA ILE A 4 -9.18 -4.09 16.09
C ILE A 4 -9.12 -5.10 17.22
N ILE A 5 -8.91 -6.36 16.85
CA ILE A 5 -8.77 -7.41 17.82
C ILE A 5 -7.31 -7.82 17.91
N GLU A 6 -6.92 -8.32 19.06
CA GLU A 6 -5.60 -8.86 19.23
C GLU A 6 -5.72 -10.36 19.46
N ALA A 7 -5.33 -11.12 18.46
CA ALA A 7 -5.40 -12.57 18.52
C ALA A 7 -4.01 -13.17 18.60
N VAL A 8 -3.96 -14.45 18.93
CA VAL A 8 -2.72 -15.19 18.92
C VAL A 8 -2.79 -16.34 17.91
N TYR A 9 -1.92 -16.27 16.92
CA TYR A 9 -1.76 -17.34 15.95
C TYR A 9 -1.12 -18.53 16.59
N GLU A 10 -1.93 -19.57 16.63
CA GLU A 10 -1.55 -20.89 17.02
C GLU A 10 -1.06 -21.60 15.77
N ASN A 11 -0.84 -22.89 15.87
CA ASN A 11 -0.20 -23.69 14.83
C ASN A 11 -1.05 -23.80 13.58
N GLY A 12 -1.50 -22.66 13.12
CA GLY A 12 -2.36 -22.59 11.95
C GLY A 12 -3.68 -21.97 12.32
N VAL A 13 -3.77 -21.55 13.58
CA VAL A 13 -5.02 -21.03 14.12
C VAL A 13 -4.88 -19.57 14.53
N PHE A 14 -5.97 -18.83 14.56
CA PHE A 14 -5.99 -17.56 15.23
C PHE A 14 -7.08 -17.54 16.30
N LYS A 15 -6.68 -17.36 17.55
CA LYS A 15 -7.61 -17.17 18.64
C LYS A 15 -7.46 -15.77 19.19
N PRO A 16 -8.53 -14.96 19.18
CA PRO A 16 -8.46 -13.62 19.72
C PRO A 16 -8.26 -13.65 21.22
N LEU A 17 -7.93 -12.50 21.76
CA LEU A 17 -7.80 -12.33 23.20
C LEU A 17 -8.91 -11.42 23.67
N GLN A 18 -9.68 -10.98 22.68
CA GLN A 18 -10.85 -10.15 22.92
C GLN A 18 -12.08 -10.85 22.39
N LYS A 19 -13.19 -10.69 23.09
CA LYS A 19 -14.45 -11.19 22.60
C LYS A 19 -14.94 -10.29 21.50
N VAL A 20 -15.51 -10.88 20.48
CA VAL A 20 -15.86 -10.12 19.30
C VAL A 20 -17.27 -10.40 18.84
N ASP A 21 -17.75 -9.48 18.03
CA ASP A 21 -19.10 -9.56 17.49
C ASP A 21 -19.01 -9.97 16.03
N LEU A 22 -17.83 -10.42 15.65
CA LEU A 22 -17.62 -11.01 14.35
C LEU A 22 -18.38 -12.31 14.25
N LYS A 23 -19.03 -12.48 13.13
CA LYS A 23 -19.87 -13.64 12.92
C LYS A 23 -19.10 -14.74 12.23
N GLU A 24 -19.80 -15.79 11.84
CA GLU A 24 -19.19 -16.92 11.17
C GLU A 24 -18.59 -16.47 9.86
N GLY A 25 -17.66 -17.29 9.35
CA GLY A 25 -16.57 -16.83 8.50
C GLY A 25 -16.79 -15.50 7.87
N GLU A 26 -16.70 -14.53 8.74
CA GLU A 26 -16.67 -13.14 8.39
C GLU A 26 -15.30 -12.81 7.81
N ARG A 27 -15.27 -11.87 6.87
CA ARG A 27 -14.03 -11.52 6.19
C ARG A 27 -13.30 -10.44 6.95
N VAL A 28 -12.11 -10.78 7.38
CA VAL A 28 -11.32 -9.90 8.23
C VAL A 28 -9.82 -10.00 7.91
N LYS A 29 -9.08 -8.91 8.10
CA LYS A 29 -7.65 -8.88 7.77
C LYS A 29 -6.83 -8.69 9.02
N ILE A 30 -5.70 -9.34 9.02
CA ILE A 30 -4.79 -9.27 10.14
C ILE A 30 -3.59 -8.45 9.79
N LYS A 31 -3.22 -7.59 10.67
CA LYS A 31 -1.95 -6.95 10.59
C LYS A 31 -1.08 -7.55 11.65
N LEU A 32 0.17 -7.70 11.33
CA LEU A 32 1.10 -8.33 12.22
C LEU A 32 1.89 -7.25 12.91
N GLU A 33 1.94 -7.31 14.23
CA GLU A 33 2.33 -6.14 14.98
C GLU A 33 3.81 -5.82 14.87
N LEU A 34 4.06 -4.54 14.63
CA LEU A 34 5.37 -3.99 14.46
C LEU A 34 5.32 -2.49 14.77
N LYS A 35 6.45 -1.81 14.65
CA LYS A 35 6.50 -0.37 14.79
C LYS A 35 7.16 0.25 13.57
N VAL A 36 6.89 1.52 13.34
CA VAL A 36 7.44 2.23 12.18
C VAL A 36 8.94 2.42 12.38
N GLU A 37 9.70 2.19 11.32
CA GLU A 37 11.13 2.24 11.37
C GLU A 37 11.67 3.63 11.00
N PRO A 38 12.67 4.12 11.73
CA PRO A 38 13.39 5.33 11.38
C PRO A 38 14.47 5.02 10.35
N ILE A 39 15.28 6.01 10.00
CA ILE A 39 16.37 5.79 9.08
C ILE A 39 17.71 6.18 9.70
N ASP A 40 18.77 5.54 9.24
CA ASP A 40 20.11 5.86 9.70
C ASP A 40 20.74 6.84 8.72
N LEU A 41 21.45 7.82 9.22
CA LEU A 41 22.01 8.87 8.38
C LEU A 41 23.11 8.32 7.47
N GLY A 42 22.81 8.27 6.18
CA GLY A 42 23.79 7.84 5.20
C GLY A 42 23.60 8.55 3.87
N GLU A 43 24.57 9.36 3.51
CA GLU A 43 24.49 10.18 2.33
C GLU A 43 25.76 10.04 1.50
N PRO A 44 25.72 10.42 0.21
CA PRO A 44 26.90 10.48 -0.64
C PRO A 44 27.85 11.60 -0.21
N VAL A 45 29.08 11.56 -0.68
CA VAL A 45 30.07 12.56 -0.31
C VAL A 45 30.25 13.57 -1.45
N SER A 46 30.54 14.80 -1.08
CA SER A 46 30.75 15.87 -2.05
C SER A 46 32.25 16.15 -2.19
N VAL A 47 32.59 17.06 -3.09
CA VAL A 47 33.99 17.41 -3.32
C VAL A 47 34.15 18.93 -3.32
N GLU A 48 35.37 19.40 -3.04
CA GLU A 48 35.64 20.83 -3.06
C GLU A 48 35.69 21.34 -4.50
N GLU A 49 34.96 22.40 -4.75
CA GLU A 49 34.84 22.97 -6.09
C GLU A 49 35.98 23.92 -6.40
N ILE A 50 36.55 24.50 -5.35
CA ILE A 50 37.60 25.51 -5.50
C ILE A 50 38.90 24.88 -5.99
N LYS A 51 38.99 23.58 -5.89
CA LYS A 51 40.14 22.85 -6.33
C LYS A 51 39.81 22.06 -7.58
N LYS A 52 40.67 22.16 -8.59
CA LYS A 52 40.42 21.50 -9.87
C LYS A 52 41.64 21.65 -10.79
N ILE A 53 41.83 20.66 -11.66
CA ILE A 53 42.88 20.66 -12.66
C ILE A 53 44.29 20.77 -12.06
N ARG A 54 45.00 19.65 -12.04
CA ARG A 54 46.37 19.62 -11.57
C ARG A 54 47.31 20.07 -12.69
N ASP A 55 48.46 20.64 -12.32
CA ASP A 55 49.37 21.27 -13.28
C ASP A 55 50.07 20.25 -14.18
N GLY A 56 50.50 20.74 -15.34
CA GLY A 56 51.25 19.94 -16.28
C GLY A 56 52.14 20.81 -17.14
N THR A 57 53.22 21.30 -16.56
CA THR A 57 54.08 22.27 -17.21
C THR A 57 55.26 21.61 -17.94
N TRP A 58 55.61 22.16 -19.09
CA TRP A 58 56.79 21.74 -19.81
C TRP A 58 57.66 22.95 -20.09
N MET A 59 58.96 22.83 -19.85
CA MET A 59 59.87 23.96 -19.92
C MET A 59 60.53 24.09 -21.29
N SER A 60 60.39 25.26 -21.89
CA SER A 60 61.12 25.58 -23.11
C SER A 60 62.52 26.03 -22.72
N SER A 61 63.48 25.81 -23.60
CA SER A 61 64.88 26.09 -23.28
C SER A 61 65.39 27.37 -23.95
N LEU A 62 64.54 27.94 -24.81
CA LEU A 62 64.87 29.15 -25.58
C LEU A 62 66.32 29.15 -26.07
N GLU A 63 66.57 28.41 -27.15
CA GLU A 63 67.92 28.28 -27.66
C GLU A 63 68.35 29.53 -28.39
N HIS A 64 69.66 29.72 -28.48
CA HIS A 64 70.23 30.78 -29.30
C HIS A 64 71.56 30.31 -29.89
N HIS A 65 71.48 29.57 -30.99
CA HIS A 65 72.67 29.09 -31.65
C HIS A 65 72.88 29.83 -32.97
N HIS A 66 73.77 30.81 -32.93
CA HIS A 66 74.07 31.64 -34.09
C HIS A 66 75.54 31.98 -34.11
N HIS A 67 76.12 32.04 -35.31
CA HIS A 67 77.53 32.38 -35.45
C HIS A 67 77.77 33.17 -36.74
N HIS A 68 78.60 34.20 -36.65
CA HIS A 68 78.94 34.99 -37.82
C HIS A 68 80.39 34.74 -38.21
N HIS A 69 80.58 34.04 -39.32
CA HIS A 69 81.91 33.76 -39.83
C HIS A 69 81.83 33.11 -41.20
N MET B 1 8.89 -7.58 5.77
CA MET B 1 7.88 -6.73 6.46
C MET B 1 6.70 -7.60 6.87
N PRO B 2 6.26 -7.51 8.14
CA PRO B 2 5.12 -8.29 8.65
C PRO B 2 3.92 -8.26 7.71
N LYS B 3 3.64 -9.40 7.08
CA LYS B 3 2.56 -9.50 6.11
C LYS B 3 1.21 -9.48 6.80
N ILE B 4 0.19 -9.09 6.03
CA ILE B 4 -1.16 -9.22 6.49
C ILE B 4 -1.70 -10.57 6.10
N ILE B 5 -2.52 -11.15 6.95
CA ILE B 5 -3.17 -12.40 6.62
C ILE B 5 -4.65 -12.16 6.49
N GLU B 6 -5.28 -12.89 5.59
CA GLU B 6 -6.70 -12.82 5.44
C GLU B 6 -7.32 -14.10 5.96
N ALA B 7 -8.34 -13.97 6.79
CA ALA B 7 -8.91 -15.12 7.45
C ALA B 7 -10.43 -14.98 7.58
N VAL B 8 -11.07 -16.10 7.88
CA VAL B 8 -12.49 -16.14 8.15
C VAL B 8 -12.74 -16.65 9.56
N TYR B 9 -13.54 -15.91 10.32
CA TYR B 9 -13.88 -16.27 11.69
C TYR B 9 -15.06 -17.23 11.70
N GLU B 10 -14.77 -18.50 11.88
CA GLU B 10 -15.78 -19.52 11.85
C GLU B 10 -15.89 -20.19 13.21
N ASN B 11 -17.09 -20.09 13.80
CA ASN B 11 -17.42 -20.78 15.05
C ASN B 11 -16.59 -20.23 16.21
N GLY B 12 -16.29 -18.95 16.16
CA GLY B 12 -15.51 -18.34 17.21
C GLY B 12 -14.01 -18.54 17.01
N VAL B 13 -13.64 -18.96 15.82
CA VAL B 13 -12.24 -19.17 15.49
C VAL B 13 -11.84 -18.29 14.34
N PHE B 14 -10.61 -17.84 14.33
CA PHE B 14 -10.11 -17.11 13.18
C PHE B 14 -9.28 -18.07 12.34
N LYS B 15 -9.76 -18.33 11.14
CA LYS B 15 -9.14 -19.30 10.26
C LYS B 15 -8.68 -18.64 8.97
N PRO B 16 -7.36 -18.50 8.77
CA PRO B 16 -6.85 -17.82 7.59
C PRO B 16 -7.08 -18.60 6.31
N LEU B 17 -6.84 -17.93 5.20
CA LEU B 17 -6.86 -18.55 3.90
C LEU B 17 -5.42 -18.68 3.43
N GLN B 18 -4.55 -18.04 4.20
CA GLN B 18 -3.12 -18.18 4.01
C GLN B 18 -2.55 -19.12 5.06
N LYS B 19 -1.55 -19.88 4.71
CA LYS B 19 -0.74 -20.55 5.71
C LYS B 19 0.32 -19.58 6.17
N VAL B 20 0.33 -19.35 7.46
CA VAL B 20 1.00 -18.19 8.01
C VAL B 20 2.45 -18.45 8.35
N ASP B 21 3.23 -17.40 8.24
CA ASP B 21 4.68 -17.42 8.40
C ASP B 21 5.05 -17.10 9.83
N LEU B 22 4.05 -17.21 10.70
CA LEU B 22 4.18 -16.81 12.08
C LEU B 22 4.43 -17.98 13.02
N LYS B 23 4.44 -17.64 14.31
CA LYS B 23 4.69 -18.60 15.37
C LYS B 23 3.46 -18.74 16.26
N GLU B 24 3.34 -19.88 16.91
CA GLU B 24 2.27 -20.11 17.87
C GLU B 24 2.38 -19.12 19.02
N GLY B 25 1.31 -18.38 19.23
CA GLY B 25 1.30 -17.36 20.26
C GLY B 25 1.77 -16.02 19.74
N GLU B 26 1.68 -15.82 18.43
CA GLU B 26 2.12 -14.55 17.83
C GLU B 26 1.04 -13.46 17.89
N ARG B 27 1.49 -12.22 18.12
CA ARG B 27 0.60 -11.08 18.31
C ARG B 27 0.19 -10.44 16.99
N VAL B 28 -1.10 -10.45 16.79
CA VAL B 28 -1.69 -9.93 15.56
C VAL B 28 -2.92 -9.07 15.86
N LYS B 29 -3.18 -8.11 14.99
CA LYS B 29 -4.31 -7.22 15.12
C LYS B 29 -5.24 -7.44 13.92
N ILE B 30 -6.52 -7.34 14.14
CA ILE B 30 -7.49 -7.62 13.08
C ILE B 30 -8.56 -6.56 12.99
N LYS B 31 -8.83 -6.19 11.77
CA LYS B 31 -9.96 -5.37 11.45
C LYS B 31 -10.28 -5.59 9.98
N LEU B 32 -11.56 -5.72 9.67
CA LEU B 32 -11.99 -5.65 8.31
C LEU B 32 -13.42 -5.18 8.26
N GLU B 33 -13.82 -4.72 7.11
CA GLU B 33 -15.07 -4.03 6.96
C GLU B 33 -15.45 -3.95 5.49
N LEU B 34 -16.74 -3.78 5.24
CA LEU B 34 -17.25 -3.63 3.88
C LEU B 34 -16.99 -2.22 3.38
N LYS B 35 -17.27 -1.97 2.11
CA LYS B 35 -16.99 -0.68 1.54
C LYS B 35 -18.10 0.33 1.81
N VAL B 36 -17.72 1.59 1.82
CA VAL B 36 -18.67 2.67 1.91
C VAL B 36 -18.73 3.37 0.57
N GLU B 37 -19.91 3.71 0.12
CA GLU B 37 -20.09 4.28 -1.21
C GLU B 37 -20.95 5.53 -1.16
N PRO B 38 -20.35 6.68 -1.50
CA PRO B 38 -21.04 7.97 -1.53
C PRO B 38 -21.79 8.19 -2.84
N ILE B 39 -22.38 9.38 -2.97
CA ILE B 39 -23.17 9.77 -4.14
C ILE B 39 -24.48 8.98 -4.17
N ASP B 40 -25.52 9.58 -4.71
CA ASP B 40 -26.85 8.98 -4.68
C ASP B 40 -27.74 9.50 -5.81
N LEU B 41 -28.13 10.76 -5.72
CA LEU B 41 -29.07 11.33 -6.68
C LEU B 41 -28.37 12.17 -7.75
N GLY B 42 -29.13 12.50 -8.79
CA GLY B 42 -28.62 13.33 -9.86
C GLY B 42 -29.58 13.43 -11.01
N GLU B 43 -29.99 14.64 -11.33
CA GLU B 43 -30.97 14.89 -12.38
C GLU B 43 -30.28 15.26 -13.69
N PRO B 44 -30.83 14.82 -14.82
CA PRO B 44 -30.30 15.13 -16.16
C PRO B 44 -30.48 16.60 -16.52
N VAL B 45 -29.64 17.09 -17.43
CA VAL B 45 -29.70 18.49 -17.85
C VAL B 45 -30.49 18.60 -19.17
N SER B 46 -31.00 19.79 -19.45
CA SER B 46 -31.82 20.02 -20.63
C SER B 46 -30.98 20.36 -21.86
N VAL B 47 -31.63 20.34 -23.01
CA VAL B 47 -30.99 20.68 -24.28
C VAL B 47 -31.89 21.60 -25.07
N GLU B 48 -31.34 22.28 -26.07
CA GLU B 48 -32.11 23.21 -26.88
C GLU B 48 -32.83 22.48 -28.01
N GLU B 49 -34.13 22.62 -28.03
CA GLU B 49 -34.97 22.02 -29.06
C GLU B 49 -35.05 22.92 -30.30
N ILE B 50 -34.86 24.21 -30.07
CA ILE B 50 -34.95 25.20 -31.14
C ILE B 50 -33.75 25.11 -32.09
N LYS B 51 -32.75 24.37 -31.69
CA LYS B 51 -31.55 24.23 -32.51
C LYS B 51 -31.82 23.21 -33.62
N LYS B 52 -31.46 23.57 -34.85
CA LYS B 52 -31.73 22.73 -36.00
C LYS B 52 -30.65 22.86 -37.05
N ILE B 53 -29.83 21.83 -37.18
CA ILE B 53 -28.85 21.75 -38.23
C ILE B 53 -29.37 20.84 -39.33
N ARG B 54 -29.84 21.46 -40.40
CA ARG B 54 -30.47 20.72 -41.49
C ARG B 54 -29.74 20.99 -42.81
N ASP B 55 -29.34 19.93 -43.49
CA ASP B 55 -28.65 20.07 -44.77
C ASP B 55 -29.63 20.40 -45.88
N GLY B 56 -29.11 20.96 -46.95
CA GLY B 56 -29.93 21.32 -48.08
C GLY B 56 -29.14 22.10 -49.12
N THR B 57 -29.45 21.89 -50.38
CA THR B 57 -28.74 22.57 -51.44
C THR B 57 -29.70 23.50 -52.19
N TRP B 58 -29.15 24.37 -53.02
CA TRP B 58 -29.93 25.33 -53.75
C TRP B 58 -30.25 24.83 -55.15
N MET B 59 -31.45 25.15 -55.61
CA MET B 59 -31.86 24.77 -56.95
C MET B 59 -32.16 26.01 -57.77
N SER B 60 -31.51 26.14 -58.91
CA SER B 60 -31.66 27.33 -59.74
C SER B 60 -32.94 27.24 -60.55
N SER B 61 -33.53 28.40 -60.83
CA SER B 61 -34.70 28.49 -61.66
C SER B 61 -34.30 28.79 -63.09
N LEU B 62 -32.99 28.92 -63.29
CA LEU B 62 -32.37 29.23 -64.57
C LEU B 62 -33.15 30.27 -65.37
N GLU B 63 -32.89 31.54 -65.06
CA GLU B 63 -33.48 32.64 -65.79
C GLU B 63 -33.06 32.57 -67.26
N HIS B 64 -33.96 32.07 -68.08
CA HIS B 64 -33.67 31.81 -69.49
C HIS B 64 -33.89 33.06 -70.33
N HIS B 65 -33.17 34.12 -69.96
CA HIS B 65 -33.23 35.39 -70.67
C HIS B 65 -32.56 35.24 -72.04
N HIS B 66 -33.37 35.26 -73.09
CA HIS B 66 -32.87 35.10 -74.44
C HIS B 66 -33.68 35.94 -75.44
N HIS B 67 -32.97 36.63 -76.32
CA HIS B 67 -33.61 37.44 -77.35
C HIS B 67 -33.20 36.97 -78.73
N HIS B 68 -34.17 36.50 -79.51
CA HIS B 68 -33.90 36.08 -80.88
C HIS B 68 -33.81 37.30 -81.77
N HIS B 69 -32.89 37.27 -82.74
CA HIS B 69 -32.72 38.38 -83.67
C HIS B 69 -33.46 38.10 -84.96
N MET A 1 -16.26 2.65 12.76
CA MET A 1 -14.86 2.18 12.89
C MET A 1 -14.82 0.69 13.16
N PRO A 2 -14.15 -0.09 12.29
CA PRO A 2 -13.90 -1.50 12.52
C PRO A 2 -12.80 -1.72 13.56
N LYS A 3 -13.20 -2.01 14.79
CA LYS A 3 -12.24 -2.20 15.86
C LYS A 3 -11.71 -3.62 15.88
N ILE A 4 -10.54 -3.78 16.44
CA ILE A 4 -9.79 -5.02 16.36
C ILE A 4 -10.07 -5.93 17.54
N ILE A 5 -10.10 -7.22 17.25
CA ILE A 5 -10.04 -8.22 18.30
C ILE A 5 -8.58 -8.60 18.46
N GLU A 6 -8.14 -8.89 19.68
CA GLU A 6 -6.71 -9.02 19.92
C GLU A 6 -6.34 -10.49 19.93
N ALA A 7 -5.62 -10.93 18.91
CA ALA A 7 -5.48 -12.35 18.69
C ALA A 7 -4.06 -12.84 18.83
N VAL A 8 -3.95 -14.13 19.12
CA VAL A 8 -2.70 -14.84 19.13
C VAL A 8 -2.80 -16.02 18.17
N TYR A 9 -1.89 -16.06 17.22
CA TYR A 9 -1.82 -17.16 16.27
C TYR A 9 -1.12 -18.34 16.92
N GLU A 10 -1.91 -19.33 17.26
CA GLU A 10 -1.43 -20.56 17.86
C GLU A 10 -1.95 -21.75 17.07
N ASN A 11 -1.10 -22.75 16.87
CA ASN A 11 -1.53 -24.02 16.26
C ASN A 11 -1.95 -23.83 14.80
N GLY A 12 -1.50 -22.75 14.20
CA GLY A 12 -1.91 -22.46 12.84
C GLY A 12 -3.25 -21.74 12.79
N VAL A 13 -3.66 -21.23 13.94
CA VAL A 13 -4.95 -20.56 14.08
C VAL A 13 -4.73 -19.15 14.58
N PHE A 14 -5.64 -18.24 14.28
CA PHE A 14 -5.66 -16.98 14.99
C PHE A 14 -6.73 -17.04 16.07
N LYS A 15 -6.29 -16.98 17.32
CA LYS A 15 -7.16 -17.09 18.47
C LYS A 15 -7.14 -15.80 19.28
N PRO A 16 -8.22 -15.01 19.26
CA PRO A 16 -8.26 -13.78 20.01
C PRO A 16 -8.38 -14.00 21.52
N LEU A 17 -8.19 -12.90 22.25
CA LEU A 17 -8.49 -12.84 23.68
C LEU A 17 -9.98 -12.59 23.80
N GLN A 18 -10.52 -12.24 22.63
CA GLN A 18 -11.93 -12.34 22.34
C GLN A 18 -12.82 -11.29 22.98
N LYS A 19 -13.91 -11.78 23.54
CA LYS A 19 -15.18 -11.12 23.48
C LYS A 19 -15.56 -10.96 22.01
N VAL A 20 -16.47 -10.07 21.67
CA VAL A 20 -16.99 -9.95 20.32
C VAL A 20 -17.80 -11.20 19.94
N ASP A 21 -18.80 -11.02 19.11
CA ASP A 21 -19.75 -12.07 18.82
C ASP A 21 -20.03 -12.16 17.34
N LEU A 22 -19.05 -11.74 16.57
CA LEU A 22 -19.11 -11.77 15.11
C LEU A 22 -19.36 -13.18 14.57
N LYS A 23 -19.53 -13.31 13.26
CA LYS A 23 -20.05 -14.53 12.69
C LYS A 23 -18.99 -15.40 12.02
N GLU A 24 -19.34 -16.66 11.81
CA GLU A 24 -18.44 -17.65 11.26
C GLU A 24 -18.42 -17.58 9.73
N GLY A 25 -17.27 -17.93 9.16
CA GLY A 25 -17.10 -17.84 7.72
C GLY A 25 -17.06 -16.40 7.25
N GLU A 26 -16.81 -15.49 8.18
CA GLU A 26 -16.83 -14.09 7.87
C GLU A 26 -15.41 -13.62 7.51
N ARG A 27 -15.29 -12.54 6.75
CA ARG A 27 -13.99 -12.14 6.20
C ARG A 27 -13.32 -11.07 7.05
N VAL A 28 -12.01 -11.26 7.23
CA VAL A 28 -11.18 -10.35 8.02
C VAL A 28 -9.76 -10.28 7.48
N LYS A 29 -8.98 -9.34 8.02
CA LYS A 29 -7.58 -9.21 7.72
C LYS A 29 -6.78 -9.22 9.00
N ILE A 30 -5.61 -9.80 8.96
CA ILE A 30 -4.77 -9.90 10.14
C ILE A 30 -3.52 -9.07 9.95
N LYS A 31 -3.21 -8.28 10.94
CA LYS A 31 -2.04 -7.43 10.88
C LYS A 31 -1.12 -7.75 12.05
N LEU A 32 0.12 -8.08 11.73
CA LEU A 32 1.12 -8.30 12.75
C LEU A 32 1.52 -6.96 13.32
N GLU A 33 1.27 -6.75 14.60
CA GLU A 33 1.43 -5.44 15.16
C GLU A 33 2.39 -5.43 16.33
N LEU A 34 2.93 -4.24 16.60
CA LEU A 34 3.97 -4.07 17.59
C LEU A 34 3.68 -2.84 18.46
N LYS A 35 4.69 -2.38 19.19
CA LYS A 35 4.53 -1.24 20.08
C LYS A 35 5.04 0.05 19.41
N VAL A 36 4.56 1.17 19.91
CA VAL A 36 4.97 2.48 19.41
C VAL A 36 6.41 2.77 19.84
N GLU A 37 7.05 3.77 19.22
CA GLU A 37 8.45 4.06 19.37
C GLU A 37 9.30 2.78 19.37
N PRO A 38 9.63 2.30 18.16
CA PRO A 38 10.26 0.99 17.95
C PRO A 38 11.69 0.91 18.47
N ILE A 39 12.24 -0.29 18.41
CA ILE A 39 13.59 -0.54 18.90
C ILE A 39 14.61 0.05 17.93
N ASP A 40 15.75 0.45 18.47
CA ASP A 40 16.83 1.03 17.67
C ASP A 40 17.87 -0.05 17.39
N LEU A 41 17.84 -0.60 16.19
CA LEU A 41 18.66 -1.74 15.82
C LEU A 41 20.06 -1.30 15.41
N GLY A 42 20.87 -2.27 15.01
CA GLY A 42 22.23 -2.01 14.63
C GLY A 42 22.69 -3.01 13.60
N GLU A 43 23.69 -2.63 12.83
CA GLU A 43 24.23 -3.47 11.77
C GLU A 43 24.65 -4.83 12.32
N PRO A 44 24.12 -5.92 11.75
CA PRO A 44 24.52 -7.27 12.12
C PRO A 44 26.03 -7.47 12.00
N VAL A 45 26.65 -7.97 13.06
CA VAL A 45 28.09 -8.11 13.12
C VAL A 45 28.58 -9.21 12.19
N SER A 46 29.74 -8.96 11.60
CA SER A 46 30.35 -9.87 10.67
C SER A 46 31.65 -10.43 11.24
N VAL A 47 32.11 -11.52 10.68
CA VAL A 47 33.33 -12.15 11.15
C VAL A 47 34.41 -12.16 10.07
N GLU A 48 35.53 -11.54 10.38
CA GLU A 48 36.66 -11.46 9.45
C GLU A 48 37.65 -12.57 9.71
N GLU A 49 37.50 -13.20 10.85
CA GLU A 49 38.42 -14.24 11.29
C GLU A 49 38.47 -15.43 10.33
N ILE A 50 37.37 -15.66 9.62
CA ILE A 50 37.24 -16.82 8.75
C ILE A 50 37.68 -16.51 7.31
N LYS A 51 37.79 -15.23 7.01
CA LYS A 51 38.08 -14.79 5.65
C LYS A 51 39.08 -13.64 5.66
N LYS A 52 40.11 -13.74 4.86
CA LYS A 52 41.18 -12.75 4.90
C LYS A 52 41.85 -12.63 3.54
N ILE A 53 42.16 -11.40 3.16
CA ILE A 53 42.78 -11.13 1.86
C ILE A 53 44.30 -11.12 1.99
N ARG A 54 44.94 -12.06 1.33
CA ARG A 54 46.39 -12.12 1.28
C ARG A 54 46.88 -11.63 -0.07
N ASP A 55 47.40 -10.41 -0.09
CA ASP A 55 47.77 -9.75 -1.34
C ASP A 55 49.07 -10.29 -1.91
N GLY A 56 49.16 -10.29 -3.22
CA GLY A 56 50.32 -10.83 -3.91
C GLY A 56 50.97 -9.82 -4.83
N THR A 57 52.10 -9.29 -4.40
CA THR A 57 52.84 -8.31 -5.18
C THR A 57 53.69 -8.98 -6.26
N TRP A 58 53.55 -8.51 -7.50
CA TRP A 58 54.32 -9.04 -8.61
C TRP A 58 54.65 -7.92 -9.59
N MET A 59 55.86 -7.93 -10.12
CA MET A 59 56.31 -6.89 -11.05
C MET A 59 57.50 -7.40 -11.86
N SER A 60 57.56 -6.97 -13.12
CA SER A 60 58.67 -7.34 -13.98
C SER A 60 59.67 -6.18 -14.08
N SER A 61 60.91 -6.48 -14.47
CA SER A 61 61.98 -5.49 -14.54
C SER A 61 61.84 -4.61 -15.77
N LEU A 62 60.82 -4.88 -16.59
CA LEU A 62 60.58 -4.17 -17.82
C LEU A 62 61.78 -4.26 -18.77
N GLU A 63 61.81 -3.40 -19.78
CA GLU A 63 62.87 -3.40 -20.76
C GLU A 63 63.06 -1.99 -21.30
N HIS A 64 64.22 -1.41 -21.04
CA HIS A 64 64.53 -0.08 -21.55
C HIS A 64 65.34 -0.16 -22.83
N HIS A 65 64.67 0.05 -23.95
CA HIS A 65 65.30 -0.08 -25.25
C HIS A 65 66.19 1.11 -25.53
N HIS A 66 67.39 0.86 -26.04
CA HIS A 66 68.37 1.91 -26.23
C HIS A 66 69.23 1.65 -27.46
N HIS A 67 70.17 2.54 -27.72
CA HIS A 67 71.11 2.38 -28.80
C HIS A 67 72.50 2.73 -28.30
N HIS A 68 73.53 2.34 -29.04
CA HIS A 68 74.88 2.69 -28.67
C HIS A 68 75.59 3.38 -29.84
N HIS A 69 75.60 4.71 -29.79
CA HIS A 69 76.19 5.56 -30.82
C HIS A 69 75.96 7.01 -30.44
N MET B 1 8.40 -8.33 6.98
CA MET B 1 7.81 -7.61 5.83
C MET B 1 6.38 -7.18 6.17
N PRO B 2 5.94 -6.04 5.61
CA PRO B 2 4.61 -5.50 5.88
C PRO B 2 3.53 -6.07 4.96
N LYS B 3 2.80 -7.07 5.47
CA LYS B 3 1.67 -7.62 4.76
C LYS B 3 0.57 -8.02 5.75
N ILE B 4 -0.64 -8.20 5.23
CA ILE B 4 -1.74 -8.70 6.01
C ILE B 4 -2.09 -10.11 5.55
N ILE B 5 -2.51 -10.93 6.48
CA ILE B 5 -3.02 -12.24 6.12
C ILE B 5 -4.54 -12.16 6.09
N GLU B 6 -5.17 -12.86 5.19
CA GLU B 6 -6.61 -12.86 5.10
C GLU B 6 -7.16 -14.16 5.66
N ALA B 7 -8.19 -14.05 6.47
CA ALA B 7 -8.75 -15.19 7.16
C ALA B 7 -10.27 -15.18 7.14
N VAL B 8 -10.85 -16.36 7.27
CA VAL B 8 -12.27 -16.52 7.45
C VAL B 8 -12.50 -17.14 8.81
N TYR B 9 -13.12 -16.39 9.69
CA TYR B 9 -13.22 -16.78 11.06
C TYR B 9 -14.59 -17.31 11.43
N GLU B 10 -14.53 -18.32 12.26
CA GLU B 10 -15.67 -18.92 12.90
C GLU B 10 -15.95 -18.18 14.16
N ASN B 11 -16.86 -18.72 14.96
CA ASN B 11 -17.40 -18.05 16.13
C ASN B 11 -16.34 -17.84 17.19
N GLY B 12 -15.37 -17.06 16.81
CA GLY B 12 -14.30 -16.68 17.70
C GLY B 12 -13.00 -17.27 17.24
N VAL B 13 -13.10 -18.10 16.22
CA VAL B 13 -11.93 -18.76 15.68
C VAL B 13 -11.52 -18.11 14.38
N PHE B 14 -10.24 -17.91 14.12
CA PHE B 14 -9.82 -17.29 12.87
C PHE B 14 -8.95 -18.23 12.05
N LYS B 15 -9.36 -18.48 10.81
CA LYS B 15 -8.64 -19.39 9.92
C LYS B 15 -8.25 -18.68 8.63
N PRO B 16 -6.95 -18.53 8.35
CA PRO B 16 -6.49 -17.84 7.14
C PRO B 16 -6.83 -18.58 5.85
N LEU B 17 -6.63 -17.87 4.74
CA LEU B 17 -6.73 -18.45 3.41
C LEU B 17 -5.39 -18.26 2.71
N GLN B 18 -4.60 -17.34 3.26
CA GLN B 18 -3.27 -17.07 2.76
C GLN B 18 -2.26 -17.86 3.59
N LYS B 19 -1.17 -18.28 2.96
CA LYS B 19 -0.19 -19.10 3.66
C LYS B 19 0.43 -18.31 4.80
N VAL B 20 0.80 -19.03 5.84
CA VAL B 20 1.40 -18.44 7.01
C VAL B 20 2.42 -19.35 7.62
N ASP B 21 3.53 -18.73 7.94
CA ASP B 21 4.66 -19.39 8.52
C ASP B 21 4.98 -18.78 9.86
N LEU B 22 4.02 -18.03 10.34
CA LEU B 22 4.10 -17.42 11.67
C LEU B 22 4.07 -18.51 12.73
N LYS B 23 4.39 -18.15 13.96
CA LYS B 23 4.53 -19.14 15.01
C LYS B 23 3.45 -19.01 16.06
N GLU B 24 3.25 -20.07 16.81
CA GLU B 24 2.29 -20.12 17.87
C GLU B 24 2.65 -19.10 18.94
N GLY B 25 1.74 -18.19 19.17
CA GLY B 25 1.99 -17.11 20.10
C GLY B 25 2.30 -15.81 19.38
N GLU B 26 2.10 -15.78 18.07
CA GLU B 26 2.40 -14.57 17.30
C GLU B 26 1.31 -13.52 17.50
N ARG B 27 1.74 -12.27 17.68
CA ARG B 27 0.84 -11.19 18.06
C ARG B 27 0.31 -10.43 16.86
N VAL B 28 -0.98 -10.50 16.72
CA VAL B 28 -1.69 -9.95 15.59
C VAL B 28 -3.01 -9.33 16.03
N LYS B 29 -3.54 -8.42 15.23
CA LYS B 29 -4.83 -7.84 15.46
C LYS B 29 -5.72 -8.12 14.26
N ILE B 30 -7.01 -8.29 14.50
CA ILE B 30 -7.93 -8.61 13.43
C ILE B 30 -8.85 -7.46 13.16
N LYS B 31 -8.98 -7.12 11.91
CA LYS B 31 -9.95 -6.17 11.45
C LYS B 31 -10.90 -6.84 10.50
N LEU B 32 -12.18 -6.54 10.66
CA LEU B 32 -13.21 -7.19 9.89
C LEU B 32 -13.52 -6.36 8.66
N GLU B 33 -13.20 -6.91 7.51
CA GLU B 33 -13.08 -6.10 6.32
C GLU B 33 -13.99 -6.54 5.20
N LEU B 34 -14.58 -5.52 4.62
CA LEU B 34 -15.08 -5.56 3.28
C LEU B 34 -15.03 -4.14 2.76
N LYS B 35 -14.75 -4.00 1.50
CA LYS B 35 -14.55 -2.70 0.92
C LYS B 35 -14.88 -2.67 -0.57
N VAL B 36 -14.72 -1.49 -1.16
CA VAL B 36 -14.82 -1.27 -2.60
C VAL B 36 -16.22 -1.53 -3.15
N GLU B 37 -16.60 -0.72 -4.11
CA GLU B 37 -17.88 -0.80 -4.76
C GLU B 37 -17.69 -1.07 -6.25
N PRO B 38 -18.53 -1.94 -6.83
CA PRO B 38 -18.46 -2.26 -8.25
C PRO B 38 -18.99 -1.13 -9.11
N ILE B 39 -18.86 -1.28 -10.42
CA ILE B 39 -19.30 -0.25 -11.34
C ILE B 39 -20.80 -0.34 -11.59
N ASP B 40 -21.47 0.81 -11.61
CA ASP B 40 -22.89 0.85 -11.88
C ASP B 40 -23.14 1.41 -13.26
N LEU B 41 -23.77 0.61 -14.10
CA LEU B 41 -24.04 1.02 -15.48
C LEU B 41 -25.48 0.67 -15.84
N GLY B 42 -25.94 1.19 -16.97
CA GLY B 42 -27.29 0.95 -17.40
C GLY B 42 -27.33 0.46 -18.82
N GLU B 43 -27.84 -0.74 -18.99
CA GLU B 43 -27.96 -1.38 -20.29
C GLU B 43 -28.65 -0.47 -21.31
N PRO B 44 -28.16 -0.46 -22.56
CA PRO B 44 -28.77 0.31 -23.65
C PRO B 44 -30.24 -0.08 -23.86
N VAL B 45 -31.11 0.92 -23.91
CA VAL B 45 -32.53 0.68 -24.09
C VAL B 45 -32.81 0.03 -25.45
N SER B 46 -33.88 -0.74 -25.51
CA SER B 46 -34.23 -1.46 -26.71
C SER B 46 -35.22 -0.65 -27.55
N VAL B 47 -35.44 -1.12 -28.76
CA VAL B 47 -36.39 -0.48 -29.67
C VAL B 47 -37.53 -1.44 -29.99
N GLU B 48 -38.75 -0.94 -29.90
CA GLU B 48 -39.92 -1.78 -30.13
C GLU B 48 -40.07 -2.13 -31.60
N GLU B 49 -40.03 -3.41 -31.88
CA GLU B 49 -40.17 -3.93 -33.24
C GLU B 49 -41.62 -3.89 -33.68
N ILE B 50 -42.52 -3.90 -32.71
CA ILE B 50 -43.95 -4.03 -32.95
C ILE B 50 -44.51 -2.83 -33.73
N LYS B 51 -43.76 -1.75 -33.80
CA LYS B 51 -44.16 -0.60 -34.59
C LYS B 51 -43.94 -0.91 -36.06
N LYS B 52 -44.95 -0.64 -36.87
CA LYS B 52 -44.97 -1.18 -38.22
C LYS B 52 -45.91 -0.40 -39.13
N ILE B 53 -45.49 -0.23 -40.38
CA ILE B 53 -46.31 0.35 -41.43
C ILE B 53 -46.54 1.85 -41.22
N ARG B 54 -45.96 2.64 -42.11
CA ARG B 54 -46.13 4.09 -42.10
C ARG B 54 -47.18 4.52 -43.13
N ASP B 55 -47.97 3.54 -43.55
CA ASP B 55 -49.01 3.77 -44.56
C ASP B 55 -50.26 4.33 -43.90
N GLY B 56 -51.26 4.68 -44.71
CA GLY B 56 -52.49 5.24 -44.19
C GLY B 56 -53.21 6.08 -45.22
N THR B 57 -53.64 5.46 -46.30
CA THR B 57 -54.33 6.16 -47.37
C THR B 57 -55.16 5.20 -48.21
N TRP B 58 -56.08 5.73 -49.01
CA TRP B 58 -56.93 4.91 -49.87
C TRP B 58 -56.95 5.50 -51.27
N MET B 59 -56.83 4.65 -52.28
CA MET B 59 -56.76 5.10 -53.66
C MET B 59 -58.07 4.81 -54.39
N SER B 60 -58.30 5.52 -55.48
CA SER B 60 -59.51 5.37 -56.28
C SER B 60 -59.49 4.04 -57.05
N SER B 61 -60.60 3.72 -57.71
CA SER B 61 -60.68 2.49 -58.49
C SER B 61 -60.24 2.73 -59.93
N LEU B 62 -59.99 4.00 -60.24
CA LEU B 62 -59.47 4.43 -61.54
C LEU B 62 -60.27 3.87 -62.71
N GLU B 63 -61.56 3.64 -62.51
CA GLU B 63 -62.40 3.07 -63.56
C GLU B 63 -63.60 3.96 -63.83
N HIS B 64 -63.80 4.26 -65.11
CA HIS B 64 -64.95 5.04 -65.55
C HIS B 64 -65.61 4.38 -66.77
N HIS B 65 -66.50 3.43 -66.52
CA HIS B 65 -67.22 2.77 -67.60
C HIS B 65 -68.31 3.70 -68.16
N HIS B 66 -67.87 4.69 -68.92
CA HIS B 66 -68.77 5.66 -69.53
C HIS B 66 -68.93 5.36 -71.01
N HIS B 67 -70.12 4.93 -71.40
CA HIS B 67 -70.39 4.55 -72.78
C HIS B 67 -71.62 5.29 -73.30
N HIS B 68 -71.56 5.70 -74.56
CA HIS B 68 -72.62 6.51 -75.16
C HIS B 68 -73.46 5.65 -76.11
N HIS B 69 -74.78 5.82 -76.07
CA HIS B 69 -75.65 5.15 -77.02
C HIS B 69 -75.97 6.09 -78.19
N MET A 1 -12.57 -0.75 8.31
CA MET A 1 -12.43 -1.46 9.61
C MET A 1 -13.15 -0.71 10.73
N PRO A 2 -14.29 -1.25 11.20
CA PRO A 2 -15.06 -0.67 12.29
C PRO A 2 -14.36 -0.81 13.64
N LYS A 3 -13.79 -1.98 13.89
CA LYS A 3 -13.12 -2.26 15.15
C LYS A 3 -11.98 -3.25 14.95
N ILE A 4 -11.06 -3.28 15.90
CA ILE A 4 -10.06 -4.31 15.96
C ILE A 4 -10.35 -5.26 17.12
N ILE A 5 -10.04 -6.52 16.92
CA ILE A 5 -10.06 -7.48 18.00
C ILE A 5 -8.66 -8.05 18.12
N GLU A 6 -8.26 -8.48 19.30
CA GLU A 6 -6.93 -9.00 19.49
C GLU A 6 -6.94 -10.51 19.64
N ALA A 7 -6.02 -11.17 18.94
CA ALA A 7 -5.96 -12.62 18.91
C ALA A 7 -4.51 -13.09 18.90
N VAL A 8 -4.32 -14.37 19.16
CA VAL A 8 -3.02 -14.99 19.08
C VAL A 8 -3.02 -16.09 18.02
N TYR A 9 -2.06 -16.01 17.12
CA TYR A 9 -1.89 -17.01 16.07
C TYR A 9 -0.98 -18.11 16.54
N GLU A 10 -1.61 -19.23 16.82
CA GLU A 10 -0.96 -20.48 17.07
C GLU A 10 -0.87 -21.21 15.76
N ASN A 11 -0.52 -22.49 15.80
CA ASN A 11 0.00 -23.24 14.66
C ASN A 11 -1.00 -23.36 13.54
N GLY A 12 -1.28 -22.23 12.96
CA GLY A 12 -2.18 -22.14 11.84
C GLY A 12 -3.50 -21.56 12.27
N VAL A 13 -3.58 -21.25 13.56
CA VAL A 13 -4.84 -20.80 14.13
C VAL A 13 -4.76 -19.36 14.60
N PHE A 14 -5.81 -18.61 14.41
CA PHE A 14 -5.95 -17.33 15.08
C PHE A 14 -7.02 -17.46 16.15
N LYS A 15 -6.62 -17.30 17.39
CA LYS A 15 -7.53 -17.42 18.51
C LYS A 15 -7.56 -16.14 19.32
N PRO A 16 -8.72 -15.49 19.42
CA PRO A 16 -8.86 -14.25 20.16
C PRO A 16 -8.35 -14.29 21.57
N LEU A 17 -8.26 -13.10 22.06
CA LEU A 17 -8.06 -12.77 23.43
C LEU A 17 -9.37 -12.18 23.85
N GLN A 18 -9.62 -11.05 23.26
CA GLN A 18 -10.82 -10.29 23.51
C GLN A 18 -12.00 -11.03 22.87
N LYS A 19 -13.14 -11.01 23.54
CA LYS A 19 -14.27 -11.80 23.10
C LYS A 19 -14.76 -11.41 21.72
N VAL A 20 -15.29 -12.39 21.02
CA VAL A 20 -15.75 -12.25 19.67
C VAL A 20 -17.09 -11.52 19.61
N ASP A 21 -17.47 -11.08 18.41
CA ASP A 21 -18.64 -10.24 18.25
C ASP A 21 -19.23 -10.44 16.86
N LEU A 22 -18.81 -11.51 16.22
CA LEU A 22 -19.15 -11.77 14.83
C LEU A 22 -19.85 -13.12 14.65
N LYS A 23 -20.01 -13.52 13.39
CA LYS A 23 -20.61 -14.78 13.04
C LYS A 23 -19.67 -15.61 12.18
N GLU A 24 -19.81 -16.92 12.20
CA GLU A 24 -18.92 -17.78 11.46
C GLU A 24 -19.08 -17.57 9.95
N GLY A 25 -17.95 -17.48 9.27
CA GLY A 25 -17.95 -17.15 7.86
C GLY A 25 -17.66 -15.68 7.61
N GLU A 26 -17.25 -14.97 8.65
CA GLU A 26 -17.01 -13.55 8.57
C GLU A 26 -15.60 -13.28 8.04
N ARG A 27 -15.43 -12.19 7.28
CA ARG A 27 -14.15 -11.89 6.65
C ARG A 27 -13.38 -10.81 7.39
N VAL A 28 -12.17 -11.18 7.74
CA VAL A 28 -11.32 -10.33 8.54
C VAL A 28 -9.91 -10.26 7.98
N LYS A 29 -9.21 -9.19 8.31
CA LYS A 29 -7.84 -8.98 7.91
C LYS A 29 -6.95 -8.97 9.14
N ILE A 30 -5.76 -9.49 8.99
CA ILE A 30 -4.84 -9.64 10.10
C ILE A 30 -3.62 -8.79 9.87
N LYS A 31 -3.11 -8.25 10.95
CA LYS A 31 -1.82 -7.59 10.94
C LYS A 31 -1.22 -7.73 12.33
N LEU A 32 -0.04 -8.29 12.38
CA LEU A 32 0.65 -8.48 13.63
C LEU A 32 1.50 -7.27 13.92
N GLU A 33 1.63 -6.90 15.19
CA GLU A 33 2.44 -5.76 15.52
C GLU A 33 3.84 -6.18 15.86
N LEU A 34 4.75 -5.58 15.14
CA LEU A 34 6.16 -5.77 15.32
C LEU A 34 6.74 -4.61 16.09
N LYS A 35 8.06 -4.51 16.06
CA LYS A 35 8.75 -3.35 16.58
C LYS A 35 9.80 -2.95 15.57
N VAL A 36 10.26 -1.71 15.65
CA VAL A 36 11.19 -1.19 14.67
C VAL A 36 12.42 -2.07 14.56
N GLU A 37 12.73 -2.46 13.34
CA GLU A 37 13.82 -3.36 13.04
C GLU A 37 15.15 -2.69 13.35
N PRO A 38 15.89 -3.22 14.33
CA PRO A 38 17.17 -2.67 14.72
C PRO A 38 18.30 -3.13 13.83
N ILE A 39 19.46 -2.53 14.03
CA ILE A 39 20.65 -2.86 13.27
C ILE A 39 21.82 -3.08 14.20
N ASP A 40 22.88 -3.67 13.68
CA ASP A 40 24.08 -3.88 14.47
C ASP A 40 25.32 -3.53 13.64
N LEU A 41 26.07 -2.55 14.11
CA LEU A 41 27.28 -2.12 13.46
C LEU A 41 28.27 -1.61 14.48
N GLY A 42 29.51 -2.04 14.37
CA GLY A 42 30.55 -1.56 15.25
C GLY A 42 31.30 -0.40 14.63
N GLU A 43 32.52 -0.22 15.07
CA GLU A 43 33.34 0.88 14.61
C GLU A 43 34.58 0.35 13.90
N PRO A 44 35.02 1.04 12.85
CA PRO A 44 36.21 0.67 12.08
C PRO A 44 37.49 0.81 12.91
N VAL A 45 38.41 -0.12 12.72
CA VAL A 45 39.68 -0.09 13.43
C VAL A 45 40.67 0.83 12.74
N SER A 46 41.49 1.46 13.55
CA SER A 46 42.46 2.42 13.05
C SER A 46 43.82 1.75 12.86
N VAL A 47 44.63 2.37 12.01
CA VAL A 47 45.97 1.88 11.73
C VAL A 47 46.93 3.06 11.60
N GLU A 48 48.07 2.99 12.27
CA GLU A 48 49.05 4.06 12.20
C GLU A 48 50.35 3.57 11.62
N GLU A 49 50.74 4.21 10.54
CA GLU A 49 51.93 3.84 9.79
C GLU A 49 53.17 4.50 10.35
N ILE A 50 52.96 5.60 11.06
CA ILE A 50 54.05 6.42 11.59
C ILE A 50 54.91 5.69 12.63
N LYS A 51 54.52 4.47 12.97
CA LYS A 51 55.32 3.67 13.90
C LYS A 51 56.52 3.08 13.16
N LYS A 52 57.69 3.18 13.75
CA LYS A 52 58.91 2.73 13.12
C LYS A 52 59.45 1.45 13.76
N ILE A 53 60.18 0.68 12.98
CA ILE A 53 60.76 -0.57 13.44
C ILE A 53 62.27 -0.42 13.64
N ARG A 54 62.98 -1.54 13.62
CA ARG A 54 64.43 -1.55 13.80
C ARG A 54 65.12 -1.85 12.47
N ASP A 55 66.39 -1.50 12.38
CA ASP A 55 67.19 -1.85 11.20
C ASP A 55 67.34 -3.36 11.09
N GLY A 56 67.54 -3.84 9.88
CA GLY A 56 67.70 -5.26 9.67
C GLY A 56 69.15 -5.67 9.61
N THR A 57 69.42 -6.93 9.90
CA THR A 57 70.78 -7.44 9.80
C THR A 57 71.21 -7.50 8.34
N TRP A 58 72.38 -6.98 8.05
CA TRP A 58 72.86 -6.87 6.69
C TRP A 58 74.15 -7.66 6.52
N MET A 59 74.65 -7.74 5.29
CA MET A 59 75.87 -8.47 4.99
C MET A 59 77.07 -7.86 5.70
N SER A 60 77.85 -8.70 6.38
CA SER A 60 79.06 -8.26 7.05
C SER A 60 80.08 -7.75 6.04
N SER A 61 80.98 -6.89 6.49
CA SER A 61 81.97 -6.29 5.60
C SER A 61 83.22 -7.17 5.51
N LEU A 62 83.07 -8.43 5.95
CA LEU A 62 84.16 -9.40 5.96
C LEU A 62 85.33 -8.93 6.83
N GLU A 63 86.43 -9.66 6.75
CA GLU A 63 87.62 -9.34 7.53
C GLU A 63 88.62 -8.55 6.70
N HIS A 64 88.52 -8.68 5.38
CA HIS A 64 89.35 -7.92 4.43
C HIS A 64 90.81 -8.41 4.39
N HIS A 65 91.23 -9.15 5.42
CA HIS A 65 92.63 -9.54 5.61
C HIS A 65 93.48 -8.32 5.95
N HIS A 66 94.78 -8.54 6.09
CA HIS A 66 95.69 -7.47 6.45
C HIS A 66 96.58 -7.11 5.27
N HIS A 67 96.33 -5.93 4.73
CA HIS A 67 97.08 -5.45 3.57
C HIS A 67 98.23 -4.58 4.05
N HIS A 68 99.41 -5.17 4.16
CA HIS A 68 100.57 -4.45 4.69
C HIS A 68 101.43 -3.88 3.57
N HIS A 69 101.10 -4.24 2.33
CA HIS A 69 101.70 -3.60 1.17
C HIS A 69 100.92 -3.97 -0.09
N MET B 1 9.19 -7.46 7.18
CA MET B 1 8.13 -7.62 6.15
C MET B 1 6.76 -7.33 6.75
N PRO B 2 6.22 -6.12 6.50
CA PRO B 2 4.91 -5.71 6.99
C PRO B 2 3.79 -6.22 6.09
N LYS B 3 3.11 -7.27 6.51
CA LYS B 3 2.07 -7.89 5.69
C LYS B 3 0.75 -7.96 6.42
N ILE B 4 -0.27 -8.35 5.67
CA ILE B 4 -1.57 -8.60 6.19
C ILE B 4 -2.09 -9.88 5.55
N ILE B 5 -2.85 -10.67 6.30
CA ILE B 5 -3.45 -11.87 5.77
C ILE B 5 -4.94 -11.80 6.02
N GLU B 6 -5.73 -12.54 5.26
CA GLU B 6 -7.14 -12.58 5.50
C GLU B 6 -7.53 -13.95 6.04
N ALA B 7 -8.42 -13.96 7.01
CA ALA B 7 -8.85 -15.19 7.65
C ALA B 7 -10.36 -15.25 7.72
N VAL B 8 -10.90 -16.45 7.85
CA VAL B 8 -12.31 -16.65 8.02
C VAL B 8 -12.64 -16.99 9.47
N TYR B 9 -13.40 -16.13 10.10
CA TYR B 9 -13.85 -16.34 11.47
C TYR B 9 -14.97 -17.35 11.53
N GLU B 10 -14.63 -18.47 12.10
CA GLU B 10 -15.55 -19.51 12.45
C GLU B 10 -16.09 -19.26 13.83
N ASN B 11 -16.78 -20.25 14.38
CA ASN B 11 -17.55 -20.12 15.62
C ASN B 11 -16.67 -19.85 16.82
N GLY B 12 -15.90 -18.81 16.71
CA GLY B 12 -14.99 -18.41 17.75
C GLY B 12 -13.57 -18.60 17.27
N VAL B 13 -13.46 -18.95 16.00
CA VAL B 13 -12.17 -19.28 15.42
C VAL B 13 -11.82 -18.28 14.35
N PHE B 14 -10.55 -18.03 14.14
CA PHE B 14 -10.12 -17.32 12.96
C PHE B 14 -9.19 -18.21 12.15
N LYS B 15 -9.62 -18.58 10.97
CA LYS B 15 -8.88 -19.51 10.13
C LYS B 15 -8.41 -18.82 8.87
N PRO B 16 -7.08 -18.68 8.73
CA PRO B 16 -6.47 -18.03 7.59
C PRO B 16 -7.02 -18.40 6.23
N LEU B 17 -6.55 -17.62 5.30
CA LEU B 17 -6.68 -17.87 3.91
C LEU B 17 -5.29 -17.67 3.34
N GLN B 18 -4.70 -18.82 3.06
CA GLN B 18 -3.38 -19.04 2.45
C GLN B 18 -2.23 -18.87 3.44
N LYS B 19 -1.02 -19.09 2.93
CA LYS B 19 0.17 -19.35 3.75
C LYS B 19 0.47 -18.29 4.81
N VAL B 20 0.90 -18.79 5.96
CA VAL B 20 1.37 -17.97 7.07
C VAL B 20 2.59 -18.62 7.63
N ASP B 21 3.58 -17.80 7.88
CA ASP B 21 4.75 -18.23 8.55
C ASP B 21 5.02 -17.30 9.71
N LEU B 22 4.40 -17.65 10.82
CA LEU B 22 4.56 -16.94 12.07
C LEU B 22 4.87 -17.92 13.20
N LYS B 23 4.84 -17.40 14.42
CA LYS B 23 5.07 -18.23 15.61
C LYS B 23 3.74 -18.77 16.11
N GLU B 24 3.76 -19.45 17.24
CA GLU B 24 2.54 -19.83 17.91
C GLU B 24 2.29 -18.94 19.11
N GLY B 25 1.15 -18.29 19.09
CA GLY B 25 0.84 -17.29 20.10
C GLY B 25 1.24 -15.90 19.63
N GLU B 26 1.49 -15.76 18.33
CA GLU B 26 1.90 -14.51 17.75
C GLU B 26 0.84 -13.44 17.95
N ARG B 27 1.26 -12.22 18.29
CA ARG B 27 0.33 -11.17 18.63
C ARG B 27 -0.10 -10.38 17.41
N VAL B 28 -1.37 -10.50 17.12
CA VAL B 28 -1.95 -9.92 15.93
C VAL B 28 -3.22 -9.16 16.26
N LYS B 29 -3.65 -8.30 15.34
CA LYS B 29 -4.92 -7.64 15.46
C LYS B 29 -5.80 -8.03 14.30
N ILE B 30 -7.08 -8.08 14.58
CA ILE B 30 -8.07 -8.40 13.57
C ILE B 30 -8.82 -7.14 13.23
N LYS B 31 -8.89 -6.86 11.98
CA LYS B 31 -9.67 -5.78 11.50
C LYS B 31 -10.60 -6.29 10.46
N LEU B 32 -11.80 -5.86 10.61
CA LEU B 32 -12.94 -6.48 9.99
C LEU B 32 -13.37 -5.64 8.81
N GLU B 33 -13.58 -6.28 7.67
CA GLU B 33 -13.81 -5.55 6.46
C GLU B 33 -15.29 -5.42 6.14
N LEU B 34 -15.63 -4.24 5.68
CA LEU B 34 -16.98 -3.88 5.27
C LEU B 34 -16.91 -2.75 4.27
N LYS B 35 -17.97 -2.60 3.51
CA LYS B 35 -18.00 -1.59 2.46
C LYS B 35 -19.27 -0.77 2.57
N VAL B 36 -19.38 0.22 1.69
CA VAL B 36 -20.54 1.10 1.68
C VAL B 36 -21.74 0.40 1.08
N GLU B 37 -22.89 0.66 1.67
CA GLU B 37 -24.13 0.04 1.26
C GLU B 37 -24.77 0.84 0.14
N PRO B 38 -25.27 0.15 -0.90
CA PRO B 38 -25.95 0.80 -2.02
C PRO B 38 -27.30 1.37 -1.60
N ILE B 39 -27.94 2.07 -2.52
CA ILE B 39 -29.24 2.66 -2.24
C ILE B 39 -30.36 1.74 -2.67
N ASP B 40 -31.45 1.74 -1.92
CA ASP B 40 -32.61 0.95 -2.23
C ASP B 40 -33.52 1.71 -3.20
N LEU B 41 -34.67 1.11 -3.53
CA LEU B 41 -35.58 1.70 -4.49
C LEU B 41 -36.62 2.58 -3.80
N GLY B 42 -36.97 3.68 -4.44
CA GLY B 42 -37.96 4.58 -3.89
C GLY B 42 -39.30 4.43 -4.58
N GLU B 43 -39.80 5.53 -5.11
CA GLU B 43 -41.07 5.53 -5.79
C GLU B 43 -40.89 5.53 -7.31
N PRO B 44 -41.89 5.00 -8.04
CA PRO B 44 -41.91 5.01 -9.50
C PRO B 44 -42.54 6.30 -10.03
N VAL B 45 -42.99 6.26 -11.28
CA VAL B 45 -43.62 7.42 -11.90
C VAL B 45 -45.09 7.10 -12.20
N SER B 46 -45.92 8.12 -12.29
CA SER B 46 -47.34 7.95 -12.52
C SER B 46 -47.63 7.57 -13.98
N VAL B 47 -48.87 7.18 -14.25
CA VAL B 47 -49.29 6.75 -15.59
C VAL B 47 -49.67 7.96 -16.46
N GLU B 48 -49.23 7.95 -17.70
CA GLU B 48 -49.41 9.09 -18.61
C GLU B 48 -50.70 8.98 -19.40
N GLU B 49 -51.19 7.76 -19.54
CA GLU B 49 -52.33 7.47 -20.43
C GLU B 49 -53.59 8.25 -20.04
N ILE B 50 -53.71 8.57 -18.77
CA ILE B 50 -54.92 9.21 -18.26
C ILE B 50 -54.81 10.74 -18.34
N LYS B 51 -53.70 11.22 -18.88
CA LYS B 51 -53.47 12.66 -18.97
C LYS B 51 -53.51 13.11 -20.43
N LYS B 52 -52.83 14.22 -20.73
CA LYS B 52 -52.91 14.86 -22.04
C LYS B 52 -54.34 15.30 -22.39
N ILE B 53 -54.51 16.60 -22.55
CA ILE B 53 -55.83 17.17 -22.75
C ILE B 53 -56.20 17.16 -24.23
N ARG B 54 -57.06 16.20 -24.60
CA ARG B 54 -57.58 16.11 -25.95
C ARG B 54 -58.89 15.34 -25.96
N ASP B 55 -59.97 16.01 -26.34
CA ASP B 55 -61.28 15.39 -26.39
C ASP B 55 -61.88 15.57 -27.79
N GLY B 56 -62.94 14.82 -28.08
CA GLY B 56 -63.60 14.94 -29.37
C GLY B 56 -64.21 16.32 -29.56
N THR B 57 -64.73 16.88 -28.47
CA THR B 57 -65.34 18.20 -28.47
C THR B 57 -66.68 18.22 -29.23
N TRP B 58 -67.59 19.06 -28.80
CA TRP B 58 -68.88 19.18 -29.46
C TRP B 58 -68.87 20.38 -30.41
N MET B 59 -69.98 20.60 -31.11
CA MET B 59 -70.02 21.64 -32.13
C MET B 59 -71.36 22.35 -32.15
N SER B 60 -71.35 23.58 -32.68
CA SER B 60 -72.56 24.39 -32.87
C SER B 60 -73.09 24.97 -31.56
N SER B 61 -73.48 26.24 -31.62
CA SER B 61 -74.16 26.89 -30.50
C SER B 61 -75.65 27.03 -30.83
N LEU B 62 -76.08 26.22 -31.81
CA LEU B 62 -77.43 26.28 -32.37
C LEU B 62 -77.63 27.58 -33.14
N GLU B 63 -78.82 27.74 -33.71
CA GLU B 63 -79.07 28.86 -34.60
C GLU B 63 -80.28 29.68 -34.14
N HIS B 64 -80.04 30.96 -33.89
CA HIS B 64 -81.09 31.91 -33.56
C HIS B 64 -81.52 32.64 -34.83
N HIS B 65 -82.26 31.93 -35.68
CA HIS B 65 -82.57 32.41 -37.03
C HIS B 65 -83.92 33.12 -37.08
N HIS B 66 -84.68 33.05 -36.00
CA HIS B 66 -86.04 33.58 -35.99
C HIS B 66 -86.09 34.96 -35.35
N HIS B 67 -86.68 35.91 -36.08
CA HIS B 67 -86.99 37.23 -35.54
C HIS B 67 -88.36 37.63 -36.06
N HIS B 68 -89.32 37.79 -35.18
CA HIS B 68 -90.67 38.17 -35.58
C HIS B 68 -90.72 39.64 -36.00
N HIS B 69 -90.69 40.52 -35.00
CA HIS B 69 -90.74 41.96 -35.22
C HIS B 69 -90.65 42.66 -33.88
N MET A 1 -16.06 3.11 12.65
CA MET A 1 -15.01 2.85 13.66
C MET A 1 -14.97 1.38 14.07
N PRO A 2 -14.14 0.58 13.37
CA PRO A 2 -13.88 -0.80 13.75
C PRO A 2 -12.63 -0.90 14.62
N LYS A 3 -12.78 -1.39 15.84
CA LYS A 3 -11.65 -1.54 16.72
C LYS A 3 -11.01 -2.90 16.49
N ILE A 4 -9.69 -2.92 16.58
CA ILE A 4 -8.93 -4.12 16.27
C ILE A 4 -9.01 -5.15 17.38
N ILE A 5 -9.33 -6.38 17.01
CA ILE A 5 -9.39 -7.47 17.96
C ILE A 5 -8.03 -8.11 18.07
N GLU A 6 -7.70 -8.59 19.25
CA GLU A 6 -6.41 -9.17 19.52
C GLU A 6 -6.52 -10.68 19.58
N ALA A 7 -5.67 -11.36 18.83
CA ALA A 7 -5.73 -12.81 18.70
C ALA A 7 -4.33 -13.41 18.67
N VAL A 8 -4.21 -14.64 19.13
CA VAL A 8 -2.97 -15.37 19.08
C VAL A 8 -3.10 -16.60 18.18
N TYR A 9 -2.29 -16.62 17.13
CA TYR A 9 -2.19 -17.78 16.26
C TYR A 9 -1.45 -18.89 16.99
N GLU A 10 -2.21 -19.82 17.53
CA GLU A 10 -1.71 -20.91 18.32
C GLU A 10 -2.05 -22.23 17.66
N ASN A 11 -1.05 -23.10 17.54
CA ASN A 11 -1.25 -24.45 17.01
C ASN A 11 -1.77 -24.44 15.58
N GLY A 12 -1.52 -23.36 14.85
CA GLY A 12 -1.99 -23.28 13.49
C GLY A 12 -3.35 -22.65 13.36
N VAL A 13 -3.82 -22.06 14.47
CA VAL A 13 -5.11 -21.38 14.48
C VAL A 13 -4.94 -19.96 14.93
N PHE A 14 -5.67 -19.03 14.36
CA PHE A 14 -5.75 -17.72 14.95
C PHE A 14 -6.89 -17.71 15.96
N LYS A 15 -6.54 -17.56 17.22
CA LYS A 15 -7.52 -17.59 18.29
C LYS A 15 -7.49 -16.27 19.03
N PRO A 16 -8.59 -15.51 19.00
CA PRO A 16 -8.65 -14.25 19.71
C PRO A 16 -8.41 -14.42 21.20
N LEU A 17 -8.17 -13.31 21.85
CA LEU A 17 -7.99 -13.29 23.29
C LEU A 17 -9.30 -12.89 23.90
N GLN A 18 -10.16 -12.40 23.04
CA GLN A 18 -11.46 -11.91 23.45
C GLN A 18 -12.56 -12.65 22.70
N LYS A 19 -13.74 -12.71 23.29
CA LYS A 19 -14.88 -13.25 22.58
C LYS A 19 -15.49 -12.19 21.69
N VAL A 20 -15.72 -12.55 20.46
CA VAL A 20 -16.11 -11.59 19.45
C VAL A 20 -17.55 -11.81 19.03
N ASP A 21 -18.19 -10.71 18.63
CA ASP A 21 -19.59 -10.72 18.24
C ASP A 21 -19.72 -10.87 16.74
N LEU A 22 -18.62 -11.27 16.13
CA LEU A 22 -18.60 -11.57 14.72
C LEU A 22 -19.19 -12.96 14.48
N LYS A 23 -19.30 -13.35 13.23
CA LYS A 23 -19.99 -14.57 12.89
C LYS A 23 -19.12 -15.49 12.07
N GLU A 24 -19.51 -16.75 11.99
CA GLU A 24 -18.83 -17.72 11.18
C GLU A 24 -18.98 -17.38 9.71
N GLY A 25 -17.87 -17.10 9.07
CA GLY A 25 -17.88 -16.67 7.69
C GLY A 25 -17.53 -15.20 7.55
N GLU A 26 -16.97 -14.64 8.62
CA GLU A 26 -16.51 -13.26 8.61
C GLU A 26 -15.12 -13.19 7.95
N ARG A 27 -14.93 -12.25 7.03
CA ARG A 27 -13.65 -12.12 6.34
C ARG A 27 -12.83 -10.95 6.89
N VAL A 28 -11.61 -11.27 7.23
CA VAL A 28 -10.77 -10.37 8.01
C VAL A 28 -9.35 -10.28 7.46
N LYS A 29 -8.65 -9.22 7.88
CA LYS A 29 -7.27 -8.99 7.52
C LYS A 29 -6.41 -9.06 8.76
N ILE A 30 -5.25 -9.63 8.59
CA ILE A 30 -4.29 -9.78 9.67
C ILE A 30 -3.00 -9.11 9.30
N LYS A 31 -2.45 -8.42 10.26
CA LYS A 31 -1.16 -7.85 10.15
C LYS A 31 -0.60 -7.61 11.53
N LEU A 32 0.67 -7.33 11.56
CA LEU A 32 1.26 -6.73 12.71
C LEU A 32 1.08 -5.25 12.52
N GLU A 33 0.30 -4.66 13.41
CA GLU A 33 -0.42 -3.42 13.11
C GLU A 33 0.48 -2.25 12.70
N LEU A 34 -0.09 -1.41 11.84
CA LEU A 34 0.55 -0.24 11.28
C LEU A 34 1.87 -0.55 10.60
N LYS A 35 2.63 0.51 10.33
CA LYS A 35 3.93 0.40 9.73
C LYS A 35 4.98 0.91 10.71
N VAL A 36 6.25 0.72 10.38
CA VAL A 36 7.34 1.11 11.26
C VAL A 36 7.69 2.58 11.04
N GLU A 37 8.43 3.15 11.98
CA GLU A 37 8.89 4.52 11.90
C GLU A 37 9.80 4.74 10.68
N PRO A 38 10.05 6.00 10.29
CA PRO A 38 10.89 6.31 9.13
C PRO A 38 12.35 5.87 9.31
N ILE A 39 13.16 6.12 8.29
CA ILE A 39 14.54 5.71 8.29
C ILE A 39 15.41 6.61 9.16
N ASP A 40 16.67 6.25 9.29
CA ASP A 40 17.61 7.01 10.08
C ASP A 40 17.92 8.34 9.41
N LEU A 41 18.30 9.34 10.22
CA LEU A 41 18.64 10.64 9.68
C LEU A 41 20.03 10.63 9.08
N GLY A 42 20.25 11.41 8.04
CA GLY A 42 21.55 11.42 7.40
C GLY A 42 22.09 12.82 7.27
N GLU A 43 22.78 13.07 6.17
CA GLU A 43 23.41 14.35 5.90
C GLU A 43 22.38 15.48 6.02
N PRO A 44 22.61 16.40 6.96
CA PRO A 44 21.71 17.53 7.18
C PRO A 44 21.80 18.57 6.08
N VAL A 45 20.68 18.87 5.46
CA VAL A 45 20.62 19.90 4.44
C VAL A 45 20.38 21.25 5.10
N SER A 46 20.88 22.30 4.49
CA SER A 46 20.78 23.63 5.07
C SER A 46 19.54 24.36 4.57
N VAL A 47 19.13 25.34 5.35
CA VAL A 47 18.01 26.19 4.98
C VAL A 47 18.55 27.40 4.23
N GLU A 48 18.51 27.31 2.92
CA GLU A 48 19.13 28.32 2.07
C GLU A 48 18.22 29.50 1.85
N GLU A 49 17.06 29.43 2.47
CA GLU A 49 16.04 30.48 2.37
C GLU A 49 16.60 31.87 2.73
N ILE A 50 17.66 31.90 3.53
CA ILE A 50 18.30 33.16 3.91
C ILE A 50 19.18 33.69 2.76
N LYS A 51 18.99 33.12 1.59
CA LYS A 51 19.76 33.44 0.40
C LYS A 51 19.53 34.86 -0.06
N LYS A 52 20.58 35.50 -0.49
CA LYS A 52 20.51 36.77 -1.16
C LYS A 52 21.44 36.76 -2.36
N ILE A 53 21.09 37.46 -3.41
CA ILE A 53 21.90 37.51 -4.58
C ILE A 53 23.02 38.53 -4.42
N ARG A 54 24.24 38.13 -4.76
CA ARG A 54 25.36 39.05 -4.77
C ARG A 54 25.25 39.97 -5.98
N ASP A 55 24.50 41.05 -5.80
CA ASP A 55 24.26 42.00 -6.88
C ASP A 55 25.19 43.18 -6.77
N GLY A 56 25.54 43.73 -7.91
CA GLY A 56 26.44 44.86 -7.96
C GLY A 56 25.95 45.92 -8.92
N THR A 57 25.66 47.09 -8.39
CA THR A 57 25.12 48.16 -9.21
C THR A 57 25.91 49.45 -8.98
N TRP A 58 25.86 50.35 -9.96
CA TRP A 58 26.61 51.59 -9.89
C TRP A 58 25.89 52.58 -8.97
N MET A 59 26.63 53.57 -8.48
CA MET A 59 26.07 54.58 -7.58
C MET A 59 24.93 55.33 -8.27
N SER A 60 24.08 55.96 -7.47
CA SER A 60 22.96 56.73 -7.98
C SER A 60 23.45 57.96 -8.74
N SER A 61 22.53 58.65 -9.41
CA SER A 61 22.88 59.77 -10.27
C SER A 61 23.20 61.04 -9.46
N LEU A 62 23.28 60.89 -8.13
CA LEU A 62 23.45 62.00 -7.21
C LEU A 62 22.32 63.03 -7.28
N GLU A 63 21.95 63.56 -6.12
CA GLU A 63 20.90 64.56 -6.03
C GLU A 63 21.39 65.86 -6.66
N HIS A 64 20.77 66.21 -7.78
CA HIS A 64 21.19 67.37 -8.57
C HIS A 64 20.68 68.67 -7.97
N HIS A 65 19.69 68.55 -7.09
CA HIS A 65 19.07 69.70 -6.43
C HIS A 65 18.20 70.47 -7.41
N HIS A 66 16.95 70.68 -7.04
CA HIS A 66 16.01 71.40 -7.90
C HIS A 66 16.13 72.89 -7.69
N HIS A 67 15.95 73.63 -8.78
CA HIS A 67 15.94 75.09 -8.77
C HIS A 67 17.35 75.68 -8.61
N HIS A 68 17.75 76.47 -9.58
CA HIS A 68 19.06 77.12 -9.59
C HIS A 68 19.24 78.01 -8.36
N HIS A 69 20.41 77.96 -7.75
CA HIS A 69 20.74 78.85 -6.66
C HIS A 69 22.05 79.55 -6.97
N MET B 1 8.59 -8.95 9.33
CA MET B 1 8.13 -7.98 8.32
C MET B 1 6.62 -8.06 8.16
N PRO B 2 5.93 -6.91 8.25
CA PRO B 2 4.47 -6.87 8.19
C PRO B 2 3.90 -6.97 6.77
N LYS B 3 2.83 -7.73 6.65
CA LYS B 3 2.06 -7.83 5.41
C LYS B 3 0.66 -8.29 5.77
N ILE B 4 -0.31 -8.04 4.89
CA ILE B 4 -1.66 -8.48 5.13
C ILE B 4 -1.84 -9.96 4.84
N ILE B 5 -2.43 -10.61 5.79
CA ILE B 5 -2.87 -11.97 5.65
C ILE B 5 -4.39 -11.98 5.73
N GLU B 6 -5.01 -12.93 5.08
CA GLU B 6 -6.45 -13.02 5.09
C GLU B 6 -6.89 -14.32 5.72
N ALA B 7 -7.91 -14.24 6.55
CA ALA B 7 -8.44 -15.40 7.26
C ALA B 7 -9.95 -15.32 7.36
N VAL B 8 -10.58 -16.40 7.78
CA VAL B 8 -12.03 -16.41 7.99
C VAL B 8 -12.32 -16.69 9.46
N TYR B 9 -13.31 -16.03 9.99
CA TYR B 9 -13.72 -16.19 11.38
C TYR B 9 -14.92 -17.10 11.46
N GLU B 10 -14.67 -18.23 12.06
CA GLU B 10 -15.67 -19.17 12.46
C GLU B 10 -16.16 -18.78 13.83
N ASN B 11 -16.95 -19.66 14.42
CA ASN B 11 -17.65 -19.41 15.68
C ASN B 11 -16.68 -19.24 16.85
N GLY B 12 -15.75 -18.36 16.66
CA GLY B 12 -14.75 -18.07 17.66
C GLY B 12 -13.39 -18.42 17.12
N VAL B 13 -13.36 -18.80 15.85
CA VAL B 13 -12.13 -19.25 15.24
C VAL B 13 -11.68 -18.32 14.13
N PHE B 14 -10.38 -18.15 13.97
CA PHE B 14 -9.83 -17.50 12.79
C PHE B 14 -8.96 -18.49 12.03
N LYS B 15 -9.39 -18.83 10.83
CA LYS B 15 -8.65 -19.72 9.96
C LYS B 15 -8.16 -18.98 8.74
N PRO B 16 -6.85 -18.82 8.57
CA PRO B 16 -6.32 -18.15 7.39
C PRO B 16 -6.70 -18.84 6.11
N LEU B 17 -6.48 -18.08 5.08
CA LEU B 17 -6.42 -18.51 3.73
C LEU B 17 -4.97 -18.71 3.44
N GLN B 18 -4.29 -17.59 3.48
CA GLN B 18 -2.88 -17.52 3.11
C GLN B 18 -2.06 -18.33 4.11
N LYS B 19 -1.16 -19.18 3.61
CA LYS B 19 -0.30 -19.97 4.48
C LYS B 19 0.57 -19.06 5.32
N VAL B 20 0.47 -19.26 6.61
CA VAL B 20 1.17 -18.47 7.57
C VAL B 20 2.36 -19.20 8.10
N ASP B 21 3.44 -18.46 8.12
CA ASP B 21 4.64 -18.89 8.78
C ASP B 21 4.97 -17.87 9.83
N LEU B 22 4.39 -18.12 10.95
CA LEU B 22 4.53 -17.29 12.13
C LEU B 22 4.88 -18.14 13.34
N LYS B 23 4.74 -17.56 14.52
CA LYS B 23 4.99 -18.27 15.76
C LYS B 23 3.69 -18.88 16.26
N GLU B 24 3.78 -19.85 17.14
CA GLU B 24 2.62 -20.33 17.83
C GLU B 24 2.42 -19.49 19.07
N GLY B 25 1.22 -19.01 19.19
CA GLY B 25 0.92 -17.88 20.04
C GLY B 25 1.63 -16.65 19.54
N GLU B 26 1.24 -16.23 18.35
CA GLU B 26 1.70 -14.98 17.76
C GLU B 26 0.67 -13.88 17.99
N ARG B 27 1.13 -12.67 18.25
CA ARG B 27 0.22 -11.58 18.55
C ARG B 27 0.00 -10.69 17.35
N VAL B 28 -1.16 -10.86 16.80
CA VAL B 28 -1.61 -10.14 15.63
C VAL B 28 -2.91 -9.43 15.94
N LYS B 29 -3.31 -8.48 15.11
CA LYS B 29 -4.56 -7.81 15.32
C LYS B 29 -5.44 -7.94 14.11
N ILE B 30 -6.71 -8.15 14.38
CA ILE B 30 -7.66 -8.49 13.35
C ILE B 30 -8.65 -7.36 13.15
N LYS B 31 -9.02 -7.20 11.91
CA LYS B 31 -10.05 -6.30 11.51
C LYS B 31 -10.72 -6.91 10.29
N LEU B 32 -11.91 -6.47 10.00
CA LEU B 32 -12.69 -7.07 8.95
C LEU B 32 -13.01 -6.02 7.91
N GLU B 33 -13.23 -6.42 6.68
CA GLU B 33 -13.42 -5.46 5.61
C GLU B 33 -14.71 -4.68 5.76
N LEU B 34 -14.64 -3.42 5.42
CA LEU B 34 -15.79 -2.54 5.43
C LEU B 34 -16.08 -2.09 4.01
N LYS B 35 -17.33 -1.76 3.75
CA LYS B 35 -17.72 -1.21 2.48
C LYS B 35 -18.40 0.12 2.66
N VAL B 36 -18.21 0.99 1.69
CA VAL B 36 -18.93 2.24 1.67
C VAL B 36 -19.93 2.25 0.52
N GLU B 37 -21.14 2.60 0.85
CA GLU B 37 -22.19 2.71 -0.13
C GLU B 37 -22.81 4.10 -0.08
N PRO B 38 -22.61 4.90 -1.14
CA PRO B 38 -23.13 6.26 -1.20
C PRO B 38 -24.65 6.28 -1.32
N ILE B 39 -25.23 7.47 -1.26
CA ILE B 39 -26.65 7.63 -1.30
C ILE B 39 -27.12 7.94 -2.71
N ASP B 40 -28.38 7.62 -3.00
CA ASP B 40 -28.97 7.95 -4.29
C ASP B 40 -29.41 9.41 -4.29
N LEU B 41 -28.91 10.17 -5.25
CA LEU B 41 -29.29 11.56 -5.38
C LEU B 41 -30.47 11.70 -6.32
N GLY B 42 -31.59 12.14 -5.80
CA GLY B 42 -32.76 12.31 -6.63
C GLY B 42 -33.25 13.73 -6.60
N GLU B 43 -33.16 14.38 -7.74
CA GLU B 43 -33.55 15.76 -7.88
C GLU B 43 -34.47 15.93 -9.09
N PRO B 44 -35.31 16.98 -9.09
CA PRO B 44 -36.19 17.28 -10.21
C PRO B 44 -35.39 17.69 -11.45
N VAL B 45 -35.89 17.31 -12.62
CA VAL B 45 -35.21 17.61 -13.87
C VAL B 45 -35.43 19.07 -14.25
N SER B 46 -34.48 19.63 -14.98
CA SER B 46 -34.54 21.02 -15.38
C SER B 46 -35.53 21.21 -16.54
N VAL B 47 -35.76 22.46 -16.91
CA VAL B 47 -36.67 22.75 -18.01
C VAL B 47 -35.92 22.63 -19.34
N GLU B 48 -36.35 21.69 -20.15
CA GLU B 48 -35.77 21.47 -21.46
C GLU B 48 -36.71 22.04 -22.51
N GLU B 49 -36.17 22.38 -23.67
CA GLU B 49 -36.95 22.99 -24.75
C GLU B 49 -37.98 22.01 -25.31
N ILE B 50 -37.71 20.73 -25.15
CA ILE B 50 -38.66 19.69 -25.56
C ILE B 50 -39.89 19.70 -24.65
N LYS B 51 -39.74 20.34 -23.51
CA LYS B 51 -40.83 20.53 -22.59
C LYS B 51 -41.50 21.87 -22.88
N LYS B 52 -42.81 21.88 -22.95
CA LYS B 52 -43.52 23.10 -23.27
C LYS B 52 -44.68 23.32 -22.32
N ILE B 53 -44.51 24.29 -21.45
CA ILE B 53 -45.54 24.72 -20.55
C ILE B 53 -46.40 25.77 -21.24
N ARG B 54 -47.72 25.65 -21.08
CA ARG B 54 -48.68 26.52 -21.73
C ARG B 54 -48.50 26.54 -23.26
N ASP B 55 -49.14 27.50 -23.92
CA ASP B 55 -49.12 27.60 -25.36
C ASP B 55 -48.26 28.78 -25.81
N GLY B 56 -48.23 29.02 -27.11
CA GLY B 56 -47.47 30.14 -27.64
C GLY B 56 -48.02 30.61 -28.97
N THR B 57 -48.30 31.91 -29.06
CA THR B 57 -48.79 32.50 -30.28
C THR B 57 -47.64 33.00 -31.15
N TRP B 58 -47.52 32.46 -32.35
CA TRP B 58 -46.47 32.81 -33.26
C TRP B 58 -46.80 34.08 -34.04
N MET B 59 -45.77 34.82 -34.41
CA MET B 59 -45.93 36.04 -35.19
C MET B 59 -45.27 35.85 -36.55
N SER B 60 -45.76 36.60 -37.55
CA SER B 60 -45.27 36.50 -38.93
C SER B 60 -45.77 35.23 -39.59
N SER B 61 -46.53 34.45 -38.84
CA SER B 61 -47.15 33.23 -39.35
C SER B 61 -48.49 33.56 -40.03
N LEU B 62 -48.76 34.85 -40.13
CA LEU B 62 -50.00 35.32 -40.74
C LEU B 62 -49.68 36.13 -41.99
N GLU B 63 -50.44 35.89 -43.04
CA GLU B 63 -50.27 36.63 -44.29
C GLU B 63 -51.31 37.74 -44.36
N HIS B 64 -50.95 38.86 -44.96
CA HIS B 64 -51.83 40.03 -44.97
C HIS B 64 -51.65 40.82 -46.26
N HIS B 65 -52.26 40.31 -47.34
CA HIS B 65 -52.23 40.99 -48.62
C HIS B 65 -53.54 40.77 -49.36
N HIS B 66 -53.84 41.66 -50.30
CA HIS B 66 -55.10 41.60 -51.02
C HIS B 66 -54.98 42.23 -52.40
N HIS B 67 -55.59 41.60 -53.38
CA HIS B 67 -55.70 42.18 -54.71
C HIS B 67 -57.18 42.31 -55.06
N HIS B 68 -57.80 43.32 -54.49
CA HIS B 68 -59.23 43.55 -54.64
C HIS B 68 -59.59 44.81 -53.85
N HIS B 69 -59.69 45.93 -54.56
CA HIS B 69 -59.95 47.21 -53.93
C HIS B 69 -61.41 47.30 -53.48
#